data_7OQ4
#
_entry.id   7OQ4
#
_cell.length_a   1.00
_cell.length_b   1.00
_cell.length_c   1.00
_cell.angle_alpha   90.00
_cell.angle_beta   90.00
_cell.angle_gamma   90.00
#
_symmetry.space_group_name_H-M   'P 1'
#
loop_
_entity.id
_entity.type
_entity.pdbx_description
1 polymer "DNA-directed RNA polymerase subunit A'"
2 polymer 'DNA-directed RNA polymerase subunit B'
3 polymer "DNA-directed RNA polymerase subunit A''"
4 polymer 'DNA-directed RNA polymerase subunit D'
5 polymer 'DNA-directed RNA polymerase subunit E'
6 polymer 'DNA-directed RNA polymerase, subunit F'
7 polymer 'DNA-directed RNA polymerase, subunit G'
8 polymer 'DNA-directed RNA polymerase subunit H'
9 polymer 'DNA-directed RNA polymerase subunit K'
10 polymer 'DNA-directed RNA polymerase subunit L'
11 polymer 'DNA-directed RNA polymerase subunit N'
12 polymer 'DNA-directed RNA polymerase subunit P'
13 polymer 'Conserved protein'
14 polymer 'RNAP inhibitory protein'
15 non-polymer 'MAGNESIUM ION'
16 non-polymer 'ZINC ION'
17 non-polymer 'FE3-S4 CLUSTER'
#
loop_
_entity_poly.entity_id
_entity_poly.type
_entity_poly.pdbx_seq_one_letter_code
_entity_poly.pdbx_strand_id
1 'polypeptide(L)'
;MSEKIIRGVKFGVLSPNEIRQMSVTAIITSEVYDEDGTPIEGGVMDPKLGVIEPGQKCPVCGNTLAGCPGHFGHIELIKP
VIHIGYVKHIYDFLRSTCWRCGRIKIKEQDLERYKRIYNAIKLRWPSAARRLVEYIKKISIKNLECPHCGEKQFKIKLEK
PYNFNEERNGSIVKLSPSEIRDRLERIPDSDVELLGYDPKSSRPEWMILTVLPVPPITIRPSITIESGIRAEDDLTHKLV
DIIRLNERLKESIEAGAPQLIIEDLWDLLQYHVATYFDNEIPGLPPAKHRSGRPLRTLAQRLKGKEGRFRGNLSGKRVDF
SARTVISPDPNLSIDEVGIPYTIARMLTVPERVTNINIERIRQYIINGPDKWPGANYVIKPDGRRIDLRYVKDRKELASS
ITAGYVVERHLVDGDVVLFNRQPSLHRISMMAHKVRVLPGRTFRLNLLDCPPYNADFDGDEMNLHVPQSEEAIAEARELM
LVHKNIITPRYGGPIIGGGQDYISGAYLLSVKTTLLTVEEVATILGVTDFVGELGEPAILAPKPYYTGKQVISLFLPKDF
NFHGPANISKGPRACKDEICPHDSFIVIKNGLLLEGVFDKKAIGNQQPESMLHWSIREYGTEYGKWLMDNVFKMFIRFLE
MRGFTMTLEDITIPDEAQNEITTKIKEGYSQVDEYIRKFNEGQLEPIPGRTIEESLESYILDTLDKLRKVAGEIATKYLD
PFNNVYIMAITGARGSELNITQMTALLGQQSVRGERIRRGYRERTLSLFKYGDIAPEARGFVKNSFMRGLSPYEMFFHAA
GGREGLVDTAVKTSQSGYMQRRLINALSDLRIEYDGTVRSLYGDIVQVVYGDDAVHPMYSAHSKSVNVNRVIERVIGWKR
;
A
2 'polypeptide(L)'
;MLDTESRWAIAESFFKTRGLVRQHLDSFNDFLRNKLQQVIYEQGEIVTEVPGLKIKLGKIRYEKPSIRETDKGPMREITP
MEARLRNLTYSSPIFLSMIPVENNIEGEPIEIYIGDLPIMLKSVADPTSNLPIDKLIEIGEDPKDPGGYFIVNGSEKVII
AQEDLATNRVLVDYGKSGSNITHVAKVTSSAAGYRVQVMIERLKDSTIQISFATVPGRIPFAIIMRALGFVTDRDIVYAV
SLDPQIQNELLPSLEQASSITSAEEALDFIGNRVAIGQKRENRIQKAEQVIDKYFLPHLGTSPEDRKKKGYYLASAVNKI
LELYLGRREPDDKDHYANKRVRLAGDLFTSLFRVAFKAFVKDLVYQLEKSKVRGRRLSLTALVRADIITERIRHALATGN
WVGGRTGVSQLLDRTNWLSMLSHLRRVVSSLARGQPNFEARDLHGTQWGRMCPFETPEGPNSGLVKNLALLAQVSVGINE
SVVERVAYELGVVSVEDVIRRISEQNEDVEKYMSWSKVYLNGRLLGYYEDGKELAKKIRESRRQGKLSDEVNVAYIATDY
LNEVHINCDAGRVRRPLIIVNNGTPLVDTEDIKKLKNGEITFDDLVKQGKIEFIDAEEEENAYVALNPQDLTPDHTHLEI
WPSAILGIIASIIPYPEHNQSPRNTYQSAMAKQSLGLYASNYQIRTDTRAHLLHYPQMPLVQTRMLGVIGYNDRPAGANA
ILAIMSYTGYNMEDSIIMNKSSIERGMYRSTFFRLYSTEEVKYPGGQEDKIITPEAGVKGYKGKDYYRLLEDNGVVSPEV
EVKGGDVLIGKVSPPRFLQEFKELSPEQAKRDTSIVTRHGENGIVDLVLITETLEGNKLVKVRVRDLRIPEIGDKFATRH
GQKGVVGILIDQVDMPYTAKGIVPDIILNPHALPSRMTIGQIMEAIGGKYAALSGKPVDATPFLETPKLQEMQKEILKLG
HLPDSTEVVYDGRTGQKLKSRILFGIVYYQKLHHMVADKMHARARGPVQILTRQPTEGRAREGGLRFGEMERDCLIGFGT
AMLIKDRLLDNSDKAVVYICDQCGYVGWYDRSKNRYVCPVHGDKSVLHPVTVSYAFKLLIQELMSMVISPRLILGEKVNL
GGASNE
;
B
3 'polypeptide(L)'
;MIDEKLKGYIDKRLNEIKDKIPDKLHEDLRAAIMDINGVELTEEDIDRIIDLTIREYQQSLIEPGEAIGVVTAQSVGEPG
TQMTLRTFHFAGIRELNVTLGLPRLIEIVDARKVPSTPMMTIYLTDEYKTDKDKALDIARRIEYTRVENVVSSVSVDISN
MSITLQFDQEMLKDKGVSIEEIKKIITKLKLGEIRIEDNDEYSFTIYFEKIDSIMALFKMREKILNTKIKGVKGIKRAIV
QKKGDEYVIITDGSNLEGIMNVTGVDINKIQTNNIHEVEEVLGIEAARELISREIKKVLEEQGLDVDMRHIVLVSDIMTR
TGDIRQIGRHGVTGEKSSVLARAAFEVTVKHLLDAAARGEREEFKGVIENIIIGQPIRLGTGIVELTMKPNMR
;
C
4 'polypeptide(L)'
;MPISLIERNGLRLRLVLENYPLEFVNSIRRASILYVPVMAVDEVYFIENNSPLYDEILAHRLALVPFVSDEALEHYRPPE
ECAECKENCDGCYNRVYLDVEAKDQPLMIYSRDLKSEDQMITPVSGAIPIVLLGSKQKISLEARLRLGYGKEHIKYSPVS
VSIVRYYPKVTVLGNCEKAVEVCPEGVFAMENNKLVVKNELSCILCEECLKYCAGSVSIESVENKFILEIESVGSLKPER
ILIEASKSLLRKLSELKSKLEAGK
;
D
5 'polypeptide(L)'
;MFKLVRAKGIVRIPPEYFGQSVDEIAIKILRQEYQEKLIKDIGVVLGIVNAKASEEGFIIFGDGATYHEVEFDMLVYTPI
IHEVIEGEVSQVDNYGVYVNMGPVDGLVHISQITDDNLKFDSNRGILIGEKSKKSIQKGDRVRAMIISASMSSGRLPRIA
LTMKQPYLGKIEWINQEIAKASK
;
E
6 'polypeptide(L)'
;MSYSLKTIEEHFVPYSIAKKYIKELIDTGSSSNLIQKTFDYLNSISRCDEDSASKIMKELEEIVKREDVRAVLASICPTT
VEEVRSVLVIDPSTIYSTEQIQKIIEIIKKYVES
;
F
7 'polypeptide(L)'
;MKEMMQGTCKISSIEKGALKNLYVVKMDCDNDLKIEFDITKELSIFSKDEEVTFIISREKPEYSEKDFCAHGYLFLERQQ
EDGSFIDEISLYGLIVKILSKNGLINSKLFKMMDHVYYCVKKKAHHHHHH
;
G
8 'polypeptide(L)'
;MRSSSKKKIDISNHELVPKHEILQLEEAYKLVKELGIKPEQLPWIRASDPVAKSIGAKPGDIIKITRKSPFTGESVTYRY
VITG
;
H
9 'polypeptide(L)'
;MTIDKINEIFKENWKNKLTKYEIARIISARALQLSMGALPLIDTSNLKSDDVISIAEEELKRGVLPITIRRIYPNGQVEL
ISVRKIENR
;
K
10 'polypeptide(L)'
;MEIKVIKEEQNYLELQIDGEEHTIGNLLKGMLLKVPGVKFAAYSLPHPLITSITIKILTDGSISAREALIKAIELAENYA
NLFIDEVKKI
;
L
11 'polypeptide(L)' MIIPIRCFTCGAVVADKWEPFSNRVMGGEDPEKVLTELGVNRYCCRRMLLSHVNIIREIIHYTRPI N
12 'polypeptide(L)' MAKYRCGKCWKELDDDQLKTLPGVRCPYCGYRIIYMVRKPTVKIVKAI P
13 'polypeptide(L)'
;MSEDDSKKEPEPEETEAEIKHEEISREEDDEGGEFSTVTISDIEMLLKDTEIWDKLLRNELSIEEAKKMFDDVARSYSKA
DKKKRRVEKKPKKGKVTKKSDEEEE
;
Q
14 'polypeptide(L)'
;MKNMLHPQKYETHVLDDLMEFYEGVIGYPEIDLRLAGEEAWLKGVNPELAEAVKKIIKTIRRYLEGSPYDGSEKPIPRYI
IAEIFSQIAPEVQLLVNALDTEGKYGFLKHIKKLNLNSLAMLSKNYNENDKLWKELENEGYVYLELVPR
;
Z
#
# COMPACT_ATOMS: atom_id res chain seq x y z
N MET A 1 8.53 -26.57 -41.72
CA MET A 1 7.75 -25.34 -41.75
C MET A 1 6.38 -25.55 -41.10
N SER A 2 6.35 -26.35 -40.04
CA SER A 2 5.14 -26.63 -39.30
C SER A 2 5.26 -26.03 -37.90
N GLU A 3 4.17 -25.44 -37.41
CA GLU A 3 4.18 -24.84 -36.09
C GLU A 3 4.37 -25.91 -35.03
N LYS A 4 5.31 -25.68 -34.11
CA LYS A 4 5.68 -26.66 -33.11
C LYS A 4 5.78 -25.99 -31.75
N ILE A 5 5.84 -26.82 -30.71
CA ILE A 5 6.00 -26.35 -29.35
C ILE A 5 7.46 -26.55 -28.94
N ILE A 6 7.84 -25.96 -27.82
CA ILE A 6 9.19 -26.06 -27.28
C ILE A 6 9.17 -27.09 -26.17
N ARG A 7 9.86 -28.22 -26.39
CA ARG A 7 9.93 -29.24 -25.35
C ARG A 7 10.87 -28.84 -24.23
N GLY A 8 12.00 -28.23 -24.56
CA GLY A 8 12.96 -27.83 -23.54
C GLY A 8 14.06 -26.98 -24.14
N VAL A 9 15.02 -26.64 -23.29
CA VAL A 9 16.18 -25.85 -23.68
C VAL A 9 17.43 -26.60 -23.22
N LYS A 10 18.37 -26.80 -24.14
CA LYS A 10 19.63 -27.45 -23.84
C LYS A 10 20.69 -26.38 -23.59
N PHE A 11 21.06 -26.20 -22.33
CA PHE A 11 22.03 -25.18 -21.94
C PHE A 11 23.43 -25.69 -22.13
N GLY A 12 24.34 -24.79 -22.48
CA GLY A 12 25.73 -25.17 -22.67
C GLY A 12 26.60 -23.96 -22.91
N VAL A 13 27.91 -24.19 -22.84
CA VAL A 13 28.87 -23.12 -23.09
C VAL A 13 29.07 -22.99 -24.59
N LEU A 14 28.98 -21.76 -25.09
CA LEU A 14 29.06 -21.49 -26.53
C LEU A 14 30.53 -21.57 -26.95
N SER A 15 30.86 -22.57 -27.77
CA SER A 15 32.23 -22.78 -28.19
C SER A 15 32.66 -21.68 -29.17
N PRO A 16 33.97 -21.38 -29.23
CA PRO A 16 34.43 -20.35 -30.18
C PRO A 16 34.10 -20.65 -31.63
N ASN A 17 34.10 -21.94 -32.00
CA ASN A 17 33.73 -22.30 -33.37
C ASN A 17 32.29 -21.92 -33.66
N GLU A 18 31.39 -22.15 -32.70
CA GLU A 18 30.00 -21.75 -32.88
C GLU A 18 29.85 -20.25 -32.97
N ILE A 19 30.63 -19.51 -32.18
CA ILE A 19 30.58 -18.05 -32.24
C ILE A 19 31.04 -17.56 -33.61
N ARG A 20 32.13 -18.15 -34.13
CA ARG A 20 32.65 -17.72 -35.42
C ARG A 20 31.70 -18.08 -36.56
N GLN A 21 31.07 -19.25 -36.48
CA GLN A 21 30.17 -19.67 -37.56
C GLN A 21 28.86 -18.91 -37.52
N MET A 22 28.32 -18.67 -36.33
CA MET A 22 27.04 -17.99 -36.19
C MET A 22 27.13 -16.51 -36.56
N SER A 23 28.26 -15.88 -36.27
CA SER A 23 28.41 -14.45 -36.51
C SER A 23 28.33 -14.14 -37.99
N VAL A 24 27.73 -12.99 -38.32
CA VAL A 24 27.61 -12.57 -39.71
C VAL A 24 28.76 -11.69 -40.16
N THR A 25 29.56 -11.16 -39.23
CA THR A 25 30.69 -10.33 -39.59
C THR A 25 31.69 -10.34 -38.44
N ALA A 26 32.93 -9.97 -38.76
CA ALA A 26 33.98 -9.82 -37.77
C ALA A 26 34.22 -8.32 -37.54
N ILE A 27 34.17 -7.91 -36.29
CA ILE A 27 34.25 -6.49 -35.94
C ILE A 27 35.72 -6.14 -35.71
N ILE A 28 36.22 -5.19 -36.49
CA ILE A 28 37.65 -4.88 -36.49
C ILE A 28 37.87 -3.37 -36.32
N THR A 29 36.82 -2.59 -36.50
CA THR A 29 36.91 -1.14 -36.48
C THR A 29 36.50 -0.61 -35.11
N SER A 30 37.37 0.22 -34.53
CA SER A 30 37.05 0.84 -33.24
C SER A 30 35.92 1.84 -33.37
N GLU A 31 35.93 2.65 -34.43
CA GLU A 31 34.95 3.70 -34.59
C GLU A 31 33.55 3.14 -34.73
N VAL A 32 32.57 3.86 -34.18
CA VAL A 32 31.17 3.44 -34.25
C VAL A 32 30.46 4.11 -35.42
N TYR A 33 30.60 5.42 -35.54
CA TYR A 33 29.95 6.19 -36.60
C TYR A 33 30.99 6.94 -37.42
N ASP A 34 30.51 7.64 -38.43
CA ASP A 34 31.36 8.47 -39.27
C ASP A 34 31.20 9.94 -38.88
N GLU A 35 31.91 10.82 -39.60
CA GLU A 35 31.80 12.25 -39.34
C GLU A 35 30.44 12.78 -39.74
N ASP A 36 29.86 12.24 -40.82
CA ASP A 36 28.56 12.71 -41.28
C ASP A 36 27.40 12.06 -40.55
N GLY A 37 27.66 11.04 -39.72
CA GLY A 37 26.63 10.35 -38.98
C GLY A 37 26.23 9.01 -39.56
N THR A 38 26.63 8.71 -40.78
CA THR A 38 26.30 7.41 -41.37
C THR A 38 27.09 6.31 -40.65
N PRO A 39 26.44 5.21 -40.26
CA PRO A 39 27.17 4.13 -39.59
C PRO A 39 28.26 3.55 -40.47
N ILE A 40 29.36 3.16 -39.84
CA ILE A 40 30.53 2.63 -40.54
C ILE A 40 30.47 1.11 -40.53
N GLU A 41 30.86 0.51 -41.64
CA GLU A 41 30.89 -0.94 -41.73
C GLU A 41 32.00 -1.51 -40.86
N GLY A 42 31.75 -2.68 -40.28
CA GLY A 42 32.71 -3.32 -39.42
C GLY A 42 32.82 -2.74 -38.02
N GLY A 43 32.00 -1.75 -37.68
CA GLY A 43 32.03 -1.17 -36.36
C GLY A 43 31.02 -1.81 -35.43
N VAL A 44 30.87 -1.20 -34.25
CA VAL A 44 29.92 -1.71 -33.27
C VAL A 44 28.50 -1.61 -33.82
N MET A 45 28.16 -0.48 -34.43
CA MET A 45 26.83 -0.29 -35.03
C MET A 45 26.81 -0.71 -36.49
N ASP A 46 27.25 -1.92 -36.76
CA ASP A 46 27.23 -2.46 -38.11
C ASP A 46 25.79 -2.72 -38.53
N PRO A 47 25.34 -2.19 -39.67
CA PRO A 47 23.96 -2.47 -40.12
C PRO A 47 23.71 -3.95 -40.38
N LYS A 48 24.74 -4.77 -40.56
CA LYS A 48 24.53 -6.20 -40.72
C LYS A 48 24.00 -6.84 -39.45
N LEU A 49 24.35 -6.30 -38.28
CA LEU A 49 23.96 -6.94 -37.03
C LEU A 49 22.45 -6.94 -36.84
N GLY A 50 21.80 -5.84 -37.18
CA GLY A 50 20.36 -5.76 -37.04
C GLY A 50 19.86 -4.40 -37.46
N VAL A 51 18.53 -4.28 -37.52
CA VAL A 51 17.86 -3.04 -37.88
C VAL A 51 16.87 -2.68 -36.78
N ILE A 52 16.88 -1.42 -36.37
CA ILE A 52 15.94 -0.92 -35.38
C ILE A 52 15.08 0.22 -35.90
N GLU A 53 15.51 0.91 -36.96
CA GLU A 53 14.73 1.98 -37.55
C GLU A 53 13.67 1.38 -38.46
N PRO A 54 12.39 1.68 -38.26
CA PRO A 54 11.35 1.10 -39.12
C PRO A 54 11.50 1.55 -40.57
N GLY A 55 11.17 0.65 -41.49
CA GLY A 55 11.27 0.94 -42.90
C GLY A 55 12.66 0.80 -43.48
N GLN A 56 13.58 0.14 -42.80
CA GLN A 56 14.94 -0.06 -43.28
C GLN A 56 15.18 -1.54 -43.52
N LYS A 57 15.72 -1.86 -44.70
CA LYS A 57 16.03 -3.24 -45.03
C LYS A 57 17.29 -3.69 -44.30
N CYS A 58 17.27 -4.94 -43.81
CA CYS A 58 18.45 -5.53 -43.19
C CYS A 58 19.29 -6.21 -44.26
N PRO A 59 20.58 -5.87 -44.39
CA PRO A 59 21.39 -6.48 -45.44
C PRO A 59 21.47 -7.99 -45.37
N VAL A 60 21.52 -8.56 -44.16
CA VAL A 60 21.69 -10.00 -44.04
C VAL A 60 20.43 -10.75 -44.45
N CYS A 61 19.27 -10.30 -44.00
CA CYS A 61 18.03 -11.03 -44.22
C CYS A 61 17.03 -10.33 -45.12
N GLY A 62 17.06 -9.00 -45.21
CA GLY A 62 16.12 -8.27 -46.02
C GLY A 62 14.80 -7.97 -45.35
N ASN A 63 14.64 -8.31 -44.08
CA ASN A 63 13.39 -8.04 -43.38
C ASN A 63 13.38 -6.64 -42.81
N THR A 64 12.17 -6.16 -42.49
CA THR A 64 11.97 -4.84 -41.91
C THR A 64 12.26 -4.98 -40.40
N LEU A 65 11.94 -3.96 -39.61
CA LEU A 65 12.13 -4.04 -38.16
C LEU A 65 11.42 -5.26 -37.58
N ALA A 66 10.17 -5.49 -38.00
CA ALA A 66 9.44 -6.69 -37.61
C ALA A 66 9.83 -7.82 -38.54
N GLY A 67 10.25 -8.94 -37.97
CA GLY A 67 10.71 -10.09 -38.74
C GLY A 67 12.21 -10.23 -38.80
N CYS A 68 12.97 -9.30 -38.21
CA CYS A 68 14.42 -9.41 -38.15
C CYS A 68 14.83 -9.87 -36.76
N PRO A 69 15.32 -11.10 -36.59
CA PRO A 69 15.67 -11.57 -35.24
C PRO A 69 16.88 -10.87 -34.66
N GLY A 70 17.72 -10.26 -35.49
CA GLY A 70 18.98 -9.72 -35.02
C GLY A 70 20.10 -10.72 -35.22
N HIS A 71 21.19 -10.28 -35.84
CA HIS A 71 22.28 -11.16 -36.22
C HIS A 71 23.52 -10.84 -35.39
N PHE A 72 24.20 -11.87 -34.91
CA PHE A 72 25.34 -11.70 -34.03
C PHE A 72 26.60 -11.38 -34.81
N GLY A 73 27.53 -10.70 -34.14
CA GLY A 73 28.88 -10.53 -34.63
C GLY A 73 29.87 -11.22 -33.70
N HIS A 74 31.15 -11.03 -33.99
CA HIS A 74 32.18 -11.60 -33.13
C HIS A 74 33.45 -10.78 -33.24
N ILE A 75 34.17 -10.68 -32.12
CA ILE A 75 35.48 -10.04 -32.08
C ILE A 75 36.50 -11.07 -31.61
N GLU A 76 37.65 -11.09 -32.26
CA GLU A 76 38.74 -12.01 -31.95
C GLU A 76 39.67 -11.35 -30.95
N LEU A 77 39.66 -11.83 -29.71
CA LEU A 77 40.59 -11.33 -28.71
C LEU A 77 41.99 -11.84 -29.01
N ILE A 78 42.98 -10.94 -28.94
CA ILE A 78 44.35 -11.33 -29.23
C ILE A 78 44.84 -12.34 -28.19
N LYS A 79 44.54 -12.09 -26.92
CA LYS A 79 44.90 -12.99 -25.84
C LYS A 79 43.63 -13.47 -25.16
N PRO A 80 43.53 -14.76 -24.82
CA PRO A 80 42.31 -15.25 -24.15
C PRO A 80 42.14 -14.63 -22.78
N VAL A 81 40.88 -14.46 -22.38
CA VAL A 81 40.53 -13.90 -21.08
C VAL A 81 39.57 -14.85 -20.39
N ILE A 82 39.53 -14.74 -19.07
CA ILE A 82 38.71 -15.61 -18.24
C ILE A 82 37.30 -15.03 -18.12
N HIS A 83 36.30 -15.85 -18.42
CA HIS A 83 34.92 -15.44 -18.19
C HIS A 83 34.67 -15.37 -16.70
N ILE A 84 34.21 -14.21 -16.23
CA ILE A 84 33.99 -14.02 -14.79
C ILE A 84 32.94 -15.00 -14.28
N GLY A 85 31.83 -15.13 -15.01
CA GLY A 85 30.74 -15.96 -14.55
C GLY A 85 31.10 -17.41 -14.32
N TYR A 86 32.16 -17.90 -14.97
CA TYR A 86 32.58 -19.28 -14.84
C TYR A 86 33.82 -19.46 -13.98
N VAL A 87 34.33 -18.40 -13.33
CA VAL A 87 35.63 -18.51 -12.67
C VAL A 87 35.62 -19.65 -11.67
N LYS A 88 34.58 -19.72 -10.84
CA LYS A 88 34.46 -20.80 -9.85
C LYS A 88 34.59 -22.16 -10.53
N HIS A 89 33.82 -22.37 -11.60
CA HIS A 89 33.92 -23.63 -12.33
C HIS A 89 35.34 -23.86 -12.82
N ILE A 90 35.94 -22.84 -13.43
CA ILE A 90 37.33 -22.96 -13.86
C ILE A 90 38.21 -23.30 -12.67
N TYR A 91 37.97 -22.63 -11.55
CA TYR A 91 38.70 -22.94 -10.32
C TYR A 91 38.56 -24.41 -9.97
N ASP A 92 37.33 -24.92 -10.00
CA ASP A 92 37.09 -26.33 -9.67
C ASP A 92 37.82 -27.25 -10.64
N PHE A 93 38.05 -26.79 -11.86
CA PHE A 93 38.78 -27.62 -12.83
C PHE A 93 40.28 -27.56 -12.60
N LEU A 94 40.80 -26.43 -12.11
CA LEU A 94 42.25 -26.25 -12.05
C LEU A 94 42.86 -27.14 -10.97
N ARG A 95 42.28 -27.14 -9.77
CA ARG A 95 42.86 -27.87 -8.65
C ARG A 95 42.52 -29.35 -8.68
N SER A 96 41.50 -29.76 -9.46
CA SER A 96 41.10 -31.16 -9.48
C SER A 96 42.06 -32.02 -10.30
N THR A 97 42.58 -31.48 -11.40
CA THR A 97 43.44 -32.21 -12.32
C THR A 97 44.80 -31.55 -12.41
N CYS A 98 45.82 -32.36 -12.68
CA CYS A 98 47.17 -31.82 -12.76
C CYS A 98 47.40 -31.11 -14.08
N TRP A 99 48.40 -30.24 -14.10
CA TRP A 99 48.77 -29.54 -15.32
C TRP A 99 49.52 -30.46 -16.28
N ARG A 100 50.13 -31.52 -15.77
CA ARG A 100 51.00 -32.35 -16.62
C ARG A 100 50.20 -33.09 -17.68
N CYS A 101 49.13 -33.79 -17.27
CA CYS A 101 48.34 -34.58 -18.21
C CYS A 101 46.87 -34.20 -18.26
N GLY A 102 46.32 -33.62 -17.20
CA GLY A 102 44.92 -33.27 -17.16
C GLY A 102 44.01 -34.33 -16.59
N ARG A 103 44.53 -35.52 -16.28
CA ARG A 103 43.72 -36.56 -15.66
C ARG A 103 43.41 -36.19 -14.21
N ILE A 104 42.33 -36.78 -13.69
CA ILE A 104 41.96 -36.56 -12.30
C ILE A 104 42.99 -37.21 -11.39
N LYS A 105 43.36 -36.51 -10.32
CA LYS A 105 44.37 -36.99 -9.38
C LYS A 105 43.75 -38.05 -8.45
N ILE A 106 43.35 -39.16 -9.07
CA ILE A 106 42.70 -40.26 -8.37
C ILE A 106 43.15 -41.56 -9.04
N LYS A 107 43.29 -42.62 -8.25
CA LYS A 107 43.71 -43.91 -8.80
C LYS A 107 42.74 -44.39 -9.86
N GLU A 108 43.27 -45.10 -10.86
CA GLU A 108 42.48 -45.44 -12.05
C GLU A 108 41.31 -46.34 -11.69
N GLN A 109 41.52 -47.34 -10.83
CA GLN A 109 40.43 -48.24 -10.44
C GLN A 109 39.32 -47.48 -9.72
N ASP A 110 39.69 -46.59 -8.81
CA ASP A 110 38.71 -45.75 -8.15
C ASP A 110 37.98 -44.87 -9.14
N LEU A 111 38.70 -44.34 -10.14
CA LEU A 111 38.06 -43.54 -11.17
C LEU A 111 37.03 -44.37 -11.94
N GLU A 112 37.37 -45.61 -12.27
CA GLU A 112 36.42 -46.45 -12.99
C GLU A 112 35.18 -46.74 -12.15
N ARG A 113 35.37 -47.06 -10.88
CA ARG A 113 34.22 -47.33 -10.01
C ARG A 113 33.34 -46.08 -9.86
N TYR A 114 33.96 -44.92 -9.65
CA TYR A 114 33.21 -43.68 -9.52
C TYR A 114 32.46 -43.34 -10.79
N LYS A 115 33.10 -43.55 -11.96
CA LYS A 115 32.44 -43.29 -13.23
C LYS A 115 31.25 -44.21 -13.41
N ARG A 116 31.39 -45.49 -13.07
CA ARG A 116 30.28 -46.42 -13.19
C ARG A 116 29.12 -46.00 -12.31
N ILE A 117 29.41 -45.66 -11.04
CA ILE A 117 28.35 -45.27 -10.12
C ILE A 117 27.66 -43.99 -10.61
N TYR A 118 28.45 -42.98 -11.00
CA TYR A 118 27.86 -41.73 -11.45
C TYR A 118 27.01 -41.93 -12.69
N ASN A 119 27.52 -42.66 -13.69
CA ASN A 119 26.73 -42.92 -14.88
C ASN A 119 25.46 -43.68 -14.55
N ALA A 120 25.50 -44.55 -13.54
CA ALA A 120 24.30 -45.28 -13.15
C ALA A 120 23.27 -44.35 -12.53
N ILE A 121 23.69 -43.39 -11.71
CA ILE A 121 22.72 -42.57 -10.99
C ILE A 121 22.90 -41.07 -11.22
N LYS A 122 23.41 -40.68 -12.39
CA LYS A 122 23.53 -39.26 -12.67
C LYS A 122 22.16 -38.61 -12.87
N LEU A 123 21.17 -39.38 -13.30
CA LEU A 123 19.84 -38.86 -13.59
C LEU A 123 18.78 -39.30 -12.59
N ARG A 124 18.95 -40.47 -11.96
CA ARG A 124 17.95 -40.95 -11.03
C ARG A 124 17.96 -40.16 -9.73
N TRP A 125 19.15 -39.89 -9.18
CA TRP A 125 19.31 -39.17 -7.93
C TRP A 125 20.26 -38.01 -8.15
N PRO A 126 19.76 -36.88 -8.66
CA PRO A 126 20.65 -35.72 -8.88
C PRO A 126 21.31 -35.23 -7.61
N SER A 127 20.63 -35.29 -6.47
CA SER A 127 21.24 -34.85 -5.22
C SER A 127 22.37 -35.79 -4.80
N ALA A 128 22.13 -37.10 -4.87
CA ALA A 128 23.18 -38.06 -4.55
C ALA A 128 24.33 -37.97 -5.53
N ALA A 129 24.03 -37.76 -6.82
CA ALA A 129 25.09 -37.59 -7.80
C ALA A 129 25.92 -36.35 -7.51
N ARG A 130 25.28 -35.25 -7.11
CA ARG A 130 26.02 -34.05 -6.75
C ARG A 130 26.89 -34.28 -5.52
N ARG A 131 26.37 -35.03 -4.53
CA ARG A 131 27.18 -35.35 -3.36
C ARG A 131 28.39 -36.19 -3.74
N LEU A 132 28.19 -37.18 -4.62
CA LEU A 132 29.32 -37.98 -5.10
C LEU A 132 30.34 -37.11 -5.83
N VAL A 133 29.86 -36.17 -6.66
CA VAL A 133 30.76 -35.30 -7.40
C VAL A 133 31.57 -34.43 -6.44
N GLU A 134 30.92 -33.89 -5.41
CA GLU A 134 31.67 -33.06 -4.47
C GLU A 134 32.64 -33.89 -3.64
N TYR A 135 32.30 -35.15 -3.34
CA TYR A 135 33.24 -36.02 -2.65
C TYR A 135 34.47 -36.31 -3.51
N ILE A 136 34.24 -36.59 -4.80
CA ILE A 136 35.36 -36.80 -5.72
C ILE A 136 36.22 -35.55 -5.81
N LYS A 137 35.59 -34.39 -5.91
CA LYS A 137 36.34 -33.14 -5.96
C LYS A 137 37.14 -32.92 -4.69
N LYS A 138 36.56 -33.21 -3.54
CA LYS A 138 37.27 -33.04 -2.27
C LYS A 138 38.49 -33.94 -2.19
N ILE A 139 38.32 -35.22 -2.54
CA ILE A 139 39.46 -36.14 -2.47
C ILE A 139 40.48 -35.84 -3.57
N SER A 140 40.07 -35.18 -4.66
CA SER A 140 41.04 -34.78 -5.67
C SER A 140 41.85 -33.57 -5.23
N ILE A 141 41.19 -32.62 -4.56
CA ILE A 141 41.91 -31.46 -4.03
C ILE A 141 42.87 -31.90 -2.93
N LYS A 142 42.44 -32.84 -2.08
CA LYS A 142 43.27 -33.28 -0.96
C LYS A 142 44.57 -33.90 -1.46
N ASN A 143 44.50 -34.72 -2.50
CA ASN A 143 45.70 -35.34 -3.06
C ASN A 143 46.52 -34.31 -3.82
N LEU A 144 47.82 -34.25 -3.52
CA LEU A 144 48.74 -33.29 -4.14
C LEU A 144 49.75 -33.96 -5.04
N GLU A 145 49.47 -35.18 -5.51
CA GLU A 145 50.33 -35.88 -6.44
C GLU A 145 49.47 -36.62 -7.46
N CYS A 146 49.84 -36.53 -8.72
CA CYS A 146 49.10 -37.23 -9.77
C CYS A 146 49.52 -38.69 -9.81
N PRO A 147 48.61 -39.64 -9.61
CA PRO A 147 48.98 -41.06 -9.78
C PRO A 147 49.46 -41.39 -11.17
N HIS A 148 48.95 -40.70 -12.19
CA HIS A 148 49.34 -41.00 -13.57
C HIS A 148 50.75 -40.50 -13.87
N CYS A 149 51.10 -39.31 -13.41
CA CYS A 149 52.40 -38.71 -13.67
C CYS A 149 53.36 -38.83 -12.51
N GLY A 150 52.92 -38.54 -11.29
CA GLY A 150 53.81 -38.38 -10.17
C GLY A 150 54.34 -36.98 -9.98
N GLU A 151 53.98 -36.06 -10.88
CA GLU A 151 54.45 -34.68 -10.77
C GLU A 151 53.89 -34.02 -9.52
N LYS A 152 54.73 -33.23 -8.85
CA LYS A 152 54.28 -32.49 -7.69
C LYS A 152 53.27 -31.42 -8.10
N GLN A 153 52.20 -31.32 -7.33
CA GLN A 153 51.12 -30.36 -7.60
C GLN A 153 51.20 -29.20 -6.62
N PHE A 154 50.96 -28.00 -7.12
CA PHE A 154 51.03 -26.78 -6.33
C PHE A 154 49.62 -26.30 -6.02
N LYS A 155 49.39 -25.89 -4.77
CA LYS A 155 48.10 -25.36 -4.38
C LYS A 155 47.78 -24.10 -5.18
N ILE A 156 46.56 -24.03 -5.69
CA ILE A 156 46.09 -22.90 -6.48
C ILE A 156 45.04 -22.16 -5.66
N LYS A 157 45.26 -20.87 -5.46
CA LYS A 157 44.37 -20.04 -4.67
C LYS A 157 43.71 -18.98 -5.55
N LEU A 158 42.43 -18.75 -5.34
CA LEU A 158 41.69 -17.75 -6.09
C LEU A 158 41.47 -16.52 -5.22
N GLU A 159 42.08 -15.41 -5.62
CA GLU A 159 41.83 -14.11 -5.03
C GLU A 159 40.77 -13.41 -5.87
N LYS A 160 39.72 -12.93 -5.21
CA LYS A 160 38.57 -12.41 -5.92
C LYS A 160 38.96 -11.18 -6.75
N PRO A 161 38.34 -11.01 -7.93
CA PRO A 161 37.29 -11.91 -8.45
C PRO A 161 37.83 -13.02 -9.35
N TYR A 162 38.97 -12.80 -10.00
CA TYR A 162 39.42 -13.70 -11.04
C TYR A 162 40.91 -14.01 -10.99
N ASN A 163 41.61 -13.67 -9.91
CA ASN A 163 43.07 -13.84 -9.88
C ASN A 163 43.40 -15.25 -9.39
N PHE A 164 44.24 -15.96 -10.14
CA PHE A 164 44.69 -17.29 -9.76
C PHE A 164 46.17 -17.23 -9.41
N ASN A 165 46.52 -17.74 -8.23
CA ASN A 165 47.90 -17.74 -7.75
C ASN A 165 48.34 -19.18 -7.52
N GLU A 166 49.49 -19.53 -8.08
CA GLU A 166 50.06 -20.87 -7.95
C GLU A 166 51.33 -20.80 -7.13
N GLU A 167 51.51 -21.78 -6.24
CA GLU A 167 52.63 -21.81 -5.29
C GLU A 167 53.80 -22.52 -5.96
N ARG A 168 54.60 -21.77 -6.73
CA ARG A 168 55.77 -22.33 -7.38
C ARG A 168 57.00 -22.00 -6.54
N ASN A 169 57.77 -23.04 -6.20
CA ASN A 169 58.87 -22.94 -5.24
C ASN A 169 58.28 -22.38 -3.95
N GLY A 170 58.78 -21.28 -3.42
CA GLY A 170 58.17 -20.61 -2.29
C GLY A 170 57.45 -19.32 -2.63
N SER A 171 57.09 -19.09 -3.89
CA SER A 171 56.54 -17.81 -4.32
C SER A 171 55.24 -18.01 -5.07
N ILE A 172 54.34 -17.02 -4.96
CA ILE A 172 53.10 -17.03 -5.71
C ILE A 172 53.37 -16.51 -7.12
N VAL A 173 52.73 -17.14 -8.11
CA VAL A 173 52.81 -16.70 -9.49
C VAL A 173 51.39 -16.60 -10.05
N LYS A 174 51.14 -15.54 -10.82
CA LYS A 174 49.82 -15.36 -11.43
C LYS A 174 49.69 -16.27 -12.64
N LEU A 175 48.62 -17.06 -12.66
CA LEU A 175 48.38 -17.99 -13.75
C LEU A 175 47.80 -17.22 -14.93
N SER A 176 48.53 -17.20 -16.04
CA SER A 176 48.06 -16.51 -17.23
C SER A 176 46.83 -17.23 -17.79
N PRO A 177 45.85 -16.49 -18.30
CA PRO A 177 44.66 -17.14 -18.88
C PRO A 177 44.98 -18.11 -20.00
N SER A 178 46.03 -17.85 -20.79
CA SER A 178 46.42 -18.79 -21.84
C SER A 178 46.89 -20.11 -21.26
N GLU A 179 47.69 -20.07 -20.20
CA GLU A 179 48.14 -21.29 -19.56
C GLU A 179 46.98 -22.05 -18.93
N ILE A 180 46.04 -21.32 -18.32
CA ILE A 180 44.84 -21.95 -17.77
C ILE A 180 44.05 -22.63 -18.88
N ARG A 181 43.92 -21.96 -20.02
CA ARG A 181 43.20 -22.55 -21.15
C ARG A 181 43.89 -23.81 -21.64
N ASP A 182 45.22 -23.80 -21.70
CA ASP A 182 45.95 -25.00 -22.09
C ASP A 182 45.71 -26.15 -21.11
N ARG A 183 45.77 -25.85 -19.81
CA ARG A 183 45.52 -26.87 -18.81
C ARG A 183 44.13 -27.45 -18.94
N LEU A 184 43.14 -26.58 -19.15
CA LEU A 184 41.76 -27.05 -19.31
C LEU A 184 41.59 -27.88 -20.57
N GLU A 185 42.24 -27.46 -21.68
CA GLU A 185 42.14 -28.21 -22.92
C GLU A 185 42.78 -29.57 -22.81
N ARG A 186 43.78 -29.73 -21.93
CA ARG A 186 44.40 -31.03 -21.76
C ARG A 186 43.52 -32.03 -21.01
N ILE A 187 42.42 -31.57 -20.41
CA ILE A 187 41.56 -32.48 -19.63
C ILE A 187 40.74 -33.35 -20.58
N PRO A 188 40.64 -34.65 -20.34
CA PRO A 188 39.83 -35.50 -21.22
C PRO A 188 38.34 -35.29 -21.00
N ASP A 189 37.56 -35.85 -21.92
CA ASP A 189 36.11 -35.68 -21.86
C ASP A 189 35.48 -36.54 -20.76
N SER A 190 36.00 -37.76 -20.56
CA SER A 190 35.44 -38.64 -19.54
C SER A 190 35.61 -38.05 -18.14
N ASP A 191 36.78 -37.46 -17.87
CA ASP A 191 37.01 -36.84 -16.57
C ASP A 191 36.07 -35.67 -16.35
N VAL A 192 35.83 -34.88 -17.40
CA VAL A 192 34.87 -33.78 -17.30
C VAL A 192 33.47 -34.33 -17.01
N GLU A 193 33.11 -35.43 -17.67
CA GLU A 193 31.80 -36.05 -17.42
C GLU A 193 31.69 -36.50 -15.96
N LEU A 194 32.76 -37.07 -15.42
CA LEU A 194 32.72 -37.52 -14.03
C LEU A 194 32.55 -36.36 -13.06
N LEU A 195 33.10 -35.20 -13.38
CA LEU A 195 33.03 -34.04 -12.49
C LEU A 195 31.66 -33.37 -12.49
N GLY A 196 30.64 -33.99 -13.08
CA GLY A 196 29.30 -33.43 -13.10
C GLY A 196 28.98 -32.58 -14.31
N TYR A 197 29.94 -32.35 -15.19
CA TYR A 197 29.73 -31.52 -16.38
C TYR A 197 29.44 -32.40 -17.59
N ASP A 198 28.95 -31.75 -18.65
CA ASP A 198 28.66 -32.45 -19.90
C ASP A 198 29.74 -32.12 -20.91
N PRO A 199 30.64 -33.05 -21.25
CA PRO A 199 31.75 -32.70 -22.14
C PRO A 199 31.31 -32.25 -23.52
N LYS A 200 30.22 -32.83 -24.06
CA LYS A 200 29.79 -32.47 -25.41
C LYS A 200 29.21 -31.07 -25.45
N SER A 201 28.32 -30.74 -24.50
CA SER A 201 27.68 -29.44 -24.50
C SER A 201 28.63 -28.35 -24.03
N SER A 202 29.45 -28.65 -23.03
CA SER A 202 30.36 -27.66 -22.45
C SER A 202 31.75 -28.26 -22.32
N ARG A 203 32.76 -27.46 -22.67
CA ARG A 203 34.14 -27.87 -22.48
C ARG A 203 34.86 -26.85 -21.62
N PRO A 204 35.77 -27.28 -20.75
CA PRO A 204 36.43 -26.32 -19.85
C PRO A 204 37.18 -25.22 -20.60
N GLU A 205 37.86 -25.57 -21.70
CA GLU A 205 38.59 -24.55 -22.46
C GLU A 205 37.67 -23.50 -23.05
N TRP A 206 36.39 -23.84 -23.28
CA TRP A 206 35.45 -22.85 -23.78
C TRP A 206 35.09 -21.82 -22.74
N MET A 207 35.39 -22.08 -21.46
CA MET A 207 35.14 -21.07 -20.43
C MET A 207 36.13 -19.93 -20.50
N ILE A 208 37.28 -20.14 -21.15
CA ILE A 208 38.23 -19.07 -21.40
C ILE A 208 37.93 -18.48 -22.77
N LEU A 209 37.68 -17.18 -22.81
CA LEU A 209 37.13 -16.53 -23.99
C LEU A 209 38.22 -16.30 -25.03
N THR A 210 38.17 -17.07 -26.11
CA THR A 210 39.00 -16.80 -27.27
C THR A 210 38.33 -15.81 -28.22
N VAL A 211 37.02 -15.96 -28.41
CA VAL A 211 36.23 -15.10 -29.27
C VAL A 211 35.05 -14.57 -28.47
N LEU A 212 34.77 -13.28 -28.60
CA LEU A 212 33.69 -12.65 -27.83
C LEU A 212 32.54 -12.30 -28.76
N PRO A 213 31.32 -12.77 -28.48
CA PRO A 213 30.20 -12.46 -29.36
C PRO A 213 29.74 -11.01 -29.19
N VAL A 214 29.43 -10.38 -30.31
CA VAL A 214 28.89 -9.03 -30.35
C VAL A 214 27.37 -9.13 -30.48
N PRO A 215 26.61 -8.65 -29.49
CA PRO A 215 25.16 -8.80 -29.54
C PRO A 215 24.56 -7.98 -30.67
N PRO A 216 23.41 -8.38 -31.19
CA PRO A 216 22.79 -7.64 -32.30
C PRO A 216 22.30 -6.27 -31.85
N ILE A 217 22.12 -5.40 -32.84
CA ILE A 217 21.61 -4.06 -32.57
C ILE A 217 20.20 -4.10 -31.99
N THR A 218 19.45 -5.18 -32.26
CA THR A 218 18.07 -5.25 -31.79
C THR A 218 17.99 -5.23 -30.27
N ILE A 219 18.91 -5.91 -29.58
CA ILE A 219 18.84 -5.97 -28.12
C ILE A 219 19.58 -4.82 -27.45
N ARG A 220 20.31 -4.01 -28.20
CA ARG A 220 20.93 -2.78 -27.67
C ARG A 220 20.62 -1.64 -28.63
N PRO A 221 19.35 -1.25 -28.72
CA PRO A 221 18.98 -0.19 -29.68
C PRO A 221 19.53 1.16 -29.25
N SER A 222 19.81 2.00 -30.24
CA SER A 222 20.27 3.36 -30.00
C SER A 222 19.05 4.27 -29.96
N ILE A 223 18.69 4.74 -28.77
CA ILE A 223 17.52 5.56 -28.55
C ILE A 223 17.93 7.03 -28.65
N THR A 224 17.23 7.78 -29.49
CA THR A 224 17.51 9.19 -29.72
C THR A 224 16.31 10.00 -29.26
N ILE A 225 16.39 10.55 -28.05
CA ILE A 225 15.34 11.44 -27.57
C ILE A 225 15.30 12.69 -28.45
N GLU A 226 14.08 13.21 -28.66
CA GLU A 226 13.90 14.33 -29.58
C GLU A 226 14.66 15.56 -29.12
N SER A 227 14.60 15.87 -27.83
CA SER A 227 15.32 17.04 -27.32
C SER A 227 16.82 16.81 -27.31
N GLY A 228 17.26 15.62 -26.89
CA GLY A 228 18.67 15.35 -26.72
C GLY A 228 19.34 14.84 -27.98
N ILE A 229 20.65 14.61 -27.85
CA ILE A 229 21.48 14.07 -28.93
C ILE A 229 21.31 12.55 -28.94
N ARG A 230 21.81 11.90 -29.99
CA ARG A 230 21.77 10.44 -30.07
C ARG A 230 22.42 9.83 -28.83
N ALA A 231 21.72 8.87 -28.23
CA ALA A 231 22.21 8.17 -27.06
C ALA A 231 22.41 6.69 -27.39
N GLU A 232 23.50 6.12 -26.86
CA GLU A 232 23.86 4.75 -27.12
C GLU A 232 23.73 3.93 -25.84
N ASP A 233 23.43 2.64 -26.02
CA ASP A 233 23.31 1.75 -24.88
C ASP A 233 24.66 1.58 -24.20
N ASP A 234 24.62 1.28 -22.90
CA ASP A 234 25.85 1.06 -22.16
C ASP A 234 26.62 -0.14 -22.70
N LEU A 235 25.91 -1.13 -23.24
CA LEU A 235 26.56 -2.26 -23.87
C LEU A 235 27.42 -1.82 -25.05
N THR A 236 26.93 -0.87 -25.84
CA THR A 236 27.69 -0.36 -26.97
C THR A 236 28.97 0.32 -26.51
N HIS A 237 28.89 1.13 -25.46
CA HIS A 237 30.07 1.82 -24.95
C HIS A 237 31.10 0.84 -24.42
N LYS A 238 30.65 -0.13 -23.62
CA LYS A 238 31.58 -1.13 -23.10
C LYS A 238 32.19 -1.94 -24.24
N LEU A 239 31.39 -2.27 -25.26
CA LEU A 239 31.88 -3.07 -26.37
C LEU A 239 32.92 -2.30 -27.18
N VAL A 240 32.69 -1.02 -27.45
CA VAL A 240 33.67 -0.26 -28.22
C VAL A 240 34.94 -0.07 -27.41
N ASP A 241 34.82 0.11 -26.09
CA ASP A 241 36.01 0.15 -25.24
C ASP A 241 36.80 -1.14 -25.35
N ILE A 242 36.12 -2.29 -25.28
CA ILE A 242 36.79 -3.58 -25.38
C ILE A 242 37.48 -3.72 -26.72
N ILE A 243 36.79 -3.35 -27.81
CA ILE A 243 37.35 -3.53 -29.14
C ILE A 243 38.59 -2.67 -29.34
N ARG A 244 38.50 -1.40 -28.96
CA ARG A 244 39.66 -0.52 -29.18
C ARG A 244 40.81 -0.88 -28.25
N LEU A 245 40.52 -1.36 -27.04
CA LEU A 245 41.62 -1.75 -26.15
C LEU A 245 42.27 -3.04 -26.63
N ASN A 246 41.48 -3.95 -27.22
CA ASN A 246 42.06 -5.13 -27.85
C ASN A 246 42.93 -4.74 -29.03
N GLU A 247 42.50 -3.74 -29.81
CA GLU A 247 43.34 -3.25 -30.90
C GLU A 247 44.65 -2.67 -30.38
N ARG A 248 44.58 -1.92 -29.27
CA ARG A 248 45.79 -1.39 -28.66
C ARG A 248 46.71 -2.50 -28.18
N LEU A 249 46.14 -3.55 -27.59
CA LEU A 249 46.93 -4.69 -27.15
C LEU A 249 47.59 -5.39 -28.33
N LYS A 250 46.87 -5.53 -29.45
CA LYS A 250 47.48 -6.10 -30.65
C LYS A 250 48.62 -5.24 -31.15
N GLU A 251 48.44 -3.92 -31.15
CA GLU A 251 49.50 -3.02 -31.59
C GLU A 251 50.73 -3.14 -30.68
N SER A 252 50.51 -3.27 -29.38
CA SER A 252 51.62 -3.49 -28.46
C SER A 252 52.32 -4.81 -28.73
N ILE A 253 51.55 -5.85 -29.02
CA ILE A 253 52.14 -7.16 -29.30
C ILE A 253 53.02 -7.10 -30.55
N GLU A 254 52.50 -6.46 -31.61
CA GLU A 254 53.21 -6.48 -32.88
C GLU A 254 54.35 -5.47 -32.93
N ALA A 255 54.40 -4.52 -31.99
CA ALA A 255 55.44 -3.51 -31.96
C ALA A 255 56.64 -3.91 -31.11
N GLY A 256 56.68 -5.14 -30.61
CA GLY A 256 57.79 -5.57 -29.78
C GLY A 256 57.86 -4.83 -28.46
N ALA A 257 56.71 -4.60 -27.82
CA ALA A 257 56.68 -3.90 -26.56
C ALA A 257 57.25 -4.77 -25.44
N PRO A 258 57.69 -4.16 -24.34
CA PRO A 258 58.14 -4.96 -23.19
C PRO A 258 57.03 -5.86 -22.66
N GLN A 259 57.44 -6.96 -22.05
CA GLN A 259 56.47 -7.96 -21.61
C GLN A 259 55.53 -7.41 -20.55
N LEU A 260 56.06 -6.61 -19.62
CA LEU A 260 55.27 -6.23 -18.45
C LEU A 260 54.11 -5.30 -18.84
N ILE A 261 54.36 -4.35 -19.76
CA ILE A 261 53.28 -3.49 -20.22
C ILE A 261 52.24 -4.31 -20.98
N ILE A 262 52.68 -5.34 -21.71
CA ILE A 262 51.74 -6.23 -22.39
C ILE A 262 50.86 -6.95 -21.37
N GLU A 263 51.46 -7.43 -20.27
CA GLU A 263 50.67 -8.09 -19.23
C GLU A 263 49.70 -7.11 -18.58
N ASP A 264 50.12 -5.86 -18.37
CA ASP A 264 49.22 -4.86 -17.80
C ASP A 264 48.04 -4.59 -18.72
N LEU A 265 48.30 -4.46 -20.02
CA LEU A 265 47.21 -4.27 -20.97
C LEU A 265 46.30 -5.49 -21.03
N TRP A 266 46.88 -6.69 -20.91
CA TRP A 266 46.10 -7.92 -20.86
C TRP A 266 45.18 -7.93 -19.65
N ASP A 267 45.70 -7.52 -18.49
CA ASP A 267 44.88 -7.45 -17.29
C ASP A 267 43.76 -6.43 -17.45
N LEU A 268 44.06 -5.29 -18.06
CA LEU A 268 43.03 -4.29 -18.30
C LEU A 268 41.96 -4.83 -19.24
N LEU A 269 42.35 -5.56 -20.28
CA LEU A 269 41.39 -6.16 -21.20
C LEU A 269 40.51 -7.18 -20.48
N GLN A 270 41.11 -8.02 -19.65
CA GLN A 270 40.32 -9.03 -18.95
C GLN A 270 39.37 -8.37 -17.96
N TYR A 271 39.81 -7.28 -17.33
CA TYR A 271 38.91 -6.53 -16.45
C TYR A 271 37.75 -5.93 -17.23
N HIS A 272 38.03 -5.38 -18.41
CA HIS A 272 36.95 -4.81 -19.21
C HIS A 272 35.94 -5.87 -19.63
N VAL A 273 36.42 -7.07 -19.97
CA VAL A 273 35.51 -8.16 -20.31
C VAL A 273 34.69 -8.57 -19.08
N ALA A 274 35.35 -8.77 -17.95
CA ALA A 274 34.69 -9.16 -16.71
C ALA A 274 33.77 -8.06 -16.16
N THR A 275 33.88 -6.84 -16.68
CA THR A 275 32.88 -5.81 -16.42
C THR A 275 31.75 -5.88 -17.43
N TYR A 276 32.07 -6.20 -18.68
CA TYR A 276 31.05 -6.38 -19.70
C TYR A 276 30.04 -7.46 -19.29
N PHE A 277 30.52 -8.51 -18.62
CA PHE A 277 29.64 -9.48 -17.98
C PHE A 277 29.63 -9.22 -16.48
N ASP A 278 28.45 -8.91 -15.93
CA ASP A 278 28.27 -8.75 -14.49
C ASP A 278 29.16 -7.63 -13.93
N ASN A 279 28.81 -6.40 -14.32
CA ASN A 279 29.52 -5.22 -13.85
C ASN A 279 29.64 -5.20 -12.33
N GLU A 280 28.54 -5.43 -11.63
CA GLU A 280 28.53 -5.41 -10.16
C GLU A 280 29.02 -6.76 -9.64
N ILE A 281 30.33 -6.87 -9.50
CA ILE A 281 30.98 -8.05 -8.95
C ILE A 281 31.79 -7.61 -7.73
N PRO A 282 31.70 -8.32 -6.60
CA PRO A 282 32.47 -7.91 -5.42
C PRO A 282 33.97 -8.02 -5.64
N GLY A 283 34.71 -7.15 -4.96
CA GLY A 283 36.15 -7.15 -5.05
C GLY A 283 36.73 -6.48 -6.27
N LEU A 284 35.90 -5.83 -7.09
CA LEU A 284 36.34 -5.22 -8.32
C LEU A 284 35.55 -3.93 -8.51
N PRO A 285 36.21 -2.80 -8.75
CA PRO A 285 35.48 -1.54 -8.91
C PRO A 285 34.68 -1.53 -10.21
N PRO A 286 33.40 -1.17 -10.14
CA PRO A 286 32.59 -1.13 -11.36
C PRO A 286 33.05 -0.02 -12.30
N ALA A 287 32.93 -0.29 -13.59
CA ALA A 287 33.19 0.74 -14.58
C ALA A 287 32.13 1.83 -14.49
N LYS A 288 32.55 3.07 -14.65
CA LYS A 288 31.67 4.22 -14.50
C LYS A 288 31.70 5.07 -15.76
N HIS A 289 30.55 5.63 -16.12
CA HIS A 289 30.45 6.48 -17.30
C HIS A 289 31.11 7.83 -17.02
N ARG A 290 31.20 8.65 -18.07
CA ARG A 290 31.78 9.99 -17.93
C ARG A 290 31.04 10.82 -16.89
N SER A 291 29.71 10.66 -16.82
CA SER A 291 28.92 11.36 -15.82
C SER A 291 29.13 10.81 -14.41
N GLY A 292 29.82 9.68 -14.28
CA GLY A 292 30.05 9.06 -13.00
C GLY A 292 29.05 8.01 -12.59
N ARG A 293 27.95 7.88 -13.33
CA ARG A 293 26.96 6.86 -13.02
C ARG A 293 27.54 5.48 -13.32
N PRO A 294 27.21 4.47 -12.51
CA PRO A 294 27.68 3.11 -12.79
C PRO A 294 27.09 2.60 -14.10
N LEU A 295 27.89 1.81 -14.82
CA LEU A 295 27.48 1.29 -16.11
C LEU A 295 26.64 0.03 -15.95
N ARG A 296 25.52 -0.02 -16.65
CA ARG A 296 24.70 -1.22 -16.66
C ARG A 296 25.10 -2.14 -17.81
N THR A 297 25.32 -3.41 -17.50
CA THR A 297 25.80 -4.37 -18.47
C THR A 297 24.79 -5.48 -18.65
N LEU A 298 25.10 -6.39 -19.57
CA LEU A 298 24.13 -7.38 -20.01
C LEU A 298 23.77 -8.39 -18.93
N ALA A 299 24.51 -8.44 -17.83
CA ALA A 299 24.08 -9.23 -16.68
C ALA A 299 23.28 -8.42 -15.68
N GLN A 300 23.34 -7.08 -15.76
CA GLN A 300 22.49 -6.23 -14.95
C GLN A 300 21.15 -5.96 -15.60
N ARG A 301 21.04 -6.18 -16.92
CA ARG A 301 19.78 -5.94 -17.60
C ARG A 301 18.69 -6.89 -17.12
N LEU A 302 19.04 -8.17 -16.90
CA LEU A 302 18.10 -9.18 -16.48
C LEU A 302 18.23 -9.52 -15.00
N LYS A 303 18.77 -8.60 -14.20
CA LYS A 303 18.93 -8.78 -12.76
C LYS A 303 18.29 -7.61 -12.03
N GLY A 304 17.86 -7.85 -10.80
CA GLY A 304 17.24 -6.83 -9.99
C GLY A 304 15.81 -6.54 -10.42
N LYS A 305 15.24 -5.54 -9.77
CA LYS A 305 13.90 -5.09 -10.13
C LYS A 305 13.93 -4.39 -11.49
N GLU A 306 12.78 -4.40 -12.16
CA GLU A 306 12.63 -3.81 -13.49
C GLU A 306 13.56 -4.47 -14.51
N GLY A 307 13.97 -5.70 -14.25
CA GLY A 307 14.79 -6.46 -15.16
C GLY A 307 13.96 -7.29 -16.13
N ARG A 308 14.66 -8.14 -16.88
CA ARG A 308 13.97 -9.02 -17.81
C ARG A 308 13.17 -10.08 -17.08
N PHE A 309 13.69 -10.58 -15.96
CA PHE A 309 13.05 -11.70 -15.28
C PHE A 309 11.73 -11.31 -14.64
N ARG A 310 11.71 -10.19 -13.91
CA ARG A 310 10.48 -9.75 -13.25
C ARG A 310 9.74 -8.67 -14.04
N GLY A 311 10.46 -7.72 -14.63
CA GLY A 311 9.78 -6.63 -15.33
C GLY A 311 9.17 -7.06 -16.65
N ASN A 312 9.71 -8.11 -17.26
CA ASN A 312 9.24 -8.57 -18.55
C ASN A 312 8.72 -10.00 -18.53
N LEU A 313 9.51 -10.95 -18.02
CA LEU A 313 9.13 -12.35 -18.15
C LEU A 313 8.06 -12.75 -17.13
N SER A 314 8.33 -12.53 -15.84
CA SER A 314 7.37 -12.92 -14.81
C SER A 314 6.09 -12.11 -14.90
N GLY A 315 6.21 -10.79 -15.09
CA GLY A 315 5.05 -9.94 -15.23
C GLY A 315 5.27 -8.83 -16.22
N LYS A 316 4.37 -8.69 -17.18
CA LYS A 316 4.54 -7.75 -18.27
C LYS A 316 3.30 -6.87 -18.39
N ARG A 317 3.49 -5.67 -18.94
CA ARG A 317 2.36 -4.80 -19.22
C ARG A 317 1.49 -5.41 -20.30
N VAL A 318 0.17 -5.20 -20.18
CA VAL A 318 -0.80 -5.85 -21.03
C VAL A 318 -1.68 -4.81 -21.71
N ASP A 319 -2.33 -5.23 -22.78
CA ASP A 319 -3.25 -4.39 -23.52
C ASP A 319 -4.69 -4.64 -23.07
N PHE A 320 -5.58 -3.75 -23.49
CA PHE A 320 -7.00 -3.83 -23.16
C PHE A 320 -7.21 -3.87 -21.65
N SER A 321 -6.58 -2.93 -20.95
CA SER A 321 -6.65 -2.84 -19.50
C SER A 321 -6.92 -1.39 -19.10
N ALA A 322 -7.75 -1.22 -18.07
CA ALA A 322 -8.12 0.08 -17.54
C ALA A 322 -7.94 0.09 -16.04
N ARG A 323 -7.67 1.27 -15.49
CA ARG A 323 -7.52 1.43 -14.04
C ARG A 323 -8.27 2.68 -13.63
N THR A 324 -9.18 2.55 -12.66
CA THR A 324 -10.01 3.70 -12.31
C THR A 324 -10.45 3.57 -10.86
N VAL A 325 -10.79 4.72 -10.26
CA VAL A 325 -11.33 4.74 -8.92
C VAL A 325 -12.65 3.96 -8.89
N ILE A 326 -12.96 3.38 -7.73
CA ILE A 326 -14.19 2.63 -7.54
C ILE A 326 -15.15 3.45 -6.71
N SER A 327 -16.44 3.29 -7.00
CA SER A 327 -17.52 3.92 -6.26
C SER A 327 -18.60 2.90 -5.98
N PRO A 328 -19.33 3.04 -4.87
CA PRO A 328 -20.33 2.04 -4.52
C PRO A 328 -21.51 2.05 -5.49
N ASP A 329 -22.14 0.89 -5.61
CA ASP A 329 -23.35 0.75 -6.43
C ASP A 329 -24.14 -0.48 -5.98
N PRO A 330 -25.10 -0.33 -5.06
CA PRO A 330 -25.87 -1.49 -4.59
C PRO A 330 -26.84 -2.05 -5.60
N ASN A 331 -27.14 -1.33 -6.69
CA ASN A 331 -28.16 -1.77 -7.63
C ASN A 331 -27.67 -2.89 -8.53
N LEU A 332 -26.36 -2.96 -8.78
CA LEU A 332 -25.81 -3.99 -9.64
C LEU A 332 -25.82 -5.34 -8.94
N SER A 333 -25.89 -6.41 -9.74
CA SER A 333 -25.78 -7.75 -9.20
C SER A 333 -24.36 -7.98 -8.68
N ILE A 334 -24.19 -9.06 -7.91
CA ILE A 334 -22.87 -9.34 -7.36
C ILE A 334 -21.88 -9.69 -8.46
N ASP A 335 -22.34 -10.36 -9.51
CA ASP A 335 -21.49 -10.65 -10.66
C ASP A 335 -21.68 -9.62 -11.78
N GLU A 336 -21.62 -8.35 -11.40
CA GLU A 336 -21.68 -7.25 -12.36
C GLU A 336 -20.74 -6.14 -11.93
N VAL A 337 -20.21 -5.43 -12.92
CA VAL A 337 -19.35 -4.27 -12.69
C VAL A 337 -19.81 -3.15 -13.62
N GLY A 338 -19.90 -1.94 -13.08
CA GLY A 338 -20.27 -0.78 -13.87
C GLY A 338 -19.04 -0.11 -14.44
N ILE A 339 -19.08 0.16 -15.74
CA ILE A 339 -17.94 0.78 -16.42
C ILE A 339 -18.40 2.08 -17.09
N PRO A 340 -17.53 3.05 -17.25
CA PRO A 340 -17.92 4.30 -17.92
C PRO A 340 -18.13 4.07 -19.41
N TYR A 341 -18.76 5.07 -20.04
CA TYR A 341 -18.99 4.99 -21.48
C TYR A 341 -17.68 5.05 -22.26
N THR A 342 -16.74 5.88 -21.81
CA THR A 342 -15.47 5.98 -22.52
C THR A 342 -14.69 4.68 -22.48
N ILE A 343 -14.70 4.00 -21.34
CA ILE A 343 -14.02 2.72 -21.23
C ILE A 343 -14.64 1.71 -22.17
N ALA A 344 -15.98 1.67 -22.23
CA ALA A 344 -16.66 0.76 -23.15
C ALA A 344 -16.31 1.08 -24.59
N ARG A 345 -16.26 2.37 -24.94
CA ARG A 345 -16.00 2.76 -26.31
C ARG A 345 -14.56 2.44 -26.74
N MET A 346 -13.61 2.57 -25.81
CA MET A 346 -12.21 2.41 -26.22
C MET A 346 -11.74 0.97 -26.13
N LEU A 347 -12.16 0.23 -25.11
CA LEU A 347 -11.83 -1.18 -24.99
C LEU A 347 -12.81 -2.01 -25.81
N THR A 348 -12.28 -2.92 -26.62
CA THR A 348 -13.07 -3.62 -27.63
C THR A 348 -13.00 -5.13 -27.43
N VAL A 349 -13.87 -5.82 -28.17
CA VAL A 349 -13.94 -7.28 -28.18
C VAL A 349 -13.99 -7.74 -29.63
N PRO A 350 -13.23 -8.76 -30.02
CA PRO A 350 -13.19 -9.16 -31.45
C PRO A 350 -14.53 -9.62 -32.00
N GLU A 351 -15.14 -10.63 -31.38
CA GLU A 351 -16.49 -11.09 -31.76
C GLU A 351 -16.56 -11.40 -33.25
N ARG A 352 -15.85 -12.47 -33.62
CA ARG A 352 -15.82 -12.90 -35.01
C ARG A 352 -17.23 -13.15 -35.53
N VAL A 353 -17.50 -12.68 -36.76
CA VAL A 353 -18.84 -12.70 -37.31
C VAL A 353 -19.22 -14.13 -37.69
N THR A 354 -20.41 -14.56 -37.29
CA THR A 354 -20.99 -15.82 -37.71
C THR A 354 -22.40 -15.57 -38.21
N ASN A 355 -23.00 -16.60 -38.81
CA ASN A 355 -24.31 -16.44 -39.44
C ASN A 355 -25.43 -16.19 -38.42
N ILE A 356 -25.17 -16.43 -37.14
CA ILE A 356 -26.23 -16.29 -36.14
C ILE A 356 -26.36 -14.85 -35.68
N ASN A 357 -25.24 -14.22 -35.34
CA ASN A 357 -25.24 -12.86 -34.82
C ASN A 357 -25.07 -11.80 -35.89
N ILE A 358 -25.02 -12.20 -37.17
CA ILE A 358 -24.66 -11.28 -38.25
C ILE A 358 -25.49 -10.00 -38.18
N GLU A 359 -26.82 -10.14 -38.12
CA GLU A 359 -27.68 -8.97 -38.09
C GLU A 359 -27.33 -8.07 -36.92
N ARG A 360 -27.20 -8.66 -35.73
CA ARG A 360 -26.78 -7.88 -34.56
C ARG A 360 -25.44 -7.20 -34.82
N ILE A 361 -24.50 -7.95 -35.36
CA ILE A 361 -23.19 -7.38 -35.67
C ILE A 361 -23.33 -6.21 -36.62
N ARG A 362 -24.25 -6.33 -37.58
CA ARG A 362 -24.45 -5.24 -38.54
C ARG A 362 -24.80 -3.95 -37.81
N GLN A 363 -25.63 -4.04 -36.76
CA GLN A 363 -25.97 -2.84 -36.01
C GLN A 363 -24.73 -2.20 -35.41
N TYR A 364 -23.82 -3.02 -34.88
CA TYR A 364 -22.59 -2.48 -34.30
C TYR A 364 -21.78 -1.70 -35.32
N ILE A 365 -21.94 -2.01 -36.60
CA ILE A 365 -21.23 -1.26 -37.63
C ILE A 365 -22.02 -0.05 -38.10
N ILE A 366 -23.35 -0.09 -37.96
CA ILE A 366 -24.15 1.09 -38.30
C ILE A 366 -23.80 2.25 -37.36
N ASN A 367 -23.69 1.95 -36.07
CA ASN A 367 -23.21 2.92 -35.11
C ASN A 367 -21.69 3.01 -35.21
N GLY A 368 -21.17 4.23 -35.27
CA GLY A 368 -19.76 4.43 -35.46
C GLY A 368 -18.98 4.20 -34.19
N PRO A 369 -17.67 4.50 -34.27
CA PRO A 369 -16.83 4.38 -33.07
C PRO A 369 -17.24 5.32 -31.94
N ASP A 370 -17.97 6.39 -32.26
CA ASP A 370 -18.33 7.38 -31.25
C ASP A 370 -19.65 7.05 -30.55
N LYS A 371 -20.54 6.31 -31.21
CA LYS A 371 -21.85 6.00 -30.65
C LYS A 371 -21.84 4.60 -30.04
N TRP A 372 -22.44 4.48 -28.85
CA TRP A 372 -22.48 3.22 -28.15
C TRP A 372 -23.90 2.65 -28.13
N PRO A 373 -24.08 1.35 -28.40
CA PRO A 373 -23.01 0.41 -28.76
C PRO A 373 -22.60 0.52 -30.23
N GLY A 374 -21.34 0.27 -30.52
CA GLY A 374 -20.83 0.42 -31.87
C GLY A 374 -19.60 -0.42 -32.08
N ALA A 375 -18.90 -0.14 -33.17
CA ALA A 375 -17.69 -0.85 -33.54
C ALA A 375 -16.55 0.12 -33.74
N ASN A 376 -15.35 -0.30 -33.37
CA ASN A 376 -14.15 0.50 -33.56
C ASN A 376 -13.31 0.05 -34.75
N TYR A 377 -13.29 -1.24 -35.06
CA TYR A 377 -12.53 -1.73 -36.20
C TYR A 377 -13.27 -2.88 -36.85
N VAL A 378 -12.97 -3.13 -38.13
CA VAL A 378 -13.48 -4.31 -38.82
C VAL A 378 -12.33 -4.97 -39.57
N ILE A 379 -12.25 -6.29 -39.44
CA ILE A 379 -11.17 -7.09 -40.02
C ILE A 379 -11.78 -8.06 -41.02
N LYS A 380 -11.35 -7.96 -42.28
CA LYS A 380 -11.77 -8.88 -43.30
C LYS A 380 -11.13 -10.24 -43.07
N PRO A 381 -11.68 -11.31 -43.67
CA PRO A 381 -10.99 -12.60 -43.61
C PRO A 381 -9.60 -12.57 -44.23
N ASP A 382 -9.35 -11.64 -45.15
CA ASP A 382 -8.02 -11.48 -45.73
C ASP A 382 -7.00 -10.99 -44.70
N GLY A 383 -7.45 -10.46 -43.57
CA GLY A 383 -6.56 -9.98 -42.54
C GLY A 383 -6.27 -8.49 -42.59
N ARG A 384 -6.97 -7.73 -43.43
CA ARG A 384 -6.74 -6.30 -43.56
C ARG A 384 -7.63 -5.54 -42.58
N ARG A 385 -7.00 -4.81 -41.67
CA ARG A 385 -7.75 -4.03 -40.68
C ARG A 385 -8.31 -2.77 -41.33
N ILE A 386 -9.53 -2.39 -40.92
CA ILE A 386 -10.20 -1.19 -41.39
C ILE A 386 -10.66 -0.41 -40.19
N ASP A 387 -10.37 0.89 -40.17
CA ASP A 387 -10.76 1.78 -39.10
C ASP A 387 -12.12 2.38 -39.43
N LEU A 388 -13.11 2.12 -38.57
CA LEU A 388 -14.46 2.62 -38.81
C LEU A 388 -14.53 4.14 -38.77
N ARG A 389 -13.56 4.81 -38.14
CA ARG A 389 -13.62 6.25 -38.04
C ARG A 389 -13.42 6.91 -39.40
N TYR A 390 -12.58 6.33 -40.25
CA TYR A 390 -12.25 6.89 -41.56
C TYR A 390 -13.08 6.29 -42.69
N VAL A 391 -14.05 5.43 -42.38
CA VAL A 391 -14.87 4.82 -43.42
C VAL A 391 -15.81 5.87 -44.01
N LYS A 392 -15.88 5.90 -45.34
CA LYS A 392 -16.70 6.90 -46.03
C LYS A 392 -18.18 6.71 -45.72
N ASP A 393 -18.68 5.47 -45.84
CA ASP A 393 -20.08 5.17 -45.56
C ASP A 393 -20.13 3.87 -44.78
N ARG A 394 -20.67 3.93 -43.56
CA ARG A 394 -20.71 2.75 -42.71
C ARG A 394 -21.81 1.78 -43.10
N LYS A 395 -22.91 2.27 -43.67
CA LYS A 395 -24.02 1.38 -44.01
C LYS A 395 -23.64 0.44 -45.15
N GLU A 396 -22.94 0.94 -46.17
CA GLU A 396 -22.56 0.08 -47.29
C GLU A 396 -21.53 -0.96 -46.86
N LEU A 397 -20.66 -0.63 -45.91
CA LEU A 397 -19.73 -1.62 -45.38
C LEU A 397 -20.44 -2.62 -44.50
N ALA A 398 -21.43 -2.17 -43.72
CA ALA A 398 -22.20 -3.08 -42.88
C ALA A 398 -22.97 -4.09 -43.72
N SER A 399 -23.51 -3.64 -44.86
CA SER A 399 -24.20 -4.58 -45.75
C SER A 399 -23.23 -5.56 -46.39
N SER A 400 -21.96 -5.19 -46.51
CA SER A 400 -20.98 -6.03 -47.19
C SER A 400 -20.49 -7.20 -46.34
N ILE A 401 -20.49 -7.04 -45.01
CA ILE A 401 -19.88 -8.05 -44.14
C ILE A 401 -20.65 -9.36 -44.24
N THR A 402 -19.93 -10.46 -43.97
CA THR A 402 -20.51 -11.79 -43.99
C THR A 402 -19.75 -12.64 -42.99
N ALA A 403 -19.95 -13.96 -43.06
CA ALA A 403 -19.26 -14.86 -42.15
C ALA A 403 -17.75 -14.80 -42.37
N GLY A 404 -17.00 -14.89 -41.27
CA GLY A 404 -15.56 -14.83 -41.30
C GLY A 404 -14.98 -13.48 -40.91
N TYR A 405 -15.78 -12.42 -40.95
CA TYR A 405 -15.30 -11.10 -40.57
C TYR A 405 -15.15 -11.02 -39.05
N VAL A 406 -14.38 -10.03 -38.60
CA VAL A 406 -14.20 -9.74 -37.19
C VAL A 406 -14.60 -8.28 -36.98
N VAL A 407 -15.37 -8.01 -35.93
CA VAL A 407 -15.86 -6.66 -35.66
C VAL A 407 -15.41 -6.27 -34.26
N GLU A 408 -14.28 -5.56 -34.18
CA GLU A 408 -13.83 -5.01 -32.90
C GLU A 408 -14.80 -3.93 -32.46
N ARG A 409 -15.61 -4.26 -31.45
CA ARG A 409 -16.78 -3.49 -31.05
C ARG A 409 -16.65 -3.07 -29.60
N HIS A 410 -17.43 -2.06 -29.22
CA HIS A 410 -17.43 -1.59 -27.85
C HIS A 410 -17.98 -2.66 -26.90
N LEU A 411 -17.58 -2.55 -25.64
CA LEU A 411 -18.11 -3.45 -24.61
C LEU A 411 -19.60 -3.20 -24.42
N VAL A 412 -20.39 -4.26 -24.52
CA VAL A 412 -21.83 -4.17 -24.33
C VAL A 412 -22.18 -4.84 -23.00
N ASP A 413 -23.42 -4.63 -22.57
CA ASP A 413 -23.89 -5.23 -21.32
C ASP A 413 -23.87 -6.75 -21.44
N GLY A 414 -23.35 -7.40 -20.40
CA GLY A 414 -23.22 -8.84 -20.37
C GLY A 414 -21.84 -9.36 -20.69
N ASP A 415 -20.97 -8.52 -21.25
CA ASP A 415 -19.60 -8.93 -21.51
C ASP A 415 -18.87 -9.21 -20.21
N VAL A 416 -17.98 -10.20 -20.25
CA VAL A 416 -17.25 -10.64 -19.07
C VAL A 416 -15.84 -10.05 -19.10
N VAL A 417 -15.44 -9.45 -17.98
CA VAL A 417 -14.14 -8.80 -17.86
C VAL A 417 -13.54 -9.17 -16.52
N LEU A 418 -12.23 -9.41 -16.51
CA LEU A 418 -11.54 -9.66 -15.25
C LEU A 418 -11.39 -8.36 -14.48
N PHE A 419 -11.44 -8.45 -13.16
CA PHE A 419 -11.52 -7.27 -12.31
C PHE A 419 -10.80 -7.59 -11.01
N ASN A 420 -9.84 -6.75 -10.63
CA ASN A 420 -9.05 -7.05 -9.43
C ASN A 420 -8.50 -5.79 -8.79
N ARG A 421 -8.18 -5.91 -7.51
CA ARG A 421 -7.57 -4.83 -6.73
C ARG A 421 -6.23 -5.31 -6.19
N GLN A 422 -5.21 -4.47 -6.33
CA GLN A 422 -3.90 -4.78 -5.78
C GLN A 422 -3.98 -4.80 -4.25
N PRO A 423 -3.13 -5.62 -3.59
CA PRO A 423 -2.01 -6.38 -4.15
C PRO A 423 -2.35 -7.77 -4.69
N SER A 424 -3.63 -8.11 -4.79
CA SER A 424 -4.07 -9.41 -5.33
C SER A 424 -3.46 -10.55 -4.52
N LEU A 425 -3.87 -10.62 -3.26
CA LEU A 425 -3.29 -11.57 -2.32
C LEU A 425 -3.78 -12.99 -2.59
N HIS A 426 -5.08 -13.23 -2.47
CA HIS A 426 -5.64 -14.57 -2.56
C HIS A 426 -6.31 -14.77 -3.90
N ARG A 427 -6.85 -15.98 -4.09
CA ARG A 427 -7.30 -16.41 -5.41
C ARG A 427 -8.42 -15.54 -5.94
N ILE A 428 -9.41 -15.24 -5.11
CA ILE A 428 -10.63 -14.59 -5.57
C ILE A 428 -10.48 -13.07 -5.60
N SER A 429 -9.26 -12.58 -5.42
CA SER A 429 -9.02 -11.15 -5.54
C SER A 429 -9.13 -10.67 -6.98
N MET A 430 -9.10 -11.59 -7.95
CA MET A 430 -9.32 -11.30 -9.36
C MET A 430 -10.49 -12.15 -9.82
N MET A 431 -11.61 -11.52 -10.15
CA MET A 431 -12.80 -12.26 -10.53
C MET A 431 -13.39 -11.71 -11.82
N ALA A 432 -14.17 -12.55 -12.48
CA ALA A 432 -14.81 -12.19 -13.74
C ALA A 432 -16.18 -11.59 -13.47
N HIS A 433 -16.39 -10.37 -13.93
CA HIS A 433 -17.64 -9.65 -13.73
C HIS A 433 -18.31 -9.43 -15.08
N LYS A 434 -19.62 -9.24 -15.05
CA LYS A 434 -20.39 -8.93 -16.25
C LYS A 434 -20.48 -7.42 -16.41
N VAL A 435 -20.21 -6.94 -17.61
CA VAL A 435 -20.13 -5.49 -17.87
C VAL A 435 -21.53 -4.90 -17.85
N ARG A 436 -21.66 -3.73 -17.21
CA ARG A 436 -22.83 -2.89 -17.34
C ARG A 436 -22.34 -1.45 -17.54
N VAL A 437 -22.74 -0.83 -18.62
CA VAL A 437 -22.24 0.50 -18.98
C VAL A 437 -23.16 1.54 -18.37
N LEU A 438 -22.59 2.42 -17.53
CA LEU A 438 -23.33 3.44 -16.82
C LEU A 438 -22.68 4.80 -17.03
N PRO A 439 -23.45 5.87 -16.99
CA PRO A 439 -22.86 7.21 -17.08
C PRO A 439 -21.98 7.50 -15.87
N GLY A 440 -20.94 8.29 -16.11
CA GLY A 440 -19.97 8.65 -15.10
C GLY A 440 -18.57 8.37 -15.56
N ARG A 441 -17.62 8.44 -14.62
CA ARG A 441 -16.22 8.25 -14.98
C ARG A 441 -15.48 7.39 -13.95
N THR A 442 -16.17 6.48 -13.27
CA THR A 442 -15.55 5.61 -12.29
C THR A 442 -16.15 4.22 -12.37
N PHE A 443 -15.36 3.21 -12.02
CA PHE A 443 -15.88 1.85 -11.92
C PHE A 443 -16.82 1.74 -10.74
N ARG A 444 -17.95 1.09 -10.93
CA ARG A 444 -18.95 0.91 -9.89
C ARG A 444 -19.04 -0.57 -9.53
N LEU A 445 -18.61 -0.89 -8.31
CA LEU A 445 -18.56 -2.25 -7.82
C LEU A 445 -19.66 -2.45 -6.77
N ASN A 446 -20.33 -3.60 -6.84
CA ASN A 446 -21.38 -3.89 -5.88
C ASN A 446 -20.77 -3.97 -4.47
N LEU A 447 -21.55 -3.52 -3.49
CA LEU A 447 -21.06 -3.42 -2.12
C LEU A 447 -20.73 -4.80 -1.55
N LEU A 448 -21.55 -5.81 -1.86
CA LEU A 448 -21.31 -7.15 -1.36
C LEU A 448 -20.00 -7.73 -1.87
N ASP A 449 -19.44 -7.17 -2.95
CA ASP A 449 -18.16 -7.61 -3.48
C ASP A 449 -16.98 -6.95 -2.78
N CYS A 450 -17.21 -6.04 -1.84
CA CYS A 450 -16.11 -5.41 -1.13
C CYS A 450 -15.22 -6.38 -0.36
N PRO A 451 -15.75 -7.36 0.39
CA PRO A 451 -14.87 -8.25 1.16
C PRO A 451 -13.89 -9.04 0.29
N PRO A 452 -14.33 -9.67 -0.81
CA PRO A 452 -13.35 -10.45 -1.59
C PRO A 452 -12.17 -9.64 -2.09
N TYR A 453 -12.39 -8.41 -2.53
CA TYR A 453 -11.30 -7.56 -2.99
C TYR A 453 -10.62 -6.81 -1.85
N ASN A 454 -11.14 -6.90 -0.63
CA ASN A 454 -10.69 -6.06 0.48
C ASN A 454 -10.75 -4.59 0.09
N ALA A 455 -11.80 -4.24 -0.65
CA ALA A 455 -11.93 -2.93 -1.26
C ALA A 455 -12.88 -2.06 -0.45
N ASP A 456 -12.41 -0.87 -0.08
CA ASP A 456 -13.23 0.16 0.54
C ASP A 456 -12.99 1.47 -0.19
N PHE A 457 -14.01 2.33 -0.19
CA PHE A 457 -14.06 3.48 -1.09
C PHE A 457 -13.42 4.69 -0.42
N ASP A 458 -12.08 4.72 -0.48
CA ASP A 458 -11.29 5.86 -0.04
C ASP A 458 -10.70 6.62 -1.22
N GLY A 459 -11.01 6.18 -2.44
CA GLY A 459 -10.29 6.63 -3.61
C GLY A 459 -9.27 5.65 -4.13
N ASP A 460 -9.12 4.49 -3.48
CA ASP A 460 -8.24 3.46 -4.00
C ASP A 460 -8.84 2.82 -5.25
N GLU A 461 -8.02 2.71 -6.29
CA GLU A 461 -8.46 2.35 -7.62
C GLU A 461 -8.48 0.83 -7.81
N MET A 462 -8.95 0.41 -8.97
CA MET A 462 -9.10 -0.99 -9.28
C MET A 462 -8.86 -1.19 -10.78
N ASN A 463 -8.48 -2.41 -11.15
CA ASN A 463 -8.02 -2.74 -12.49
C ASN A 463 -9.02 -3.65 -13.19
N LEU A 464 -9.21 -3.41 -14.49
CA LEU A 464 -10.14 -4.17 -15.31
C LEU A 464 -9.44 -4.59 -16.59
N HIS A 465 -9.45 -5.90 -16.86
CA HIS A 465 -8.84 -6.47 -18.05
C HIS A 465 -9.91 -7.10 -18.92
N VAL A 466 -9.87 -6.82 -20.22
CA VAL A 466 -10.84 -7.33 -21.18
C VAL A 466 -10.18 -8.49 -21.92
N PRO A 467 -10.59 -9.74 -21.69
CA PRO A 467 -10.01 -10.86 -22.43
C PRO A 467 -10.56 -10.91 -23.85
N GLN A 468 -9.67 -11.14 -24.81
CA GLN A 468 -10.02 -11.05 -26.22
C GLN A 468 -10.40 -12.40 -26.81
N SER A 469 -9.60 -13.44 -26.56
CA SER A 469 -9.83 -14.73 -27.18
C SER A 469 -11.16 -15.32 -26.73
N GLU A 470 -11.80 -16.07 -27.64
CA GLU A 470 -13.06 -16.73 -27.31
C GLU A 470 -12.87 -17.77 -26.21
N GLU A 471 -11.77 -18.52 -26.26
CA GLU A 471 -11.50 -19.51 -25.22
C GLU A 471 -11.24 -18.83 -23.89
N ALA A 472 -10.54 -17.69 -23.90
CA ALA A 472 -10.32 -16.95 -22.66
C ALA A 472 -11.63 -16.47 -22.07
N ILE A 473 -12.53 -15.96 -22.90
CA ILE A 473 -13.84 -15.51 -22.43
C ILE A 473 -14.62 -16.67 -21.83
N ALA A 474 -14.61 -17.82 -22.52
CA ALA A 474 -15.35 -18.97 -22.02
C ALA A 474 -14.79 -19.46 -20.70
N GLU A 475 -13.47 -19.51 -20.56
CA GLU A 475 -12.88 -19.95 -19.30
C GLU A 475 -13.16 -18.95 -18.18
N ALA A 476 -13.16 -17.65 -18.50
CA ALA A 476 -13.51 -16.65 -17.49
C ALA A 476 -14.95 -16.82 -17.03
N ARG A 477 -15.87 -17.07 -17.97
CA ARG A 477 -17.27 -17.20 -17.60
C ARG A 477 -17.53 -18.46 -16.79
N GLU A 478 -16.97 -19.59 -17.23
CA GLU A 478 -17.33 -20.86 -16.61
C GLU A 478 -16.59 -21.13 -15.31
N LEU A 479 -15.52 -20.40 -15.03
CA LEU A 479 -14.70 -20.66 -13.86
C LEU A 479 -14.58 -19.49 -12.90
N MET A 480 -14.37 -18.27 -13.41
CA MET A 480 -14.07 -17.12 -12.57
C MET A 480 -15.25 -16.19 -12.35
N LEU A 481 -16.47 -16.62 -12.68
CA LEU A 481 -17.62 -15.78 -12.42
C LEU A 481 -17.79 -15.57 -10.92
N VAL A 482 -18.27 -14.38 -10.55
CA VAL A 482 -18.26 -13.97 -9.14
C VAL A 482 -19.15 -14.89 -8.30
N HIS A 483 -20.35 -15.19 -8.79
CA HIS A 483 -21.29 -15.94 -7.96
C HIS A 483 -20.82 -17.37 -7.71
N LYS A 484 -20.04 -17.94 -8.64
CA LYS A 484 -19.52 -19.29 -8.43
C LYS A 484 -18.48 -19.33 -7.32
N ASN A 485 -17.92 -18.19 -6.93
CA ASN A 485 -16.86 -18.12 -5.93
C ASN A 485 -17.31 -17.35 -4.69
N ILE A 486 -18.56 -17.57 -4.27
CA ILE A 486 -19.07 -16.90 -3.07
C ILE A 486 -18.37 -17.42 -1.82
N ILE A 487 -18.11 -18.72 -1.78
CA ILE A 487 -17.47 -19.33 -0.61
C ILE A 487 -15.96 -19.35 -0.83
N THR A 488 -15.23 -18.77 0.13
CA THR A 488 -13.78 -18.67 -0.01
C THR A 488 -13.13 -20.04 0.14
N PRO A 489 -12.04 -20.29 -0.59
CA PRO A 489 -11.33 -21.56 -0.43
C PRO A 489 -10.53 -21.67 0.85
N ARG A 490 -10.28 -20.54 1.54
CA ARG A 490 -9.49 -20.58 2.76
C ARG A 490 -10.19 -21.38 3.85
N TYR A 491 -11.49 -21.15 4.02
CA TYR A 491 -12.31 -21.89 4.97
C TYR A 491 -13.70 -22.03 4.39
N GLY A 492 -14.45 -23.01 4.87
CA GLY A 492 -15.77 -23.24 4.34
C GLY A 492 -16.78 -22.20 4.78
N GLY A 493 -16.60 -20.97 4.32
CA GLY A 493 -17.49 -19.89 4.69
C GLY A 493 -17.67 -18.88 3.57
N PRO A 494 -18.82 -18.20 3.55
CA PRO A 494 -19.11 -17.25 2.46
C PRO A 494 -18.28 -15.98 2.62
N ILE A 495 -17.54 -15.63 1.56
CA ILE A 495 -16.76 -14.40 1.57
C ILE A 495 -17.61 -13.20 1.18
N ILE A 496 -18.75 -13.43 0.54
CA ILE A 496 -19.67 -12.38 0.14
C ILE A 496 -20.87 -12.43 1.06
N GLY A 497 -21.25 -11.28 1.59
CA GLY A 497 -22.37 -11.24 2.52
C GLY A 497 -22.71 -9.81 2.91
N GLY A 498 -23.63 -9.70 3.86
CA GLY A 498 -24.10 -8.41 4.29
C GLY A 498 -23.00 -7.60 4.96
N GLY A 499 -22.82 -6.36 4.50
CA GLY A 499 -21.89 -5.44 5.13
C GLY A 499 -22.43 -4.93 6.45
N GLN A 500 -21.99 -3.74 6.84
CA GLN A 500 -22.47 -3.16 8.09
C GLN A 500 -23.89 -2.65 7.95
N ASP A 501 -24.21 -2.00 6.82
CA ASP A 501 -25.53 -1.42 6.67
C ASP A 501 -26.59 -2.48 6.38
N TYR A 502 -26.23 -3.51 5.61
CA TYR A 502 -27.16 -4.60 5.34
C TYR A 502 -27.58 -5.29 6.63
N ILE A 503 -26.64 -5.49 7.54
CA ILE A 503 -26.95 -6.16 8.81
C ILE A 503 -27.93 -5.34 9.63
N SER A 504 -27.70 -4.03 9.72
CA SER A 504 -28.61 -3.18 10.48
C SER A 504 -30.01 -3.17 9.85
N GLY A 505 -30.06 -3.07 8.52
CA GLY A 505 -31.36 -3.11 7.85
C GLY A 505 -32.09 -4.41 8.07
N ALA A 506 -31.38 -5.53 7.96
CA ALA A 506 -32.01 -6.83 8.18
C ALA A 506 -32.49 -6.99 9.61
N TYR A 507 -31.69 -6.54 10.58
CA TYR A 507 -32.09 -6.63 11.97
C TYR A 507 -33.34 -5.80 12.22
N LEU A 508 -33.35 -4.55 11.76
CA LEU A 508 -34.51 -3.71 12.01
C LEU A 508 -35.74 -4.19 11.26
N LEU A 509 -35.56 -4.88 10.13
CA LEU A 509 -36.69 -5.46 9.42
C LEU A 509 -37.20 -6.71 10.12
N SER A 510 -36.32 -7.44 10.80
CA SER A 510 -36.69 -8.71 11.41
C SER A 510 -37.07 -8.61 12.89
N VAL A 511 -37.11 -7.40 13.45
CA VAL A 511 -37.51 -7.25 14.84
C VAL A 511 -38.97 -7.72 14.98
N LYS A 512 -39.27 -8.31 16.14
CA LYS A 512 -40.62 -8.81 16.38
C LYS A 512 -41.64 -7.68 16.37
N THR A 513 -41.22 -6.45 16.64
CA THR A 513 -42.17 -5.36 16.81
C THR A 513 -42.51 -4.66 15.50
N THR A 514 -41.80 -4.96 14.41
CA THR A 514 -42.05 -4.24 13.16
C THR A 514 -43.39 -4.65 12.57
N LEU A 515 -44.08 -3.66 12.00
CA LEU A 515 -45.35 -3.88 11.32
C LEU A 515 -45.40 -2.99 10.09
N LEU A 516 -45.82 -3.55 8.97
CA LEU A 516 -45.79 -2.86 7.68
C LEU A 516 -47.18 -2.90 7.07
N THR A 517 -47.63 -1.75 6.59
CA THR A 517 -48.88 -1.68 5.86
C THR A 517 -48.69 -2.19 4.43
N VAL A 518 -49.79 -2.22 3.68
CA VAL A 518 -49.73 -2.73 2.30
C VAL A 518 -48.89 -1.81 1.43
N GLU A 519 -49.06 -0.49 1.58
CA GLU A 519 -48.27 0.44 0.78
C GLU A 519 -46.79 0.34 1.12
N GLU A 520 -46.46 0.25 2.40
CA GLU A 520 -45.06 0.12 2.80
C GLU A 520 -44.46 -1.18 2.28
N VAL A 521 -45.23 -2.27 2.33
CA VAL A 521 -44.75 -3.54 1.79
C VAL A 521 -44.51 -3.44 0.29
N ALA A 522 -45.41 -2.76 -0.43
CA ALA A 522 -45.22 -2.58 -1.86
C ALA A 522 -43.96 -1.77 -2.15
N THR A 523 -43.73 -0.69 -1.39
CA THR A 523 -42.52 0.09 -1.59
C THR A 523 -41.27 -0.73 -1.28
N ILE A 524 -41.32 -1.55 -0.23
CA ILE A 524 -40.19 -2.39 0.14
C ILE A 524 -39.88 -3.41 -0.95
N LEU A 525 -40.92 -4.06 -1.49
CA LEU A 525 -40.73 -5.12 -2.47
C LEU A 525 -40.56 -4.60 -3.89
N GLY A 526 -40.75 -3.30 -4.12
CA GLY A 526 -40.53 -2.75 -5.45
C GLY A 526 -39.09 -2.91 -5.92
N VAL A 527 -38.13 -2.73 -5.01
CA VAL A 527 -36.73 -2.82 -5.39
C VAL A 527 -36.37 -4.25 -5.79
N THR A 528 -36.95 -5.24 -5.12
CA THR A 528 -36.71 -6.63 -5.48
C THR A 528 -37.41 -6.96 -6.79
N ASP A 529 -36.90 -7.99 -7.47
CA ASP A 529 -37.53 -8.50 -8.69
C ASP A 529 -38.46 -9.67 -8.31
N PHE A 530 -39.50 -9.32 -7.57
CA PHE A 530 -40.46 -10.29 -7.04
C PHE A 530 -41.87 -9.82 -7.38
N VAL A 531 -42.59 -10.63 -8.16
CA VAL A 531 -44.00 -10.42 -8.43
C VAL A 531 -44.75 -11.69 -8.04
N GLY A 532 -45.77 -11.53 -7.22
CA GLY A 532 -46.56 -12.67 -6.79
C GLY A 532 -47.61 -12.23 -5.80
N GLU A 533 -48.35 -13.22 -5.29
CA GLU A 533 -49.39 -12.95 -4.31
C GLU A 533 -48.74 -12.66 -2.97
N LEU A 534 -49.03 -11.48 -2.42
CA LEU A 534 -48.53 -11.13 -1.09
C LEU A 534 -49.09 -12.06 -0.02
N GLY A 535 -50.36 -12.42 -0.14
CA GLY A 535 -51.03 -13.22 0.85
C GLY A 535 -51.69 -12.36 1.92
N GLU A 536 -52.44 -13.05 2.79
CA GLU A 536 -53.10 -12.35 3.87
C GLU A 536 -52.06 -11.76 4.83
N PRO A 537 -52.23 -10.52 5.25
CA PRO A 537 -51.29 -9.93 6.22
C PRO A 537 -51.32 -10.69 7.53
N ALA A 538 -50.17 -10.71 8.21
CA ALA A 538 -50.08 -11.44 9.47
C ALA A 538 -51.06 -10.93 10.49
N ILE A 539 -51.40 -9.64 10.44
CA ILE A 539 -52.42 -9.05 11.32
C ILE A 539 -53.57 -8.63 10.43
N LEU A 540 -54.76 -9.19 10.69
CA LEU A 540 -55.92 -8.90 9.87
C LEU A 540 -56.83 -7.85 10.52
N ALA A 541 -56.91 -7.84 11.84
CA ALA A 541 -57.69 -6.86 12.57
C ALA A 541 -56.90 -6.41 13.80
N PRO A 542 -57.07 -5.16 14.25
CA PRO A 542 -57.94 -4.10 13.72
C PRO A 542 -57.46 -3.50 12.40
N LYS A 543 -56.15 -3.40 12.23
CA LYS A 543 -55.59 -2.83 11.01
C LYS A 543 -54.73 -3.86 10.28
N PRO A 544 -54.85 -3.95 8.96
CA PRO A 544 -54.02 -4.91 8.20
C PRO A 544 -52.55 -4.53 8.28
N TYR A 545 -51.74 -5.40 8.86
CA TYR A 545 -50.31 -5.18 9.04
C TYR A 545 -49.54 -6.40 8.58
N TYR A 546 -48.47 -6.19 7.84
CA TYR A 546 -47.54 -7.24 7.45
C TYR A 546 -46.31 -7.16 8.34
N THR A 547 -45.96 -8.28 8.98
CA THR A 547 -44.77 -8.31 9.80
C THR A 547 -43.54 -8.45 8.90
N GLY A 548 -42.41 -7.90 9.37
CA GLY A 548 -41.20 -7.94 8.57
C GLY A 548 -40.73 -9.36 8.27
N LYS A 549 -40.91 -10.27 9.24
CA LYS A 549 -40.57 -11.66 8.99
C LYS A 549 -41.45 -12.26 7.90
N GLN A 550 -42.72 -11.87 7.86
CA GLN A 550 -43.61 -12.34 6.81
C GLN A 550 -43.13 -11.86 5.44
N VAL A 551 -42.69 -10.61 5.35
CA VAL A 551 -42.16 -10.09 4.10
C VAL A 551 -40.89 -10.83 3.70
N ILE A 552 -40.03 -11.12 4.68
CA ILE A 552 -38.78 -11.83 4.39
C ILE A 552 -39.05 -13.25 3.91
N SER A 553 -40.02 -13.93 4.53
CA SER A 553 -40.24 -15.34 4.25
C SER A 553 -40.70 -15.62 2.83
N LEU A 554 -41.11 -14.59 2.07
CA LEU A 554 -41.48 -14.80 0.68
C LEU A 554 -40.29 -15.18 -0.18
N PHE A 555 -39.06 -14.96 0.30
CA PHE A 555 -37.86 -15.23 -0.47
C PHE A 555 -37.15 -16.51 -0.07
N LEU A 556 -37.41 -17.03 1.12
CA LEU A 556 -36.77 -18.26 1.56
C LEU A 556 -37.35 -19.46 0.82
N PRO A 557 -36.52 -20.47 0.52
CA PRO A 557 -37.04 -21.66 -0.15
C PRO A 557 -38.01 -22.41 0.74
N LYS A 558 -38.99 -23.05 0.11
CA LYS A 558 -40.12 -23.61 0.84
C LYS A 558 -39.75 -24.82 1.69
N ASP A 559 -38.55 -25.38 1.53
CA ASP A 559 -38.06 -26.46 2.40
C ASP A 559 -36.69 -26.03 2.92
N PHE A 560 -36.69 -25.25 4.00
CA PHE A 560 -35.46 -24.74 4.58
C PHE A 560 -35.64 -24.60 6.08
N ASN A 561 -34.87 -25.37 6.84
CA ASN A 561 -34.99 -25.42 8.29
C ASN A 561 -33.70 -24.92 8.93
N PHE A 562 -33.84 -24.01 9.88
CA PHE A 562 -32.68 -23.46 10.59
C PHE A 562 -33.06 -23.19 12.03
N HIS A 563 -32.11 -23.42 12.93
CA HIS A 563 -32.36 -23.26 14.37
C HIS A 563 -31.19 -22.62 15.09
N GLY A 564 -30.43 -21.78 14.41
CA GLY A 564 -29.27 -21.15 15.01
C GLY A 564 -29.64 -19.94 15.86
N PRO A 565 -28.74 -19.55 16.75
CA PRO A 565 -28.94 -18.31 17.51
C PRO A 565 -28.48 -17.10 16.72
N ALA A 566 -29.04 -15.94 17.10
CA ALA A 566 -28.68 -14.69 16.46
C ALA A 566 -27.42 -14.11 17.11
N ASN A 567 -26.86 -13.08 16.45
CA ASN A 567 -25.65 -12.46 16.98
C ASN A 567 -25.93 -11.65 18.24
N ILE A 568 -27.17 -11.21 18.45
CA ILE A 568 -27.49 -10.45 19.65
C ILE A 568 -27.48 -11.33 20.90
N SER A 569 -27.56 -12.64 20.74
CA SER A 569 -27.51 -13.56 21.87
C SER A 569 -26.07 -14.02 22.13
N LYS A 570 -25.21 -13.03 22.35
CA LYS A 570 -23.80 -13.28 22.61
C LYS A 570 -23.38 -12.93 24.04
N GLY A 571 -24.32 -12.54 24.89
CA GLY A 571 -23.99 -12.15 26.23
C GLY A 571 -25.04 -12.55 27.25
N PRO A 572 -25.29 -11.68 28.23
CA PRO A 572 -26.27 -12.01 29.28
C PRO A 572 -27.68 -12.23 28.76
N ARG A 573 -28.08 -11.52 27.70
CA ARG A 573 -29.45 -11.62 27.20
C ARG A 573 -29.74 -12.94 26.51
N ALA A 574 -28.72 -13.77 26.28
CA ALA A 574 -28.93 -15.06 25.62
C ALA A 574 -29.52 -16.07 26.60
N CYS A 575 -30.56 -16.77 26.17
CA CYS A 575 -31.13 -17.88 26.93
C CYS A 575 -30.77 -19.24 26.36
N LYS A 576 -30.09 -19.28 25.21
CA LYS A 576 -29.64 -20.53 24.59
C LYS A 576 -30.81 -21.47 24.33
N ASP A 577 -31.95 -20.91 23.93
CA ASP A 577 -33.13 -21.71 23.63
C ASP A 577 -34.07 -20.91 22.74
N GLU A 578 -34.99 -21.61 22.11
CA GLU A 578 -36.00 -21.03 21.24
C GLU A 578 -37.21 -20.52 22.00
N ILE A 579 -37.08 -20.29 23.31
CA ILE A 579 -38.18 -19.80 24.14
C ILE A 579 -37.93 -18.40 24.67
N CYS A 580 -36.77 -17.81 24.34
CA CYS A 580 -36.42 -16.51 24.87
C CYS A 580 -37.41 -15.45 24.39
N PRO A 581 -37.94 -14.60 25.28
CA PRO A 581 -38.81 -13.51 24.81
C PRO A 581 -38.10 -12.56 23.88
N HIS A 582 -36.81 -12.33 24.09
CA HIS A 582 -36.00 -11.60 23.14
C HIS A 582 -35.79 -12.47 21.91
N ASP A 583 -36.18 -11.96 20.74
CA ASP A 583 -36.09 -12.75 19.52
C ASP A 583 -34.63 -12.85 19.06
N SER A 584 -33.85 -13.54 19.89
CA SER A 584 -32.43 -13.76 19.65
C SER A 584 -32.11 -15.17 19.17
N PHE A 585 -33.13 -16.02 19.02
CA PHE A 585 -32.95 -17.38 18.56
C PHE A 585 -33.68 -17.53 17.23
N ILE A 586 -32.93 -17.67 16.15
CA ILE A 586 -33.52 -17.76 14.82
C ILE A 586 -34.19 -19.12 14.67
N VAL A 587 -35.49 -19.12 14.40
CA VAL A 587 -36.25 -20.34 14.15
C VAL A 587 -36.91 -20.19 12.79
N ILE A 588 -36.48 -21.00 11.83
CA ILE A 588 -37.05 -21.04 10.49
C ILE A 588 -37.51 -22.47 10.23
N LYS A 589 -38.76 -22.62 9.84
CA LYS A 589 -39.33 -23.94 9.58
C LYS A 589 -40.14 -23.88 8.31
N ASN A 590 -39.82 -24.77 7.36
CA ASN A 590 -40.50 -24.82 6.06
C ASN A 590 -40.46 -23.48 5.33
N GLY A 591 -39.31 -22.80 5.42
CA GLY A 591 -39.15 -21.56 4.70
C GLY A 591 -39.88 -20.38 5.29
N LEU A 592 -40.18 -20.41 6.58
CA LEU A 592 -40.88 -19.32 7.25
C LEU A 592 -40.02 -18.83 8.40
N LEU A 593 -39.67 -17.54 8.38
CA LEU A 593 -38.90 -16.93 9.47
C LEU A 593 -39.86 -16.72 10.64
N LEU A 594 -40.07 -17.79 11.40
CA LEU A 594 -41.02 -17.75 12.50
C LEU A 594 -40.48 -17.02 13.71
N GLU A 595 -39.16 -17.07 13.93
CA GLU A 595 -38.60 -16.45 15.12
C GLU A 595 -37.17 -16.00 14.83
N GLY A 596 -36.68 -15.08 15.66
CA GLY A 596 -35.33 -14.60 15.57
C GLY A 596 -35.20 -13.42 14.63
N VAL A 597 -34.01 -12.81 14.65
CA VAL A 597 -33.69 -11.66 13.82
C VAL A 597 -32.45 -11.99 13.00
N PHE A 598 -32.32 -11.32 11.86
CA PHE A 598 -31.15 -11.49 11.03
C PHE A 598 -30.03 -10.55 11.46
N ASP A 599 -28.82 -11.07 11.51
CA ASP A 599 -27.68 -10.33 12.05
C ASP A 599 -26.43 -10.76 11.29
N LYS A 600 -25.26 -10.48 11.87
CA LYS A 600 -24.02 -10.94 11.26
C LYS A 600 -23.92 -12.46 11.25
N LYS A 601 -24.56 -13.12 12.22
CA LYS A 601 -24.54 -14.57 12.28
C LYS A 601 -25.61 -15.22 11.43
N ALA A 602 -26.43 -14.44 10.73
CA ALA A 602 -27.48 -14.96 9.85
C ALA A 602 -27.19 -14.68 8.38
N ILE A 603 -26.82 -13.45 8.05
CA ILE A 603 -26.53 -13.06 6.67
C ILE A 603 -25.15 -12.44 6.52
N GLY A 604 -24.37 -12.37 7.59
CA GLY A 604 -23.10 -11.65 7.53
C GLY A 604 -22.07 -12.36 6.69
N ASN A 605 -21.16 -11.56 6.13
CA ASN A 605 -20.04 -12.08 5.38
C ASN A 605 -19.01 -12.73 6.31
N GLN A 606 -18.18 -13.60 5.73
CA GLN A 606 -17.08 -14.23 6.45
C GLN A 606 -17.56 -14.98 7.68
N GLN A 607 -18.79 -15.49 7.64
CA GLN A 607 -19.42 -16.17 8.76
C GLN A 607 -19.77 -17.59 8.37
N PRO A 608 -18.91 -18.57 8.67
CA PRO A 608 -19.25 -19.96 8.33
C PRO A 608 -20.39 -20.47 9.18
N GLU A 609 -21.10 -21.47 8.64
CA GLU A 609 -22.21 -22.13 9.32
C GLU A 609 -23.34 -21.15 9.64
N SER A 610 -23.49 -20.11 8.83
CA SER A 610 -24.59 -19.18 8.97
C SER A 610 -25.78 -19.61 8.11
N MET A 611 -26.91 -18.93 8.31
CA MET A 611 -28.11 -19.26 7.54
C MET A 611 -27.87 -19.04 6.05
N LEU A 612 -27.23 -17.94 5.69
CA LEU A 612 -26.90 -17.69 4.29
C LEU A 612 -25.95 -18.74 3.74
N HIS A 613 -24.95 -19.14 4.53
CA HIS A 613 -24.01 -20.15 4.07
C HIS A 613 -24.70 -21.49 3.83
N TRP A 614 -25.57 -21.90 4.75
CA TRP A 614 -26.31 -23.14 4.56
C TRP A 614 -27.22 -23.06 3.35
N SER A 615 -27.92 -21.95 3.18
CA SER A 615 -28.82 -21.80 2.04
C SER A 615 -28.06 -21.89 0.73
N ILE A 616 -26.90 -21.22 0.65
CA ILE A 616 -26.09 -21.30 -0.57
C ILE A 616 -25.61 -22.73 -0.79
N ARG A 617 -25.08 -23.36 0.25
CA ARG A 617 -24.53 -24.71 0.11
C ARG A 617 -25.60 -25.71 -0.33
N GLU A 618 -26.86 -25.47 0.07
CA GLU A 618 -27.90 -26.45 -0.23
C GLU A 618 -28.67 -26.13 -1.52
N TYR A 619 -28.67 -24.87 -1.97
CA TYR A 619 -29.48 -24.50 -3.13
C TYR A 619 -28.66 -23.88 -4.25
N GLY A 620 -27.34 -23.95 -4.21
CA GLY A 620 -26.53 -23.52 -5.32
C GLY A 620 -26.20 -22.04 -5.29
N THR A 621 -25.08 -21.71 -5.93
CA THR A 621 -24.61 -20.34 -5.98
C THR A 621 -25.52 -19.42 -6.80
N GLU A 622 -26.26 -19.96 -7.77
CA GLU A 622 -27.22 -19.13 -8.49
C GLU A 622 -28.35 -18.67 -7.58
N TYR A 623 -28.89 -19.57 -6.76
CA TYR A 623 -29.87 -19.15 -5.75
C TYR A 623 -29.22 -18.20 -4.76
N GLY A 624 -27.97 -18.46 -4.39
CA GLY A 624 -27.27 -17.55 -3.49
C GLY A 624 -27.24 -16.13 -4.03
N LYS A 625 -26.87 -15.98 -5.30
CA LYS A 625 -26.81 -14.66 -5.92
C LYS A 625 -28.20 -14.01 -6.00
N TRP A 626 -29.21 -14.79 -6.39
CA TRP A 626 -30.57 -14.27 -6.46
C TRP A 626 -31.02 -13.75 -5.10
N LEU A 627 -30.84 -14.56 -4.07
CA LEU A 627 -31.20 -14.17 -2.70
C LEU A 627 -30.46 -12.92 -2.28
N MET A 628 -29.14 -12.89 -2.52
CA MET A 628 -28.35 -11.71 -2.16
C MET A 628 -28.94 -10.46 -2.78
N ASP A 629 -29.00 -10.42 -4.11
CA ASP A 629 -29.53 -9.24 -4.78
C ASP A 629 -30.86 -8.82 -4.19
N ASN A 630 -31.88 -9.68 -4.31
CA ASN A 630 -33.23 -9.24 -3.98
C ASN A 630 -33.38 -8.91 -2.50
N VAL A 631 -33.00 -9.83 -1.61
CA VAL A 631 -33.26 -9.67 -0.20
C VAL A 631 -32.43 -8.51 0.38
N PHE A 632 -31.19 -8.35 -0.10
CA PHE A 632 -30.35 -7.29 0.45
C PHE A 632 -30.81 -5.92 -0.04
N LYS A 633 -31.29 -5.83 -1.28
CA LYS A 633 -31.90 -4.59 -1.72
C LYS A 633 -33.13 -4.27 -0.88
N MET A 634 -33.92 -5.30 -0.53
CA MET A 634 -35.07 -5.10 0.34
C MET A 634 -34.65 -4.57 1.71
N PHE A 635 -33.59 -5.13 2.28
CA PHE A 635 -33.08 -4.66 3.57
C PHE A 635 -32.69 -3.19 3.50
N ILE A 636 -31.96 -2.82 2.46
CA ILE A 636 -31.51 -1.44 2.33
C ILE A 636 -32.70 -0.51 2.17
N ARG A 637 -33.70 -0.92 1.39
CA ARG A 637 -34.89 -0.09 1.20
C ARG A 637 -35.63 0.13 2.51
N PHE A 638 -35.78 -0.93 3.32
CA PHE A 638 -36.44 -0.76 4.60
C PHE A 638 -35.66 0.18 5.51
N LEU A 639 -34.34 0.03 5.56
CA LEU A 639 -33.56 0.96 6.37
C LEU A 639 -33.66 2.39 5.84
N GLU A 640 -33.83 2.54 4.53
CA GLU A 640 -34.05 3.87 3.97
C GLU A 640 -35.33 4.48 4.50
N MET A 641 -36.41 3.70 4.48
CA MET A 641 -37.73 4.25 4.82
C MET A 641 -38.04 4.21 6.31
N ARG A 642 -37.17 3.64 7.14
CA ARG A 642 -37.39 3.73 8.57
C ARG A 642 -36.62 4.88 9.21
N GLY A 643 -35.32 4.97 8.95
CA GLY A 643 -34.52 6.05 9.49
C GLY A 643 -33.48 5.57 10.48
N PHE A 644 -32.20 5.63 10.08
CA PHE A 644 -31.09 5.21 10.92
C PHE A 644 -30.10 6.35 10.99
N THR A 645 -29.76 6.78 12.20
CA THR A 645 -28.95 7.99 12.38
C THR A 645 -27.99 7.79 13.54
N MET A 646 -27.12 8.79 13.71
CA MET A 646 -26.14 8.84 14.79
C MET A 646 -26.27 10.17 15.51
N THR A 647 -26.42 10.11 16.83
CA THR A 647 -26.59 11.31 17.64
C THR A 647 -25.68 11.24 18.86
N LEU A 648 -25.66 12.31 19.64
CA LEU A 648 -24.87 12.34 20.86
C LEU A 648 -25.63 11.82 22.07
N GLU A 649 -26.95 11.69 21.97
CA GLU A 649 -27.73 11.22 23.11
C GLU A 649 -27.52 9.74 23.37
N ASP A 650 -27.26 8.95 22.32
CA ASP A 650 -27.16 7.51 22.48
C ASP A 650 -25.80 7.07 23.01
N ILE A 651 -24.79 7.96 22.97
CA ILE A 651 -23.53 7.65 23.64
C ILE A 651 -23.37 8.39 24.97
N THR A 652 -24.21 9.38 25.24
CA THR A 652 -24.12 10.12 26.49
C THR A 652 -24.72 9.29 27.63
N ILE A 653 -23.94 9.10 28.69
CA ILE A 653 -24.40 8.36 29.86
C ILE A 653 -24.95 9.36 30.88
N PRO A 654 -25.89 8.96 31.73
CA PRO A 654 -26.44 9.88 32.72
C PRO A 654 -25.40 10.25 33.77
N ASP A 655 -25.69 11.32 34.52
CA ASP A 655 -24.75 11.82 35.50
C ASP A 655 -24.48 10.78 36.59
N GLU A 656 -25.50 10.01 36.97
CA GLU A 656 -25.31 8.99 38.00
C GLU A 656 -24.31 7.93 37.54
N ALA A 657 -24.39 7.53 36.27
CA ALA A 657 -23.42 6.59 35.74
C ALA A 657 -22.00 7.16 35.79
N GLN A 658 -21.87 8.45 35.46
CA GLN A 658 -20.55 9.08 35.51
C GLN A 658 -20.01 9.10 36.93
N ASN A 659 -20.86 9.40 37.91
CA ASN A 659 -20.40 9.40 39.30
C ASN A 659 -20.01 8.00 39.75
N GLU A 660 -20.78 6.98 39.34
CA GLU A 660 -20.43 5.61 39.71
C GLU A 660 -19.09 5.20 39.09
N ILE A 661 -18.87 5.57 37.83
CA ILE A 661 -17.59 5.30 37.18
C ILE A 661 -16.47 6.03 37.91
N THR A 662 -16.73 7.27 38.35
CA THR A 662 -15.71 8.01 39.09
C THR A 662 -15.38 7.34 40.42
N THR A 663 -16.39 6.80 41.11
CA THR A 663 -16.14 6.08 42.35
C THR A 663 -15.31 4.82 42.11
N LYS A 664 -15.63 4.08 41.04
CA LYS A 664 -14.82 2.91 40.70
C LYS A 664 -13.39 3.31 40.38
N ILE A 665 -13.22 4.42 39.66
CA ILE A 665 -11.89 4.92 39.32
C ILE A 665 -11.12 5.27 40.58
N LYS A 666 -11.78 5.93 41.53
CA LYS A 666 -11.13 6.29 42.79
C LYS A 666 -10.73 5.06 43.57
N GLU A 667 -11.58 4.03 43.59
CA GLU A 667 -11.23 2.79 44.27
C GLU A 667 -10.00 2.14 43.64
N GLY A 668 -9.96 2.11 42.30
CA GLY A 668 -8.81 1.54 41.62
C GLY A 668 -7.54 2.33 41.87
N TYR A 669 -7.65 3.66 41.87
CA TYR A 669 -6.50 4.50 42.17
C TYR A 669 -5.99 4.26 43.58
N SER A 670 -6.91 4.13 44.54
CA SER A 670 -6.50 3.83 45.92
C SER A 670 -5.81 2.47 46.01
N GLN A 671 -6.33 1.47 45.30
CA GLN A 671 -5.71 0.15 45.32
C GLN A 671 -4.30 0.19 44.72
N VAL A 672 -4.14 0.90 43.60
CA VAL A 672 -2.81 1.01 43.00
C VAL A 672 -1.87 1.77 43.91
N ASP A 673 -2.36 2.82 44.58
CA ASP A 673 -1.53 3.55 45.51
C ASP A 673 -1.11 2.69 46.69
N GLU A 674 -2.01 1.82 47.17
CA GLU A 674 -1.66 0.90 48.24
C GLU A 674 -0.59 -0.09 47.77
N TYR A 675 -0.71 -0.58 46.53
CA TYR A 675 0.32 -1.46 45.99
C TYR A 675 1.67 -0.74 45.91
N ILE A 676 1.66 0.53 45.48
CA ILE A 676 2.90 1.29 45.37
C ILE A 676 3.50 1.50 46.76
N ARG A 677 2.67 1.82 47.75
CA ARG A 677 3.15 2.02 49.11
C ARG A 677 3.77 0.74 49.66
N LYS A 678 3.13 -0.40 49.42
CA LYS A 678 3.69 -1.66 49.88
C LYS A 678 5.00 -1.97 49.17
N PHE A 679 5.11 -1.62 47.89
CA PHE A 679 6.36 -1.81 47.17
C PHE A 679 7.48 -0.94 47.74
N ASN A 680 7.19 0.33 48.03
CA ASN A 680 8.20 1.21 48.60
C ASN A 680 8.58 0.78 50.01
N GLU A 681 7.60 0.34 50.80
CA GLU A 681 7.89 -0.11 52.16
C GLU A 681 8.54 -1.49 52.18
N GLY A 682 8.58 -2.19 51.05
CA GLY A 682 9.16 -3.50 51.00
C GLY A 682 8.28 -4.62 51.50
N GLN A 683 7.02 -4.33 51.80
CA GLN A 683 6.07 -5.33 52.29
C GLN A 683 5.36 -6.06 51.17
N LEU A 684 5.62 -5.72 49.91
CA LEU A 684 4.95 -6.36 48.79
C LEU A 684 5.40 -7.81 48.67
N GLU A 685 4.42 -8.69 48.42
CA GLU A 685 4.70 -10.11 48.27
C GLU A 685 4.76 -10.44 46.78
N PRO A 686 5.93 -10.79 46.25
CA PRO A 686 6.03 -11.03 44.81
C PRO A 686 5.34 -12.32 44.40
N ILE A 687 4.93 -12.36 43.14
CA ILE A 687 4.43 -13.61 42.56
C ILE A 687 5.62 -14.55 42.34
N PRO A 688 5.54 -15.81 42.74
CA PRO A 688 6.71 -16.70 42.63
C PRO A 688 7.18 -16.84 41.19
N GLY A 689 8.51 -16.81 41.02
CA GLY A 689 9.12 -16.84 39.71
C GLY A 689 9.29 -15.50 39.04
N ARG A 690 8.97 -14.40 39.73
CA ARG A 690 9.08 -13.07 39.16
C ARG A 690 9.71 -12.14 40.18
N THR A 691 10.32 -11.06 39.68
CA THR A 691 10.96 -10.07 40.53
C THR A 691 9.93 -9.15 41.15
N ILE A 692 10.41 -8.21 41.98
CA ILE A 692 9.50 -7.29 42.68
C ILE A 692 8.89 -6.31 41.68
N GLU A 693 9.71 -5.74 40.80
CA GLU A 693 9.20 -4.78 39.83
C GLU A 693 8.20 -5.43 38.88
N GLU A 694 8.51 -6.64 38.42
CA GLU A 694 7.59 -7.35 37.53
C GLU A 694 6.26 -7.62 38.22
N SER A 695 6.31 -8.05 39.48
CA SER A 695 5.09 -8.32 40.22
C SER A 695 4.27 -7.05 40.40
N LEU A 696 4.92 -5.93 40.74
CA LEU A 696 4.20 -4.68 40.91
C LEU A 696 3.56 -4.24 39.61
N GLU A 697 4.28 -4.34 38.50
CA GLU A 697 3.73 -3.94 37.21
C GLU A 697 2.55 -4.82 36.82
N SER A 698 2.66 -6.14 37.06
CA SER A 698 1.53 -7.02 36.77
C SER A 698 0.33 -6.67 37.62
N TYR A 699 0.55 -6.38 38.91
CA TYR A 699 -0.56 -6.00 39.78
C TYR A 699 -1.26 -4.74 39.25
N ILE A 700 -0.47 -3.73 38.90
CA ILE A 700 -1.05 -2.47 38.45
C ILE A 700 -1.81 -2.66 37.15
N LEU A 701 -1.22 -3.39 36.20
CA LEU A 701 -1.86 -3.60 34.91
C LEU A 701 -3.17 -4.39 35.06
N ASP A 702 -3.15 -5.44 35.88
CA ASP A 702 -4.38 -6.21 36.09
C ASP A 702 -5.46 -5.37 36.77
N THR A 703 -5.08 -4.58 37.76
CA THR A 703 -6.07 -3.73 38.44
C THR A 703 -6.68 -2.73 37.46
N LEU A 704 -5.85 -2.11 36.62
CA LEU A 704 -6.37 -1.12 35.68
C LEU A 704 -7.24 -1.77 34.61
N ASP A 705 -6.86 -2.97 34.14
CA ASP A 705 -7.70 -3.68 33.17
C ASP A 705 -9.05 -4.04 33.77
N LYS A 706 -9.06 -4.53 35.01
CA LYS A 706 -10.34 -4.83 35.66
C LYS A 706 -11.17 -3.57 35.85
N LEU A 707 -10.51 -2.45 36.18
CA LEU A 707 -11.22 -1.18 36.31
C LEU A 707 -11.88 -0.78 35.00
N ARG A 708 -11.16 -0.90 33.88
CA ARG A 708 -11.73 -0.55 32.60
C ARG A 708 -12.90 -1.45 32.24
N LYS A 709 -12.77 -2.76 32.50
CA LYS A 709 -13.87 -3.68 32.21
C LYS A 709 -15.09 -3.36 33.05
N VAL A 710 -14.89 -3.06 34.34
CA VAL A 710 -16.01 -2.75 35.22
C VAL A 710 -16.70 -1.45 34.78
N ALA A 711 -15.91 -0.44 34.43
CA ALA A 711 -16.50 0.81 33.97
C ALA A 711 -17.28 0.61 32.68
N GLY A 712 -16.76 -0.20 31.76
CA GLY A 712 -17.50 -0.50 30.55
C GLY A 712 -18.82 -1.19 30.85
N GLU A 713 -18.81 -2.15 31.78
CA GLU A 713 -20.05 -2.83 32.15
C GLU A 713 -21.04 -1.86 32.75
N ILE A 714 -20.57 -0.94 33.61
CA ILE A 714 -21.46 0.04 34.22
C ILE A 714 -22.08 0.94 33.15
N ALA A 715 -21.26 1.41 32.22
CA ALA A 715 -21.76 2.27 31.16
C ALA A 715 -22.78 1.55 30.30
N THR A 716 -22.52 0.28 29.97
CA THR A 716 -23.47 -0.49 29.18
C THR A 716 -24.79 -0.69 29.93
N LYS A 717 -24.70 -0.98 31.24
CA LYS A 717 -25.91 -1.20 32.02
C LYS A 717 -26.75 0.07 32.12
N TYR A 718 -26.11 1.21 32.40
CA TYR A 718 -26.85 2.46 32.47
C TYR A 718 -27.26 3.00 31.10
N LEU A 719 -26.78 2.40 30.02
CA LEU A 719 -27.09 2.86 28.68
C LEU A 719 -28.50 2.42 28.29
N ASP A 720 -29.06 3.10 27.29
CA ASP A 720 -30.39 2.76 26.80
C ASP A 720 -30.40 1.34 26.23
N PRO A 721 -31.50 0.61 26.42
CA PRO A 721 -31.53 -0.79 25.97
C PRO A 721 -31.30 -0.96 24.48
N PHE A 722 -31.78 -0.04 23.65
CA PHE A 722 -31.67 -0.20 22.19
C PHE A 722 -31.35 1.16 21.58
N ASN A 723 -30.06 1.44 21.42
CA ASN A 723 -29.57 2.65 20.78
C ASN A 723 -29.04 2.31 19.40
N ASN A 724 -28.90 3.33 18.55
CA ASN A 724 -28.36 3.11 17.21
C ASN A 724 -26.93 2.59 17.29
N VAL A 725 -26.11 3.17 18.17
CA VAL A 725 -24.76 2.64 18.37
C VAL A 725 -24.83 1.25 19.00
N TYR A 726 -25.73 1.06 19.95
CA TYR A 726 -25.91 -0.26 20.54
C TYR A 726 -26.38 -1.27 19.50
N ILE A 727 -27.31 -0.87 18.64
CA ILE A 727 -27.77 -1.76 17.57
C ILE A 727 -26.62 -2.11 16.64
N MET A 728 -25.80 -1.12 16.30
CA MET A 728 -24.63 -1.40 15.46
C MET A 728 -23.69 -2.40 16.12
N ALA A 729 -23.46 -2.23 17.43
CA ALA A 729 -22.49 -3.07 18.12
C ALA A 729 -23.00 -4.50 18.29
N ILE A 730 -24.24 -4.66 18.77
CA ILE A 730 -24.72 -6.00 19.10
C ILE A 730 -24.96 -6.82 17.84
N THR A 731 -25.45 -6.19 16.77
CA THR A 731 -25.73 -6.91 15.54
C THR A 731 -24.47 -7.24 14.75
N GLY A 732 -23.31 -6.74 15.16
CA GLY A 732 -22.09 -6.92 14.40
C GLY A 732 -21.92 -5.94 13.26
N ALA A 733 -22.73 -4.89 13.21
CA ALA A 733 -22.69 -3.93 12.10
C ALA A 733 -21.74 -2.81 12.47
N ARG A 734 -20.44 -3.05 12.29
CA ARG A 734 -19.40 -2.05 12.46
C ARG A 734 -19.43 -1.49 13.90
N GLY A 735 -19.08 -2.36 14.83
CA GLY A 735 -19.01 -1.95 16.23
C GLY A 735 -18.40 -3.04 17.07
N SER A 736 -18.14 -2.70 18.33
CA SER A 736 -17.58 -3.65 19.29
C SER A 736 -17.86 -3.14 20.69
N GLU A 737 -17.74 -4.04 21.67
CA GLU A 737 -17.96 -3.66 23.06
C GLU A 737 -16.87 -2.70 23.54
N LEU A 738 -15.62 -2.93 23.13
CA LEU A 738 -14.53 -2.04 23.53
C LEU A 738 -14.74 -0.64 22.99
N ASN A 739 -15.27 -0.52 21.77
CA ASN A 739 -15.56 0.80 21.22
C ASN A 739 -16.61 1.52 22.05
N ILE A 740 -17.65 0.79 22.49
CA ILE A 740 -18.67 1.38 23.35
C ILE A 740 -18.04 1.85 24.65
N THR A 741 -17.20 1.02 25.25
CA THR A 741 -16.55 1.40 26.51
C THR A 741 -15.70 2.65 26.33
N GLN A 742 -14.93 2.73 25.26
CA GLN A 742 -14.03 3.86 25.06
C GLN A 742 -14.79 5.12 24.68
N MET A 743 -15.93 5.00 23.99
CA MET A 743 -16.71 6.18 23.65
C MET A 743 -17.56 6.68 24.80
N THR A 744 -17.93 5.80 25.73
CA THR A 744 -18.84 6.17 26.81
C THR A 744 -18.17 6.16 28.17
N ALA A 745 -17.55 5.05 28.57
CA ALA A 745 -17.07 4.91 29.95
C ALA A 745 -15.72 5.61 30.15
N LEU A 746 -14.68 5.10 29.52
CA LEU A 746 -13.32 5.65 29.66
C LEU A 746 -12.40 4.93 28.69
N LEU A 747 -11.30 5.60 28.35
CA LEU A 747 -10.36 5.05 27.38
C LEU A 747 -9.60 3.85 27.95
N GLY A 748 -9.10 3.98 29.16
CA GLY A 748 -8.34 2.91 29.78
C GLY A 748 -6.85 3.13 29.68
N GLN A 749 -6.12 2.06 29.99
CA GLN A 749 -4.66 2.11 29.98
C GLN A 749 -4.15 2.11 28.54
N GLN A 750 -3.29 3.08 28.22
CA GLN A 750 -2.68 3.19 26.91
C GLN A 750 -1.25 2.69 26.99
N SER A 751 -0.98 1.56 26.33
CA SER A 751 0.32 0.90 26.38
C SER A 751 1.00 0.98 25.03
N VAL A 752 2.30 1.27 25.05
CA VAL A 752 3.13 1.27 23.86
C VAL A 752 4.05 0.06 23.92
N ARG A 753 4.02 -0.76 22.86
CA ARG A 753 4.81 -1.99 22.79
C ARG A 753 4.52 -2.90 23.98
N GLY A 754 3.26 -2.92 24.42
CA GLY A 754 2.82 -3.82 25.46
C GLY A 754 3.12 -3.38 26.88
N GLU A 755 3.63 -2.17 27.08
CA GLU A 755 3.97 -1.69 28.41
C GLU A 755 3.51 -0.25 28.56
N ARG A 756 3.39 0.18 29.81
CA ARG A 756 2.95 1.55 30.10
C ARG A 756 3.93 2.56 29.51
N ILE A 757 3.45 3.80 29.37
CA ILE A 757 4.22 4.85 28.72
C ILE A 757 5.41 5.21 29.59
N ARG A 758 6.60 4.79 29.19
CA ARG A 758 7.81 5.02 29.96
C ARG A 758 8.75 6.04 29.35
N ARG A 759 8.71 6.25 28.04
CA ARG A 759 9.64 7.15 27.38
C ARG A 759 9.41 8.59 27.83
N GLY A 760 10.50 9.31 28.01
CA GLY A 760 10.44 10.68 28.45
C GLY A 760 11.67 11.02 29.28
N TYR A 761 11.49 11.96 30.21
CA TYR A 761 12.57 12.38 31.08
C TYR A 761 12.95 11.25 32.04
N ARG A 762 13.94 11.52 32.89
CA ARG A 762 14.39 10.52 33.85
C ARG A 762 13.32 10.33 34.93
N GLU A 763 12.88 9.08 35.10
CA GLU A 763 11.86 8.71 36.09
C GLU A 763 10.55 9.49 35.90
N ARG A 764 10.38 10.12 34.74
CA ARG A 764 9.14 10.83 34.40
C ARG A 764 8.83 10.53 32.95
N THR A 765 7.58 10.14 32.68
CA THR A 765 7.16 10.04 31.28
C THR A 765 6.84 11.39 30.70
N LEU A 766 6.73 12.42 31.54
CA LEU A 766 6.33 13.75 31.08
C LEU A 766 6.71 14.75 32.17
N SER A 767 7.00 15.99 31.74
CA SER A 767 7.43 17.01 32.68
C SER A 767 6.31 17.53 33.56
N LEU A 768 5.06 17.13 33.30
CA LEU A 768 3.93 17.60 34.08
C LEU A 768 3.82 16.88 35.42
N PHE A 769 4.53 15.77 35.60
CA PHE A 769 4.39 14.94 36.78
C PHE A 769 5.64 15.02 37.66
N LYS A 770 5.48 14.58 38.90
CA LYS A 770 6.57 14.61 39.86
C LYS A 770 7.62 13.55 39.53
N TYR A 771 8.82 13.75 40.09
CA TYR A 771 9.91 12.82 39.87
C TYR A 771 9.59 11.45 40.42
N GLY A 772 9.83 10.42 39.62
CA GLY A 772 9.63 9.05 40.07
C GLY A 772 8.21 8.72 40.45
N ASP A 773 7.24 9.16 39.66
CA ASP A 773 5.83 8.93 39.94
C ASP A 773 5.35 7.70 39.16
N ILE A 774 4.78 6.74 39.87
CA ILE A 774 4.28 5.51 39.27
C ILE A 774 2.75 5.43 39.39
N ALA A 775 2.11 6.56 39.65
CA ALA A 775 0.67 6.59 39.74
C ALA A 775 0.04 6.24 38.39
N PRO A 776 -1.17 5.66 38.38
CA PRO A 776 -1.77 5.29 37.10
C PRO A 776 -1.92 6.46 36.14
N GLU A 777 -2.35 7.61 36.64
CA GLU A 777 -2.57 8.77 35.77
C GLU A 777 -1.28 9.23 35.12
N ALA A 778 -0.14 9.00 35.77
CA ALA A 778 1.13 9.45 35.23
C ALA A 778 1.51 8.68 33.97
N ARG A 779 1.42 7.35 34.02
CA ARG A 779 1.93 6.51 32.93
C ARG A 779 0.79 6.02 32.06
N GLY A 780 0.27 6.92 31.23
CA GLY A 780 -0.59 6.56 30.13
C GLY A 780 -1.89 5.85 30.48
N PHE A 781 -2.55 6.24 31.56
CA PHE A 781 -3.88 5.75 31.88
C PHE A 781 -4.86 6.91 31.75
N VAL A 782 -5.86 6.74 30.89
CA VAL A 782 -6.84 7.78 30.60
C VAL A 782 -8.16 7.36 31.23
N LYS A 783 -8.66 8.18 32.15
CA LYS A 783 -9.93 7.95 32.81
C LYS A 783 -11.09 8.67 32.14
N ASN A 784 -10.85 9.30 31.00
CA ASN A 784 -11.84 10.11 30.31
C ASN A 784 -12.20 9.45 28.98
N SER A 785 -13.49 9.36 28.71
CA SER A 785 -13.97 8.82 27.44
C SER A 785 -13.85 9.88 26.35
N PHE A 786 -14.19 9.49 25.12
CA PHE A 786 -14.17 10.47 24.03
C PHE A 786 -15.34 11.43 24.10
N MET A 787 -16.48 10.99 24.65
CA MET A 787 -17.59 11.91 24.87
C MET A 787 -17.22 12.98 25.89
N ARG A 788 -16.54 12.59 26.96
CA ARG A 788 -16.16 13.56 27.99
C ARG A 788 -15.02 14.45 27.51
N GLY A 789 -14.12 13.91 26.72
CA GLY A 789 -12.96 14.66 26.26
C GLY A 789 -11.72 14.33 27.05
N LEU A 790 -10.56 14.39 26.39
CA LEU A 790 -9.30 13.99 26.99
C LEU A 790 -8.53 15.21 27.48
N SER A 791 -7.85 15.04 28.61
CA SER A 791 -6.94 16.05 29.10
C SER A 791 -5.71 16.12 28.21
N PRO A 792 -4.95 17.22 28.24
CA PRO A 792 -3.79 17.33 27.35
C PRO A 792 -2.81 16.17 27.48
N TYR A 793 -2.40 15.83 28.70
CA TYR A 793 -1.49 14.69 28.88
C TYR A 793 -2.17 13.38 28.51
N GLU A 794 -3.47 13.26 28.79
CA GLU A 794 -4.20 12.06 28.38
C GLU A 794 -4.21 11.91 26.86
N MET A 795 -4.42 13.03 26.14
CA MET A 795 -4.40 12.97 24.69
C MET A 795 -3.00 12.65 24.17
N PHE A 796 -1.96 13.19 24.81
CA PHE A 796 -0.59 12.85 24.42
C PHE A 796 -0.33 11.35 24.60
N PHE A 797 -0.78 10.79 25.73
CA PHE A 797 -0.57 9.36 25.95
C PHE A 797 -1.37 8.51 24.98
N HIS A 798 -2.58 8.96 24.63
CA HIS A 798 -3.36 8.24 23.62
C HIS A 798 -2.66 8.24 22.27
N ALA A 799 -2.11 9.39 21.87
CA ALA A 799 -1.36 9.45 20.62
C ALA A 799 -0.13 8.55 20.66
N ALA A 800 0.59 8.56 21.79
CA ALA A 800 1.76 7.70 21.91
C ALA A 800 1.38 6.23 21.82
N GLY A 801 0.24 5.85 22.42
CA GLY A 801 -0.22 4.48 22.30
C GLY A 801 -0.60 4.11 20.88
N GLY A 802 -1.29 5.01 20.19
CA GLY A 802 -1.73 4.73 18.83
C GLY A 802 -0.71 4.91 17.74
N ARG A 803 0.49 5.39 18.09
CA ARG A 803 1.53 5.61 17.08
C ARG A 803 1.95 4.33 16.36
N GLU A 804 1.86 3.18 17.02
CA GLU A 804 2.52 1.97 16.51
C GLU A 804 1.88 1.45 15.23
N GLY A 805 0.55 1.50 15.12
CA GLY A 805 -0.12 0.90 13.99
C GLY A 805 0.30 1.51 12.66
N LEU A 806 0.56 2.81 12.65
CA LEU A 806 0.89 3.53 11.44
C LEU A 806 2.08 2.91 10.71
N VAL A 807 3.00 2.28 11.44
CA VAL A 807 4.18 1.67 10.84
C VAL A 807 4.03 0.16 10.81
N ASP A 808 3.27 -0.40 11.76
CA ASP A 808 3.13 -1.85 11.77
C ASP A 808 2.41 -2.33 10.51
N THR A 809 1.40 -1.58 10.06
CA THR A 809 0.72 -1.98 8.82
C THR A 809 1.67 -1.95 7.63
N ALA A 810 2.50 -0.91 7.54
CA ALA A 810 3.40 -0.78 6.41
C ALA A 810 4.43 -1.90 6.36
N VAL A 811 5.02 -2.24 7.51
CA VAL A 811 6.00 -3.32 7.51
C VAL A 811 5.32 -4.67 7.27
N LYS A 812 4.11 -4.85 7.82
CA LYS A 812 3.38 -6.10 7.66
C LYS A 812 3.04 -6.38 6.21
N THR A 813 2.67 -5.33 5.46
CA THR A 813 2.33 -5.53 4.05
C THR A 813 3.51 -6.15 3.28
N SER A 814 4.69 -5.55 3.42
CA SER A 814 5.86 -6.04 2.68
C SER A 814 6.26 -7.43 3.15
N GLN A 815 6.26 -7.68 4.47
CA GLN A 815 6.64 -9.00 4.95
C GLN A 815 5.69 -10.08 4.44
N SER A 816 4.38 -9.79 4.48
CA SER A 816 3.40 -10.75 4.01
C SER A 816 3.54 -11.00 2.52
N GLY A 817 3.78 -9.95 1.73
CA GLY A 817 3.98 -10.14 0.31
C GLY A 817 5.18 -11.02 0.01
N TYR A 818 6.30 -10.77 0.70
CA TYR A 818 7.50 -11.58 0.49
C TYR A 818 7.26 -13.05 0.85
N MET A 819 6.62 -13.29 2.01
CA MET A 819 6.35 -14.66 2.43
C MET A 819 5.41 -15.36 1.46
N GLN A 820 4.37 -14.67 0.99
CA GLN A 820 3.44 -15.29 0.07
C GLN A 820 4.09 -15.60 -1.27
N ARG A 821 4.97 -14.72 -1.74
CA ARG A 821 5.71 -15.01 -2.96
C ARG A 821 6.57 -16.26 -2.80
N ARG A 822 7.23 -16.39 -1.65
CA ARG A 822 8.03 -17.58 -1.36
C ARG A 822 7.16 -18.83 -1.39
N LEU A 823 6.02 -18.81 -0.70
CA LEU A 823 5.15 -19.98 -0.66
C LEU A 823 4.61 -20.33 -2.04
N ILE A 824 4.20 -19.32 -2.82
CA ILE A 824 3.67 -19.59 -4.15
C ILE A 824 4.72 -20.20 -5.04
N ASN A 825 5.94 -19.66 -5.03
CA ASN A 825 7.00 -20.23 -5.85
C ASN A 825 7.37 -21.63 -5.40
N ALA A 826 7.22 -21.94 -4.11
CA ALA A 826 7.54 -23.29 -3.65
C ALA A 826 6.44 -24.30 -4.02
N LEU A 827 5.17 -23.88 -3.95
CA LEU A 827 4.05 -24.80 -4.03
C LEU A 827 3.35 -24.80 -5.38
N SER A 828 3.86 -24.08 -6.37
CA SER A 828 3.11 -23.87 -7.60
C SER A 828 2.89 -25.16 -8.38
N ASP A 829 3.80 -26.13 -8.25
CA ASP A 829 3.79 -27.30 -9.13
C ASP A 829 2.78 -28.36 -8.72
N LEU A 830 2.22 -28.29 -7.51
CA LEU A 830 1.33 -29.34 -7.05
C LEU A 830 0.03 -29.38 -7.86
N ARG A 831 -0.53 -30.57 -7.99
CA ARG A 831 -1.77 -30.77 -8.72
C ARG A 831 -2.52 -31.96 -8.13
N ILE A 832 -3.84 -31.92 -8.22
CA ILE A 832 -4.69 -33.02 -7.82
C ILE A 832 -4.93 -33.92 -9.02
N GLU A 833 -4.66 -35.21 -8.86
CA GLU A 833 -4.78 -36.16 -9.95
C GLU A 833 -6.11 -36.92 -9.85
N TYR A 834 -6.32 -37.82 -10.80
CA TYR A 834 -7.60 -38.51 -10.92
C TYR A 834 -7.76 -39.65 -9.92
N ASP A 835 -6.70 -40.03 -9.21
CA ASP A 835 -6.78 -41.05 -8.17
C ASP A 835 -6.78 -40.45 -6.76
N GLY A 836 -6.86 -39.12 -6.64
CA GLY A 836 -6.88 -38.47 -5.35
C GLY A 836 -5.54 -38.03 -4.82
N THR A 837 -4.45 -38.38 -5.50
CA THR A 837 -3.12 -38.01 -5.04
C THR A 837 -2.83 -36.53 -5.34
N VAL A 838 -1.81 -36.00 -4.68
CA VAL A 838 -1.48 -34.59 -4.78
C VAL A 838 -0.07 -34.50 -5.39
N ARG A 839 0.27 -35.44 -6.25
CA ARG A 839 1.62 -35.48 -6.81
C ARG A 839 1.87 -34.26 -7.69
N SER A 840 3.13 -33.83 -7.73
CA SER A 840 3.51 -32.64 -8.47
C SER A 840 3.57 -32.93 -9.95
N LEU A 841 3.88 -31.90 -10.74
CA LEU A 841 3.95 -32.06 -12.18
C LEU A 841 5.21 -32.80 -12.61
N TYR A 842 6.26 -32.75 -11.80
CA TYR A 842 7.47 -33.51 -12.11
C TYR A 842 7.33 -34.99 -11.74
N GLY A 843 6.24 -35.36 -11.07
CA GLY A 843 5.97 -36.76 -10.78
C GLY A 843 6.11 -37.14 -9.33
N ASP A 844 6.71 -36.28 -8.52
CA ASP A 844 6.92 -36.56 -7.11
C ASP A 844 5.59 -36.49 -6.37
N ILE A 845 5.24 -37.58 -5.68
CA ILE A 845 3.98 -37.63 -4.95
C ILE A 845 4.16 -36.93 -3.60
N VAL A 846 3.19 -36.12 -3.23
CA VAL A 846 3.21 -35.38 -1.97
C VAL A 846 2.28 -35.99 -0.95
N GLN A 847 1.06 -36.32 -1.35
CA GLN A 847 0.08 -36.94 -0.47
C GLN A 847 -0.67 -38.03 -1.21
N VAL A 848 -0.88 -39.15 -0.55
CA VAL A 848 -1.67 -40.23 -1.15
C VAL A 848 -3.12 -39.79 -1.32
N VAL A 849 -3.67 -39.09 -0.33
CA VAL A 849 -5.00 -38.50 -0.40
C VAL A 849 -4.92 -37.07 0.07
N TYR A 850 -5.64 -36.18 -0.62
CA TYR A 850 -5.63 -34.76 -0.29
C TYR A 850 -6.49 -34.53 0.95
N GLY A 851 -5.87 -33.99 2.00
CA GLY A 851 -6.60 -33.65 3.20
C GLY A 851 -7.19 -34.82 3.95
N ASP A 852 -6.80 -36.05 3.60
CA ASP A 852 -7.17 -37.31 4.23
C ASP A 852 -8.60 -37.72 3.89
N ASP A 853 -9.39 -36.87 3.23
CA ASP A 853 -10.72 -37.26 2.78
C ASP A 853 -11.04 -36.73 1.38
N ALA A 854 -10.07 -36.14 0.69
CA ALA A 854 -10.24 -35.65 -0.68
C ALA A 854 -11.37 -34.63 -0.78
N VAL A 855 -11.53 -33.82 0.26
CA VAL A 855 -12.58 -32.81 0.33
C VAL A 855 -11.92 -31.44 0.22
N HIS A 856 -12.32 -30.67 -0.78
CA HIS A 856 -11.82 -29.33 -0.94
C HIS A 856 -12.38 -28.43 0.16
N PRO A 857 -11.58 -27.52 0.70
CA PRO A 857 -12.13 -26.59 1.72
C PRO A 857 -13.26 -25.73 1.21
N MET A 858 -13.29 -25.42 -0.09
CA MET A 858 -14.34 -24.58 -0.65
C MET A 858 -15.70 -25.23 -0.52
N TYR A 859 -15.77 -26.55 -0.73
CA TYR A 859 -17.04 -27.26 -0.70
C TYR A 859 -17.36 -27.85 0.66
N SER A 860 -16.46 -27.74 1.62
CA SER A 860 -16.71 -28.29 2.95
C SER A 860 -17.47 -27.29 3.82
N ALA A 861 -18.36 -27.81 4.67
CA ALA A 861 -19.09 -27.00 5.63
C ALA A 861 -18.13 -26.59 6.73
N HIS A 862 -17.52 -25.41 6.59
CA HIS A 862 -16.44 -24.94 7.46
C HIS A 862 -15.31 -25.97 7.36
N SER A 863 -14.88 -26.60 8.45
CA SER A 863 -13.81 -27.58 8.40
C SER A 863 -14.31 -28.99 8.27
N LYS A 864 -15.61 -29.20 8.16
CA LYS A 864 -16.21 -30.53 8.13
C LYS A 864 -16.69 -30.85 6.71
N SER A 865 -16.37 -32.05 6.24
CA SER A 865 -16.86 -32.48 4.93
C SER A 865 -18.37 -32.51 4.90
N VAL A 866 -18.98 -33.09 5.94
CA VAL A 866 -20.43 -33.10 6.10
C VAL A 866 -20.75 -32.74 7.54
N ASN A 867 -21.58 -31.72 7.72
CA ASN A 867 -22.10 -31.37 9.04
C ASN A 867 -23.34 -32.21 9.25
N VAL A 868 -23.21 -33.28 10.04
CA VAL A 868 -24.30 -34.23 10.21
C VAL A 868 -25.50 -33.57 10.87
N ASN A 869 -25.25 -32.73 11.88
CA ASN A 869 -26.33 -32.01 12.52
C ASN A 869 -27.07 -31.12 11.52
N ARG A 870 -26.36 -30.57 10.52
CA ARG A 870 -27.04 -29.80 9.49
C ARG A 870 -27.97 -30.67 8.66
N VAL A 871 -27.56 -31.89 8.34
CA VAL A 871 -28.44 -32.79 7.60
C VAL A 871 -29.66 -33.15 8.44
N ILE A 872 -29.45 -33.38 9.73
CA ILE A 872 -30.55 -33.67 10.64
C ILE A 872 -31.54 -32.51 10.64
N GLU A 873 -31.02 -31.28 10.68
CA GLU A 873 -31.87 -30.11 10.58
C GLU A 873 -32.63 -30.10 9.27
N ARG A 874 -31.92 -30.25 8.14
CA ARG A 874 -32.56 -30.21 6.83
C ARG A 874 -33.72 -31.20 6.75
N VAL A 875 -33.59 -32.35 7.40
CA VAL A 875 -34.62 -33.37 7.27
C VAL A 875 -35.77 -33.14 8.25
N ILE A 876 -35.46 -32.93 9.53
CA ILE A 876 -36.52 -32.93 10.55
C ILE A 876 -36.58 -31.63 11.33
N GLY A 877 -36.27 -30.50 10.69
CA GLY A 877 -36.31 -29.24 11.40
C GLY A 877 -37.70 -28.68 11.60
N TRP A 878 -38.62 -28.97 10.68
CA TRP A 878 -39.96 -28.41 10.80
C TRP A 878 -40.69 -28.97 12.00
N LYS A 879 -40.45 -30.25 12.32
CA LYS A 879 -41.05 -30.88 13.49
C LYS A 879 -40.08 -30.99 14.66
N ARG A 880 -38.94 -30.31 14.59
CA ARG A 880 -37.95 -30.35 15.67
C ARG A 880 -38.53 -29.86 16.99
N MET B 1 -3.86 33.63 38.94
CA MET B 1 -5.03 33.04 38.27
C MET B 1 -5.29 33.69 36.93
N LEU B 2 -4.52 33.29 35.92
CA LEU B 2 -4.73 33.76 34.56
C LEU B 2 -5.80 32.92 33.89
N ASP B 3 -6.89 33.56 33.46
CA ASP B 3 -7.95 32.83 32.78
C ASP B 3 -7.56 32.52 31.34
N THR B 4 -8.51 31.99 30.58
CA THR B 4 -8.23 31.59 29.20
C THR B 4 -7.84 32.79 28.34
N GLU B 5 -8.56 33.91 28.48
CA GLU B 5 -8.29 35.07 27.65
C GLU B 5 -6.93 35.68 27.97
N SER B 6 -6.53 35.67 29.25
CA SER B 6 -5.24 36.22 29.63
C SER B 6 -4.09 35.43 28.98
N ARG B 7 -4.19 34.10 29.00
CA ARG B 7 -3.15 33.29 28.39
C ARG B 7 -3.18 33.37 26.87
N TRP B 8 -4.37 33.44 26.28
CA TRP B 8 -4.46 33.62 24.84
C TRP B 8 -3.91 34.97 24.41
N ALA B 9 -3.95 35.99 25.28
CA ALA B 9 -3.29 37.25 24.94
C ALA B 9 -1.80 37.06 24.77
N ILE B 10 -1.17 36.30 25.67
CA ILE B 10 0.26 36.02 25.55
C ILE B 10 0.55 35.23 24.28
N ALA B 11 -0.28 34.21 24.01
CA ALA B 11 -0.07 33.40 22.81
C ALA B 11 -0.22 34.24 21.54
N GLU B 12 -1.24 35.10 21.50
CA GLU B 12 -1.45 35.95 20.34
C GLU B 12 -0.31 36.95 20.17
N SER B 13 0.21 37.48 21.27
CA SER B 13 1.38 38.35 21.17
C SER B 13 2.58 37.61 20.62
N PHE B 14 2.78 36.37 21.06
CA PHE B 14 3.86 35.54 20.51
C PHE B 14 3.71 35.39 19.00
N PHE B 15 2.52 35.00 18.55
CA PHE B 15 2.31 34.78 17.12
C PHE B 15 2.30 36.08 16.34
N LYS B 16 2.08 37.22 17.00
CA LYS B 16 2.06 38.50 16.31
C LYS B 16 3.47 39.04 16.11
N THR B 17 4.24 39.19 17.20
CA THR B 17 5.59 39.71 17.07
C THR B 17 6.51 38.72 16.35
N ARG B 18 6.36 37.43 16.65
CA ARG B 18 7.15 36.38 16.01
C ARG B 18 6.27 35.64 15.02
N GLY B 19 6.71 35.56 13.77
CA GLY B 19 5.91 34.95 12.73
C GLY B 19 5.75 33.45 12.91
N LEU B 20 4.93 32.87 12.05
CA LEU B 20 4.77 31.42 12.06
C LEU B 20 6.07 30.72 11.67
N VAL B 21 6.75 31.23 10.66
CA VAL B 21 8.05 30.71 10.25
C VAL B 21 9.10 31.68 10.79
N ARG B 22 9.64 31.35 11.97
CA ARG B 22 10.68 32.14 12.62
C ARG B 22 12.00 31.42 12.71
N GLN B 23 11.99 30.08 12.76
CA GLN B 23 13.24 29.33 12.83
C GLN B 23 14.08 29.56 11.58
N HIS B 24 13.45 29.52 10.40
CA HIS B 24 14.18 29.75 9.16
C HIS B 24 14.72 31.17 9.10
N LEU B 25 13.88 32.15 9.43
CA LEU B 25 14.32 33.54 9.39
C LEU B 25 15.40 33.81 10.42
N ASP B 26 15.25 33.25 11.62
CA ASP B 26 16.28 33.44 12.64
C ASP B 26 17.61 32.83 12.21
N SER B 27 17.57 31.61 11.66
CA SER B 27 18.81 30.97 11.23
C SER B 27 19.46 31.75 10.09
N PHE B 28 18.66 32.22 9.13
CA PHE B 28 19.24 32.95 8.01
C PHE B 28 19.80 34.30 8.45
N ASN B 29 19.11 34.98 9.37
CA ASN B 29 19.62 36.25 9.88
C ASN B 29 20.89 36.05 10.67
N ASP B 30 20.97 34.98 11.46
CA ASP B 30 22.21 34.65 12.15
C ASP B 30 23.33 34.37 11.16
N PHE B 31 23.02 33.67 10.07
CA PHE B 31 24.03 33.41 9.05
C PHE B 31 24.54 34.71 8.43
N LEU B 32 23.61 35.58 8.01
CA LEU B 32 24.01 36.81 7.33
C LEU B 32 24.78 37.74 8.24
N ARG B 33 24.32 37.88 9.49
CA ARG B 33 24.93 38.86 10.39
C ARG B 33 26.28 38.37 10.92
N ASN B 34 26.42 37.08 11.19
CA ASN B 34 27.63 36.56 11.81
C ASN B 34 28.37 35.55 10.95
N LYS B 35 27.70 34.52 10.45
CA LYS B 35 28.39 33.39 9.85
C LYS B 35 29.09 33.76 8.55
N LEU B 36 28.58 34.77 7.83
CA LEU B 36 29.21 35.19 6.59
C LEU B 36 30.63 35.67 6.81
N GLN B 37 30.83 36.50 7.84
CA GLN B 37 32.19 36.93 8.19
C GLN B 37 32.96 35.82 8.92
N GLN B 38 32.25 34.94 9.63
CA GLN B 38 32.93 33.87 10.35
C GLN B 38 33.61 32.90 9.39
N VAL B 39 32.96 32.59 8.26
CA VAL B 39 33.59 31.72 7.27
C VAL B 39 34.86 32.37 6.72
N ILE B 40 34.79 33.67 6.41
CA ILE B 40 35.94 34.38 5.88
C ILE B 40 37.08 34.37 6.89
N TYR B 41 36.76 34.61 8.17
CA TYR B 41 37.81 34.68 9.18
C TYR B 41 38.41 33.31 9.48
N GLU B 42 37.59 32.26 9.46
CA GLU B 42 38.12 30.92 9.66
C GLU B 42 38.97 30.50 8.46
N GLN B 43 38.66 31.01 7.27
CA GLN B 43 39.59 30.87 6.16
C GLN B 43 40.91 31.57 6.46
N GLY B 44 40.83 32.76 7.06
CA GLY B 44 42.00 33.47 7.53
C GLY B 44 42.70 34.30 6.47
N GLU B 45 43.46 33.64 5.60
CA GLU B 45 44.27 34.36 4.62
C GLU B 45 44.46 33.47 3.40
N ILE B 46 44.76 34.10 2.27
CA ILE B 46 45.04 33.42 1.02
C ILE B 46 46.55 33.45 0.81
N VAL B 47 47.18 32.29 0.95
CA VAL B 47 48.63 32.15 0.81
C VAL B 47 48.91 31.32 -0.43
N THR B 48 49.84 31.78 -1.24
CA THR B 48 50.20 31.12 -2.49
C THR B 48 51.57 30.44 -2.36
N GLU B 49 51.88 29.62 -3.36
CA GLU B 49 53.16 28.92 -3.37
C GLU B 49 54.33 29.91 -3.47
N VAL B 50 54.19 30.93 -4.30
CA VAL B 50 55.20 31.99 -4.38
C VAL B 50 55.21 32.74 -3.05
N PRO B 51 56.39 33.03 -2.48
CA PRO B 51 56.41 33.58 -1.11
C PRO B 51 55.96 35.03 -1.02
N GLY B 52 56.37 35.87 -1.97
CA GLY B 52 56.10 37.29 -1.84
C GLY B 52 54.62 37.64 -1.93
N LEU B 53 53.88 36.91 -2.77
CA LEU B 53 52.48 37.24 -3.02
C LEU B 53 51.59 36.69 -1.92
N LYS B 54 50.64 37.52 -1.49
CA LYS B 54 49.71 37.17 -0.42
C LYS B 54 48.43 37.95 -0.60
N ILE B 55 47.35 37.46 0.01
CA ILE B 55 46.05 38.11 -0.02
C ILE B 55 45.45 38.06 1.38
N LYS B 56 44.94 39.20 1.85
CA LYS B 56 44.26 39.28 3.14
C LYS B 56 42.80 39.63 2.91
N LEU B 57 41.91 38.91 3.58
CA LEU B 57 40.47 39.07 3.42
C LEU B 57 39.96 39.95 4.57
N GLY B 58 39.51 41.16 4.23
CA GLY B 58 39.14 42.12 5.25
C GLY B 58 37.70 42.05 5.74
N LYS B 59 36.73 42.25 4.84
CA LYS B 59 35.34 42.29 5.24
C LYS B 59 34.45 41.92 4.06
N ILE B 60 33.24 41.48 4.38
CA ILE B 60 32.29 40.99 3.40
C ILE B 60 30.98 41.76 3.56
N ARG B 61 30.25 41.91 2.46
CA ARG B 61 29.03 42.71 2.47
C ARG B 61 28.09 42.19 1.38
N TYR B 62 26.79 42.27 1.64
CA TYR B 62 25.79 41.89 0.65
C TYR B 62 25.00 43.12 0.25
N GLU B 63 24.76 43.28 -1.05
CA GLU B 63 24.00 44.40 -1.58
C GLU B 63 22.53 44.02 -1.68
N LYS B 64 21.70 44.98 -2.06
CA LYS B 64 20.29 44.71 -2.29
C LYS B 64 20.12 43.76 -3.48
N PRO B 65 19.05 42.98 -3.50
CA PRO B 65 18.86 42.02 -4.59
C PRO B 65 18.84 42.73 -5.94
N SER B 66 19.50 42.10 -6.92
CA SER B 66 19.65 42.71 -8.24
C SER B 66 20.06 41.64 -9.24
N ILE B 67 19.98 41.99 -10.51
CA ILE B 67 20.38 41.12 -11.60
C ILE B 67 21.22 41.91 -12.59
N ARG B 68 22.04 41.20 -13.35
CA ARG B 68 22.87 41.79 -14.39
C ARG B 68 22.11 41.69 -15.70
N GLU B 69 21.40 42.77 -16.07
CA GLU B 69 20.61 42.75 -17.29
C GLU B 69 21.49 42.59 -18.53
N THR B 70 22.61 43.30 -18.56
CA THR B 70 23.54 43.27 -19.69
C THR B 70 24.91 42.77 -19.21
N ASP B 71 25.89 42.83 -20.10
CA ASP B 71 27.24 42.38 -19.76
C ASP B 71 27.85 43.22 -18.65
N LYS B 72 27.69 44.54 -18.73
CA LYS B 72 28.25 45.47 -17.76
C LYS B 72 27.17 46.42 -17.24
N GLY B 73 26.01 45.88 -16.90
CA GLY B 73 24.91 46.68 -16.42
C GLY B 73 25.15 47.21 -15.01
N PRO B 74 24.33 48.19 -14.60
CA PRO B 74 24.46 48.75 -13.26
C PRO B 74 23.79 47.95 -12.15
N MET B 75 23.37 46.72 -12.42
CA MET B 75 22.76 45.83 -11.43
C MET B 75 21.51 46.46 -10.81
N ARG B 76 20.50 46.66 -11.66
CA ARG B 76 19.23 47.21 -11.20
C ARG B 76 18.52 46.22 -10.27
N GLU B 77 17.85 46.77 -9.27
CA GLU B 77 17.16 45.96 -8.28
C GLU B 77 15.83 45.45 -8.82
N ILE B 78 15.43 44.27 -8.34
CA ILE B 78 14.22 43.60 -8.80
C ILE B 78 13.37 43.20 -7.60
N THR B 79 12.13 42.85 -7.90
CA THR B 79 11.12 42.38 -6.95
C THR B 79 10.96 40.87 -7.06
N PRO B 80 10.56 40.20 -5.97
CA PRO B 80 10.42 38.73 -6.04
C PRO B 80 9.42 38.26 -7.07
N MET B 81 8.37 39.04 -7.35
CA MET B 81 7.43 38.66 -8.39
C MET B 81 8.10 38.61 -9.76
N GLU B 82 8.97 39.58 -10.05
CA GLU B 82 9.70 39.55 -11.31
C GLU B 82 10.63 38.33 -11.38
N ALA B 83 11.23 37.95 -10.25
CA ALA B 83 12.05 36.75 -10.23
C ALA B 83 11.21 35.51 -10.50
N ARG B 84 9.99 35.46 -9.96
CA ARG B 84 9.11 34.32 -10.23
C ARG B 84 8.71 34.27 -11.70
N LEU B 85 8.35 35.40 -12.28
CA LEU B 85 7.81 35.41 -13.63
C LEU B 85 8.87 35.08 -14.67
N ARG B 86 10.08 35.60 -14.50
CA ARG B 86 11.14 35.45 -15.50
C ARG B 86 12.08 34.30 -15.18
N ASN B 87 11.72 33.42 -14.25
CA ASN B 87 12.56 32.28 -13.86
C ASN B 87 13.94 32.72 -13.40
N LEU B 88 14.01 33.87 -12.73
CA LEU B 88 15.25 34.36 -12.17
C LEU B 88 15.47 33.77 -10.77
N THR B 89 16.63 34.07 -10.20
CA THR B 89 16.95 33.72 -8.83
C THR B 89 16.96 35.00 -7.99
N TYR B 90 16.15 35.04 -6.95
CA TYR B 90 16.09 36.20 -6.06
C TYR B 90 17.32 36.17 -5.18
N SER B 91 18.43 36.67 -5.72
CA SER B 91 19.72 36.61 -5.08
C SER B 91 20.34 37.99 -5.00
N SER B 92 21.27 38.15 -4.06
CA SER B 92 21.93 39.43 -3.87
C SER B 92 23.44 39.28 -4.04
N PRO B 93 24.11 40.31 -4.55
CA PRO B 93 25.56 40.21 -4.78
C PRO B 93 26.33 40.26 -3.47
N ILE B 94 27.56 39.75 -3.54
CA ILE B 94 28.48 39.72 -2.41
C ILE B 94 29.75 40.45 -2.82
N PHE B 95 30.15 41.45 -2.04
CA PHE B 95 31.40 42.15 -2.24
C PHE B 95 32.32 41.85 -1.05
N LEU B 96 33.48 41.29 -1.34
CA LEU B 96 34.46 40.93 -0.32
C LEU B 96 35.66 41.85 -0.47
N SER B 97 35.97 42.59 0.59
CA SER B 97 37.05 43.58 0.56
C SER B 97 38.35 42.88 0.93
N MET B 98 39.07 42.38 -0.07
CA MET B 98 40.36 41.76 0.13
C MET B 98 41.46 42.70 -0.37
N ILE B 99 42.52 42.83 0.43
CA ILE B 99 43.62 43.72 0.13
C ILE B 99 44.77 42.90 -0.45
N PRO B 100 45.35 43.29 -1.58
CA PRO B 100 46.41 42.47 -2.19
C PRO B 100 47.78 42.79 -1.63
N VAL B 101 48.55 41.73 -1.38
CA VAL B 101 49.92 41.86 -0.87
C VAL B 101 50.87 41.41 -1.97
N GLU B 102 51.62 42.35 -2.52
CA GLU B 102 52.61 42.07 -3.55
C GLU B 102 53.96 42.59 -3.08
N ASN B 103 54.95 41.71 -3.03
CA ASN B 103 56.27 42.03 -2.49
C ASN B 103 56.17 42.55 -1.06
N ASN B 104 55.28 41.95 -0.29
CA ASN B 104 55.11 42.25 1.14
C ASN B 104 54.76 43.71 1.38
N ILE B 105 53.86 44.24 0.56
CA ILE B 105 53.28 45.57 0.76
C ILE B 105 51.77 45.42 0.86
N GLU B 106 51.16 46.19 1.76
CA GLU B 106 49.72 46.08 1.95
C GLU B 106 48.95 46.70 0.79
N GLY B 107 49.36 47.89 0.35
CA GLY B 107 48.60 48.56 -0.69
C GLY B 107 47.26 49.07 -0.19
N GLU B 108 46.35 49.30 -1.13
CA GLU B 108 45.04 49.83 -0.81
C GLU B 108 43.99 48.73 -0.90
N PRO B 109 43.07 48.65 0.06
CA PRO B 109 42.03 47.61 0.00
C PRO B 109 41.11 47.81 -1.19
N ILE B 110 40.61 46.69 -1.71
CA ILE B 110 39.67 46.69 -2.83
C ILE B 110 38.59 45.65 -2.55
N GLU B 111 37.34 45.99 -2.86
CA GLU B 111 36.22 45.07 -2.73
C GLU B 111 35.83 44.57 -4.10
N ILE B 112 35.67 43.25 -4.23
CA ILE B 112 35.39 42.63 -5.52
C ILE B 112 34.14 41.78 -5.41
N TYR B 113 33.49 41.59 -6.54
CA TYR B 113 32.23 40.84 -6.63
C TYR B 113 32.57 39.35 -6.71
N ILE B 114 32.20 38.60 -5.67
CA ILE B 114 32.56 37.19 -5.59
C ILE B 114 31.41 36.26 -5.93
N GLY B 115 30.18 36.75 -6.01
CA GLY B 115 29.08 35.91 -6.42
C GLY B 115 27.78 36.38 -5.81
N ASP B 116 26.70 35.76 -6.30
CA ASP B 116 25.35 36.05 -5.84
C ASP B 116 24.87 34.94 -4.92
N LEU B 117 24.31 35.32 -3.77
CA LEU B 117 23.72 34.29 -2.91
C LEU B 117 22.22 34.45 -2.88
N PRO B 118 21.45 33.37 -3.01
CA PRO B 118 20.00 33.47 -2.83
C PRO B 118 19.67 33.83 -1.38
N ILE B 119 18.70 34.71 -1.21
CA ILE B 119 18.30 35.21 0.10
C ILE B 119 16.91 34.70 0.42
N MET B 120 16.65 34.47 1.69
CA MET B 120 15.33 34.06 2.14
C MET B 120 14.34 35.21 2.00
N LEU B 121 13.10 34.87 1.65
CA LEU B 121 12.05 35.88 1.59
C LEU B 121 11.66 36.33 3.00
N LYS B 122 11.31 37.61 3.12
CA LYS B 122 10.89 38.21 4.39
C LYS B 122 11.96 38.07 5.46
N SER B 123 13.22 38.28 5.07
CA SER B 123 14.35 38.26 5.98
C SER B 123 14.98 39.65 6.02
N VAL B 124 16.13 39.76 6.68
CA VAL B 124 16.82 41.05 6.75
C VAL B 124 17.37 41.44 5.38
N ALA B 125 17.67 40.45 4.54
CA ALA B 125 18.32 40.75 3.26
C ALA B 125 17.37 41.43 2.29
N ASP B 126 16.16 40.90 2.13
CA ASP B 126 15.28 41.47 1.11
C ASP B 126 14.55 42.71 1.64
N PRO B 127 14.21 43.65 0.76
CA PRO B 127 13.51 44.86 1.20
C PRO B 127 12.02 44.65 1.45
N THR B 128 11.42 43.58 0.94
CA THR B 128 9.99 43.38 1.09
C THR B 128 9.57 43.01 2.51
N SER B 129 10.54 42.73 3.39
CA SER B 129 10.19 42.30 4.75
C SER B 129 9.49 43.40 5.53
N ASN B 130 9.95 44.64 5.39
CA ASN B 130 9.43 45.75 6.18
C ASN B 130 8.47 46.64 5.38
N LEU B 131 8.11 46.24 4.16
CA LEU B 131 7.23 47.08 3.35
C LEU B 131 5.81 47.08 3.92
N PRO B 132 5.08 48.18 3.75
CA PRO B 132 3.68 48.22 4.19
C PRO B 132 2.81 47.36 3.30
N ILE B 133 1.55 47.20 3.74
CA ILE B 133 0.60 46.36 3.01
C ILE B 133 0.33 46.93 1.62
N ASP B 134 0.12 48.24 1.53
CA ASP B 134 -0.17 48.86 0.25
C ASP B 134 1.01 48.76 -0.70
N LYS B 135 2.23 48.93 -0.20
CA LYS B 135 3.41 48.76 -1.05
C LYS B 135 3.54 47.31 -1.51
N LEU B 136 3.22 46.36 -0.63
CA LEU B 136 3.24 44.95 -1.03
C LEU B 136 2.23 44.68 -2.13
N ILE B 137 1.04 45.28 -2.04
CA ILE B 137 0.06 45.15 -3.10
C ILE B 137 0.57 45.76 -4.39
N GLU B 138 1.19 46.94 -4.30
CA GLU B 138 1.66 47.64 -5.50
C GLU B 138 2.76 46.85 -6.22
N ILE B 139 3.72 46.32 -5.47
CA ILE B 139 4.81 45.57 -6.10
C ILE B 139 4.28 44.28 -6.71
N GLY B 140 3.29 43.67 -6.06
CA GLY B 140 2.67 42.46 -6.60
C GLY B 140 2.80 41.26 -5.69
N GLU B 141 3.14 41.49 -4.43
CA GLU B 141 3.33 40.41 -3.47
C GLU B 141 2.12 40.26 -2.57
N ASP B 142 1.81 39.02 -2.23
CA ASP B 142 0.72 38.75 -1.31
C ASP B 142 1.09 39.26 0.08
N PRO B 143 0.27 40.09 0.71
CA PRO B 143 0.65 40.62 2.04
C PRO B 143 0.73 39.57 3.13
N LYS B 144 0.15 38.40 2.94
CA LYS B 144 0.01 37.44 4.03
C LYS B 144 1.03 36.31 3.99
N ASP B 145 1.81 36.16 2.93
CA ASP B 145 2.75 35.04 2.86
C ASP B 145 3.83 35.22 3.92
N PRO B 146 4.16 34.19 4.70
CA PRO B 146 5.14 34.36 5.78
C PRO B 146 6.57 34.44 5.30
N GLY B 147 6.85 34.13 4.04
CA GLY B 147 8.22 34.07 3.57
C GLY B 147 8.89 32.76 3.99
N GLY B 148 10.19 32.84 4.23
CA GLY B 148 10.94 31.68 4.66
C GLY B 148 11.37 30.74 3.56
N TYR B 149 11.25 31.14 2.30
CA TYR B 149 11.64 30.32 1.17
C TYR B 149 12.46 31.14 0.19
N PHE B 150 13.35 30.46 -0.54
CA PHE B 150 14.14 31.08 -1.58
C PHE B 150 13.42 30.96 -2.92
N ILE B 151 13.76 31.87 -3.83
CA ILE B 151 13.28 31.82 -5.20
C ILE B 151 14.49 31.46 -6.07
N VAL B 152 14.59 30.20 -6.45
CA VAL B 152 15.70 29.69 -7.24
C VAL B 152 15.17 29.24 -8.59
N ASN B 153 15.68 29.85 -9.66
CA ASN B 153 15.28 29.52 -11.03
C ASN B 153 13.76 29.61 -11.19
N GLY B 154 13.16 30.60 -10.53
CA GLY B 154 11.73 30.82 -10.62
C GLY B 154 10.89 29.93 -9.76
N SER B 155 11.47 29.00 -9.01
CA SER B 155 10.73 28.07 -8.18
C SER B 155 10.98 28.39 -6.71
N GLU B 156 9.93 28.28 -5.90
CA GLU B 156 10.04 28.54 -4.47
C GLU B 156 10.58 27.28 -3.80
N LYS B 157 11.87 27.30 -3.49
CA LYS B 157 12.55 26.19 -2.83
C LYS B 157 12.74 26.53 -1.36
N VAL B 158 12.38 25.60 -0.48
CA VAL B 158 12.48 25.79 0.96
C VAL B 158 13.36 24.68 1.54
N ILE B 159 14.22 25.06 2.47
CA ILE B 159 15.15 24.13 3.11
C ILE B 159 14.44 23.51 4.31
N ILE B 160 14.10 22.23 4.21
CA ILE B 160 13.46 21.52 5.31
C ILE B 160 14.43 21.42 6.48
N ALA B 161 13.91 21.49 7.70
CA ALA B 161 14.77 21.34 8.85
C ALA B 161 15.25 19.89 8.95
N GLN B 162 16.53 19.71 9.29
CA GLN B 162 17.13 18.38 9.34
C GLN B 162 17.49 18.04 10.78
N GLU B 163 16.92 16.97 11.31
CA GLU B 163 17.14 16.57 12.70
C GLU B 163 18.16 15.44 12.74
N ASP B 164 19.13 15.56 13.64
CA ASP B 164 20.17 14.54 13.75
C ASP B 164 20.78 14.57 15.14
N LEU B 165 21.49 13.51 15.47
CA LEU B 165 22.13 13.40 16.78
C LEU B 165 23.10 14.56 16.99
N ALA B 166 23.18 15.03 18.23
CA ALA B 166 24.05 16.16 18.56
C ALA B 166 25.51 15.81 18.31
N THR B 167 26.23 16.72 17.67
CA THR B 167 27.65 16.57 17.46
C THR B 167 28.43 17.07 18.67
N ASN B 168 29.71 16.71 18.71
CA ASN B 168 30.65 17.12 19.76
C ASN B 168 30.24 16.62 21.14
N ARG B 169 29.31 15.66 21.21
CA ARG B 169 28.89 15.08 22.46
C ARG B 169 29.02 13.56 22.38
N VAL B 170 29.34 12.95 23.52
CA VAL B 170 29.60 11.51 23.59
C VAL B 170 28.37 10.81 24.15
N LEU B 171 27.89 9.80 23.44
CA LEU B 171 26.74 9.01 23.83
C LEU B 171 27.18 7.58 24.07
N VAL B 172 26.79 7.01 25.21
CA VAL B 172 27.20 5.68 25.62
C VAL B 172 26.04 4.72 25.45
N ASP B 173 26.35 3.47 25.10
CA ASP B 173 25.34 2.43 24.97
C ASP B 173 26.02 1.07 25.05
N TYR B 174 25.21 0.06 25.36
CA TYR B 174 25.73 -1.30 25.46
C TYR B 174 26.14 -1.82 24.09
N GLY B 175 27.12 -2.71 24.08
CA GLY B 175 27.51 -3.39 22.87
C GLY B 175 26.54 -4.50 22.51
N LYS B 176 26.70 -5.02 21.29
CA LYS B 176 25.84 -6.10 20.83
C LYS B 176 26.06 -7.35 21.67
N SER B 177 24.96 -8.04 21.98
CA SER B 177 25.04 -9.23 22.81
C SER B 177 25.77 -10.36 22.09
N GLY B 178 26.43 -11.20 22.88
CA GLY B 178 27.19 -12.31 22.32
C GLY B 178 28.39 -11.88 21.50
N SER B 179 29.12 -10.88 21.96
CA SER B 179 30.28 -10.38 21.24
C SER B 179 31.34 -9.95 22.24
N ASN B 180 32.58 -9.87 21.77
CA ASN B 180 33.69 -9.44 22.61
C ASN B 180 33.55 -7.98 23.06
N ILE B 181 32.72 -7.20 22.37
CA ILE B 181 32.49 -5.80 22.74
C ILE B 181 31.40 -5.75 23.79
N THR B 182 31.66 -5.04 24.89
CA THR B 182 30.70 -4.94 25.98
C THR B 182 30.07 -3.56 26.13
N HIS B 183 30.80 -2.50 25.83
CA HIS B 183 30.26 -1.15 25.94
C HIS B 183 30.87 -0.28 24.85
N VAL B 184 30.05 0.61 24.29
CA VAL B 184 30.46 1.47 23.18
C VAL B 184 30.11 2.91 23.52
N ALA B 185 31.02 3.82 23.20
CA ALA B 185 30.75 5.25 23.25
C ALA B 185 31.22 5.87 21.94
N LYS B 186 30.33 6.62 21.30
CA LYS B 186 30.63 7.26 20.02
C LYS B 186 30.52 8.77 20.18
N VAL B 187 31.50 9.49 19.65
CA VAL B 187 31.47 10.95 19.65
C VAL B 187 31.65 11.42 18.21
N THR B 188 30.84 12.39 17.81
CA THR B 188 30.87 12.93 16.46
C THR B 188 31.36 14.37 16.52
N SER B 189 32.61 14.57 16.10
CA SER B 189 33.22 15.90 16.09
C SER B 189 32.93 16.57 14.75
N SER B 190 32.27 17.72 14.81
CA SER B 190 31.89 18.47 13.61
C SER B 190 32.88 19.61 13.44
N ALA B 191 33.86 19.40 12.58
CA ALA B 191 34.86 20.42 12.29
C ALA B 191 34.32 21.40 11.26
N ALA B 192 35.15 22.40 10.94
CA ALA B 192 34.82 23.37 9.89
C ALA B 192 35.06 22.73 8.54
N GLY B 193 34.02 22.13 7.96
CA GLY B 193 34.08 21.54 6.65
C GLY B 193 34.14 20.03 6.59
N TYR B 194 34.39 19.36 7.72
CA TYR B 194 34.43 17.91 7.73
C TYR B 194 34.00 17.41 9.10
N ARG B 195 33.63 16.13 9.14
CA ARG B 195 33.02 15.52 10.32
C ARG B 195 33.69 14.18 10.57
N VAL B 196 34.10 13.94 11.82
CA VAL B 196 34.87 12.75 12.17
C VAL B 196 34.20 12.05 13.34
N GLN B 197 34.00 10.74 13.23
CA GLN B 197 33.39 9.95 14.28
C GLN B 197 34.46 9.13 14.98
N VAL B 198 34.54 9.25 16.30
CA VAL B 198 35.49 8.52 17.13
C VAL B 198 34.72 7.53 17.98
N MET B 199 35.16 6.27 17.97
CA MET B 199 34.46 5.17 18.62
C MET B 199 35.35 4.59 19.70
N ILE B 200 34.82 4.54 20.92
CA ILE B 200 35.55 4.02 22.08
C ILE B 200 34.82 2.79 22.59
N GLU B 201 35.55 1.69 22.76
CA GLU B 201 34.99 0.40 23.06
C GLU B 201 35.66 -0.23 24.27
N ARG B 202 34.91 -1.06 24.98
CA ARG B 202 35.43 -1.85 26.09
C ARG B 202 35.24 -3.32 25.76
N LEU B 203 36.33 -4.07 25.69
CA LEU B 203 36.28 -5.46 25.28
C LEU B 203 35.89 -6.34 26.46
N LYS B 204 35.91 -7.67 26.26
CA LYS B 204 35.60 -8.58 27.35
C LYS B 204 36.56 -8.40 28.52
N ASP B 205 37.86 -8.38 28.22
CA ASP B 205 38.81 -7.88 29.19
C ASP B 205 38.66 -6.37 29.31
N SER B 206 38.98 -5.84 30.49
CA SER B 206 38.68 -4.45 30.79
C SER B 206 39.49 -3.46 29.96
N THR B 207 40.26 -3.93 28.98
CA THR B 207 41.00 -3.03 28.11
C THR B 207 40.04 -2.15 27.32
N ILE B 208 40.46 -0.92 27.03
CA ILE B 208 39.66 0.06 26.30
C ILE B 208 40.37 0.38 24.99
N GLN B 209 39.64 0.29 23.89
CA GLN B 209 40.19 0.49 22.56
C GLN B 209 39.54 1.70 21.91
N ILE B 210 40.35 2.61 21.38
CA ILE B 210 39.87 3.83 20.77
C ILE B 210 40.22 3.81 19.29
N SER B 211 39.25 4.09 18.43
CA SER B 211 39.47 4.07 16.99
C SER B 211 38.74 5.24 16.34
N PHE B 212 39.20 5.60 15.15
CA PHE B 212 38.53 6.61 14.34
C PHE B 212 38.89 6.37 12.87
N ALA B 213 38.38 7.25 12.01
CA ALA B 213 38.18 6.91 10.60
C ALA B 213 39.48 6.57 9.87
N THR B 214 40.47 7.46 9.95
CA THR B 214 41.64 7.29 9.09
C THR B 214 42.57 6.18 9.57
N VAL B 215 42.56 5.89 10.86
CA VAL B 215 43.51 4.95 11.46
C VAL B 215 42.87 3.57 11.49
N PRO B 216 43.37 2.60 10.71
CA PRO B 216 42.83 1.24 10.79
C PRO B 216 43.18 0.59 12.12
N GLY B 217 42.31 -0.31 12.56
CA GLY B 217 42.52 -0.98 13.82
C GLY B 217 42.06 -0.15 15.00
N ARG B 218 42.31 -0.70 16.19
CA ARG B 218 41.89 -0.08 17.44
C ARG B 218 43.13 0.30 18.24
N ILE B 219 43.26 1.59 18.56
CA ILE B 219 44.38 2.08 19.34
C ILE B 219 44.05 1.94 20.82
N PRO B 220 44.96 1.41 21.64
CA PRO B 220 44.70 1.34 23.09
C PRO B 220 44.53 2.72 23.70
N PHE B 221 43.75 2.77 24.78
CA PHE B 221 43.41 4.05 25.40
C PHE B 221 44.64 4.76 25.94
N ALA B 222 45.47 4.05 26.70
CA ALA B 222 46.63 4.70 27.31
C ALA B 222 47.67 5.10 26.26
N ILE B 223 47.78 4.35 25.17
CA ILE B 223 48.72 4.72 24.10
C ILE B 223 48.32 6.06 23.49
N ILE B 224 47.05 6.20 23.11
CA ILE B 224 46.61 7.45 22.49
C ILE B 224 46.66 8.58 23.51
N MET B 225 46.42 8.29 24.80
CA MET B 225 46.57 9.33 25.81
C MET B 225 48.00 9.82 25.90
N ARG B 226 48.97 8.90 25.90
CA ARG B 226 50.38 9.30 25.94
C ARG B 226 50.80 10.04 24.69
N ALA B 227 50.23 9.68 23.54
CA ALA B 227 50.54 10.40 22.30
C ALA B 227 50.07 11.84 22.36
N LEU B 228 49.00 12.12 23.12
CA LEU B 228 48.43 13.46 23.16
C LEU B 228 49.17 14.41 24.10
N GLY B 229 50.04 13.89 24.96
CA GLY B 229 50.82 14.75 25.84
C GLY B 229 50.96 14.24 27.26
N PHE B 230 50.28 13.15 27.59
CA PHE B 230 50.38 12.58 28.93
C PHE B 230 51.68 11.78 29.06
N VAL B 231 52.31 11.85 30.24
CA VAL B 231 53.64 11.32 30.41
C VAL B 231 53.68 10.06 31.26
N THR B 232 52.81 9.94 32.27
CA THR B 232 52.79 8.77 33.13
C THR B 232 51.36 8.40 33.47
N ASP B 233 51.17 7.14 33.90
CA ASP B 233 49.82 6.60 34.08
C ASP B 233 49.03 7.33 35.16
N ARG B 234 49.72 7.97 36.11
CA ARG B 234 49.00 8.66 37.18
C ARG B 234 48.17 9.81 36.63
N ASP B 235 48.73 10.58 35.68
CA ASP B 235 47.96 11.66 35.09
C ASP B 235 46.76 11.15 34.31
N ILE B 236 46.93 10.04 33.58
CA ILE B 236 45.80 9.47 32.84
C ILE B 236 44.71 9.02 33.82
N VAL B 237 45.10 8.34 34.89
CA VAL B 237 44.14 7.84 35.86
C VAL B 237 43.38 8.99 36.50
N TYR B 238 44.08 10.05 36.90
CA TYR B 238 43.42 11.16 37.55
C TYR B 238 42.62 12.01 36.57
N ALA B 239 42.98 11.98 35.28
CA ALA B 239 42.20 12.70 34.29
C ALA B 239 40.90 11.96 33.97
N VAL B 240 40.92 10.63 34.03
CA VAL B 240 39.71 9.87 33.76
C VAL B 240 38.65 10.16 34.82
N SER B 241 39.03 10.08 36.09
CA SER B 241 38.09 10.29 37.18
C SER B 241 38.88 10.51 38.47
N LEU B 242 38.14 10.65 39.57
CA LEU B 242 38.72 10.82 40.90
C LEU B 242 38.28 9.75 41.89
N ASP B 243 37.42 8.82 41.46
CA ASP B 243 36.93 7.76 42.34
C ASP B 243 37.81 6.52 42.18
N PRO B 244 38.42 6.02 43.26
CA PRO B 244 39.29 4.83 43.11
C PRO B 244 38.57 3.62 42.54
N GLN B 245 37.29 3.43 42.92
CA GLN B 245 36.56 2.26 42.44
C GLN B 245 36.41 2.27 40.93
N ILE B 246 36.20 3.44 40.34
CA ILE B 246 36.12 3.56 38.89
C ILE B 246 37.50 3.73 38.26
N GLN B 247 38.50 4.17 39.03
CA GLN B 247 39.85 4.27 38.52
C GLN B 247 40.52 2.92 38.37
N ASN B 248 40.10 1.92 39.15
CA ASN B 248 40.74 0.61 39.12
C ASN B 248 40.50 -0.16 37.83
N GLU B 249 39.59 0.28 36.97
CA GLU B 249 39.30 -0.42 35.72
C GLU B 249 40.21 0.01 34.57
N LEU B 250 41.12 0.95 34.79
CA LEU B 250 42.05 1.36 33.75
C LEU B 250 43.36 0.60 33.77
N LEU B 251 43.62 -0.20 34.81
CA LEU B 251 44.92 -0.86 34.94
C LEU B 251 45.23 -1.81 33.79
N PRO B 252 44.32 -2.68 33.35
CA PRO B 252 44.66 -3.53 32.18
C PRO B 252 45.01 -2.72 30.94
N SER B 253 44.32 -1.61 30.70
CA SER B 253 44.68 -0.77 29.55
C SER B 253 46.07 -0.16 29.74
N LEU B 254 46.36 0.32 30.96
CA LEU B 254 47.66 0.92 31.22
C LEU B 254 48.79 -0.08 31.00
N GLU B 255 48.61 -1.32 31.46
CA GLU B 255 49.65 -2.32 31.26
C GLU B 255 49.66 -2.89 29.85
N GLN B 256 48.57 -2.77 29.11
CA GLN B 256 48.64 -3.04 27.68
C GLN B 256 49.46 -1.97 26.97
N ALA B 257 49.46 -0.75 27.52
CA ALA B 257 50.34 0.31 27.04
C ALA B 257 51.57 0.49 27.92
N SER B 258 51.94 -0.52 28.70
CA SER B 258 53.09 -0.40 29.58
C SER B 258 54.38 -0.23 28.79
N SER B 259 54.49 -0.93 27.66
CA SER B 259 55.69 -0.81 26.84
C SER B 259 55.88 0.60 26.31
N ILE B 260 54.78 1.34 26.13
CA ILE B 260 54.84 2.72 25.65
C ILE B 260 55.10 3.61 26.85
N THR B 261 56.32 4.10 26.99
CA THR B 261 56.69 4.95 28.11
C THR B 261 56.69 6.43 27.73
N SER B 262 57.26 6.77 26.58
CA SER B 262 57.34 8.15 26.13
C SER B 262 56.26 8.44 25.09
N ALA B 263 56.13 9.73 24.76
CA ALA B 263 55.13 10.13 23.78
C ALA B 263 55.48 9.65 22.37
N GLU B 264 56.78 9.58 22.06
CA GLU B 264 57.19 9.19 20.71
C GLU B 264 56.92 7.73 20.43
N GLU B 265 56.97 6.87 21.46
CA GLU B 265 56.59 5.47 21.28
C GLU B 265 55.12 5.36 20.88
N ALA B 266 54.25 6.10 21.56
CA ALA B 266 52.85 6.13 21.14
C ALA B 266 52.70 6.71 19.75
N LEU B 267 53.46 7.76 19.44
CA LEU B 267 53.35 8.40 18.14
C LEU B 267 53.69 7.45 17.00
N ASP B 268 54.82 6.75 17.10
CA ASP B 268 55.17 5.86 16.00
C ASP B 268 54.38 4.56 16.05
N PHE B 269 53.84 4.16 17.21
CA PHE B 269 52.89 3.06 17.23
C PHE B 269 51.65 3.40 16.42
N ILE B 270 51.14 4.63 16.58
CA ILE B 270 50.02 5.07 15.74
C ILE B 270 50.45 5.17 14.28
N GLY B 271 51.64 5.73 14.04
CA GLY B 271 52.10 5.93 12.67
C GLY B 271 52.28 4.64 11.89
N ASN B 272 52.61 3.55 12.59
CA ASN B 272 52.67 2.25 11.92
C ASN B 272 51.32 1.90 11.31
N ARG B 273 50.23 2.16 12.04
CA ARG B 273 48.90 1.86 11.50
C ARG B 273 48.50 2.88 10.45
N VAL B 274 48.82 4.16 10.67
CA VAL B 274 48.35 5.20 9.75
C VAL B 274 48.94 5.00 8.36
N ALA B 275 50.25 4.83 8.28
CA ALA B 275 50.92 4.61 7.01
C ALA B 275 52.17 3.78 7.25
N ILE B 276 52.28 2.65 6.58
CA ILE B 276 53.35 1.68 6.80
C ILE B 276 54.25 1.66 5.58
N GLY B 277 55.57 1.61 5.82
CA GLY B 277 56.55 1.52 4.77
C GLY B 277 57.49 2.71 4.67
N GLN B 278 57.27 3.76 5.45
CA GLN B 278 58.13 4.93 5.42
C GLN B 278 59.04 4.94 6.64
N LYS B 279 59.91 5.95 6.70
CA LYS B 279 60.88 6.06 7.79
C LYS B 279 60.19 6.44 9.09
N ARG B 280 60.94 6.32 10.19
CA ARG B 280 60.39 6.61 11.50
C ARG B 280 60.00 8.08 11.62
N GLU B 281 60.82 8.99 11.09
CA GLU B 281 60.48 10.41 11.14
C GLU B 281 59.21 10.69 10.35
N ASN B 282 59.08 10.10 9.17
CA ASN B 282 57.86 10.28 8.39
C ASN B 282 56.65 9.68 9.10
N ARG B 283 56.83 8.52 9.74
CA ARG B 283 55.74 7.92 10.50
C ARG B 283 55.30 8.84 11.63
N ILE B 284 56.27 9.41 12.36
CA ILE B 284 55.94 10.31 13.46
C ILE B 284 55.20 11.54 12.95
N GLN B 285 55.68 12.12 11.84
CA GLN B 285 55.02 13.30 11.28
C GLN B 285 53.60 12.98 10.83
N LYS B 286 53.42 11.85 10.15
CA LYS B 286 52.09 11.48 9.67
C LYS B 286 51.14 11.24 10.82
N ALA B 287 51.61 10.54 11.86
CA ALA B 287 50.79 10.37 13.06
C ALA B 287 50.44 11.71 13.68
N GLU B 288 51.39 12.64 13.68
CA GLU B 288 51.14 13.96 14.24
C GLU B 288 50.02 14.68 13.48
N GLN B 289 50.09 14.70 12.14
CA GLN B 289 49.05 15.38 11.39
C GLN B 289 47.69 14.70 11.56
N VAL B 290 47.65 13.36 11.51
CA VAL B 290 46.35 12.70 11.60
C VAL B 290 45.75 12.89 13.00
N ILE B 291 46.59 12.87 14.04
CA ILE B 291 46.07 13.08 15.39
C ILE B 291 45.61 14.53 15.57
N ASP B 292 46.33 15.48 14.98
CA ASP B 292 45.96 16.89 15.18
C ASP B 292 44.69 17.25 14.41
N LYS B 293 44.54 16.74 13.19
CA LYS B 293 43.50 17.25 12.31
C LYS B 293 42.35 16.27 12.09
N TYR B 294 42.50 15.01 12.50
CA TYR B 294 41.48 13.99 12.29
C TYR B 294 40.97 13.32 13.55
N PHE B 295 41.33 13.79 14.75
CA PHE B 295 40.92 13.12 15.97
C PHE B 295 39.72 13.78 16.63
N LEU B 296 39.83 15.04 17.02
CA LEU B 296 38.73 15.79 17.62
C LEU B 296 38.86 17.24 17.19
N PRO B 297 38.63 17.53 15.91
CA PRO B 297 38.92 18.88 15.39
C PRO B 297 38.04 19.97 15.98
N HIS B 298 36.89 19.63 16.56
CA HIS B 298 36.06 20.67 17.17
C HIS B 298 36.76 21.31 18.36
N LEU B 299 37.60 20.54 19.06
CA LEU B 299 38.41 21.11 20.13
C LEU B 299 39.51 22.00 19.58
N GLY B 300 40.08 21.63 18.44
CA GLY B 300 41.13 22.40 17.82
C GLY B 300 42.07 21.48 17.06
N THR B 301 42.60 21.99 15.95
CA THR B 301 43.54 21.25 15.12
C THR B 301 44.99 21.64 15.37
N SER B 302 45.24 22.72 16.10
CA SER B 302 46.60 23.14 16.38
C SER B 302 47.24 22.18 17.38
N PRO B 303 48.57 21.99 17.31
CA PRO B 303 49.24 21.16 18.30
C PRO B 303 49.13 21.68 19.72
N GLU B 304 48.91 22.99 19.90
CA GLU B 304 48.78 23.54 21.25
C GLU B 304 47.54 22.98 21.96
N ASP B 305 46.43 22.85 21.25
CA ASP B 305 45.19 22.37 21.83
C ASP B 305 45.20 20.86 22.08
N ARG B 306 46.23 20.16 21.60
CA ARG B 306 46.25 18.70 21.67
C ARG B 306 46.04 18.21 23.10
N LYS B 307 46.77 18.79 24.05
CA LYS B 307 46.62 18.40 25.45
C LYS B 307 45.16 18.49 25.87
N LYS B 308 44.50 19.61 25.54
CA LYS B 308 43.08 19.77 25.85
C LYS B 308 42.28 18.58 25.34
N LYS B 309 42.50 18.22 24.07
CA LYS B 309 41.76 17.10 23.48
C LYS B 309 41.92 15.86 24.34
N GLY B 310 43.13 15.61 24.84
CA GLY B 310 43.34 14.43 25.66
C GLY B 310 42.40 14.40 26.85
N TYR B 311 42.28 15.54 27.55
CA TYR B 311 41.36 15.59 28.68
C TYR B 311 39.97 15.19 28.24
N TYR B 312 39.49 15.74 27.13
CA TYR B 312 38.18 15.38 26.61
C TYR B 312 38.06 13.87 26.48
N LEU B 313 39.06 13.24 25.86
CA LEU B 313 39.02 11.81 25.65
C LEU B 313 38.86 11.08 26.97
N ALA B 314 39.62 11.50 27.99
CA ALA B 314 39.53 10.86 29.30
C ALA B 314 38.10 10.93 29.81
N SER B 315 37.48 12.10 29.72
CA SER B 315 36.11 12.25 30.19
C SER B 315 35.20 11.24 29.50
N ALA B 316 35.36 11.10 28.18
CA ALA B 316 34.54 10.14 27.45
C ALA B 316 34.72 8.74 28.03
N VAL B 317 35.97 8.34 28.26
CA VAL B 317 36.23 7.02 28.83
C VAL B 317 35.51 6.89 30.17
N ASN B 318 35.53 7.95 30.96
CA ASN B 318 34.85 7.93 32.26
C ASN B 318 33.42 7.45 32.11
N LYS B 319 32.70 8.00 31.13
CA LYS B 319 31.30 7.64 30.96
C LYS B 319 31.14 6.15 30.72
N ILE B 320 32.01 5.58 29.87
CA ILE B 320 31.94 4.14 29.62
C ILE B 320 32.03 3.37 30.92
N LEU B 321 33.00 3.74 31.76
CA LEU B 321 33.15 3.05 33.04
C LEU B 321 31.91 3.26 33.90
N GLU B 322 31.35 4.47 33.90
CA GLU B 322 30.12 4.71 34.64
C GLU B 322 28.99 3.85 34.09
N LEU B 323 29.01 3.60 32.79
CA LEU B 323 28.02 2.68 32.21
C LEU B 323 28.32 1.24 32.63
N TYR B 324 29.59 0.88 32.73
CA TYR B 324 29.94 -0.49 33.06
C TYR B 324 29.68 -0.79 34.53
N LEU B 325 30.01 0.16 35.42
CA LEU B 325 29.80 -0.05 36.84
C LEU B 325 28.32 -0.10 37.21
N GLY B 326 27.44 0.34 36.31
CA GLY B 326 26.02 0.39 36.60
C GLY B 326 25.53 1.71 37.15
N ARG B 327 26.34 2.77 37.10
CA ARG B 327 25.94 4.05 37.66
C ARG B 327 24.95 4.79 36.78
N ARG B 328 25.05 4.64 35.46
CA ARG B 328 24.21 5.38 34.53
C ARG B 328 23.64 4.46 33.48
N GLU B 329 22.44 4.78 33.00
CA GLU B 329 21.82 4.06 31.91
C GLU B 329 22.33 4.59 30.58
N PRO B 330 22.24 3.80 29.51
CA PRO B 330 22.66 4.28 28.18
C PRO B 330 21.85 5.50 27.75
N ASP B 331 22.52 6.40 27.03
CA ASP B 331 21.86 7.59 26.54
C ASP B 331 20.77 7.24 25.54
N ASP B 332 19.68 8.00 25.56
CA ASP B 332 18.57 7.80 24.65
C ASP B 332 18.83 8.57 23.36
N LYS B 333 18.81 7.86 22.23
CA LYS B 333 18.95 8.53 20.94
C LYS B 333 17.73 9.37 20.59
N ASP B 334 16.62 9.16 21.30
CA ASP B 334 15.38 9.89 21.01
C ASP B 334 15.19 11.12 21.87
N HIS B 335 15.86 11.20 23.02
CA HIS B 335 15.74 12.36 23.89
C HIS B 335 16.21 13.61 23.15
N TYR B 336 15.43 14.69 23.26
CA TYR B 336 15.79 15.92 22.59
C TYR B 336 16.97 16.63 23.23
N ALA B 337 17.42 16.19 24.41
CA ALA B 337 18.70 16.66 24.92
C ALA B 337 19.86 16.12 24.09
N ASN B 338 19.61 15.15 23.22
CA ASN B 338 20.64 14.53 22.40
C ASN B 338 20.46 14.82 20.91
N LYS B 339 19.36 15.44 20.50
CA LYS B 339 19.05 15.66 19.10
C LYS B 339 19.01 17.16 18.80
N ARG B 340 19.64 17.55 17.70
CA ARG B 340 19.69 18.94 17.27
C ARG B 340 19.08 19.06 15.88
N VAL B 341 18.47 20.22 15.62
CA VAL B 341 17.78 20.50 14.37
C VAL B 341 18.55 21.60 13.64
N ARG B 342 19.01 21.28 12.43
CA ARG B 342 19.73 22.22 11.58
C ARG B 342 18.75 22.86 10.61
N LEU B 343 18.65 24.18 10.66
CA LEU B 343 17.80 24.95 9.77
C LEU B 343 18.61 25.43 8.57
N ALA B 344 18.05 26.37 7.82
CA ALA B 344 18.75 26.91 6.65
C ALA B 344 20.06 27.61 7.01
N GLY B 345 20.18 28.11 8.24
CA GLY B 345 21.39 28.85 8.60
C GLY B 345 22.63 27.99 8.62
N ASP B 346 22.62 26.91 9.40
CA ASP B 346 23.79 26.06 9.54
C ASP B 346 24.13 25.38 8.21
N LEU B 347 23.13 24.81 7.56
CA LEU B 347 23.37 24.18 6.27
C LEU B 347 23.92 25.19 5.27
N PHE B 348 23.31 26.37 5.20
CA PHE B 348 23.66 27.29 4.12
C PHE B 348 25.02 27.91 4.37
N THR B 349 25.42 28.04 5.64
CA THR B 349 26.78 28.49 5.94
C THR B 349 27.81 27.39 5.65
N SER B 350 27.46 26.12 5.86
CA SER B 350 28.37 25.05 5.42
C SER B 350 28.54 25.06 3.91
N LEU B 351 27.44 25.28 3.19
CA LEU B 351 27.50 25.36 1.73
C LEU B 351 28.35 26.53 1.28
N PHE B 352 28.20 27.69 1.93
CA PHE B 352 29.04 28.83 1.60
C PHE B 352 30.51 28.55 1.94
N ARG B 353 30.76 27.81 3.02
CA ARG B 353 32.13 27.44 3.36
C ARG B 353 32.78 26.62 2.25
N VAL B 354 32.08 25.60 1.76
CA VAL B 354 32.67 24.75 0.72
C VAL B 354 32.80 25.53 -0.58
N ALA B 355 31.82 26.37 -0.90
CA ALA B 355 31.91 27.17 -2.12
C ALA B 355 33.08 28.15 -2.06
N PHE B 356 33.29 28.78 -0.90
CA PHE B 356 34.41 29.70 -0.76
C PHE B 356 35.74 28.96 -0.78
N LYS B 357 35.80 27.74 -0.25
CA LYS B 357 37.03 26.96 -0.35
C LYS B 357 37.37 26.66 -1.81
N ALA B 358 36.36 26.25 -2.59
CA ALA B 358 36.60 26.02 -4.02
C ALA B 358 37.01 27.30 -4.74
N PHE B 359 36.36 28.42 -4.40
CA PHE B 359 36.68 29.69 -5.02
C PHE B 359 38.11 30.11 -4.72
N VAL B 360 38.54 29.95 -3.48
CA VAL B 360 39.91 30.31 -3.11
C VAL B 360 40.92 29.38 -3.77
N LYS B 361 40.59 28.09 -3.89
CA LYS B 361 41.46 27.17 -4.59
C LYS B 361 41.68 27.63 -6.04
N ASP B 362 40.58 27.94 -6.74
CA ASP B 362 40.70 28.38 -8.12
C ASP B 362 41.44 29.71 -8.21
N LEU B 363 41.18 30.62 -7.28
CA LEU B 363 41.87 31.91 -7.28
C LEU B 363 43.37 31.74 -7.07
N VAL B 364 43.77 30.84 -6.17
CA VAL B 364 45.18 30.58 -5.94
C VAL B 364 45.82 30.00 -7.20
N TYR B 365 45.13 29.05 -7.85
CA TYR B 365 45.63 28.50 -9.09
C TYR B 365 45.86 29.58 -10.14
N GLN B 366 44.85 30.40 -10.39
CA GLN B 366 44.96 31.44 -11.41
C GLN B 366 46.02 32.47 -11.05
N LEU B 367 46.10 32.86 -9.77
CA LEU B 367 47.09 33.85 -9.35
C LEU B 367 48.50 33.32 -9.52
N GLU B 368 48.73 32.05 -9.16
CA GLU B 368 50.07 31.49 -9.30
C GLU B 368 50.44 31.34 -10.77
N LYS B 369 49.48 30.97 -11.62
CA LYS B 369 49.76 30.89 -13.05
C LYS B 369 50.10 32.27 -13.61
N SER B 370 49.34 33.29 -13.23
CA SER B 370 49.63 34.64 -13.70
C SER B 370 50.99 35.12 -13.21
N LYS B 371 51.33 34.83 -11.95
CA LYS B 371 52.61 35.28 -11.42
C LYS B 371 53.78 34.59 -12.11
N VAL B 372 53.70 33.28 -12.31
CA VAL B 372 54.81 32.59 -12.98
C VAL B 372 54.89 32.98 -14.45
N ARG B 373 53.76 33.37 -15.05
CA ARG B 373 53.79 33.81 -16.45
C ARG B 373 54.03 35.31 -16.56
N GLY B 374 53.45 36.10 -15.67
CA GLY B 374 53.59 37.54 -15.71
C GLY B 374 52.40 38.21 -16.37
N ARG B 375 51.50 38.79 -15.58
CA ARG B 375 50.26 39.35 -16.10
C ARG B 375 49.85 40.54 -15.24
N ARG B 376 48.59 40.94 -15.37
CA ARG B 376 48.06 42.05 -14.59
C ARG B 376 47.99 41.70 -13.10
N LEU B 377 48.40 42.64 -12.26
CA LEU B 377 48.36 42.42 -10.81
C LEU B 377 46.97 42.63 -10.22
N SER B 378 46.05 43.24 -10.97
CA SER B 378 44.72 43.52 -10.43
C SER B 378 43.93 42.22 -10.26
N LEU B 379 43.16 42.16 -9.18
CA LEU B 379 42.34 41.00 -8.88
C LEU B 379 40.94 41.07 -9.48
N THR B 380 40.58 42.22 -10.06
CA THR B 380 39.23 42.37 -10.61
C THR B 380 38.98 41.42 -11.78
N ALA B 381 40.00 41.22 -12.62
CA ALA B 381 39.84 40.35 -13.78
C ALA B 381 40.08 38.88 -13.46
N LEU B 382 40.52 38.56 -12.25
CA LEU B 382 40.74 37.18 -11.83
C LEU B 382 39.68 36.69 -10.84
N VAL B 383 38.55 37.39 -10.75
CA VAL B 383 37.56 37.07 -9.72
C VAL B 383 36.98 35.68 -9.95
N ARG B 384 36.50 35.41 -11.17
CA ARG B 384 35.76 34.19 -11.49
C ARG B 384 34.67 33.95 -10.45
N ALA B 385 33.74 34.91 -10.38
CA ALA B 385 32.74 34.91 -9.31
C ALA B 385 31.77 33.75 -9.42
N ASP B 386 31.46 33.31 -10.64
CA ASP B 386 30.41 32.31 -10.83
C ASP B 386 30.70 31.02 -10.09
N ILE B 387 31.95 30.75 -9.74
CA ILE B 387 32.30 29.56 -8.98
C ILE B 387 31.45 29.45 -7.72
N ILE B 388 31.10 30.60 -7.13
CA ILE B 388 30.14 30.59 -6.03
C ILE B 388 28.72 30.68 -6.58
N THR B 389 28.49 31.60 -7.51
CA THR B 389 27.13 31.93 -7.92
C THR B 389 26.37 30.71 -8.40
N GLU B 390 27.00 29.88 -9.23
CA GLU B 390 26.34 28.66 -9.67
C GLU B 390 26.29 27.63 -8.54
N ARG B 391 27.39 27.46 -7.81
CA ARG B 391 27.50 26.34 -6.87
C ARG B 391 26.36 26.35 -5.87
N ILE B 392 26.19 27.47 -5.16
CA ILE B 392 25.10 27.58 -4.20
C ILE B 392 23.77 27.29 -4.89
N ARG B 393 23.55 27.91 -6.05
CA ARG B 393 22.31 27.68 -6.78
C ARG B 393 22.15 26.21 -7.11
N HIS B 394 23.24 25.56 -7.55
CA HIS B 394 23.15 24.15 -7.90
C HIS B 394 22.75 23.30 -6.72
N ALA B 395 23.05 23.76 -5.50
CA ALA B 395 22.62 23.02 -4.32
C ALA B 395 21.14 23.24 -4.03
N LEU B 396 20.65 24.46 -4.26
CA LEU B 396 19.26 24.75 -3.92
C LEU B 396 18.29 24.19 -4.96
N ALA B 397 18.64 24.28 -6.24
CA ALA B 397 17.73 23.81 -7.28
C ALA B 397 17.57 22.30 -7.24
N THR B 398 18.70 21.57 -7.21
CA THR B 398 18.64 20.11 -7.24
C THR B 398 18.24 19.52 -5.90
N GLY B 399 18.68 20.13 -4.80
CA GLY B 399 18.40 19.60 -3.48
C GLY B 399 19.40 18.59 -2.98
N ASN B 400 20.34 18.15 -3.81
CA ASN B 400 21.40 17.26 -3.39
C ASN B 400 22.52 18.08 -2.76
N TRP B 401 22.91 17.71 -1.55
CA TRP B 401 23.65 18.61 -0.69
C TRP B 401 25.12 18.20 -0.65
N VAL B 402 25.96 19.13 -0.16
CA VAL B 402 27.40 18.88 -0.15
C VAL B 402 27.77 17.81 0.88
N GLY B 403 27.12 17.82 2.04
CA GLY B 403 27.51 16.93 3.12
C GLY B 403 27.13 15.48 2.92
N GLY B 404 26.49 15.15 1.80
CA GLY B 404 26.04 13.81 1.51
C GLY B 404 24.58 13.58 1.81
N ARG B 405 23.96 14.43 2.61
CA ARG B 405 22.53 14.34 2.85
C ARG B 405 21.77 14.79 1.60
N THR B 406 20.59 14.21 1.40
CA THR B 406 19.79 14.45 0.21
C THR B 406 18.44 15.06 0.59
N GLY B 407 17.83 15.72 -0.39
CA GLY B 407 16.52 16.32 -0.19
C GLY B 407 16.51 17.45 0.82
N VAL B 408 17.55 18.28 0.85
CA VAL B 408 17.60 19.40 1.78
C VAL B 408 16.57 20.45 1.39
N SER B 409 16.54 20.82 0.12
CA SER B 409 15.64 21.86 -0.38
C SER B 409 14.58 21.22 -1.27
N GLN B 410 13.32 21.50 -0.96
CA GLN B 410 12.19 20.97 -1.72
C GLN B 410 11.35 22.12 -2.25
N LEU B 411 10.72 21.88 -3.39
CA LEU B 411 9.82 22.88 -3.97
C LEU B 411 8.64 23.11 -3.03
N LEU B 412 8.30 24.37 -2.79
CA LEU B 412 7.28 24.70 -1.80
C LEU B 412 5.92 24.18 -2.24
N ASP B 413 5.24 23.48 -1.34
CA ASP B 413 3.92 22.95 -1.62
C ASP B 413 2.89 24.06 -1.46
N ARG B 414 2.11 24.31 -2.52
CA ARG B 414 1.14 25.40 -2.54
C ARG B 414 -0.20 24.91 -3.07
N THR B 415 -0.66 23.76 -2.57
CA THR B 415 -2.03 23.35 -2.85
C THR B 415 -3.02 24.27 -2.14
N ASN B 416 -2.68 24.71 -0.93
CA ASN B 416 -3.49 25.66 -0.18
C ASN B 416 -2.58 26.34 0.84
N TRP B 417 -3.19 27.09 1.77
CA TRP B 417 -2.43 27.79 2.80
C TRP B 417 -1.82 26.80 3.78
N LEU B 418 -2.61 25.81 4.20
CA LEU B 418 -2.15 24.87 5.23
C LEU B 418 -0.96 24.05 4.77
N SER B 419 -0.98 23.60 3.51
CA SER B 419 0.13 22.82 3.00
C SER B 419 1.42 23.63 3.00
N MET B 420 1.34 24.89 2.59
CA MET B 420 2.52 25.75 2.59
C MET B 420 3.05 25.95 4.00
N LEU B 421 2.16 26.25 4.94
CA LEU B 421 2.61 26.46 6.32
C LEU B 421 3.25 25.21 6.90
N SER B 422 2.61 24.06 6.71
CA SER B 422 3.16 22.81 7.24
C SER B 422 4.50 22.48 6.60
N HIS B 423 4.61 22.69 5.29
CA HIS B 423 5.85 22.35 4.60
C HIS B 423 6.97 23.29 5.02
N LEU B 424 6.64 24.54 5.34
CA LEU B 424 7.63 25.45 5.93
C LEU B 424 8.08 24.95 7.30
N ARG B 425 7.13 24.57 8.15
CA ARG B 425 7.45 24.14 9.51
C ARG B 425 7.58 22.62 9.59
N ARG B 426 8.61 22.09 8.94
CA ARG B 426 8.80 20.65 8.86
C ARG B 426 10.22 20.26 9.26
N VAL B 427 10.32 19.25 10.11
CA VAL B 427 11.59 18.68 10.57
C VAL B 427 11.63 17.23 10.15
N VAL B 428 12.65 16.86 9.38
CA VAL B 428 12.82 15.49 8.89
C VAL B 428 13.97 14.86 9.64
N SER B 429 13.71 13.68 10.22
CA SER B 429 14.74 12.96 10.96
C SER B 429 15.64 12.22 9.99
N SER B 430 16.96 12.40 10.13
CA SER B 430 17.91 11.79 9.22
C SER B 430 17.86 10.27 9.30
N LEU B 431 17.72 9.72 10.50
CA LEU B 431 17.67 8.28 10.68
C LEU B 431 16.40 7.70 10.06
N ASN B 437 14.37 2.43 12.63
CA ASN B 437 14.22 1.76 13.93
C ASN B 437 12.83 2.00 14.51
N PHE B 438 12.26 0.96 15.12
CA PHE B 438 10.96 1.10 15.74
C PHE B 438 10.99 2.00 16.97
N GLU B 439 12.16 2.18 17.58
CA GLU B 439 12.27 3.02 18.76
C GLU B 439 12.23 4.50 18.38
N ALA B 440 12.85 4.88 17.27
CA ALA B 440 12.87 6.28 16.86
C ALA B 440 11.50 6.75 16.38
N ARG B 441 10.72 5.85 15.80
CA ARG B 441 9.38 6.22 15.34
C ARG B 441 8.44 6.48 16.51
N ASP B 442 8.71 5.87 17.66
CA ASP B 442 7.82 5.99 18.81
C ASP B 442 7.77 7.44 19.29
N LEU B 443 6.60 7.84 19.77
CA LEU B 443 6.43 9.19 20.32
C LEU B 443 7.09 9.26 21.69
N HIS B 444 7.97 10.23 21.86
CA HIS B 444 8.72 10.39 23.10
C HIS B 444 8.06 11.46 23.96
N GLY B 445 8.07 11.24 25.28
CA GLY B 445 7.51 12.23 26.19
C GLY B 445 8.22 13.56 26.15
N THR B 446 9.45 13.59 25.62
CA THR B 446 10.19 14.84 25.47
C THR B 446 9.60 15.72 24.37
N GLN B 447 8.83 15.14 23.45
CA GLN B 447 8.26 15.91 22.35
C GLN B 447 7.16 16.86 22.78
N TRP B 448 6.72 16.79 24.04
CA TRP B 448 5.67 17.67 24.54
C TRP B 448 6.07 19.13 24.36
N GLY B 449 5.26 19.88 23.62
CA GLY B 449 5.49 21.28 23.41
C GLY B 449 6.51 21.62 22.34
N ARG B 450 7.12 20.62 21.72
CA ARG B 450 8.13 20.83 20.69
C ARG B 450 7.72 20.30 19.33
N MET B 451 7.11 19.12 19.28
CA MET B 451 6.65 18.54 18.02
C MET B 451 5.21 18.08 18.17
N CYS B 452 4.48 18.16 17.06
CA CYS B 452 3.07 17.77 17.08
C CYS B 452 2.95 16.26 17.20
N PRO B 453 2.14 15.75 18.13
CA PRO B 453 2.02 14.29 18.27
C PRO B 453 1.18 13.65 17.18
N PHE B 454 0.31 14.41 16.53
CA PHE B 454 -0.59 13.87 15.52
C PHE B 454 -0.01 13.95 14.12
N GLU B 455 0.55 15.10 13.75
CA GLU B 455 1.05 15.31 12.40
C GLU B 455 2.28 14.45 12.16
N THR B 456 2.09 13.36 11.41
CA THR B 456 3.17 12.52 10.94
C THR B 456 2.65 11.70 9.77
N PRO B 457 3.48 11.43 8.76
CA PRO B 457 3.01 10.64 7.62
C PRO B 457 2.76 9.19 8.01
N GLU B 458 1.93 8.54 7.20
CA GLU B 458 1.62 7.12 7.40
C GLU B 458 2.49 6.28 6.47
N GLY B 459 3.14 5.27 7.03
CA GLY B 459 3.98 4.39 6.24
C GLY B 459 5.41 4.32 6.76
N PRO B 460 6.37 4.28 5.84
CA PRO B 460 7.78 4.21 6.25
C PRO B 460 8.27 5.44 6.98
N ASN B 461 7.57 6.58 6.86
CA ASN B 461 8.00 7.82 7.48
C ASN B 461 7.22 8.16 8.74
N SER B 462 6.50 7.19 9.31
CA SER B 462 5.72 7.46 10.52
C SER B 462 6.66 7.72 11.70
N GLY B 463 6.61 8.95 12.22
CA GLY B 463 7.45 9.33 13.34
C GLY B 463 8.79 9.93 12.95
N LEU B 464 9.16 9.90 11.68
CA LEU B 464 10.42 10.46 11.21
C LEU B 464 10.27 11.87 10.65
N VAL B 465 9.09 12.22 10.14
CA VAL B 465 8.80 13.57 9.66
C VAL B 465 7.80 14.18 10.62
N LYS B 466 8.17 15.30 11.23
CA LYS B 466 7.35 15.95 12.25
C LYS B 466 7.19 17.43 11.91
N ASN B 467 6.26 18.07 12.58
CA ASN B 467 6.03 19.50 12.42
C ASN B 467 6.33 20.22 13.73
N LEU B 468 6.98 21.38 13.61
CA LEU B 468 7.29 22.18 14.79
C LEU B 468 6.01 22.63 15.47
N ALA B 469 6.01 22.57 16.80
CA ALA B 469 4.81 22.88 17.56
C ALA B 469 4.46 24.37 17.46
N LEU B 470 3.32 24.73 18.02
CA LEU B 470 2.85 26.11 17.95
C LEU B 470 3.78 27.05 18.69
N LEU B 471 4.27 26.63 19.85
CA LEU B 471 5.14 27.46 20.67
C LEU B 471 6.50 26.81 20.83
N ALA B 472 7.08 26.36 19.73
CA ALA B 472 8.40 25.74 19.73
C ALA B 472 9.37 26.62 18.97
N GLN B 473 10.52 26.90 19.58
CA GLN B 473 11.55 27.73 18.98
C GLN B 473 12.85 26.93 18.89
N VAL B 474 13.55 27.06 17.77
CA VAL B 474 14.84 26.43 17.58
C VAL B 474 15.93 27.40 18.03
N SER B 475 16.87 26.90 18.83
CA SER B 475 17.93 27.75 19.36
C SER B 475 18.80 28.30 18.23
N VAL B 476 19.24 29.54 18.39
CA VAL B 476 20.11 30.17 17.40
C VAL B 476 21.58 29.96 17.74
N GLY B 477 21.93 30.01 19.01
CA GLY B 477 23.28 29.72 19.45
C GLY B 477 24.11 30.95 19.67
N ILE B 478 25.06 30.86 20.60
CA ILE B 478 25.99 31.94 20.91
C ILE B 478 27.39 31.34 21.03
N ASN B 479 28.38 32.22 21.12
CA ASN B 479 29.77 31.78 21.24
C ASN B 479 30.00 31.08 22.58
N GLU B 480 30.82 30.03 22.55
CA GLU B 480 31.07 29.25 23.76
C GLU B 480 31.97 30.01 24.73
N SER B 481 32.79 30.93 24.23
CA SER B 481 33.81 31.57 25.06
C SER B 481 33.18 32.39 26.18
N VAL B 482 32.11 33.13 25.89
CA VAL B 482 31.49 33.97 26.90
C VAL B 482 30.88 33.12 28.01
N VAL B 483 30.25 32.01 27.66
CA VAL B 483 29.67 31.13 28.68
C VAL B 483 30.77 30.47 29.49
N GLU B 484 31.88 30.09 28.84
CA GLU B 484 33.00 29.53 29.58
C GLU B 484 33.55 30.53 30.58
N ARG B 485 33.71 31.79 30.15
CA ARG B 485 34.21 32.83 31.05
C ARG B 485 33.27 33.06 32.22
N VAL B 486 31.96 33.12 31.96
CA VAL B 486 31.03 33.38 33.06
C VAL B 486 30.98 32.20 34.02
N ALA B 487 31.10 30.97 33.51
CA ALA B 487 31.13 29.81 34.39
C ALA B 487 32.39 29.79 35.25
N TYR B 488 33.54 30.13 34.66
CA TYR B 488 34.77 30.18 35.44
C TYR B 488 34.73 31.31 36.48
N GLU B 489 34.14 32.44 36.11
CA GLU B 489 34.01 33.55 37.06
C GLU B 489 33.04 33.22 38.18
N LEU B 490 32.04 32.38 37.91
CA LEU B 490 31.08 32.01 38.95
C LEU B 490 31.75 31.21 40.06
N GLY B 491 32.84 30.51 39.76
CA GLY B 491 33.56 29.79 40.78
C GLY B 491 33.90 28.35 40.42
N VAL B 492 33.70 27.99 39.15
CA VAL B 492 34.01 26.64 38.71
C VAL B 492 35.51 26.45 38.66
N VAL B 493 36.00 25.40 39.32
CA VAL B 493 37.42 25.10 39.36
C VAL B 493 37.75 24.17 38.20
N SER B 494 38.74 24.55 37.38
CA SER B 494 39.07 23.79 36.19
C SER B 494 39.54 22.39 36.56
N VAL B 495 39.32 21.45 35.64
CA VAL B 495 39.69 20.05 35.91
C VAL B 495 41.20 19.91 36.06
N GLU B 496 41.97 20.61 35.22
CA GLU B 496 43.42 20.55 35.34
C GLU B 496 43.88 21.20 36.63
N ASP B 497 43.23 22.28 37.06
CA ASP B 497 43.57 22.90 38.34
C ASP B 497 43.25 21.97 39.49
N VAL B 498 42.12 21.27 39.43
CA VAL B 498 41.76 20.34 40.49
C VAL B 498 42.77 19.20 40.57
N ILE B 499 43.13 18.63 39.41
CA ILE B 499 44.11 17.54 39.40
C ILE B 499 45.45 18.02 39.92
N ARG B 500 45.86 19.24 39.53
CA ARG B 500 47.12 19.79 40.01
C ARG B 500 47.10 19.96 41.53
N ARG B 501 46.01 20.50 42.06
CA ARG B 501 45.95 20.76 43.50
C ARG B 501 45.69 19.51 44.32
N ILE B 502 45.33 18.39 43.67
CA ILE B 502 45.40 17.12 44.40
C ILE B 502 46.80 16.51 44.31
N SER B 503 47.49 16.69 43.18
CA SER B 503 48.79 16.08 42.97
C SER B 503 49.92 16.97 43.49
N GLU B 504 50.00 18.21 42.99
CA GLU B 504 51.06 19.12 43.41
C GLU B 504 50.95 19.43 44.91
N GLN B 505 49.74 19.64 45.40
CA GLN B 505 49.49 19.87 46.81
C GLN B 505 48.70 18.70 47.38
N ASN B 506 49.03 18.31 48.61
CA ASN B 506 48.37 17.20 49.29
C ASN B 506 46.99 17.66 49.74
N GLU B 507 45.95 17.08 49.16
CA GLU B 507 44.57 17.41 49.51
C GLU B 507 43.75 16.13 49.56
N ASP B 508 42.57 16.23 50.15
CA ASP B 508 41.68 15.08 50.29
C ASP B 508 40.98 14.79 48.97
N VAL B 509 41.14 13.57 48.47
CA VAL B 509 40.45 13.18 47.24
C VAL B 509 38.95 13.08 47.49
N GLU B 510 38.55 12.61 48.67
CA GLU B 510 37.13 12.52 48.99
C GLU B 510 36.49 13.90 49.12
N LYS B 511 37.28 14.94 49.36
CA LYS B 511 36.73 16.29 49.38
C LYS B 511 36.20 16.69 48.02
N TYR B 512 36.91 16.32 46.96
CA TYR B 512 36.52 16.66 45.59
C TYR B 512 35.69 15.57 44.93
N MET B 513 35.62 14.37 45.53
CA MET B 513 34.72 13.34 45.03
C MET B 513 33.25 13.71 45.23
N SER B 514 32.94 14.41 46.32
CA SER B 514 31.56 14.81 46.58
C SER B 514 31.17 16.06 45.78
N TRP B 515 32.12 16.69 45.10
CA TRP B 515 31.81 17.88 44.32
C TRP B 515 31.00 17.50 43.08
N SER B 516 30.37 18.50 42.48
CA SER B 516 29.54 18.29 41.30
C SER B 516 30.32 18.63 40.04
N LYS B 517 30.37 17.69 39.10
CA LYS B 517 30.97 17.96 37.81
C LYS B 517 30.15 18.99 37.05
N VAL B 518 30.83 19.85 36.30
CA VAL B 518 30.20 20.90 35.51
C VAL B 518 30.64 20.73 34.07
N TYR B 519 29.68 20.50 33.19
CA TYR B 519 29.91 20.30 31.76
C TYR B 519 29.40 21.51 30.99
N LEU B 520 30.03 21.78 29.85
CA LEU B 520 29.59 22.85 28.96
C LEU B 520 29.59 22.30 27.54
N ASN B 521 28.41 22.20 26.94
CA ASN B 521 28.24 21.68 25.59
C ASN B 521 28.81 20.27 25.45
N GLY B 522 28.64 19.46 26.49
CA GLY B 522 29.11 18.10 26.49
C GLY B 522 30.59 17.92 26.80
N ARG B 523 31.30 19.00 27.10
CA ARG B 523 32.72 18.93 27.43
C ARG B 523 32.89 19.21 28.92
N LEU B 524 33.66 18.36 29.60
CA LEU B 524 33.89 18.51 31.02
C LEU B 524 34.58 19.84 31.31
N LEU B 525 33.88 20.75 31.96
CA LEU B 525 34.40 22.10 32.17
C LEU B 525 35.11 22.23 33.51
N GLY B 526 34.58 21.61 34.56
CA GLY B 526 35.24 21.72 35.85
C GLY B 526 34.45 21.09 36.98
N TYR B 527 34.68 21.59 38.19
CA TYR B 527 34.03 21.10 39.39
C TYR B 527 33.43 22.27 40.16
N TYR B 528 32.38 21.99 40.93
CA TYR B 528 31.71 23.02 41.73
C TYR B 528 31.28 22.43 43.06
N GLU B 529 31.02 23.33 44.02
CA GLU B 529 30.65 22.91 45.36
C GLU B 529 29.36 22.08 45.34
N ASP B 530 28.32 22.63 44.73
CA ASP B 530 27.01 21.98 44.65
C ASP B 530 26.34 22.37 43.34
N GLY B 531 25.71 21.40 42.69
CA GLY B 531 25.10 21.67 41.39
C GLY B 531 23.89 22.59 41.47
N LYS B 532 23.06 22.42 42.50
CA LYS B 532 21.83 23.19 42.57
C LYS B 532 22.11 24.69 42.66
N GLU B 533 23.09 25.08 43.48
CA GLU B 533 23.39 26.50 43.65
C GLU B 533 23.90 27.11 42.35
N LEU B 534 24.79 26.40 41.66
CA LEU B 534 25.32 26.93 40.40
C LEU B 534 24.22 27.02 39.34
N ALA B 535 23.36 26.00 39.27
CA ALA B 535 22.25 26.05 38.32
C ALA B 535 21.32 27.23 38.61
N LYS B 536 21.01 27.45 39.89
CA LYS B 536 20.17 28.58 40.25
C LYS B 536 20.84 29.91 39.92
N LYS B 537 22.15 30.00 40.16
CA LYS B 537 22.88 31.22 39.82
C LYS B 537 22.83 31.50 38.33
N ILE B 538 23.05 30.47 37.50
CA ILE B 538 23.02 30.66 36.06
C ILE B 538 21.62 31.04 35.59
N ARG B 539 20.59 30.37 36.14
CA ARG B 539 19.22 30.70 35.75
C ARG B 539 18.86 32.13 36.13
N GLU B 540 19.23 32.56 37.33
CA GLU B 540 18.92 33.93 37.75
C GLU B 540 19.70 34.95 36.94
N SER B 541 20.96 34.65 36.62
CA SER B 541 21.74 35.56 35.79
C SER B 541 21.12 35.70 34.41
N ARG B 542 20.65 34.59 33.82
CA ARG B 542 19.98 34.67 32.53
C ARG B 542 18.68 35.44 32.61
N ARG B 543 17.90 35.21 33.67
CA ARG B 543 16.60 35.88 33.80
C ARG B 543 16.78 37.39 33.99
N GLN B 544 17.78 37.80 34.77
CA GLN B 544 18.02 39.22 34.99
C GLN B 544 18.56 39.93 33.76
N GLY B 545 18.93 39.20 32.72
CA GLY B 545 19.46 39.79 31.51
C GLY B 545 20.97 39.92 31.47
N LYS B 546 21.67 39.60 32.56
CA LYS B 546 23.13 39.66 32.54
C LYS B 546 23.71 38.62 31.60
N LEU B 547 23.22 37.39 31.68
CA LEU B 547 23.64 36.32 30.80
C LEU B 547 22.73 36.24 29.58
N SER B 548 23.25 35.64 28.51
CA SER B 548 22.46 35.48 27.30
C SER B 548 21.32 34.48 27.53
N ASP B 549 20.24 34.66 26.76
CA ASP B 549 19.07 33.81 26.90
C ASP B 549 19.21 32.46 26.23
N GLU B 550 20.29 32.25 25.47
CA GLU B 550 20.52 30.99 24.78
C GLU B 550 21.18 29.94 25.65
N VAL B 551 21.50 30.27 26.90
CA VAL B 551 22.17 29.36 27.82
C VAL B 551 21.13 28.62 28.64
N ASN B 552 21.18 27.30 28.60
CA ASN B 552 20.27 26.45 29.38
C ASN B 552 21.09 25.57 30.30
N VAL B 553 20.77 25.58 31.59
CA VAL B 553 21.52 24.87 32.61
C VAL B 553 20.62 23.84 33.27
N ALA B 554 21.17 22.64 33.51
CA ALA B 554 20.44 21.56 34.15
C ALA B 554 21.33 20.89 35.18
N TYR B 555 20.70 20.29 36.19
CA TYR B 555 21.39 19.60 37.27
C TYR B 555 20.80 18.22 37.42
N ILE B 556 21.63 17.18 37.26
CA ILE B 556 21.13 15.81 37.21
C ILE B 556 20.83 15.29 38.60
N ALA B 557 21.85 15.23 39.46
CA ALA B 557 21.69 14.81 40.86
C ALA B 557 21.13 13.39 40.99
N THR B 558 21.57 12.50 40.12
CA THR B 558 21.30 11.09 40.32
C THR B 558 22.05 10.61 41.56
N ASP B 559 21.47 9.63 42.26
CA ASP B 559 22.08 9.15 43.49
C ASP B 559 23.50 8.64 43.25
N TYR B 560 23.74 8.03 42.08
CA TYR B 560 25.08 7.57 41.75
C TYR B 560 26.01 8.72 41.35
N LEU B 561 25.50 9.66 40.56
CA LEU B 561 26.33 10.73 40.00
C LEU B 561 25.53 12.02 39.91
N ASN B 562 26.20 13.14 40.20
CA ASN B 562 25.61 14.46 40.04
C ASN B 562 26.47 15.29 39.11
N GLU B 563 25.82 15.98 38.16
CA GLU B 563 26.52 16.77 37.16
C GLU B 563 25.72 18.03 36.87
N VAL B 564 26.39 19.02 36.29
CA VAL B 564 25.75 20.23 35.80
C VAL B 564 26.03 20.33 34.31
N HIS B 565 24.96 20.41 33.52
CA HIS B 565 25.08 20.49 32.06
C HIS B 565 24.66 21.87 31.61
N ILE B 566 25.55 22.55 30.89
CA ILE B 566 25.29 23.88 30.36
C ILE B 566 25.34 23.79 28.84
N ASN B 567 24.26 24.20 28.17
CA ASN B 567 24.15 24.14 26.72
C ASN B 567 23.94 25.54 26.17
N CYS B 568 24.70 25.88 25.14
CA CYS B 568 24.54 27.15 24.45
C CYS B 568 24.64 26.99 22.94
N ASP B 569 24.70 25.77 22.43
CA ASP B 569 24.84 25.52 21.01
C ASP B 569 23.50 25.70 20.30
N ALA B 570 23.57 25.74 18.97
CA ALA B 570 22.38 25.93 18.14
C ALA B 570 21.68 24.61 17.88
N GLY B 571 20.44 24.71 17.39
CA GLY B 571 19.67 23.56 17.01
C GLY B 571 18.79 22.96 18.09
N ARG B 572 18.88 23.45 19.33
CA ARG B 572 18.07 22.93 20.40
C ARG B 572 16.64 23.43 20.26
N VAL B 573 15.68 22.51 20.33
CA VAL B 573 14.27 22.87 20.23
C VAL B 573 13.77 23.21 21.63
N ARG B 574 13.43 24.47 21.85
CA ARG B 574 13.11 24.99 23.17
C ARG B 574 11.77 25.70 23.13
N ARG B 575 11.05 25.63 24.25
CA ARG B 575 9.69 26.15 24.31
C ARG B 575 9.55 27.11 25.48
N PRO B 576 8.65 28.09 25.37
CA PRO B 576 8.52 29.09 26.44
C PRO B 576 7.53 28.67 27.51
N LEU B 577 7.92 28.91 28.75
CA LEU B 577 7.08 28.63 29.91
C LEU B 577 7.07 29.84 30.82
N ILE B 578 5.92 30.08 31.44
CA ILE B 578 5.81 31.14 32.44
C ILE B 578 6.52 30.70 33.71
N ILE B 579 7.42 31.54 34.21
CA ILE B 579 8.14 31.23 35.43
C ILE B 579 7.20 31.37 36.62
N VAL B 580 7.19 30.37 37.49
CA VAL B 580 6.33 30.36 38.68
C VAL B 580 7.22 30.34 39.90
N ASN B 581 7.07 31.34 40.77
CA ASN B 581 7.83 31.46 42.00
C ASN B 581 6.89 31.44 43.19
N ASN B 582 7.15 30.54 44.13
CA ASN B 582 6.35 30.40 45.36
C ASN B 582 4.88 30.19 45.03
N GLY B 583 4.59 29.41 43.99
CA GLY B 583 3.23 29.08 43.64
C GLY B 583 2.46 30.18 42.95
N THR B 584 3.11 31.30 42.60
CA THR B 584 2.46 32.39 41.89
C THR B 584 3.28 32.72 40.65
N PRO B 585 2.67 32.74 39.46
CA PRO B 585 3.44 33.03 38.25
C PRO B 585 3.97 34.46 38.27
N LEU B 586 5.13 34.65 37.63
CA LEU B 586 5.74 35.97 37.58
C LEU B 586 4.89 36.95 36.78
N VAL B 587 4.25 36.47 35.70
CA VAL B 587 3.34 37.33 34.95
C VAL B 587 2.12 37.62 35.82
N ASP B 588 1.73 38.88 35.88
CA ASP B 588 0.70 39.34 36.79
C ASP B 588 -0.43 40.04 36.03
N THR B 589 -1.38 40.59 36.78
CA THR B 589 -2.51 41.27 36.16
C THR B 589 -2.07 42.51 35.40
N GLU B 590 -1.11 43.26 35.94
CA GLU B 590 -0.62 44.45 35.26
C GLU B 590 0.02 44.10 33.92
N ASP B 591 0.78 43.01 33.87
CA ASP B 591 1.39 42.58 32.62
C ASP B 591 0.34 42.23 31.59
N ILE B 592 -0.73 41.55 32.01
CA ILE B 592 -1.79 41.19 31.07
C ILE B 592 -2.53 42.43 30.59
N LYS B 593 -2.76 43.40 31.49
CA LYS B 593 -3.39 44.64 31.07
C LYS B 593 -2.52 45.39 30.06
N LYS B 594 -1.20 45.41 30.28
CA LYS B 594 -0.31 46.04 29.32
C LYS B 594 -0.31 45.31 27.99
N LEU B 595 -0.37 43.97 28.02
CA LEU B 595 -0.45 43.20 26.78
C LEU B 595 -1.72 43.55 26.01
N LYS B 596 -2.86 43.59 26.71
CA LYS B 596 -4.13 43.90 26.06
C LYS B 596 -4.12 45.32 25.50
N ASN B 597 -3.56 46.28 26.24
CA ASN B 597 -3.42 47.63 25.73
C ASN B 597 -2.38 47.70 24.61
N GLY B 598 -1.38 46.82 24.64
CA GLY B 598 -0.33 46.81 23.65
C GLY B 598 0.96 47.50 24.07
N GLU B 599 1.08 47.90 25.33
CA GLU B 599 2.30 48.58 25.77
C GLU B 599 3.52 47.67 25.66
N ILE B 600 3.38 46.41 26.05
CA ILE B 600 4.48 45.45 26.00
C ILE B 600 4.03 44.22 25.22
N THR B 601 5.00 43.50 24.68
CA THR B 601 4.75 42.34 23.86
C THR B 601 5.38 41.09 24.50
N PHE B 602 5.34 39.98 23.76
CA PHE B 602 5.94 38.74 24.25
C PHE B 602 7.44 38.88 24.44
N ASP B 603 8.10 39.60 23.52
CA ASP B 603 9.54 39.82 23.66
C ASP B 603 9.85 40.63 24.91
N ASP B 604 9.03 41.62 25.21
CA ASP B 604 9.22 42.37 26.45
C ASP B 604 9.01 41.48 27.67
N LEU B 605 8.06 40.55 27.58
CA LEU B 605 7.84 39.61 28.68
C LEU B 605 9.04 38.71 28.90
N VAL B 606 9.63 38.19 27.82
CA VAL B 606 10.77 37.30 27.99
C VAL B 606 12.01 38.08 28.42
N LYS B 607 12.16 39.32 27.97
CA LYS B 607 13.28 40.14 28.43
C LYS B 607 13.16 40.47 29.91
N GLN B 608 11.95 40.74 30.38
CA GLN B 608 11.74 41.08 31.78
C GLN B 608 11.98 39.89 32.71
N GLY B 609 12.10 38.68 32.17
CA GLY B 609 12.29 37.51 32.97
C GLY B 609 11.03 36.81 33.43
N LYS B 610 9.87 37.24 32.95
CA LYS B 610 8.62 36.60 33.35
C LYS B 610 8.45 35.24 32.67
N ILE B 611 8.79 35.14 31.39
CA ILE B 611 8.62 33.93 30.60
C ILE B 611 9.98 33.55 30.03
N GLU B 612 10.35 32.27 30.16
CA GLU B 612 11.66 31.82 29.72
C GLU B 612 11.54 30.62 28.79
N PHE B 613 12.40 30.58 27.78
CA PHE B 613 12.48 29.43 26.89
C PHE B 613 13.42 28.38 27.48
N ILE B 614 12.94 27.14 27.55
CA ILE B 614 13.75 26.06 28.11
C ILE B 614 13.84 24.93 27.10
N ASP B 615 14.95 24.20 27.16
CA ASP B 615 15.19 23.04 26.33
C ASP B 615 14.82 21.77 27.09
N ALA B 616 15.00 20.62 26.45
CA ALA B 616 14.69 19.35 27.09
C ALA B 616 15.57 19.10 28.31
N GLU B 617 16.86 19.41 28.20
CA GLU B 617 17.78 19.18 29.31
C GLU B 617 17.39 20.03 30.52
N GLU B 618 17.08 21.30 30.29
CA GLU B 618 16.63 22.15 31.39
C GLU B 618 15.26 21.73 31.90
N GLU B 619 14.38 21.28 31.00
CA GLU B 619 13.07 20.81 31.41
C GLU B 619 13.14 19.49 32.17
N GLU B 620 14.30 18.83 32.18
CA GLU B 620 14.43 17.59 32.94
C GLU B 620 14.16 17.82 34.42
N ASN B 621 14.62 18.94 34.98
CA ASN B 621 14.39 19.26 36.37
C ASN B 621 13.34 20.36 36.56
N ALA B 622 12.47 20.56 35.58
CA ALA B 622 11.35 21.49 35.72
C ALA B 622 10.08 20.73 36.06
N TYR B 623 9.23 21.38 36.85
CA TYR B 623 7.94 20.82 37.25
C TYR B 623 6.85 21.80 36.82
N VAL B 624 6.01 21.37 35.89
CA VAL B 624 5.13 22.27 35.15
C VAL B 624 3.68 21.97 35.52
N ALA B 625 2.84 23.00 35.48
CA ALA B 625 1.42 22.88 35.72
C ALA B 625 0.64 23.35 34.51
N LEU B 626 -0.39 22.58 34.13
CA LEU B 626 -1.20 22.94 32.96
C LEU B 626 -1.96 24.23 33.21
N ASN B 627 -2.57 24.38 34.38
CA ASN B 627 -3.47 25.47 34.66
C ASN B 627 -3.10 26.14 35.97
N PRO B 628 -3.44 27.42 36.13
CA PRO B 628 -3.15 28.09 37.40
C PRO B 628 -3.82 27.47 38.61
N GLN B 629 -4.95 26.80 38.44
CA GLN B 629 -5.58 26.14 39.58
C GLN B 629 -4.85 24.86 39.98
N ASP B 630 -4.03 24.31 39.09
CA ASP B 630 -3.17 23.18 39.43
C ASP B 630 -1.86 23.62 40.05
N LEU B 631 -1.63 24.92 40.19
CA LEU B 631 -0.35 25.43 40.63
C LEU B 631 -0.16 25.24 42.14
N THR B 632 1.02 24.77 42.51
CA THR B 632 1.41 24.51 43.89
C THR B 632 2.77 25.16 44.11
N PRO B 633 3.15 25.40 45.37
CA PRO B 633 4.49 25.96 45.62
C PRO B 633 5.63 25.09 45.12
N ASP B 634 5.41 23.79 44.98
CA ASP B 634 6.45 22.91 44.44
C ASP B 634 6.65 23.15 42.95
N HIS B 635 5.63 23.66 42.26
CA HIS B 635 5.72 23.84 40.81
C HIS B 635 6.74 24.92 40.47
N THR B 636 7.42 24.72 39.34
CA THR B 636 8.44 25.64 38.86
C THR B 636 7.99 26.46 37.66
N HIS B 637 7.14 25.92 36.80
CA HIS B 637 6.75 26.59 35.58
C HIS B 637 5.25 26.43 35.35
N LEU B 638 4.75 27.18 34.37
CA LEU B 638 3.37 27.11 33.92
C LEU B 638 3.36 27.18 32.40
N GLU B 639 2.33 26.59 31.78
CA GLU B 639 2.22 26.56 30.33
C GLU B 639 1.48 27.78 29.84
N ILE B 640 2.04 28.45 28.82
CA ILE B 640 1.38 29.62 28.24
C ILE B 640 0.06 29.22 27.60
N TRP B 641 0.06 28.12 26.87
CA TRP B 641 -1.14 27.66 26.17
C TRP B 641 -1.21 26.14 26.25
N PRO B 642 -2.18 25.58 26.97
CA PRO B 642 -2.26 24.11 27.09
C PRO B 642 -2.44 23.39 25.76
N SER B 643 -3.09 24.02 24.79
CA SER B 643 -3.34 23.41 23.49
C SER B 643 -2.28 23.80 22.46
N ALA B 644 -1.14 24.31 22.91
CA ALA B 644 -0.04 24.64 22.01
C ALA B 644 0.87 23.46 21.74
N ILE B 645 0.59 22.29 22.30
CA ILE B 645 1.38 21.11 22.00
C ILE B 645 1.15 20.64 20.56
N LEU B 646 0.09 21.11 19.93
CA LEU B 646 -0.25 20.72 18.57
C LEU B 646 0.54 21.55 17.56
N GLY B 647 0.41 21.20 16.29
CA GLY B 647 1.03 21.92 15.20
C GLY B 647 0.07 22.86 14.52
N ILE B 648 0.42 23.24 13.28
CA ILE B 648 -0.43 24.11 12.50
C ILE B 648 -1.71 23.39 12.07
N ILE B 649 -1.59 22.12 11.69
CA ILE B 649 -2.75 21.40 11.17
C ILE B 649 -3.55 20.76 12.31
N ALA B 650 -2.87 20.25 13.34
CA ALA B 650 -3.60 19.66 14.45
C ALA B 650 -4.44 20.68 15.19
N SER B 651 -4.15 21.97 15.04
CA SER B 651 -4.99 23.01 15.60
C SER B 651 -6.14 23.39 14.67
N ILE B 652 -6.20 22.81 13.47
CA ILE B 652 -7.35 23.03 12.59
C ILE B 652 -8.56 22.27 13.10
N ILE B 653 -8.35 21.08 13.66
CA ILE B 653 -9.44 20.19 14.06
C ILE B 653 -10.28 20.85 15.15
N PRO B 654 -11.60 20.84 15.06
CA PRO B 654 -12.43 21.23 16.20
C PRO B 654 -12.74 20.05 17.10
N TYR B 655 -12.62 20.28 18.40
CA TYR B 655 -12.76 19.24 19.41
C TYR B 655 -11.90 18.02 19.10
N PRO B 656 -10.58 18.19 18.93
CA PRO B 656 -9.74 17.05 18.56
C PRO B 656 -9.54 16.04 19.67
N GLU B 657 -9.83 16.40 20.92
CA GLU B 657 -9.64 15.45 22.00
C GLU B 657 -10.76 14.42 22.07
N HIS B 658 -11.84 14.62 21.34
CA HIS B 658 -12.92 13.64 21.27
C HIS B 658 -12.73 12.62 20.15
N ASN B 659 -11.72 12.79 19.31
CA ASN B 659 -11.44 11.87 18.23
C ASN B 659 -10.38 10.85 18.65
N GLN B 660 -10.24 9.81 17.84
CA GLN B 660 -9.14 8.87 18.01
C GLN B 660 -7.90 9.43 17.36
N SER B 661 -6.74 9.09 17.93
CA SER B 661 -5.48 9.61 17.41
C SER B 661 -5.23 9.29 15.93
N PRO B 662 -5.51 8.08 15.42
CA PRO B 662 -5.35 7.88 13.97
C PRO B 662 -6.21 8.81 13.14
N ARG B 663 -7.42 9.14 13.62
CA ARG B 663 -8.26 10.08 12.87
C ARG B 663 -7.60 11.44 12.75
N ASN B 664 -7.02 11.94 13.85
CA ASN B 664 -6.34 13.23 13.80
C ASN B 664 -5.10 13.17 12.92
N THR B 665 -4.36 12.07 12.97
CA THR B 665 -3.19 11.92 12.12
C THR B 665 -3.58 11.92 10.64
N TYR B 666 -4.65 11.19 10.29
CA TYR B 666 -5.10 11.16 8.91
C TYR B 666 -5.63 12.52 8.47
N GLN B 667 -6.30 13.24 9.37
CA GLN B 667 -6.74 14.59 9.04
C GLN B 667 -5.55 15.48 8.73
N SER B 668 -4.50 15.40 9.55
CA SER B 668 -3.30 16.19 9.28
C SER B 668 -2.70 15.80 7.94
N ALA B 669 -2.72 14.52 7.61
CA ALA B 669 -2.15 14.07 6.34
C ALA B 669 -2.94 14.59 5.15
N MET B 670 -4.28 14.57 5.22
CA MET B 670 -5.11 14.86 4.07
C MET B 670 -5.64 16.30 4.06
N ALA B 671 -5.26 17.13 5.03
CA ALA B 671 -5.64 18.53 4.98
C ALA B 671 -4.70 19.34 4.10
N LYS B 672 -3.53 18.79 3.77
CA LYS B 672 -2.62 19.47 2.86
C LYS B 672 -3.08 19.35 1.41
N GLN B 673 -3.91 18.35 1.13
CA GLN B 673 -4.39 18.09 -0.23
C GLN B 673 -5.65 18.85 -0.59
N SER B 674 -6.28 19.51 0.38
CA SER B 674 -7.57 20.15 0.15
C SER B 674 -7.43 21.31 -0.82
N LEU B 675 -8.49 21.53 -1.60
CA LEU B 675 -8.52 22.62 -2.56
C LEU B 675 -8.94 23.92 -1.88
N GLY B 676 -8.34 25.02 -2.32
CA GLY B 676 -8.69 26.31 -1.78
C GLY B 676 -7.86 27.40 -2.41
N LEU B 677 -7.98 28.60 -1.85
CA LEU B 677 -7.19 29.75 -2.28
C LEU B 677 -5.80 29.65 -1.66
N TYR B 678 -4.80 29.32 -2.46
CA TYR B 678 -3.45 29.19 -1.91
C TYR B 678 -2.75 30.54 -1.79
N ALA B 679 -3.13 31.51 -2.62
CA ALA B 679 -2.56 32.85 -2.55
C ALA B 679 -3.52 33.82 -3.21
N SER B 680 -3.53 35.06 -2.71
CA SER B 680 -4.41 36.08 -3.27
C SER B 680 -3.95 36.53 -4.66
N ASN B 681 -2.66 36.39 -4.96
CA ASN B 681 -2.11 36.78 -6.26
C ASN B 681 -1.92 35.58 -7.17
N TYR B 682 -2.79 34.58 -7.08
CA TYR B 682 -2.65 33.38 -7.89
C TYR B 682 -2.80 33.65 -9.38
N GLN B 683 -3.44 34.75 -9.77
CA GLN B 683 -3.67 35.01 -11.19
C GLN B 683 -2.39 35.45 -11.88
N ILE B 684 -1.60 36.33 -11.25
CA ILE B 684 -0.36 36.77 -11.86
C ILE B 684 0.73 35.72 -11.72
N ARG B 685 0.68 34.92 -10.65
CA ARG B 685 1.68 33.88 -10.44
C ARG B 685 1.57 32.80 -11.50
N THR B 686 2.70 32.13 -11.75
CA THR B 686 2.78 31.04 -12.73
C THR B 686 3.27 29.79 -12.01
N ASP B 687 2.33 28.91 -11.70
CA ASP B 687 2.64 27.64 -11.03
C ASP B 687 2.31 26.48 -11.97
N THR B 688 3.12 25.43 -11.89
CA THR B 688 2.95 24.29 -12.79
C THR B 688 1.61 23.60 -12.56
N ARG B 689 1.22 23.44 -11.29
CA ARG B 689 -0.05 22.81 -10.94
C ARG B 689 -0.72 23.66 -9.87
N ALA B 690 -1.83 24.31 -10.24
CA ALA B 690 -2.55 25.18 -9.31
C ALA B 690 -4.00 24.76 -9.23
N HIS B 691 -4.62 25.01 -8.09
CA HIS B 691 -6.03 24.70 -7.88
C HIS B 691 -6.74 25.91 -7.29
N LEU B 692 -8.02 26.05 -7.61
CA LEU B 692 -8.84 27.15 -7.14
C LEU B 692 -10.23 26.66 -6.82
N LEU B 693 -10.68 26.88 -5.58
CA LEU B 693 -12.06 26.65 -5.22
C LEU B 693 -12.84 27.95 -5.42
N HIS B 694 -13.90 27.89 -6.22
CA HIS B 694 -14.56 29.12 -6.65
C HIS B 694 -15.24 29.83 -5.49
N TYR B 695 -15.92 29.10 -4.62
CA TYR B 695 -16.67 29.69 -3.50
C TYR B 695 -16.24 29.01 -2.21
N PRO B 696 -15.07 29.35 -1.69
CA PRO B 696 -14.65 28.81 -0.39
C PRO B 696 -15.26 29.59 0.76
N GLN B 697 -15.50 28.89 1.86
CA GLN B 697 -16.14 29.46 3.03
C GLN B 697 -15.28 29.22 4.25
N MET B 698 -15.17 30.23 5.11
CA MET B 698 -14.48 30.05 6.37
C MET B 698 -15.29 29.12 7.28
N PRO B 699 -14.64 28.30 8.11
CA PRO B 699 -15.38 27.36 8.95
C PRO B 699 -16.33 28.07 9.90
N LEU B 700 -17.49 27.47 10.13
CA LEU B 700 -18.41 28.00 11.14
C LEU B 700 -17.91 27.66 12.53
N VAL B 701 -17.36 26.47 12.72
CA VAL B 701 -16.77 26.04 13.98
C VAL B 701 -15.27 26.29 13.88
N GLN B 702 -14.82 27.38 14.47
CA GLN B 702 -13.46 27.85 14.30
C GLN B 702 -12.69 27.79 15.62
N THR B 703 -11.45 27.30 15.55
CA THR B 703 -10.57 27.34 16.70
C THR B 703 -9.91 28.70 16.81
N ARG B 704 -9.20 28.91 17.93
CA ARG B 704 -8.51 30.18 18.14
C ARG B 704 -7.42 30.40 17.10
N MET B 705 -6.67 29.35 16.77
CA MET B 705 -5.51 29.49 15.90
C MET B 705 -5.88 29.62 14.43
N LEU B 706 -7.15 29.44 14.08
CA LEU B 706 -7.56 29.59 12.68
C LEU B 706 -7.41 31.03 12.21
N GLY B 707 -7.77 32.00 13.06
CA GLY B 707 -7.61 33.39 12.68
C GLY B 707 -6.17 33.87 12.74
N VAL B 708 -5.34 33.21 13.55
CA VAL B 708 -3.95 33.62 13.68
C VAL B 708 -3.19 33.31 12.39
N ILE B 709 -3.36 32.10 11.85
CA ILE B 709 -2.64 31.70 10.64
C ILE B 709 -3.25 32.27 9.37
N GLY B 710 -4.33 33.05 9.49
CA GLY B 710 -4.95 33.63 8.32
C GLY B 710 -5.70 32.63 7.45
N TYR B 711 -6.06 31.47 8.01
CA TYR B 711 -6.76 30.47 7.22
C TYR B 711 -8.15 30.93 6.82
N ASN B 712 -8.83 31.66 7.70
CA ASN B 712 -10.16 32.15 7.37
C ASN B 712 -10.13 33.27 6.32
N ASP B 713 -8.95 33.79 5.98
CA ASP B 713 -8.80 34.68 4.84
C ASP B 713 -8.41 33.95 3.56
N ARG B 714 -7.90 32.73 3.67
CA ARG B 714 -7.59 31.87 2.53
C ARG B 714 -8.21 30.50 2.78
N PRO B 715 -9.52 30.41 2.78
CA PRO B 715 -10.18 29.15 3.17
C PRO B 715 -10.02 28.08 2.10
N ALA B 716 -10.17 26.83 2.51
CA ALA B 716 -9.96 25.68 1.65
C ALA B 716 -11.11 24.68 1.76
N GLY B 717 -12.35 25.16 1.73
CA GLY B 717 -13.49 24.28 1.80
C GLY B 717 -14.77 25.05 1.89
N ALA B 718 -15.85 24.35 2.24
CA ALA B 718 -17.15 24.97 2.39
C ALA B 718 -17.98 24.19 3.40
N ASN B 719 -18.79 24.91 4.17
CA ASN B 719 -19.69 24.26 5.11
C ASN B 719 -20.81 23.56 4.36
N ALA B 720 -21.03 22.29 4.67
CA ALA B 720 -22.03 21.48 4.00
C ALA B 720 -23.06 21.01 5.01
N ILE B 721 -24.33 21.21 4.70
CA ILE B 721 -25.41 20.70 5.55
C ILE B 721 -25.33 19.19 5.54
N LEU B 722 -24.97 18.61 6.68
CA LEU B 722 -24.67 17.19 6.78
C LEU B 722 -25.78 16.48 7.53
N ALA B 723 -26.29 15.40 6.93
CA ALA B 723 -27.26 14.52 7.58
C ALA B 723 -26.61 13.16 7.77
N ILE B 724 -26.56 12.70 9.01
CA ILE B 724 -25.94 11.41 9.33
C ILE B 724 -27.06 10.37 9.27
N MET B 725 -27.21 9.76 8.09
CA MET B 725 -28.26 8.76 7.89
C MET B 725 -27.90 7.94 6.66
N SER B 726 -28.49 6.75 6.59
CA SER B 726 -28.24 5.84 5.47
C SER B 726 -29.37 5.96 4.44
N TYR B 727 -29.25 6.98 3.58
CA TYR B 727 -30.39 7.37 2.75
C TYR B 727 -30.62 6.40 1.60
N THR B 728 -29.55 5.95 0.93
CA THR B 728 -29.73 5.10 -0.24
C THR B 728 -28.82 3.87 -0.25
N GLY B 729 -27.65 3.94 0.36
CA GLY B 729 -26.68 2.87 0.26
C GLY B 729 -25.50 3.16 -0.63
N TYR B 730 -25.47 4.31 -1.31
CA TYR B 730 -24.30 4.75 -2.04
C TYR B 730 -23.30 5.47 -1.15
N ASN B 731 -23.54 5.49 0.16
CA ASN B 731 -22.62 6.08 1.11
C ASN B 731 -21.97 5.05 2.01
N MET B 732 -21.90 3.80 1.57
CA MET B 732 -21.35 2.73 2.37
C MET B 732 -19.84 2.65 2.18
N GLU B 733 -19.17 2.00 3.12
CA GLU B 733 -17.72 1.82 3.07
C GLU B 733 -17.00 3.13 2.85
N ASP B 734 -17.23 4.09 3.75
CA ASP B 734 -16.55 5.38 3.74
C ASP B 734 -16.85 6.16 2.46
N SER B 735 -18.11 6.13 2.03
CA SER B 735 -18.56 6.92 0.90
C SER B 735 -19.59 7.94 1.37
N ILE B 736 -19.79 8.98 0.53
CA ILE B 736 -20.71 10.06 0.86
C ILE B 736 -21.65 10.27 -0.30
N ILE B 737 -22.79 10.90 -0.01
CA ILE B 737 -23.77 11.30 -1.01
C ILE B 737 -23.79 12.81 -1.07
N MET B 738 -23.70 13.39 -2.26
CA MET B 738 -23.72 14.84 -2.40
C MET B 738 -24.92 15.30 -3.20
N ASN B 739 -25.54 16.38 -2.73
CA ASN B 739 -26.66 17.00 -3.42
C ASN B 739 -26.19 17.52 -4.77
N LYS B 740 -26.78 17.02 -5.85
CA LYS B 740 -26.38 17.46 -7.18
C LYS B 740 -26.90 18.86 -7.51
N SER B 741 -28.03 19.26 -6.92
CA SER B 741 -28.51 20.62 -7.12
C SER B 741 -27.54 21.63 -6.53
N SER B 742 -26.95 21.32 -5.37
CA SER B 742 -25.93 22.19 -4.80
C SER B 742 -24.72 22.29 -5.72
N ILE B 743 -24.30 21.16 -6.29
CA ILE B 743 -23.17 21.16 -7.22
C ILE B 743 -23.50 22.03 -8.43
N GLU B 744 -24.72 21.92 -8.94
CA GLU B 744 -25.15 22.75 -10.07
C GLU B 744 -25.24 24.22 -9.71
N ARG B 745 -25.24 24.57 -8.43
CA ARG B 745 -25.21 25.96 -7.98
C ARG B 745 -23.80 26.40 -7.59
N GLY B 746 -22.80 25.56 -7.84
CA GLY B 746 -21.42 25.93 -7.54
C GLY B 746 -20.96 25.57 -6.16
N MET B 747 -21.39 24.42 -5.62
CA MET B 747 -21.05 24.05 -4.26
C MET B 747 -19.54 23.82 -4.11
N TYR B 748 -18.97 22.97 -4.97
CA TYR B 748 -17.55 22.66 -4.87
C TYR B 748 -16.88 22.70 -6.24
N ARG B 749 -17.38 23.53 -7.15
CA ARG B 749 -16.74 23.68 -8.44
C ARG B 749 -15.34 24.26 -8.27
N SER B 750 -14.39 23.77 -9.06
CA SER B 750 -13.01 24.20 -8.93
C SER B 750 -12.40 24.40 -10.31
N THR B 751 -11.20 24.96 -10.31
CA THR B 751 -10.45 25.21 -11.54
C THR B 751 -9.02 24.72 -11.34
N PHE B 752 -8.48 24.05 -12.34
CA PHE B 752 -7.15 23.48 -12.30
C PHE B 752 -6.29 24.14 -13.37
N PHE B 753 -5.16 24.70 -12.96
CA PHE B 753 -4.28 25.45 -13.85
C PHE B 753 -3.00 24.67 -14.10
N ARG B 754 -2.64 24.52 -15.38
CA ARG B 754 -1.41 23.87 -15.80
C ARG B 754 -0.57 24.84 -16.61
N LEU B 755 0.74 24.81 -16.41
CA LEU B 755 1.65 25.75 -17.05
C LEU B 755 2.61 25.01 -17.99
N TYR B 756 2.74 25.51 -19.21
CA TYR B 756 3.71 25.02 -20.18
C TYR B 756 4.62 26.18 -20.57
N SER B 757 5.92 26.03 -20.32
CA SER B 757 6.87 27.12 -20.54
C SER B 757 8.07 26.61 -21.32
N THR B 758 8.59 27.46 -22.21
CA THR B 758 9.81 27.15 -22.94
C THR B 758 10.71 28.38 -23.06
N GLU B 759 11.98 28.10 -23.34
CA GLU B 759 13.03 29.09 -23.50
C GLU B 759 13.61 28.94 -24.90
N GLU B 760 13.74 30.06 -25.62
CA GLU B 760 14.34 30.04 -26.96
C GLU B 760 15.85 30.02 -26.79
N VAL B 761 16.37 28.83 -26.46
CA VAL B 761 17.77 28.71 -26.07
C VAL B 761 18.68 28.83 -27.29
N LYS B 762 19.78 29.56 -27.11
CA LYS B 762 20.82 29.70 -28.12
C LYS B 762 22.00 28.83 -27.77
N TYR B 763 22.47 28.06 -28.75
CA TYR B 763 23.57 27.13 -28.57
C TYR B 763 24.66 27.47 -29.58
N PRO B 764 25.91 27.04 -29.33
CA PRO B 764 27.04 27.50 -30.16
C PRO B 764 26.84 27.26 -31.66
N GLY B 765 27.19 28.27 -32.45
CA GLY B 765 27.02 28.20 -33.88
C GLY B 765 26.98 29.61 -34.46
N GLY B 766 26.61 29.68 -35.72
CA GLY B 766 26.47 30.97 -36.38
C GLY B 766 25.06 31.51 -36.33
N GLN B 767 24.79 32.37 -35.36
CA GLN B 767 23.47 32.98 -35.16
C GLN B 767 22.37 31.93 -35.12
N GLU B 768 22.65 30.79 -34.46
CA GLU B 768 21.70 29.68 -34.42
C GLU B 768 20.78 29.83 -33.22
N ASP B 769 19.47 29.92 -33.48
CA ASP B 769 18.48 30.05 -32.44
C ASP B 769 17.25 29.23 -32.79
N LYS B 770 16.50 28.83 -31.76
CA LYS B 770 15.25 28.10 -31.95
C LYS B 770 14.10 29.11 -31.98
N ILE B 771 13.98 29.80 -33.12
CA ILE B 771 13.00 30.85 -33.26
C ILE B 771 11.59 30.29 -33.07
N ILE B 772 10.76 31.04 -32.36
CA ILE B 772 9.37 30.65 -32.12
C ILE B 772 8.53 31.20 -33.26
N THR B 773 7.87 30.29 -33.98
CA THR B 773 7.17 30.62 -35.21
C THR B 773 6.26 29.44 -35.56
N PRO B 774 5.12 29.69 -36.23
CA PRO B 774 4.32 28.56 -36.69
C PRO B 774 5.01 27.82 -37.82
N GLU B 775 4.76 26.51 -37.87
CA GLU B 775 5.52 25.58 -38.69
C GLU B 775 4.80 25.34 -40.02
N ALA B 776 5.58 25.17 -41.08
CA ALA B 776 5.02 25.02 -42.43
C ALA B 776 5.27 23.64 -43.03
N GLY B 777 6.52 23.22 -43.16
CA GLY B 777 6.81 21.96 -43.81
C GLY B 777 7.99 21.18 -43.29
N VAL B 778 8.44 21.49 -42.07
CA VAL B 778 9.65 20.91 -41.51
C VAL B 778 9.37 19.50 -40.97
N LYS B 779 10.43 18.78 -40.64
CA LYS B 779 10.33 17.38 -40.25
C LYS B 779 9.63 17.23 -38.90
N GLY B 780 9.05 16.04 -38.69
CA GLY B 780 8.30 15.78 -37.47
C GLY B 780 6.98 16.49 -37.38
N TYR B 781 6.46 16.96 -38.51
CA TYR B 781 5.29 17.83 -38.50
C TYR B 781 4.07 17.06 -38.01
N LYS B 782 3.34 17.65 -37.05
CA LYS B 782 2.25 16.93 -36.40
C LYS B 782 1.03 16.80 -37.31
N GLY B 783 0.70 17.85 -38.03
CA GLY B 783 -0.49 17.88 -38.86
C GLY B 783 -1.06 19.29 -38.86
N LYS B 784 -1.58 19.70 -40.01
CA LYS B 784 -2.09 21.07 -40.17
C LYS B 784 -3.27 21.37 -39.27
N ASP B 785 -3.99 20.34 -38.83
CA ASP B 785 -5.14 20.57 -37.96
C ASP B 785 -4.73 20.98 -36.55
N TYR B 786 -3.54 20.54 -36.12
CA TYR B 786 -3.10 20.83 -34.76
C TYR B 786 -2.62 22.26 -34.58
N TYR B 787 -2.34 22.98 -35.66
CA TYR B 787 -1.86 24.36 -35.59
C TYR B 787 -2.96 25.37 -35.92
N ARG B 788 -4.23 24.96 -35.84
CA ARG B 788 -5.31 25.85 -36.23
C ARG B 788 -5.40 27.08 -35.34
N LEU B 789 -5.23 26.90 -34.03
CA LEU B 789 -5.44 27.96 -33.06
C LEU B 789 -4.16 28.70 -32.70
N LEU B 790 -3.04 28.38 -33.36
CA LEU B 790 -1.77 29.04 -33.06
C LEU B 790 -1.70 30.38 -33.79
N GLU B 791 -1.38 31.42 -33.03
CA GLU B 791 -1.36 32.78 -33.59
C GLU B 791 -0.17 32.93 -34.55
N ASP B 792 -0.08 34.11 -35.17
CA ASP B 792 0.98 34.35 -36.15
C ASP B 792 2.35 34.36 -35.50
N ASN B 793 2.47 34.92 -34.29
CA ASN B 793 3.75 34.99 -33.63
C ASN B 793 4.22 33.65 -33.09
N GLY B 794 3.37 32.63 -33.12
CA GLY B 794 3.76 31.29 -32.72
C GLY B 794 3.31 30.85 -31.35
N VAL B 795 2.55 31.67 -30.62
CA VAL B 795 2.03 31.30 -29.31
C VAL B 795 0.52 31.48 -29.35
N VAL B 796 -0.21 30.56 -28.72
CA VAL B 796 -1.66 30.55 -28.81
C VAL B 796 -2.24 31.74 -28.07
N SER B 797 -3.32 32.31 -28.61
CA SER B 797 -3.95 33.47 -28.01
C SER B 797 -4.78 33.05 -26.78
N PRO B 798 -4.89 33.92 -25.78
CA PRO B 798 -5.65 33.58 -24.58
C PRO B 798 -7.13 33.40 -24.86
N GLU B 799 -7.78 32.63 -23.98
CA GLU B 799 -9.22 32.38 -24.02
C GLU B 799 -9.63 31.68 -25.32
N VAL B 800 -9.01 30.53 -25.55
CA VAL B 800 -9.37 29.64 -26.65
C VAL B 800 -9.47 28.23 -26.10
N GLU B 801 -10.40 27.45 -26.64
CA GLU B 801 -10.53 26.06 -26.22
C GLU B 801 -9.36 25.25 -26.75
N VAL B 802 -8.72 24.48 -25.87
CA VAL B 802 -7.61 23.61 -26.23
C VAL B 802 -8.04 22.19 -25.96
N LYS B 803 -7.98 21.35 -26.98
CA LYS B 803 -8.48 19.98 -26.92
C LYS B 803 -7.36 19.02 -27.28
N GLY B 804 -7.13 18.03 -26.42
CA GLY B 804 -6.21 16.95 -26.73
C GLY B 804 -4.80 17.46 -26.94
N GLY B 805 -4.24 17.15 -28.10
CA GLY B 805 -2.85 17.46 -28.39
C GLY B 805 -2.64 18.70 -29.24
N ASP B 806 -3.44 19.73 -29.02
CA ASP B 806 -3.22 20.99 -29.71
C ASP B 806 -1.89 21.61 -29.29
N VAL B 807 -1.26 22.31 -30.22
CA VAL B 807 0.02 22.96 -29.95
C VAL B 807 -0.24 24.36 -29.40
N LEU B 808 0.56 24.76 -28.41
CA LEU B 808 0.43 26.05 -27.76
C LEU B 808 1.52 27.03 -28.14
N ILE B 809 2.76 26.54 -28.28
CA ILE B 809 3.90 27.37 -28.68
C ILE B 809 4.61 26.66 -29.82
N GLY B 810 4.72 27.33 -30.96
CA GLY B 810 5.38 26.76 -32.11
C GLY B 810 6.86 27.04 -32.16
N LYS B 811 7.68 26.00 -31.96
CA LYS B 811 9.12 26.16 -31.90
C LYS B 811 9.80 25.21 -32.89
N VAL B 812 10.80 25.71 -33.60
CA VAL B 812 11.61 24.93 -34.52
C VAL B 812 13.05 24.96 -34.03
N SER B 813 13.71 23.80 -34.08
CA SER B 813 15.05 23.66 -33.53
C SER B 813 16.01 23.18 -34.62
N PRO B 814 17.15 23.84 -34.80
CA PRO B 814 18.17 23.28 -35.69
C PRO B 814 18.81 22.04 -35.08
N PRO B 815 19.30 21.12 -35.90
CA PRO B 815 19.87 19.88 -35.36
C PRO B 815 21.14 20.14 -34.58
N ARG B 816 21.36 19.30 -33.57
CA ARG B 816 22.61 19.36 -32.81
C ARG B 816 23.75 18.69 -33.54
N PHE B 817 23.46 17.64 -34.31
CA PHE B 817 24.49 16.94 -35.08
C PHE B 817 24.04 16.72 -36.52
N ALA B 829 16.32 21.47 -42.41
CA ALA B 829 16.87 20.58 -41.39
C ALA B 829 16.22 20.83 -40.04
N LYS B 830 15.20 21.69 -40.03
CA LYS B 830 14.52 22.04 -38.79
C LYS B 830 13.81 20.83 -38.21
N ARG B 831 13.69 20.82 -36.88
CA ARG B 831 13.01 19.76 -36.15
C ARG B 831 11.93 20.39 -35.28
N ASP B 832 10.86 19.64 -35.03
CA ASP B 832 9.74 20.15 -34.24
C ASP B 832 9.95 19.81 -32.77
N THR B 833 10.13 20.84 -31.96
CA THR B 833 10.12 20.73 -30.50
C THR B 833 8.92 21.48 -29.92
N SER B 834 7.90 21.73 -30.76
CA SER B 834 6.74 22.49 -30.33
C SER B 834 5.97 21.75 -29.25
N ILE B 835 5.31 22.52 -28.39
CA ILE B 835 4.65 21.98 -27.21
C ILE B 835 3.29 21.41 -27.61
N VAL B 836 3.05 20.16 -27.24
CA VAL B 836 1.77 19.51 -27.45
C VAL B 836 1.06 19.41 -26.10
N THR B 837 -0.15 19.94 -26.03
CA THR B 837 -0.95 19.82 -24.83
C THR B 837 -1.20 18.35 -24.52
N ARG B 838 -1.18 18.01 -23.23
CA ARG B 838 -1.30 16.61 -22.83
C ARG B 838 -2.58 16.01 -23.38
N HIS B 839 -2.49 14.76 -23.83
CA HIS B 839 -3.58 14.15 -24.58
C HIS B 839 -4.85 14.05 -23.73
N GLY B 840 -4.71 13.63 -22.47
CA GLY B 840 -5.88 13.55 -21.60
C GLY B 840 -6.45 14.91 -21.25
N GLU B 841 -5.59 15.89 -21.02
CA GLU B 841 -6.01 17.17 -20.50
C GLU B 841 -6.68 18.02 -21.57
N ASN B 842 -7.85 18.56 -21.25
CA ASN B 842 -8.59 19.47 -22.10
C ASN B 842 -8.92 20.71 -21.28
N GLY B 843 -8.78 21.88 -21.88
CA GLY B 843 -9.03 23.09 -21.13
C GLY B 843 -9.01 24.31 -22.03
N ILE B 844 -9.07 25.48 -21.38
CA ILE B 844 -9.06 26.77 -22.05
C ILE B 844 -7.78 27.50 -21.68
N VAL B 845 -7.14 28.14 -22.67
CA VAL B 845 -5.94 28.91 -22.40
C VAL B 845 -6.31 30.11 -21.53
N ASP B 846 -5.64 30.24 -20.39
CA ASP B 846 -5.96 31.30 -19.43
C ASP B 846 -5.04 32.50 -19.59
N LEU B 847 -3.73 32.26 -19.66
CA LEU B 847 -2.79 33.36 -19.64
C LEU B 847 -1.60 33.05 -20.55
N VAL B 848 -1.09 34.09 -21.20
CA VAL B 848 0.10 33.98 -22.05
C VAL B 848 1.08 35.06 -21.63
N LEU B 849 2.32 34.67 -21.38
CA LEU B 849 3.35 35.56 -20.84
C LEU B 849 4.63 35.42 -21.66
N ILE B 850 5.22 36.56 -22.00
CA ILE B 850 6.44 36.60 -22.80
C ILE B 850 7.47 37.48 -22.09
N THR B 851 8.66 36.95 -21.88
CA THR B 851 9.72 37.65 -21.16
C THR B 851 11.07 37.36 -21.82
N GLU B 852 12.08 38.07 -21.35
CA GLU B 852 13.45 37.87 -21.77
C GLU B 852 14.25 37.35 -20.57
N THR B 853 14.89 36.20 -20.74
CA THR B 853 15.69 35.61 -19.69
C THR B 853 16.98 36.41 -19.51
N LEU B 854 17.68 36.17 -18.40
CA LEU B 854 18.92 36.88 -18.12
C LEU B 854 19.94 36.69 -19.24
N GLU B 855 20.11 35.45 -19.71
CA GLU B 855 21.08 35.19 -20.77
C GLU B 855 20.62 35.70 -22.13
N GLY B 856 19.39 36.20 -22.24
CA GLY B 856 18.92 36.80 -23.48
C GLY B 856 18.03 35.93 -24.34
N ASN B 857 17.54 34.80 -23.82
CA ASN B 857 16.64 33.96 -24.57
C ASN B 857 15.19 34.30 -24.27
N LYS B 858 14.34 34.13 -25.29
CA LYS B 858 12.93 34.41 -25.15
C LYS B 858 12.25 33.32 -24.35
N LEU B 859 11.52 33.70 -23.31
CA LEU B 859 10.82 32.77 -22.45
C LEU B 859 9.33 32.99 -22.61
N VAL B 860 8.60 31.92 -22.88
CA VAL B 860 7.15 32.00 -23.10
C VAL B 860 6.47 30.99 -22.18
N LYS B 861 5.47 31.47 -21.45
CA LYS B 861 4.68 30.66 -20.52
C LYS B 861 3.21 30.74 -20.92
N VAL B 862 2.55 29.58 -20.96
CA VAL B 862 1.13 29.50 -21.27
C VAL B 862 0.45 28.73 -20.15
N ARG B 863 -0.52 29.36 -19.49
CA ARG B 863 -1.28 28.76 -18.43
C ARG B 863 -2.68 28.45 -18.93
N VAL B 864 -3.09 27.19 -18.76
CA VAL B 864 -4.35 26.66 -19.25
C VAL B 864 -5.20 26.23 -18.07
N ARG B 865 -6.46 26.68 -18.04
CA ARG B 865 -7.38 26.38 -16.96
C ARG B 865 -8.39 25.34 -17.40
N ASP B 866 -8.79 24.49 -16.46
CA ASP B 866 -9.76 23.43 -16.70
C ASP B 866 -10.79 23.44 -15.57
N LEU B 867 -12.06 23.45 -15.93
CA LEU B 867 -13.13 23.50 -14.93
C LEU B 867 -13.47 22.09 -14.47
N ARG B 868 -13.42 21.88 -13.16
CA ARG B 868 -13.73 20.60 -12.54
C ARG B 868 -15.01 20.75 -11.73
N ILE B 869 -16.07 20.12 -12.20
CA ILE B 869 -17.33 20.03 -11.47
C ILE B 869 -17.32 18.72 -10.68
N PRO B 870 -17.69 18.72 -9.40
CA PRO B 870 -17.67 17.47 -8.64
C PRO B 870 -18.58 16.42 -9.26
N GLU B 871 -18.15 15.17 -9.16
CA GLU B 871 -18.84 14.06 -9.80
C GLU B 871 -18.74 12.83 -8.91
N ILE B 872 -19.23 11.70 -9.44
CA ILE B 872 -19.06 10.43 -8.75
C ILE B 872 -17.60 10.04 -8.82
N GLY B 873 -17.02 9.71 -7.66
CA GLY B 873 -15.65 9.31 -7.57
C GLY B 873 -14.70 10.37 -7.04
N ASP B 874 -15.11 11.63 -7.04
CA ASP B 874 -14.28 12.68 -6.46
C ASP B 874 -14.16 12.50 -4.96
N LYS B 875 -12.97 12.78 -4.44
CA LYS B 875 -12.64 12.51 -3.04
C LYS B 875 -12.86 13.76 -2.20
N PHE B 876 -13.60 13.59 -1.09
CA PHE B 876 -13.88 14.67 -0.16
C PHE B 876 -13.49 14.21 1.24
N ALA B 877 -13.12 15.17 2.09
CA ALA B 877 -12.68 14.84 3.44
C ALA B 877 -13.08 15.94 4.40
N THR B 878 -13.44 15.55 5.62
CA THR B 878 -13.76 16.51 6.66
C THR B 878 -12.52 16.88 7.45
N ARG B 879 -12.70 17.71 8.47
CA ARG B 879 -11.61 18.12 9.34
C ARG B 879 -11.31 17.13 10.44
N HIS B 880 -11.74 15.88 10.29
CA HIS B 880 -11.54 14.87 11.32
C HIS B 880 -10.94 13.57 10.81
N GLY B 881 -10.77 13.40 9.50
CA GLY B 881 -10.16 12.21 8.97
C GLY B 881 -11.14 11.24 8.35
N GLN B 882 -12.28 11.75 7.90
CA GLN B 882 -13.28 10.93 7.22
C GLN B 882 -13.18 11.20 5.72
N LYS B 883 -12.26 10.50 5.08
CA LYS B 883 -12.07 10.61 3.64
C LYS B 883 -13.01 9.66 2.92
N GLY B 884 -13.48 10.08 1.76
CA GLY B 884 -14.36 9.23 0.98
C GLY B 884 -14.73 9.79 -0.37
N VAL B 885 -14.93 8.91 -1.35
CA VAL B 885 -15.34 9.32 -2.69
C VAL B 885 -16.83 9.65 -2.68
N VAL B 886 -17.31 10.28 -3.74
CA VAL B 886 -18.72 10.58 -3.88
C VAL B 886 -19.40 9.34 -4.45
N GLY B 887 -20.28 8.73 -3.66
CA GLY B 887 -20.98 7.55 -4.15
C GLY B 887 -21.93 7.87 -5.28
N ILE B 888 -22.69 8.95 -5.15
CA ILE B 888 -23.68 9.34 -6.15
C ILE B 888 -24.04 10.79 -5.93
N LEU B 889 -24.55 11.45 -6.97
CA LEU B 889 -25.09 12.79 -6.89
C LEU B 889 -26.61 12.71 -6.97
N ILE B 890 -27.30 13.25 -5.97
CA ILE B 890 -28.73 13.11 -5.83
C ILE B 890 -29.38 14.49 -5.97
N ASP B 891 -30.46 14.55 -6.73
CA ASP B 891 -31.18 15.80 -6.95
C ASP B 891 -31.83 16.28 -5.66
N GLN B 892 -32.22 17.56 -5.65
CA GLN B 892 -32.88 18.12 -4.48
C GLN B 892 -34.22 17.46 -4.20
N VAL B 893 -34.94 17.07 -5.25
CA VAL B 893 -36.25 16.44 -5.06
C VAL B 893 -36.10 15.08 -4.39
N ASP B 894 -35.07 14.33 -4.76
CA ASP B 894 -34.93 12.97 -4.23
C ASP B 894 -34.39 12.96 -2.80
N MET B 895 -33.60 13.96 -2.43
CA MET B 895 -33.02 13.97 -1.09
C MET B 895 -34.11 14.11 -0.03
N PRO B 896 -33.92 13.52 1.14
CA PRO B 896 -34.94 13.62 2.19
C PRO B 896 -34.94 15.00 2.82
N TYR B 897 -36.07 15.68 2.70
CA TYR B 897 -36.22 17.04 3.19
C TYR B 897 -36.82 17.03 4.58
N THR B 898 -36.61 18.12 5.31
CA THR B 898 -37.12 18.25 6.66
C THR B 898 -38.44 19.03 6.65
N ALA B 899 -39.02 19.22 7.83
CA ALA B 899 -40.27 19.96 7.93
C ALA B 899 -40.09 21.41 7.48
N LYS B 900 -38.90 21.97 7.70
CA LYS B 900 -38.59 23.31 7.21
C LYS B 900 -38.12 23.31 5.76
N GLY B 901 -37.91 22.14 5.17
CA GLY B 901 -37.54 22.04 3.78
C GLY B 901 -36.05 22.04 3.49
N ILE B 902 -35.21 22.03 4.51
CA ILE B 902 -33.77 22.05 4.30
C ILE B 902 -33.30 20.65 3.95
N VAL B 903 -32.68 20.50 2.78
CA VAL B 903 -32.18 19.21 2.31
C VAL B 903 -30.70 19.11 2.61
N PRO B 904 -30.16 17.91 2.85
CA PRO B 904 -28.72 17.79 3.11
C PRO B 904 -27.91 18.18 1.89
N ASP B 905 -26.73 18.73 2.14
CA ASP B 905 -25.75 18.91 1.07
C ASP B 905 -24.87 17.67 0.93
N ILE B 906 -24.56 17.04 2.05
CA ILE B 906 -23.79 15.79 2.09
C ILE B 906 -24.44 14.85 3.10
N ILE B 907 -24.66 13.61 2.70
CA ILE B 907 -25.18 12.56 3.56
C ILE B 907 -24.06 11.57 3.83
N LEU B 908 -23.88 11.23 5.11
CA LEU B 908 -22.81 10.38 5.59
C LEU B 908 -23.41 9.19 6.34
N ASN B 909 -22.88 8.01 6.09
CA ASN B 909 -23.39 6.79 6.69
C ASN B 909 -23.06 6.77 8.19
N PRO B 910 -24.05 6.57 9.06
CA PRO B 910 -23.75 6.53 10.50
C PRO B 910 -22.76 5.45 10.89
N HIS B 911 -22.70 4.35 10.13
CA HIS B 911 -21.79 3.27 10.47
C HIS B 911 -20.33 3.67 10.36
N ALA B 912 -20.03 4.81 9.75
CA ALA B 912 -18.66 5.29 9.71
C ALA B 912 -18.21 5.83 11.06
N LEU B 913 -19.15 6.11 11.96
CA LEU B 913 -18.80 6.78 13.22
C LEU B 913 -18.29 5.86 14.33
N PRO B 914 -18.97 4.74 14.65
CA PRO B 914 -18.62 4.05 15.91
C PRO B 914 -17.30 3.30 15.86
N SER B 915 -16.91 2.74 14.71
CA SER B 915 -15.62 2.07 14.64
C SER B 915 -14.48 3.08 14.62
N ARG B 916 -14.67 4.20 13.94
CA ARG B 916 -13.66 5.25 13.91
C ARG B 916 -13.67 6.11 15.17
N MET B 917 -14.77 6.09 15.93
CA MET B 917 -14.85 6.76 17.22
C MET B 917 -14.52 8.25 17.10
N THR B 918 -15.11 8.88 16.07
CA THR B 918 -14.92 10.31 15.81
C THR B 918 -16.13 11.08 16.35
N ILE B 919 -16.11 11.30 17.67
CA ILE B 919 -17.19 12.08 18.29
C ILE B 919 -17.06 13.55 17.94
N GLY B 920 -15.85 13.99 17.61
CA GLY B 920 -15.65 15.37 17.23
C GLY B 920 -16.44 15.77 16.00
N GLN B 921 -16.75 14.83 15.13
CA GLN B 921 -17.55 15.15 13.94
C GLN B 921 -18.98 15.51 14.32
N ILE B 922 -19.61 14.73 15.21
CA ILE B 922 -20.95 15.07 15.64
C ILE B 922 -20.93 16.36 16.45
N MET B 923 -19.91 16.54 17.28
CA MET B 923 -19.79 17.79 18.03
C MET B 923 -19.68 18.99 17.09
N GLU B 924 -18.89 18.86 16.03
CA GLU B 924 -18.77 19.93 15.05
C GLU B 924 -20.07 20.15 14.29
N ALA B 925 -20.82 19.10 14.01
CA ALA B 925 -22.12 19.26 13.36
C ALA B 925 -23.06 20.09 14.22
N ILE B 926 -23.15 19.74 15.51
CA ILE B 926 -24.00 20.49 16.41
C ILE B 926 -23.51 21.93 16.56
N GLY B 927 -22.18 22.10 16.66
CA GLY B 927 -21.64 23.43 16.78
C GLY B 927 -21.90 24.30 15.56
N GLY B 928 -21.80 23.71 14.37
CA GLY B 928 -22.10 24.45 13.16
C GLY B 928 -23.57 24.82 13.06
N LYS B 929 -24.45 23.90 13.45
CA LYS B 929 -25.87 24.23 13.48
C LYS B 929 -26.14 25.39 14.43
N TYR B 930 -25.55 25.35 15.63
CA TYR B 930 -25.73 26.44 16.58
C TYR B 930 -25.14 27.74 16.05
N ALA B 931 -23.99 27.67 15.39
CA ALA B 931 -23.36 28.88 14.87
C ALA B 931 -24.21 29.51 13.78
N ALA B 932 -24.79 28.69 12.89
CA ALA B 932 -25.64 29.25 11.85
C ALA B 932 -26.93 29.82 12.44
N LEU B 933 -27.53 29.12 13.41
CA LEU B 933 -28.78 29.59 13.99
C LEU B 933 -28.59 30.87 14.80
N SER B 934 -27.78 30.80 15.86
CA SER B 934 -27.62 31.94 16.75
C SER B 934 -26.78 33.04 16.13
N GLY B 935 -25.88 32.70 15.22
CA GLY B 935 -25.01 33.68 14.61
C GLY B 935 -23.80 34.06 15.43
N LYS B 936 -23.73 33.63 16.68
CA LYS B 936 -22.60 33.92 17.55
C LYS B 936 -21.42 33.03 17.21
N PRO B 937 -20.19 33.51 17.44
CA PRO B 937 -19.02 32.70 17.10
C PRO B 937 -18.92 31.46 17.97
N VAL B 938 -18.36 30.40 17.38
CA VAL B 938 -18.11 29.15 18.08
C VAL B 938 -16.61 28.92 18.13
N ASP B 939 -16.08 28.72 19.32
CA ASP B 939 -14.67 28.39 19.53
C ASP B 939 -14.59 26.94 19.99
N ALA B 940 -13.87 26.13 19.22
CA ALA B 940 -13.71 24.71 19.52
C ALA B 940 -12.26 24.34 19.79
N THR B 941 -11.50 25.23 20.42
CA THR B 941 -10.12 24.94 20.73
C THR B 941 -10.03 23.81 21.75
N PRO B 942 -9.17 22.82 21.53
CA PRO B 942 -9.12 21.67 22.45
C PRO B 942 -8.90 22.12 23.89
N PHE B 943 -9.58 21.42 24.79
CA PHE B 943 -9.51 21.62 26.23
C PHE B 943 -10.19 22.92 26.66
N LEU B 944 -10.66 23.73 25.72
CA LEU B 944 -11.38 24.96 26.10
C LEU B 944 -12.25 25.39 24.92
N GLU B 945 -13.55 25.11 25.03
CA GLU B 945 -14.50 25.43 23.98
C GLU B 945 -15.54 26.40 24.53
N THR B 946 -15.88 27.40 23.73
CA THR B 946 -16.89 28.37 24.10
C THR B 946 -17.91 28.50 22.98
N PRO B 947 -19.19 28.22 23.24
CA PRO B 947 -19.68 27.73 24.53
C PRO B 947 -19.58 26.21 24.65
N LYS B 948 -19.94 25.68 25.82
CA LYS B 948 -19.97 24.24 26.01
C LYS B 948 -21.13 23.63 25.23
N LEU B 949 -21.18 22.30 25.23
CA LEU B 949 -22.19 21.59 24.45
C LEU B 949 -23.60 21.85 24.98
N GLN B 950 -23.77 21.87 26.30
CA GLN B 950 -25.10 22.00 26.88
C GLN B 950 -25.72 23.36 26.56
N GLU B 951 -24.93 24.43 26.68
CA GLU B 951 -25.45 25.75 26.33
C GLU B 951 -25.75 25.84 24.84
N MET B 952 -24.93 25.21 24.00
CA MET B 952 -25.22 25.18 22.57
C MET B 952 -26.54 24.49 22.29
N GLN B 953 -26.80 23.36 22.94
CA GLN B 953 -28.06 22.66 22.73
C GLN B 953 -29.24 23.47 23.24
N LYS B 954 -29.09 24.13 24.39
CA LYS B 954 -30.17 24.97 24.91
C LYS B 954 -30.48 26.12 23.97
N GLU B 955 -29.44 26.77 23.44
CA GLU B 955 -29.68 27.87 22.49
C GLU B 955 -30.29 27.37 21.20
N ILE B 956 -29.87 26.18 20.73
CA ILE B 956 -30.48 25.60 19.54
C ILE B 956 -31.96 25.37 19.77
N LEU B 957 -32.33 24.87 20.95
CA LEU B 957 -33.73 24.72 21.28
C LEU B 957 -34.44 26.07 21.31
N LYS B 958 -33.78 27.10 21.83
CA LYS B 958 -34.39 28.42 21.89
C LYS B 958 -34.63 29.00 20.50
N LEU B 959 -33.70 28.79 19.57
CA LEU B 959 -33.84 29.38 18.23
C LEU B 959 -34.97 28.74 17.45
N GLY B 960 -35.29 27.48 17.71
CA GLY B 960 -36.44 26.88 17.05
C GLY B 960 -36.26 25.46 16.56
N HIS B 961 -35.08 24.89 16.77
CA HIS B 961 -34.79 23.52 16.35
C HIS B 961 -34.64 22.62 17.56
N LEU B 962 -34.50 21.33 17.29
CA LEU B 962 -34.44 20.35 18.37
C LEU B 962 -33.10 20.47 19.11
N PRO B 963 -33.09 20.30 20.44
CA PRO B 963 -31.82 20.44 21.18
C PRO B 963 -30.76 19.45 20.77
N ASP B 964 -31.12 18.22 20.41
CA ASP B 964 -30.15 17.20 20.06
C ASP B 964 -29.75 17.23 18.58
N SER B 965 -30.06 18.32 17.88
CA SER B 965 -29.63 18.57 16.50
C SER B 965 -30.32 17.68 15.49
N THR B 966 -31.13 16.73 15.96
CA THR B 966 -31.97 15.96 15.05
C THR B 966 -33.17 16.80 14.63
N GLU B 967 -33.84 16.36 13.58
CA GLU B 967 -35.05 17.04 13.15
C GLU B 967 -35.85 16.13 12.24
N VAL B 968 -37.16 16.41 12.18
CA VAL B 968 -38.09 15.54 11.47
C VAL B 968 -37.81 15.58 9.98
N VAL B 969 -37.68 14.40 9.38
CA VAL B 969 -37.26 14.27 7.99
C VAL B 969 -38.30 13.46 7.24
N TYR B 970 -38.71 13.96 6.08
CA TYR B 970 -39.64 13.28 5.19
C TYR B 970 -38.89 12.73 3.99
N ASP B 971 -39.27 11.53 3.56
CA ASP B 971 -38.64 10.94 2.38
C ASP B 971 -39.02 11.71 1.13
N GLY B 972 -38.02 12.16 0.38
CA GLY B 972 -38.29 12.98 -0.79
C GLY B 972 -39.00 12.23 -1.90
N ARG B 973 -38.61 10.98 -2.13
CA ARG B 973 -39.15 10.22 -3.26
C ARG B 973 -40.63 9.90 -3.06
N THR B 974 -40.99 9.38 -1.89
CA THR B 974 -42.35 8.93 -1.63
C THR B 974 -43.18 9.91 -0.82
N GLY B 975 -42.56 10.90 -0.17
CA GLY B 975 -43.30 11.87 0.60
C GLY B 975 -43.67 11.43 2.00
N GLN B 976 -43.23 10.25 2.43
CA GLN B 976 -43.62 9.67 3.70
C GLN B 976 -42.60 10.03 4.77
N LYS B 977 -43.08 10.43 5.94
CA LYS B 977 -42.20 10.79 7.04
C LYS B 977 -41.46 9.57 7.54
N LEU B 978 -40.16 9.74 7.82
CA LEU B 978 -39.37 8.66 8.39
C LEU B 978 -39.83 8.37 9.82
N LYS B 979 -39.73 7.09 10.20
CA LYS B 979 -40.19 6.68 11.51
C LYS B 979 -39.31 7.21 12.63
N SER B 980 -38.13 7.75 12.31
CA SER B 980 -37.22 8.29 13.31
C SER B 980 -36.64 9.61 12.83
N ARG B 981 -36.13 10.39 13.77
CA ARG B 981 -35.51 11.67 13.44
C ARG B 981 -34.08 11.45 12.95
N ILE B 982 -33.59 12.42 12.19
CA ILE B 982 -32.29 12.35 11.54
C ILE B 982 -31.46 13.54 11.97
N LEU B 983 -30.22 13.28 12.40
CA LEU B 983 -29.33 14.36 12.82
C LEU B 983 -28.92 15.21 11.62
N PHE B 984 -28.91 16.52 11.81
CA PHE B 984 -28.51 17.47 10.78
C PHE B 984 -27.42 18.39 11.35
N GLY B 985 -26.41 18.65 10.54
CA GLY B 985 -25.30 19.49 10.96
C GLY B 985 -24.68 20.20 9.78
N ILE B 986 -23.69 21.04 10.07
CA ILE B 986 -23.05 21.89 9.07
C ILE B 986 -21.55 21.61 9.07
N VAL B 987 -21.17 20.35 9.24
CA VAL B 987 -19.77 19.96 9.26
C VAL B 987 -19.02 20.53 8.07
N TYR B 988 -17.81 21.02 8.33
CA TYR B 988 -16.95 21.58 7.29
C TYR B 988 -16.34 20.46 6.45
N TYR B 989 -16.39 20.62 5.13
CA TYR B 989 -15.83 19.66 4.19
C TYR B 989 -14.84 20.34 3.26
N GLN B 990 -13.87 19.55 2.80
CA GLN B 990 -12.85 20.01 1.88
C GLN B 990 -12.78 19.05 0.69
N LYS B 991 -12.51 19.61 -0.48
CA LYS B 991 -12.39 18.85 -1.71
C LYS B 991 -10.92 18.56 -1.98
N LEU B 992 -10.56 17.29 -1.99
CA LEU B 992 -9.19 16.89 -2.23
C LEU B 992 -8.89 16.89 -3.73
N HIS B 993 -7.60 16.98 -4.07
CA HIS B 993 -7.19 17.08 -5.45
C HIS B 993 -7.03 15.74 -6.15
N HIS B 994 -7.46 14.65 -5.50
CA HIS B 994 -7.44 13.33 -6.13
C HIS B 994 -8.76 13.12 -6.88
N MET B 995 -8.93 13.90 -7.94
CA MET B 995 -10.13 13.79 -8.76
C MET B 995 -10.05 12.54 -9.61
N VAL B 996 -11.23 12.03 -9.99
CA VAL B 996 -11.30 10.88 -10.88
C VAL B 996 -11.06 11.29 -12.33
N ALA B 997 -11.08 12.59 -12.62
CA ALA B 997 -10.90 13.05 -13.99
C ALA B 997 -9.52 12.70 -14.52
N ASP B 998 -8.48 12.88 -13.71
CA ASP B 998 -7.11 12.61 -14.12
C ASP B 998 -6.57 11.31 -13.56
N LYS B 999 -7.42 10.49 -12.96
CA LYS B 999 -7.00 9.23 -12.36
C LYS B 999 -7.41 8.02 -13.18
N MET B 1000 -7.77 8.20 -14.44
CA MET B 1000 -8.14 7.10 -15.32
C MET B 1000 -6.98 6.78 -16.26
N HIS B 1001 -6.60 5.51 -16.31
CA HIS B 1001 -5.57 5.04 -17.23
C HIS B 1001 -6.11 3.79 -17.91
N ALA B 1002 -6.40 3.90 -19.21
CA ALA B 1002 -6.95 2.79 -19.97
C ALA B 1002 -6.26 2.71 -21.32
N ARG B 1003 -5.94 1.49 -21.74
CA ARG B 1003 -5.16 1.28 -22.95
C ARG B 1003 -5.84 0.26 -23.86
N ALA B 1004 -5.99 0.65 -25.12
CA ALA B 1004 -6.30 -0.27 -26.20
C ALA B 1004 -4.99 -0.64 -26.91
N ARG B 1005 -5.10 -1.28 -28.08
CA ARG B 1005 -3.91 -1.57 -28.86
C ARG B 1005 -3.17 -0.28 -29.18
N GLY B 1006 -1.85 -0.28 -28.97
CA GLY B 1006 -1.05 0.90 -29.15
C GLY B 1006 0.42 0.62 -29.35
N PRO B 1007 1.26 1.61 -29.05
CA PRO B 1007 2.70 1.46 -29.27
C PRO B 1007 3.34 0.52 -28.27
N VAL B 1008 4.51 -0.01 -28.65
CA VAL B 1008 5.30 -0.89 -27.81
C VAL B 1008 6.73 -0.37 -27.78
N GLN B 1009 7.53 -0.91 -26.85
CA GLN B 1009 8.92 -0.54 -26.76
C GLN B 1009 9.71 -1.08 -27.93
N ILE B 1010 10.77 -0.35 -28.32
CA ILE B 1010 11.61 -0.78 -29.42
C ILE B 1010 12.41 -2.03 -29.04
N LEU B 1011 12.79 -2.17 -27.78
CA LEU B 1011 13.64 -3.28 -27.36
C LEU B 1011 12.82 -4.50 -26.97
N THR B 1012 11.97 -4.36 -25.95
CA THR B 1012 11.26 -5.50 -25.39
C THR B 1012 9.99 -5.83 -26.15
N ARG B 1013 9.51 -4.91 -27.00
CA ARG B 1013 8.26 -5.08 -27.74
C ARG B 1013 7.08 -5.29 -26.79
N GLN B 1014 7.05 -4.52 -25.72
CA GLN B 1014 5.96 -4.57 -24.77
C GLN B 1014 5.28 -3.21 -24.68
N PRO B 1015 3.98 -3.17 -24.40
CA PRO B 1015 3.22 -1.92 -24.51
C PRO B 1015 3.51 -0.97 -23.35
N THR B 1016 3.92 0.25 -23.69
CA THR B 1016 3.95 1.35 -22.73
C THR B 1016 4.05 2.66 -23.49
N GLU B 1017 3.28 3.65 -23.04
CA GLU B 1017 3.22 4.99 -23.64
C GLU B 1017 3.24 4.97 -25.17
N GLU B 1022 -0.68 5.75 -24.46
CA GLU B 1022 -1.02 5.30 -23.11
C GLU B 1022 -0.40 3.94 -22.82
N GLY B 1023 0.24 3.81 -21.66
CA GLY B 1023 0.81 2.55 -21.26
C GLY B 1023 -0.22 1.60 -20.69
N GLY B 1024 0.11 0.31 -20.70
CA GLY B 1024 -0.78 -0.69 -20.16
C GLY B 1024 -0.48 -1.02 -18.72
N LEU B 1025 -1.47 -1.63 -18.07
CA LEU B 1025 -1.29 -2.04 -16.69
C LEU B 1025 -0.40 -3.27 -16.61
N ARG B 1026 0.58 -3.24 -15.71
CA ARG B 1026 1.43 -4.39 -15.50
C ARG B 1026 0.63 -5.52 -14.86
N PHE B 1027 0.73 -6.72 -15.42
CA PHE B 1027 0.00 -7.84 -14.86
C PHE B 1027 0.67 -8.36 -13.60
N GLY B 1028 1.90 -8.85 -13.72
CA GLY B 1028 2.71 -9.15 -12.56
C GLY B 1028 2.52 -10.55 -11.99
N GLU B 1029 3.43 -10.88 -11.07
CA GLU B 1029 3.48 -12.23 -10.52
C GLU B 1029 2.22 -12.59 -9.75
N MET B 1030 1.71 -11.65 -8.93
CA MET B 1030 0.61 -11.98 -8.04
C MET B 1030 -0.67 -12.24 -8.82
N GLU B 1031 -0.95 -11.41 -9.83
CA GLU B 1031 -2.09 -11.66 -10.70
C GLU B 1031 -1.89 -12.92 -11.54
N ARG B 1032 -0.66 -13.18 -11.97
CA ARG B 1032 -0.38 -14.44 -12.66
C ARG B 1032 -0.73 -15.64 -11.77
N ASP B 1033 -0.38 -15.56 -10.48
CA ASP B 1033 -0.68 -16.66 -9.57
C ASP B 1033 -2.18 -16.76 -9.30
N CYS B 1034 -2.90 -15.63 -9.28
CA CYS B 1034 -4.35 -15.70 -9.16
C CYS B 1034 -4.96 -16.45 -10.34
N LEU B 1035 -4.50 -16.12 -11.55
CA LEU B 1035 -4.99 -16.81 -12.74
C LEU B 1035 -4.64 -18.29 -12.72
N ILE B 1036 -3.45 -18.62 -12.22
CA ILE B 1036 -3.09 -20.03 -12.06
C ILE B 1036 -4.02 -20.70 -11.05
N GLY B 1037 -4.33 -20.01 -9.95
CA GLY B 1037 -5.18 -20.58 -8.93
C GLY B 1037 -6.58 -20.88 -9.42
N PHE B 1038 -7.12 -20.06 -10.31
CA PHE B 1038 -8.40 -20.42 -10.92
C PHE B 1038 -8.28 -21.59 -11.88
N GLY B 1039 -7.06 -21.94 -12.31
CA GLY B 1039 -6.86 -23.07 -13.17
C GLY B 1039 -7.04 -22.80 -14.65
N THR B 1040 -7.42 -21.59 -15.03
CA THR B 1040 -7.58 -21.26 -16.44
C THR B 1040 -6.23 -21.24 -17.14
N ALA B 1041 -6.19 -21.82 -18.34
CA ALA B 1041 -4.96 -21.86 -19.14
C ALA B 1041 -5.00 -20.91 -20.34
N MET B 1042 -6.08 -20.96 -21.13
CA MET B 1042 -6.20 -20.05 -22.25
C MET B 1042 -6.31 -18.60 -21.80
N LEU B 1043 -6.87 -18.35 -20.61
CA LEU B 1043 -6.91 -16.99 -20.10
C LEU B 1043 -5.52 -16.49 -19.74
N ILE B 1044 -4.69 -17.35 -19.15
CA ILE B 1044 -3.30 -16.96 -18.89
C ILE B 1044 -2.57 -16.69 -20.20
N LYS B 1045 -2.79 -17.55 -21.20
CA LYS B 1045 -2.15 -17.36 -22.49
C LYS B 1045 -2.58 -16.06 -23.14
N ASP B 1046 -3.86 -15.72 -23.04
CA ASP B 1046 -4.36 -14.45 -23.58
C ASP B 1046 -3.74 -13.27 -22.84
N ARG B 1047 -3.76 -13.30 -21.51
CA ARG B 1047 -3.39 -12.14 -20.73
C ARG B 1047 -1.88 -11.92 -20.69
N LEU B 1048 -1.08 -12.96 -20.91
CA LEU B 1048 0.37 -12.83 -20.81
C LEU B 1048 1.11 -13.05 -22.11
N LEU B 1049 0.48 -13.64 -23.12
CA LEU B 1049 1.15 -13.88 -24.39
C LEU B 1049 0.47 -13.18 -25.56
N ASP B 1050 -0.85 -13.29 -25.69
CA ASP B 1050 -1.53 -12.74 -26.85
C ASP B 1050 -1.51 -11.22 -26.84
N ASN B 1051 -1.79 -10.61 -25.69
CA ASN B 1051 -1.94 -9.17 -25.62
C ASN B 1051 -0.64 -8.43 -25.34
N SER B 1052 0.48 -9.14 -25.22
CA SER B 1052 1.77 -8.51 -24.99
C SER B 1052 2.88 -9.36 -25.59
N ASP B 1053 3.77 -8.72 -26.34
CA ASP B 1053 4.96 -9.34 -26.95
C ASP B 1053 4.67 -10.71 -27.55
N LYS B 1054 3.63 -10.77 -28.38
CA LYS B 1054 3.35 -11.98 -29.14
C LYS B 1054 4.27 -12.03 -30.35
N ALA B 1055 5.09 -13.07 -30.45
CA ALA B 1055 6.06 -13.14 -31.54
C ALA B 1055 6.13 -14.56 -32.07
N VAL B 1056 6.61 -14.68 -33.31
CA VAL B 1056 6.87 -15.97 -33.94
C VAL B 1056 8.33 -15.98 -34.40
N VAL B 1057 9.05 -17.05 -34.07
CA VAL B 1057 10.46 -17.17 -34.39
C VAL B 1057 10.70 -18.51 -35.06
N TYR B 1058 11.60 -18.52 -36.04
CA TYR B 1058 11.93 -19.74 -36.78
C TYR B 1058 13.20 -20.35 -36.18
N ILE B 1059 13.11 -21.60 -35.76
CA ILE B 1059 14.16 -22.28 -35.02
C ILE B 1059 14.68 -23.43 -35.88
N CYS B 1060 16.01 -23.52 -36.00
CA CYS B 1060 16.61 -24.64 -36.72
C CYS B 1060 16.39 -25.94 -35.97
N ASP B 1061 16.20 -27.02 -36.72
CA ASP B 1061 15.92 -28.31 -36.11
C ASP B 1061 17.13 -28.87 -35.38
N GLN B 1062 18.31 -28.79 -36.01
CA GLN B 1062 19.47 -29.48 -35.48
C GLN B 1062 20.13 -28.72 -34.34
N CYS B 1063 20.66 -27.53 -34.62
CA CYS B 1063 21.37 -26.79 -33.58
C CYS B 1063 20.39 -26.12 -32.61
N GLY B 1064 19.24 -25.69 -33.09
CA GLY B 1064 18.24 -25.06 -32.25
C GLY B 1064 18.33 -23.56 -32.15
N TYR B 1065 19.32 -22.93 -32.77
CA TYR B 1065 19.45 -21.48 -32.70
C TYR B 1065 18.37 -20.81 -33.55
N VAL B 1066 18.02 -19.59 -33.15
CA VAL B 1066 16.94 -18.88 -33.82
C VAL B 1066 17.40 -18.40 -35.18
N GLY B 1067 16.64 -18.74 -36.22
CA GLY B 1067 16.91 -18.30 -37.57
C GLY B 1067 15.97 -17.20 -38.02
N TRP B 1068 15.92 -17.00 -39.33
CA TRP B 1068 15.09 -15.96 -39.92
C TRP B 1068 14.50 -16.43 -41.25
N TYR B 1069 13.38 -15.82 -41.61
CA TYR B 1069 12.79 -16.02 -42.92
C TYR B 1069 13.27 -14.92 -43.87
N ASP B 1070 13.71 -15.33 -45.06
CA ASP B 1070 14.17 -14.40 -46.08
C ASP B 1070 12.99 -14.04 -46.97
N ARG B 1071 12.72 -12.74 -47.10
CA ARG B 1071 11.55 -12.33 -47.88
C ARG B 1071 11.74 -12.55 -49.37
N SER B 1072 12.98 -12.42 -49.86
CA SER B 1072 13.24 -12.59 -51.29
C SER B 1072 12.99 -14.03 -51.73
N LYS B 1073 13.58 -14.98 -51.02
CA LYS B 1073 13.44 -16.40 -51.34
C LYS B 1073 12.71 -17.10 -50.20
N ASN B 1074 11.69 -17.90 -50.55
CA ASN B 1074 10.81 -18.47 -49.55
C ASN B 1074 11.53 -19.42 -48.58
N ARG B 1075 12.73 -19.85 -48.92
CA ARG B 1075 13.47 -20.78 -48.08
C ARG B 1075 13.85 -20.15 -46.75
N TYR B 1076 13.76 -20.94 -45.69
CA TYR B 1076 14.23 -20.53 -44.38
C TYR B 1076 15.75 -20.57 -44.32
N VAL B 1077 16.33 -19.71 -43.48
CA VAL B 1077 17.77 -19.58 -43.35
C VAL B 1077 18.14 -19.70 -41.87
N CYS B 1078 19.14 -20.53 -41.57
CA CYS B 1078 19.69 -20.70 -40.24
C CYS B 1078 21.01 -19.95 -40.11
N PRO B 1079 21.22 -19.22 -39.01
CA PRO B 1079 22.47 -18.47 -38.85
C PRO B 1079 23.71 -19.35 -38.86
N VAL B 1080 23.59 -20.55 -38.30
CA VAL B 1080 24.72 -21.47 -38.25
C VAL B 1080 24.70 -22.42 -39.44
N HIS B 1081 23.55 -23.03 -39.70
CA HIS B 1081 23.44 -24.11 -40.68
C HIS B 1081 23.31 -23.59 -42.11
N GLY B 1082 23.16 -22.29 -42.30
CA GLY B 1082 22.93 -21.78 -43.64
C GLY B 1082 21.57 -22.18 -44.16
N ASP B 1083 21.56 -22.73 -45.37
CA ASP B 1083 20.33 -23.09 -46.06
C ASP B 1083 20.00 -24.58 -45.99
N LYS B 1084 20.95 -25.42 -45.56
CA LYS B 1084 20.77 -26.86 -45.68
C LYS B 1084 19.78 -27.40 -44.66
N SER B 1085 19.57 -26.70 -43.55
CA SER B 1085 18.70 -27.21 -42.50
C SER B 1085 17.28 -26.68 -42.67
N VAL B 1086 16.32 -27.41 -42.10
CA VAL B 1086 14.93 -26.98 -42.09
C VAL B 1086 14.66 -26.24 -40.78
N LEU B 1087 13.84 -25.20 -40.87
CA LEU B 1087 13.50 -24.37 -39.72
C LEU B 1087 12.00 -24.41 -39.48
N HIS B 1088 11.61 -24.50 -38.21
CA HIS B 1088 10.20 -24.56 -37.89
C HIS B 1088 9.76 -23.30 -37.14
N PRO B 1089 8.56 -22.79 -37.43
CA PRO B 1089 8.06 -21.62 -36.70
C PRO B 1089 7.47 -22.01 -35.35
N VAL B 1090 7.80 -21.22 -34.33
CA VAL B 1090 7.30 -21.42 -32.97
C VAL B 1090 6.81 -20.06 -32.45
N THR B 1091 5.62 -20.04 -31.88
CA THR B 1091 5.04 -18.83 -31.34
C THR B 1091 5.40 -18.71 -29.86
N VAL B 1092 6.16 -17.68 -29.51
CA VAL B 1092 6.59 -17.45 -28.14
C VAL B 1092 6.47 -15.96 -27.82
N SER B 1093 6.63 -15.65 -26.54
CA SER B 1093 6.72 -14.26 -26.12
C SER B 1093 8.04 -13.67 -26.59
N TYR B 1094 8.00 -12.42 -27.06
CA TYR B 1094 9.24 -11.78 -27.52
C TYR B 1094 10.20 -11.57 -26.37
N ALA B 1095 9.69 -11.49 -25.14
CA ALA B 1095 10.58 -11.37 -23.99
C ALA B 1095 11.46 -12.60 -23.84
N PHE B 1096 10.91 -13.78 -24.14
CA PHE B 1096 11.72 -14.99 -24.09
C PHE B 1096 12.79 -15.00 -25.17
N LYS B 1097 12.46 -14.51 -26.37
CA LYS B 1097 13.47 -14.41 -27.42
C LYS B 1097 14.57 -13.42 -27.02
N LEU B 1098 14.17 -12.30 -26.40
CA LEU B 1098 15.17 -11.35 -25.91
C LEU B 1098 16.06 -11.97 -24.85
N LEU B 1099 15.47 -12.76 -23.95
CA LEU B 1099 16.27 -13.46 -22.94
C LEU B 1099 17.23 -14.44 -23.59
N ILE B 1100 16.77 -15.17 -24.60
CA ILE B 1100 17.64 -16.12 -25.30
C ILE B 1100 18.79 -15.40 -25.96
N GLN B 1101 18.52 -14.26 -26.61
CA GLN B 1101 19.59 -13.53 -27.29
C GLN B 1101 20.54 -12.87 -26.29
N GLU B 1102 20.04 -12.47 -25.12
CA GLU B 1102 20.91 -11.89 -24.11
C GLU B 1102 21.80 -12.96 -23.48
N LEU B 1103 21.26 -14.18 -23.31
CA LEU B 1103 22.10 -15.29 -22.87
C LEU B 1103 23.11 -15.66 -23.95
N MET B 1104 22.72 -15.51 -25.21
CA MET B 1104 23.63 -15.81 -26.32
C MET B 1104 24.72 -14.75 -26.43
N SER B 1105 24.45 -13.53 -25.98
CA SER B 1105 25.49 -12.51 -25.92
C SER B 1105 26.51 -12.86 -24.85
N MET B 1106 26.08 -13.57 -23.82
CA MET B 1106 27.02 -14.26 -22.94
C MET B 1106 27.62 -15.45 -23.66
N VAL B 1107 28.38 -16.27 -22.92
CA VAL B 1107 28.87 -17.51 -23.49
C VAL B 1107 27.89 -18.66 -23.28
N ILE B 1108 26.76 -18.39 -22.61
CA ILE B 1108 25.70 -19.38 -22.51
C ILE B 1108 25.13 -19.64 -23.89
N SER B 1109 24.85 -20.91 -24.18
CA SER B 1109 24.34 -21.33 -25.50
C SER B 1109 23.05 -22.11 -25.31
N PRO B 1110 21.92 -21.42 -25.24
CA PRO B 1110 20.63 -22.12 -25.12
C PRO B 1110 20.21 -22.68 -26.48
N ARG B 1111 19.97 -23.98 -26.52
CA ARG B 1111 19.52 -24.67 -27.72
C ARG B 1111 18.07 -25.10 -27.50
N LEU B 1112 17.15 -24.41 -28.16
CA LEU B 1112 15.74 -24.70 -27.98
C LEU B 1112 15.37 -26.01 -28.67
N ILE B 1113 14.72 -26.91 -27.93
CA ILE B 1113 14.35 -28.22 -28.43
C ILE B 1113 12.89 -28.18 -28.85
N LEU B 1114 12.64 -28.44 -30.12
CA LEU B 1114 11.27 -28.41 -30.63
C LEU B 1114 10.56 -29.73 -30.37
N GLY B 1115 9.24 -29.67 -30.43
CA GLY B 1115 8.43 -30.86 -30.25
C GLY B 1115 7.11 -30.70 -30.97
N GLU B 1116 6.46 -31.83 -31.22
CA GLU B 1116 5.23 -31.82 -32.00
C GLU B 1116 4.14 -31.04 -31.26
N LYS B 1117 3.50 -30.11 -31.97
CA LYS B 1117 2.42 -29.34 -31.38
C LYS B 1117 1.25 -30.23 -31.02
N VAL B 1118 0.95 -31.21 -31.86
CA VAL B 1118 -0.09 -32.18 -31.55
C VAL B 1118 0.37 -33.11 -30.44
N ASN B 1119 -0.59 -33.74 -29.78
CA ASN B 1119 -0.25 -34.70 -28.72
C ASN B 1119 0.37 -35.95 -29.30
N LEU B 1120 0.20 -36.20 -30.59
CA LEU B 1120 0.76 -37.37 -31.29
C LEU B 1120 0.19 -38.60 -30.60
N GLY B 1121 0.98 -39.37 -29.85
CA GLY B 1121 0.46 -40.56 -29.19
C GLY B 1121 0.58 -41.80 -30.04
N MET C 1 -35.23 -41.51 22.25
CA MET C 1 -36.57 -42.08 22.20
C MET C 1 -36.77 -42.90 20.92
N ILE C 2 -35.68 -43.41 20.37
CA ILE C 2 -35.72 -44.21 19.16
C ILE C 2 -36.25 -45.60 19.49
N ASP C 3 -37.16 -46.10 18.66
CA ASP C 3 -37.69 -47.43 18.85
C ASP C 3 -36.64 -48.48 18.51
N GLU C 4 -36.78 -49.65 19.13
CA GLU C 4 -35.81 -50.73 18.90
C GLU C 4 -35.83 -51.20 17.45
N LYS C 5 -37.03 -51.31 16.86
CA LYS C 5 -37.11 -51.58 15.42
C LYS C 5 -36.46 -50.47 14.62
N LEU C 6 -36.68 -49.21 15.03
CA LEU C 6 -36.04 -48.10 14.36
C LEU C 6 -34.51 -48.17 14.48
N LYS C 7 -34.02 -48.53 15.67
CA LYS C 7 -32.57 -48.69 15.84
C LYS C 7 -32.02 -49.80 14.96
N GLY C 8 -32.74 -50.92 14.87
CA GLY C 8 -32.30 -51.99 13.99
C GLY C 8 -32.26 -51.58 12.54
N TYR C 9 -33.27 -50.83 12.09
CA TYR C 9 -33.26 -50.32 10.72
C TYR C 9 -32.11 -49.36 10.50
N ILE C 10 -31.83 -48.50 11.48
CA ILE C 10 -30.71 -47.56 11.38
C ILE C 10 -29.41 -48.33 11.22
N ASP C 11 -29.21 -49.36 12.04
CA ASP C 11 -28.00 -50.16 11.96
C ASP C 11 -27.88 -50.85 10.61
N LYS C 12 -29.00 -51.39 10.11
CA LYS C 12 -28.97 -52.06 8.81
C LYS C 12 -28.58 -51.09 7.70
N ARG C 13 -29.19 -49.91 7.69
CA ARG C 13 -28.89 -48.93 6.64
C ARG C 13 -27.44 -48.44 6.74
N LEU C 14 -26.97 -48.21 7.97
CA LEU C 14 -25.58 -47.75 8.14
C LEU C 14 -24.59 -48.82 7.68
N ASN C 15 -24.85 -50.09 8.01
CA ASN C 15 -23.97 -51.15 7.53
C ASN C 15 -24.05 -51.29 6.02
N GLU C 16 -25.21 -50.96 5.43
CA GLU C 16 -25.30 -50.97 3.98
C GLU C 16 -24.47 -49.87 3.35
N ILE C 17 -24.45 -48.68 3.96
CA ILE C 17 -23.77 -47.54 3.36
C ILE C 17 -22.31 -47.41 3.80
N LYS C 18 -21.83 -48.27 4.70
CA LYS C 18 -20.52 -48.07 5.29
C LYS C 18 -19.39 -48.02 4.27
N ASP C 19 -19.60 -48.58 3.08
CA ASP C 19 -18.54 -48.62 2.08
C ASP C 19 -18.47 -47.37 1.21
N LYS C 20 -19.47 -46.48 1.33
CA LYS C 20 -19.53 -45.27 0.47
C LYS C 20 -19.06 -44.01 1.20
N ILE C 21 -18.67 -44.13 2.48
CA ILE C 21 -18.24 -42.91 3.25
C ILE C 21 -17.04 -43.26 4.14
N PRO C 22 -16.29 -42.26 4.63
CA PRO C 22 -15.15 -42.49 5.52
C PRO C 22 -15.62 -43.04 6.88
N ASP C 23 -14.75 -43.81 7.55
CA ASP C 23 -15.11 -44.46 8.83
C ASP C 23 -15.46 -43.40 9.88
N LYS C 24 -14.72 -42.28 9.92
CA LYS C 24 -15.00 -41.26 10.92
C LYS C 24 -16.32 -40.55 10.62
N LEU C 25 -16.59 -40.27 9.34
CA LEU C 25 -17.88 -39.67 8.99
C LEU C 25 -19.02 -40.63 9.29
N HIS C 26 -18.82 -41.93 9.06
CA HIS C 26 -19.85 -42.91 9.41
C HIS C 26 -20.12 -42.91 10.91
N GLU C 27 -19.06 -42.88 11.72
CA GLU C 27 -19.23 -42.85 13.16
C GLU C 27 -19.95 -41.58 13.60
N ASP C 28 -19.57 -40.43 13.02
CA ASP C 28 -20.23 -39.18 13.36
C ASP C 28 -21.71 -39.21 12.98
N LEU C 29 -22.03 -39.75 11.81
CA LEU C 29 -23.42 -39.86 11.39
C LEU C 29 -24.21 -40.75 12.34
N ARG C 30 -23.64 -41.91 12.67
CA ARG C 30 -24.32 -42.88 13.57
C ARG C 30 -24.55 -42.24 14.95
N ALA C 31 -23.55 -41.53 15.46
CA ALA C 31 -23.69 -40.87 16.78
C ALA C 31 -24.79 -39.80 16.73
N ALA C 32 -24.83 -39.01 15.65
CA ALA C 32 -25.81 -37.91 15.51
C ALA C 32 -27.25 -38.41 15.47
N ILE C 33 -27.54 -39.47 14.71
CA ILE C 33 -28.94 -39.99 14.60
C ILE C 33 -29.44 -40.51 15.96
N MET C 34 -28.58 -41.22 16.70
CA MET C 34 -28.93 -41.77 18.04
C MET C 34 -29.23 -40.60 19.00
N ASP C 35 -28.44 -39.53 18.91
CA ASP C 35 -28.56 -38.34 19.78
C ASP C 35 -29.93 -37.65 19.61
N ILE C 36 -30.51 -37.68 18.41
CA ILE C 36 -31.80 -36.99 18.16
C ILE C 36 -32.85 -37.52 19.13
N ASN C 37 -33.61 -36.60 19.75
CA ASN C 37 -34.67 -36.94 20.74
C ASN C 37 -35.71 -35.81 20.75
N GLY C 38 -36.91 -36.07 21.29
CA GLY C 38 -37.94 -35.06 21.33
C GLY C 38 -38.75 -34.93 20.05
N VAL C 39 -38.41 -35.68 19.01
CA VAL C 39 -39.14 -35.63 17.74
C VAL C 39 -39.28 -37.05 17.20
N GLU C 40 -40.44 -37.34 16.63
CA GLU C 40 -40.69 -38.65 16.06
C GLU C 40 -39.87 -38.84 14.79
N LEU C 41 -39.19 -39.98 14.69
CA LEU C 41 -38.44 -40.35 13.50
C LEU C 41 -39.14 -41.51 12.80
N THR C 42 -39.19 -41.44 11.47
CA THR C 42 -39.82 -42.48 10.66
C THR C 42 -38.80 -43.02 9.67
N GLU C 43 -39.23 -44.03 8.91
CA GLU C 43 -38.34 -44.69 7.96
C GLU C 43 -37.88 -43.72 6.87
N GLU C 44 -38.82 -42.93 6.35
CA GLU C 44 -38.49 -42.00 5.27
C GLU C 44 -37.53 -40.93 5.74
N ASP C 45 -37.67 -40.45 6.98
CA ASP C 45 -36.74 -39.47 7.49
C ASP C 45 -35.32 -40.02 7.57
N ILE C 46 -35.18 -41.26 8.03
CA ILE C 46 -33.85 -41.87 8.13
C ILE C 46 -33.25 -42.07 6.75
N ASP C 47 -34.05 -42.56 5.80
CA ASP C 47 -33.56 -42.74 4.44
C ASP C 47 -33.11 -41.42 3.84
N ARG C 48 -33.90 -40.36 4.04
CA ARG C 48 -33.54 -39.04 3.53
C ARG C 48 -32.27 -38.53 4.19
N ILE C 49 -32.13 -38.74 5.50
CA ILE C 49 -30.92 -38.30 6.21
C ILE C 49 -29.69 -38.96 5.61
N ILE C 50 -29.75 -40.28 5.45
CA ILE C 50 -28.59 -41.01 4.92
C ILE C 50 -28.28 -40.60 3.48
N ASP C 51 -29.31 -40.48 2.65
CA ASP C 51 -29.08 -40.07 1.26
C ASP C 51 -28.47 -38.68 1.19
N LEU C 52 -28.98 -37.75 1.99
CA LEU C 52 -28.44 -36.39 1.98
C LEU C 52 -27.00 -36.36 2.48
N THR C 53 -26.69 -37.17 3.51
CA THR C 53 -25.31 -37.22 4.00
C THR C 53 -24.36 -37.73 2.92
N ILE C 54 -24.74 -38.82 2.26
CA ILE C 54 -23.87 -39.38 1.22
C ILE C 54 -23.72 -38.40 0.07
N ARG C 55 -24.82 -37.76 -0.34
CA ARG C 55 -24.75 -36.83 -1.46
C ARG C 55 -23.92 -35.61 -1.12
N GLU C 56 -24.04 -35.09 0.10
CA GLU C 56 -23.21 -33.95 0.50
C GLU C 56 -21.74 -34.33 0.53
N TYR C 57 -21.42 -35.52 1.03
CA TYR C 57 -20.01 -35.93 1.02
C TYR C 57 -19.49 -36.06 -0.40
N GLN C 58 -20.30 -36.62 -1.29
CA GLN C 58 -19.86 -36.77 -2.67
C GLN C 58 -19.67 -35.41 -3.35
N GLN C 59 -20.55 -34.45 -3.04
CA GLN C 59 -20.41 -33.11 -3.61
C GLN C 59 -19.21 -32.37 -3.01
N SER C 60 -18.83 -32.71 -1.78
CA SER C 60 -17.72 -32.01 -1.13
C SER C 60 -16.36 -32.44 -1.66
N LEU C 61 -16.29 -33.49 -2.48
CA LEU C 61 -15.01 -34.00 -2.93
C LEU C 61 -14.30 -33.01 -3.86
N ILE C 62 -12.97 -33.04 -3.81
CA ILE C 62 -12.14 -32.15 -4.61
C ILE C 62 -12.20 -32.62 -6.07
N GLU C 63 -11.69 -31.79 -6.98
CA GLU C 63 -11.79 -32.07 -8.40
C GLU C 63 -10.42 -32.33 -8.98
N PRO C 64 -10.26 -33.36 -9.82
CA PRO C 64 -8.96 -33.61 -10.45
C PRO C 64 -8.52 -32.42 -11.29
N GLY C 65 -7.21 -32.17 -11.29
CA GLY C 65 -6.65 -31.04 -12.00
C GLY C 65 -6.62 -29.76 -11.22
N GLU C 66 -7.19 -29.73 -10.01
CA GLU C 66 -7.18 -28.53 -9.19
C GLU C 66 -5.76 -28.10 -8.90
N ALA C 67 -5.48 -26.81 -9.11
CA ALA C 67 -4.17 -26.23 -8.80
C ALA C 67 -4.08 -25.98 -7.30
N ILE C 68 -4.08 -27.09 -6.55
CA ILE C 68 -4.22 -26.99 -5.10
C ILE C 68 -2.97 -26.36 -4.47
N GLY C 69 -1.82 -26.45 -5.13
CA GLY C 69 -0.62 -25.86 -4.56
C GLY C 69 -0.73 -24.34 -4.46
N VAL C 70 -1.16 -23.70 -5.53
CA VAL C 70 -1.30 -22.24 -5.52
C VAL C 70 -2.42 -21.81 -4.59
N VAL C 71 -3.51 -22.58 -4.56
CA VAL C 71 -4.62 -22.26 -3.66
C VAL C 71 -4.16 -22.34 -2.21
N THR C 72 -3.41 -23.38 -1.86
CA THR C 72 -2.90 -23.51 -0.49
C THR C 72 -1.91 -22.39 -0.16
N ALA C 73 -1.02 -22.06 -1.11
CA ALA C 73 -0.06 -20.99 -0.87
C ALA C 73 -0.76 -19.66 -0.63
N GLN C 74 -1.77 -19.35 -1.44
CA GLN C 74 -2.53 -18.12 -1.24
C GLN C 74 -3.32 -18.15 0.06
N SER C 75 -3.92 -19.30 0.40
CA SER C 75 -4.70 -19.41 1.61
C SER C 75 -3.83 -19.24 2.86
N VAL C 76 -2.57 -19.62 2.78
CA VAL C 76 -1.68 -19.43 3.93
C VAL C 76 -1.10 -18.02 3.95
N GLY C 77 -0.79 -17.46 2.78
CA GLY C 77 -0.12 -16.17 2.75
C GLY C 77 -1.04 -14.96 2.86
N GLU C 78 -2.31 -15.12 2.49
CA GLU C 78 -3.23 -13.99 2.54
C GLU C 78 -3.46 -13.45 3.95
N PRO C 79 -3.66 -14.27 4.99
CA PRO C 79 -3.78 -13.71 6.34
C PRO C 79 -2.52 -13.02 6.85
N GLY C 80 -1.41 -13.08 6.09
CA GLY C 80 -0.23 -12.34 6.49
C GLY C 80 -0.48 -10.85 6.58
N THR C 81 -1.29 -10.31 5.67
CA THR C 81 -1.66 -8.91 5.71
C THR C 81 -2.65 -8.59 6.83
N GLN C 82 -3.18 -9.61 7.50
CA GLN C 82 -4.06 -9.41 8.64
C GLN C 82 -3.44 -9.85 9.96
N MET C 83 -2.33 -10.57 9.93
CA MET C 83 -1.65 -10.96 11.16
C MET C 83 -0.87 -9.78 11.71
N THR C 84 -1.02 -9.53 13.02
CA THR C 84 -0.36 -8.42 13.68
C THR C 84 0.38 -8.93 14.91
N LEU C 85 1.38 -8.17 15.32
CA LEU C 85 2.08 -8.43 16.59
C LEU C 85 1.40 -7.72 17.76
N ARG C 86 0.08 -7.93 17.85
CA ARG C 86 -0.71 -7.27 18.88
C ARG C 86 -0.33 -7.74 20.28
N THR C 87 -0.10 -9.04 20.46
CA THR C 87 0.19 -9.62 21.76
C THR C 87 1.67 -9.98 21.84
N PHE C 88 2.32 -9.52 22.91
CA PHE C 88 3.74 -9.75 23.12
C PHE C 88 4.05 -10.75 24.22
N HIS C 89 3.09 -11.05 25.09
CA HIS C 89 3.34 -11.89 26.25
C HIS C 89 2.53 -13.18 26.15
N PHE C 90 3.14 -14.26 26.64
CA PHE C 90 2.60 -15.61 26.49
C PHE C 90 1.54 -15.88 27.55
N ALA C 91 0.32 -16.16 27.11
CA ALA C 91 -0.81 -16.57 27.97
C ALA C 91 -0.99 -15.51 29.05
N GLY C 92 -1.10 -15.88 30.33
CA GLY C 92 -1.19 -14.93 31.41
C GLY C 92 0.13 -14.51 32.01
N ILE C 93 1.25 -14.92 31.43
CA ILE C 93 2.57 -14.57 31.94
C ILE C 93 2.99 -13.27 31.28
N ARG C 94 2.78 -12.16 31.98
CA ARG C 94 3.18 -10.86 31.46
C ARG C 94 4.70 -10.73 31.35
N GLU C 95 5.43 -11.44 32.22
CA GLU C 95 6.88 -11.30 32.24
C GLU C 95 7.52 -11.86 30.96
N LEU C 96 7.05 -13.02 30.50
CA LEU C 96 7.64 -13.66 29.34
C LEU C 96 7.21 -12.94 28.07
N ASN C 97 8.18 -12.63 27.21
CA ASN C 97 7.92 -11.99 25.92
C ASN C 97 8.17 -13.03 24.83
N VAL C 98 7.16 -13.29 24.02
CA VAL C 98 7.25 -14.27 22.94
C VAL C 98 6.76 -13.63 21.66
N THR C 99 7.49 -13.84 20.57
CA THR C 99 7.04 -13.41 19.26
C THR C 99 6.05 -14.43 18.71
N LEU C 100 4.90 -13.95 18.23
CA LEU C 100 3.85 -14.84 17.77
C LEU C 100 2.97 -14.06 16.81
N GLY C 101 3.08 -14.37 15.52
CA GLY C 101 2.35 -13.64 14.50
C GLY C 101 2.99 -13.82 13.14
N LEU C 102 3.05 -12.74 12.36
CA LEU C 102 3.71 -12.82 11.05
C LEU C 102 5.18 -13.17 11.15
N PRO C 103 6.00 -12.54 12.02
CA PRO C 103 7.40 -12.97 12.10
C PRO C 103 7.56 -14.42 12.53
N ARG C 104 6.70 -14.89 13.43
CA ARG C 104 6.78 -16.29 13.83
C ARG C 104 6.46 -17.21 12.66
N LEU C 105 5.46 -16.87 11.86
CA LEU C 105 5.16 -17.68 10.69
C LEU C 105 6.30 -17.66 9.69
N ILE C 106 6.94 -16.49 9.53
CA ILE C 106 8.07 -16.39 8.61
C ILE C 106 9.22 -17.26 9.07
N GLU C 107 9.52 -17.25 10.37
CA GLU C 107 10.62 -18.09 10.85
C GLU C 107 10.24 -19.56 10.92
N ILE C 108 8.94 -19.88 10.94
CA ILE C 108 8.53 -21.28 10.82
C ILE C 108 8.73 -21.77 9.40
N VAL C 109 8.27 -21.00 8.41
CA VAL C 109 8.40 -21.43 7.03
C VAL C 109 9.83 -21.30 6.53
N ASP C 110 10.66 -20.52 7.21
CA ASP C 110 12.06 -20.40 6.81
C ASP C 110 12.96 -21.43 7.48
N ALA C 111 12.42 -22.23 8.40
CA ALA C 111 13.17 -23.30 9.06
C ALA C 111 14.44 -22.77 9.73
N ARG C 112 14.30 -21.67 10.45
CA ARG C 112 15.44 -21.10 11.16
C ARG C 112 15.91 -22.06 12.25
N LYS C 113 17.23 -22.18 12.38
CA LYS C 113 17.80 -23.14 13.33
C LYS C 113 17.39 -22.83 14.76
N VAL C 114 17.48 -21.57 15.15
CA VAL C 114 17.10 -21.13 16.49
C VAL C 114 15.99 -20.09 16.34
N PRO C 115 14.84 -20.28 16.97
CA PRO C 115 13.76 -19.31 16.85
C PRO C 115 13.98 -18.11 17.75
N SER C 116 13.38 -16.99 17.36
CA SER C 116 13.37 -15.81 18.22
C SER C 116 12.48 -16.08 19.42
N THR C 117 13.00 -15.81 20.61
CA THR C 117 12.35 -16.10 21.89
C THR C 117 11.86 -17.55 21.93
N PRO C 118 12.77 -18.52 22.02
CA PRO C 118 12.34 -19.91 22.15
C PRO C 118 11.62 -20.14 23.47
N MET C 119 10.76 -21.14 23.48
CA MET C 119 9.92 -21.43 24.63
C MET C 119 9.71 -22.93 24.73
N MET C 120 9.36 -23.39 25.93
CA MET C 120 9.13 -24.81 26.18
C MET C 120 8.00 -24.97 27.19
N THR C 121 7.12 -25.94 26.96
CA THR C 121 6.09 -26.31 27.92
C THR C 121 6.44 -27.67 28.48
N ILE C 122 6.88 -27.70 29.74
CA ILE C 122 7.29 -28.93 30.41
C ILE C 122 6.14 -29.39 31.28
N TYR C 123 5.67 -30.61 31.02
CA TYR C 123 4.62 -31.23 31.82
C TYR C 123 5.25 -32.08 32.91
N LEU C 124 4.78 -31.89 34.14
CA LEU C 124 5.31 -32.67 35.26
C LEU C 124 4.73 -34.07 35.24
N THR C 125 5.50 -35.02 35.77
CA THR C 125 5.01 -36.38 35.89
C THR C 125 3.90 -36.46 36.93
N ASP C 126 3.28 -37.63 37.03
CA ASP C 126 2.11 -37.79 37.90
C ASP C 126 2.44 -37.57 39.37
N GLU C 127 3.69 -37.76 39.79
CA GLU C 127 4.06 -37.49 41.17
C GLU C 127 4.08 -35.99 41.47
N TYR C 128 4.71 -35.21 40.59
CA TYR C 128 4.98 -33.80 40.85
C TYR C 128 3.93 -32.86 40.27
N LYS C 129 2.92 -33.38 39.57
CA LYS C 129 1.98 -32.50 38.89
C LYS C 129 1.01 -31.83 39.85
N THR C 130 0.61 -32.53 40.91
CA THR C 130 -0.46 -32.03 41.77
C THR C 130 0.00 -30.86 42.63
N ASP C 131 1.18 -30.97 43.24
CA ASP C 131 1.62 -30.02 44.25
C ASP C 131 2.33 -28.84 43.61
N LYS C 132 2.09 -27.66 44.17
CA LYS C 132 2.73 -26.44 43.65
C LYS C 132 4.18 -26.35 44.10
N ASP C 133 4.49 -26.82 45.32
CA ASP C 133 5.82 -26.62 45.88
C ASP C 133 6.87 -27.46 45.14
N LYS C 134 6.55 -28.71 44.85
CA LYS C 134 7.51 -29.55 44.11
C LYS C 134 7.69 -29.04 42.68
N ALA C 135 6.61 -28.54 42.06
CA ALA C 135 6.75 -27.94 40.74
C ALA C 135 7.65 -26.71 40.78
N LEU C 136 7.47 -25.87 41.81
CA LEU C 136 8.34 -24.71 41.96
C LEU C 136 9.79 -25.13 42.18
N ASP C 137 10.01 -26.18 42.97
CA ASP C 137 11.37 -26.65 43.22
C ASP C 137 12.02 -27.18 41.94
N ILE C 138 11.28 -27.96 41.16
CA ILE C 138 11.86 -28.51 39.94
C ILE C 138 12.07 -27.42 38.90
N ALA C 139 11.24 -26.38 38.90
CA ALA C 139 11.46 -25.25 38.00
C ALA C 139 12.69 -24.44 38.42
N ARG C 140 12.86 -24.25 39.73
CA ARG C 140 14.01 -23.50 40.22
C ARG C 140 15.30 -24.28 40.05
N ARG C 141 15.23 -25.61 40.02
CA ARG C 141 16.42 -26.43 39.84
C ARG C 141 17.04 -26.18 38.47
N ILE C 142 16.21 -25.92 37.46
CA ILE C 142 16.69 -25.68 36.10
C ILE C 142 16.42 -24.25 35.67
N GLU C 143 17.41 -23.37 35.87
CA GLU C 143 17.30 -22.00 35.38
C GLU C 143 18.59 -21.44 34.81
N TYR C 144 19.69 -22.18 34.86
CA TYR C 144 21.00 -21.70 34.40
C TYR C 144 21.34 -20.34 35.02
N THR C 145 21.47 -20.35 36.34
CA THR C 145 21.82 -19.14 37.08
C THR C 145 23.34 -19.10 37.25
N ARG C 146 23.97 -18.09 36.65
CA ARG C 146 25.41 -17.96 36.69
C ARG C 146 25.85 -17.27 37.99
N VAL C 147 27.16 -17.22 38.19
CA VAL C 147 27.71 -16.57 39.38
C VAL C 147 27.43 -15.08 39.36
N GLU C 148 27.45 -14.45 38.18
CA GLU C 148 27.31 -13.00 38.11
C GLU C 148 25.95 -12.55 38.62
N ASN C 149 24.91 -13.35 38.40
CA ASN C 149 23.59 -13.03 38.93
C ASN C 149 23.58 -13.08 40.45
N VAL C 150 24.20 -14.11 41.02
CA VAL C 150 24.12 -14.32 42.46
C VAL C 150 24.93 -13.28 43.22
N VAL C 151 26.13 -12.96 42.74
CA VAL C 151 27.04 -12.09 43.49
C VAL C 151 26.46 -10.68 43.57
N SER C 152 26.48 -10.10 44.77
CA SER C 152 26.10 -8.70 44.91
C SER C 152 27.22 -7.78 44.42
N SER C 153 28.47 -8.12 44.72
CA SER C 153 29.58 -7.26 44.35
C SER C 153 30.84 -8.09 44.14
N VAL C 154 31.71 -7.61 43.26
CA VAL C 154 33.01 -8.20 43.01
C VAL C 154 34.05 -7.09 43.10
N SER C 155 35.14 -7.35 43.83
CA SER C 155 36.21 -6.37 43.98
C SER C 155 37.54 -7.03 43.67
N VAL C 156 38.41 -6.28 43.00
CA VAL C 156 39.73 -6.76 42.58
C VAL C 156 40.79 -5.89 43.23
N ASP C 157 41.74 -6.52 43.91
CA ASP C 157 42.86 -5.84 44.53
C ASP C 157 44.15 -6.31 43.88
N ILE C 158 45.01 -5.36 43.51
CA ILE C 158 46.23 -5.69 42.77
C ILE C 158 47.35 -6.07 43.73
N SER C 159 47.54 -5.27 44.80
CA SER C 159 48.64 -5.54 45.73
C SER C 159 48.50 -6.92 46.35
N ASN C 160 47.30 -7.29 46.78
CA ASN C 160 47.05 -8.64 47.26
C ASN C 160 46.78 -9.62 46.13
N MET C 161 46.54 -9.11 44.92
CA MET C 161 46.14 -9.94 43.77
C MET C 161 44.97 -10.84 44.14
N SER C 162 43.93 -10.23 44.68
CA SER C 162 42.80 -10.96 45.24
C SER C 162 41.50 -10.52 44.60
N ILE C 163 40.53 -11.42 44.59
CA ILE C 163 39.17 -11.13 44.17
C ILE C 163 38.23 -11.47 45.31
N THR C 164 37.48 -10.48 45.77
CA THR C 164 36.50 -10.65 46.84
C THR C 164 35.11 -10.67 46.22
N LEU C 165 34.34 -11.71 46.55
CA LEU C 165 32.98 -11.85 46.10
C LEU C 165 32.04 -11.70 47.28
N GLN C 166 31.06 -10.80 47.15
CA GLN C 166 30.07 -10.52 48.18
C GLN C 166 28.69 -10.85 47.64
N PHE C 167 27.92 -11.61 48.40
CA PHE C 167 26.63 -12.13 47.98
C PHE C 167 25.51 -11.52 48.81
N ASP C 168 24.31 -11.49 48.23
CA ASP C 168 23.12 -11.04 48.95
C ASP C 168 22.47 -12.23 49.64
N GLN C 169 21.98 -11.99 50.86
CA GLN C 169 21.33 -13.06 51.62
C GLN C 169 20.04 -13.50 50.95
N GLU C 170 19.17 -12.54 50.62
CA GLU C 170 17.90 -12.88 49.99
C GLU C 170 18.12 -13.46 48.59
N MET C 171 19.00 -12.85 47.80
CA MET C 171 19.22 -13.29 46.44
C MET C 171 19.86 -14.67 46.39
N LEU C 172 20.72 -14.99 47.38
CA LEU C 172 21.24 -16.34 47.48
C LEU C 172 20.12 -17.34 47.79
N LYS C 173 19.20 -16.96 48.68
CA LYS C 173 18.07 -17.83 49.00
C LYS C 173 17.10 -17.96 47.83
N ASP C 174 16.94 -16.89 47.04
CA ASP C 174 16.04 -16.95 45.90
C ASP C 174 16.49 -17.99 44.89
N LYS C 175 17.79 -18.06 44.61
CA LYS C 175 18.30 -19.09 43.73
C LYS C 175 18.25 -20.46 44.38
N GLY C 176 18.39 -20.52 45.71
CA GLY C 176 18.31 -21.76 46.44
C GLY C 176 19.58 -22.57 46.52
N VAL C 177 20.71 -22.00 46.12
CA VAL C 177 22.00 -22.69 46.17
C VAL C 177 22.86 -22.07 47.27
N SER C 178 23.52 -22.92 48.04
CA SER C 178 24.34 -22.46 49.15
C SER C 178 25.68 -21.92 48.64
N ILE C 179 26.29 -21.06 49.46
CA ILE C 179 27.59 -20.49 49.12
C ILE C 179 28.66 -21.57 49.13
N GLU C 180 28.50 -22.61 49.96
CA GLU C 180 29.45 -23.71 49.98
C GLU C 180 29.46 -24.43 48.63
N GLU C 181 28.29 -24.59 48.02
CA GLU C 181 28.23 -25.18 46.68
C GLU C 181 28.94 -24.30 45.66
N ILE C 182 28.80 -22.97 45.78
CA ILE C 182 29.48 -22.06 44.87
C ILE C 182 30.99 -22.20 45.01
N LYS C 183 31.47 -22.24 46.24
CA LYS C 183 32.91 -22.41 46.48
C LYS C 183 33.39 -23.75 45.95
N LYS C 184 32.59 -24.81 46.12
CA LYS C 184 32.95 -26.12 45.60
C LYS C 184 33.05 -26.09 44.07
N ILE C 185 32.11 -25.39 43.42
CA ILE C 185 32.16 -25.27 41.96
C ILE C 185 33.42 -24.52 41.53
N ILE C 186 33.75 -23.44 42.24
CA ILE C 186 34.94 -22.67 41.89
C ILE C 186 36.20 -23.52 42.05
N THR C 187 36.25 -24.34 43.10
CA THR C 187 37.37 -25.28 43.24
C THR C 187 37.36 -26.30 42.11
N LYS C 188 36.18 -26.76 41.71
CA LYS C 188 36.09 -27.70 40.58
C LYS C 188 36.62 -27.08 39.29
N LEU C 189 36.53 -25.76 39.16
CA LEU C 189 37.12 -25.10 38.00
C LEU C 189 38.62 -25.38 37.93
N LYS C 190 39.32 -25.14 39.04
CA LYS C 190 40.73 -25.53 39.20
C LYS C 190 41.59 -25.05 38.04
N LEU C 191 41.44 -23.77 37.67
CA LEU C 191 42.25 -23.23 36.59
C LEU C 191 43.65 -22.84 37.06
N GLY C 192 43.92 -22.94 38.36
CA GLY C 192 45.24 -22.66 38.88
C GLY C 192 45.29 -22.96 40.36
N GLU C 193 46.47 -22.77 40.94
CA GLU C 193 46.64 -22.94 42.38
C GLU C 193 46.02 -21.75 43.10
N ILE C 194 44.99 -22.00 43.90
CA ILE C 194 44.16 -20.94 44.45
C ILE C 194 44.06 -21.09 45.96
N ARG C 195 44.06 -19.96 46.66
CA ARG C 195 43.71 -19.92 48.07
C ARG C 195 42.39 -19.19 48.25
N ILE C 196 41.50 -19.74 49.06
CA ILE C 196 40.19 -19.16 49.32
C ILE C 196 40.03 -18.94 50.81
N GLU C 197 39.71 -17.71 51.20
CA GLU C 197 39.40 -17.39 52.59
C GLU C 197 37.92 -17.11 52.72
N ASP C 198 37.34 -17.52 53.85
CA ASP C 198 35.93 -17.26 54.11
C ASP C 198 35.62 -15.77 54.14
N ASN C 199 36.49 -14.97 54.73
CA ASN C 199 36.30 -13.52 54.86
C ASN C 199 34.98 -13.32 55.60
N ASP C 200 34.10 -12.43 55.15
CA ASP C 200 32.81 -12.24 55.80
C ASP C 200 31.84 -13.34 55.37
N GLU C 201 30.80 -13.52 56.20
CA GLU C 201 29.74 -14.46 55.85
C GLU C 201 29.02 -13.99 54.59
N TYR C 202 28.57 -14.95 53.78
CA TYR C 202 27.98 -14.66 52.47
C TYR C 202 28.95 -13.88 51.59
N SER C 203 30.24 -14.17 51.73
CA SER C 203 31.30 -13.56 50.94
C SER C 203 32.52 -14.44 51.07
N PHE C 204 33.52 -14.19 50.23
CA PHE C 204 34.83 -14.85 50.37
C PHE C 204 35.83 -14.14 49.48
N THR C 205 37.08 -14.61 49.53
CA THR C 205 38.15 -14.01 48.74
C THR C 205 39.07 -15.10 48.17
N ILE C 206 39.60 -14.84 46.99
CA ILE C 206 40.45 -15.78 46.26
C ILE C 206 41.76 -15.10 45.89
N TYR C 207 42.88 -15.77 46.17
CA TYR C 207 44.22 -15.39 45.73
C TYR C 207 44.80 -16.49 44.84
N PHE C 208 45.79 -16.10 44.02
CA PHE C 208 46.42 -17.01 43.07
C PHE C 208 47.93 -16.91 43.19
N GLU C 209 48.61 -17.98 42.76
CA GLU C 209 50.07 -18.03 42.80
C GLU C 209 50.69 -17.58 41.48
N LYS C 210 50.39 -18.28 40.39
CA LYS C 210 50.93 -17.97 39.07
C LYS C 210 49.96 -17.10 38.27
N ILE C 211 49.55 -15.97 38.87
CA ILE C 211 48.56 -15.10 38.24
C ILE C 211 49.16 -14.39 37.03
N ASP C 212 50.46 -14.08 37.08
CA ASP C 212 51.20 -13.43 35.99
C ASP C 212 50.62 -12.03 35.77
N SER C 213 50.26 -11.65 34.53
CA SER C 213 49.86 -10.29 34.26
C SER C 213 48.46 -10.00 34.80
N ILE C 214 48.20 -8.70 35.01
CA ILE C 214 46.88 -8.29 35.51
C ILE C 214 45.83 -8.47 34.43
N MET C 215 46.22 -8.46 33.15
CA MET C 215 45.28 -8.82 32.09
C MET C 215 44.77 -10.24 32.30
N ALA C 216 45.68 -11.15 32.65
CA ALA C 216 45.27 -12.51 32.98
C ALA C 216 44.35 -12.53 34.20
N LEU C 217 44.62 -11.66 35.17
CA LEU C 217 43.76 -11.57 36.34
C LEU C 217 42.34 -11.15 35.98
N PHE C 218 42.21 -10.14 35.11
CA PHE C 218 40.88 -9.67 34.73
C PHE C 218 40.16 -10.67 33.84
N LYS C 219 40.90 -11.36 32.96
CA LYS C 219 40.30 -12.42 32.18
C LYS C 219 39.81 -13.55 33.07
N MET C 220 40.60 -13.87 34.11
CA MET C 220 40.18 -14.86 35.10
C MET C 220 38.92 -14.41 35.82
N ARG C 221 38.83 -13.13 36.18
CA ARG C 221 37.62 -12.62 36.82
C ARG C 221 36.41 -12.77 35.90
N GLU C 222 36.58 -12.42 34.62
CA GLU C 222 35.47 -12.57 33.68
C GLU C 222 35.07 -14.02 33.52
N LYS C 223 36.04 -14.94 33.57
CA LYS C 223 35.72 -16.36 33.54
C LYS C 223 34.95 -16.78 34.78
N ILE C 224 35.34 -16.26 35.95
CA ILE C 224 34.66 -16.63 37.20
C ILE C 224 33.22 -16.15 37.18
N LEU C 225 32.98 -14.90 36.77
CA LEU C 225 31.62 -14.38 36.74
C LEU C 225 30.75 -15.14 35.75
N ASN C 226 31.33 -15.55 34.61
CA ASN C 226 30.58 -16.31 33.61
C ASN C 226 30.71 -17.82 33.86
N THR C 227 30.38 -18.21 35.09
CA THR C 227 30.38 -19.61 35.50
C THR C 227 28.97 -19.99 35.95
N LYS C 228 28.48 -21.12 35.46
CA LYS C 228 27.14 -21.57 35.80
C LYS C 228 27.16 -22.30 37.13
N ILE C 229 26.19 -21.97 37.98
CA ILE C 229 26.09 -22.59 39.30
C ILE C 229 25.19 -23.81 39.27
N LYS C 230 24.04 -23.72 38.59
CA LYS C 230 23.09 -24.80 38.54
C LYS C 230 22.22 -24.63 37.30
N GLY C 231 21.52 -25.69 36.94
CA GLY C 231 20.61 -25.63 35.80
C GLY C 231 21.28 -26.03 34.51
N VAL C 232 20.47 -26.57 33.60
CA VAL C 232 20.99 -27.00 32.30
C VAL C 232 21.09 -25.79 31.36
N LYS C 233 21.95 -25.94 30.35
CA LYS C 233 22.29 -24.83 29.48
C LYS C 233 21.12 -24.45 28.56
N GLY C 234 21.05 -23.16 28.22
CA GLY C 234 20.10 -22.66 27.27
C GLY C 234 18.83 -22.07 27.84
N ILE C 235 18.54 -22.33 29.12
CA ILE C 235 17.32 -21.87 29.77
C ILE C 235 17.61 -20.61 30.55
N LYS C 236 16.83 -19.56 30.32
CA LYS C 236 16.99 -18.30 31.03
C LYS C 236 16.15 -18.25 32.30
N ARG C 237 14.87 -18.59 32.20
CA ARG C 237 14.00 -18.59 33.37
C ARG C 237 12.85 -19.58 33.14
N ALA C 238 12.41 -20.20 34.24
CA ALA C 238 11.32 -21.16 34.21
C ALA C 238 10.25 -20.72 35.21
N ILE C 239 9.00 -20.70 34.76
CA ILE C 239 7.89 -20.20 35.57
C ILE C 239 6.82 -21.28 35.67
N VAL C 240 6.40 -21.61 36.88
CA VAL C 240 5.35 -22.58 37.09
C VAL C 240 4.00 -21.90 36.84
N GLN C 241 3.16 -22.54 36.03
CA GLN C 241 1.84 -22.01 35.69
C GLN C 241 0.80 -23.11 35.83
N LYS C 242 -0.44 -22.69 36.05
CA LYS C 242 -1.56 -23.60 36.25
C LYS C 242 -2.37 -23.72 34.97
N LYS C 243 -2.60 -24.96 34.52
CA LYS C 243 -3.41 -25.23 33.34
C LYS C 243 -4.70 -25.97 33.67
N GLY C 244 -5.03 -26.12 34.95
CA GLY C 244 -6.24 -26.82 35.35
C GLY C 244 -5.95 -28.18 35.93
N ASP C 245 -5.98 -28.28 37.26
CA ASP C 245 -5.69 -29.50 38.02
C ASP C 245 -4.29 -30.05 37.75
N GLU C 246 -3.44 -29.28 37.09
CA GLU C 246 -2.08 -29.70 36.76
C GLU C 246 -1.23 -28.47 36.56
N TYR C 247 0.00 -28.51 37.07
CA TYR C 247 0.93 -27.39 37.00
C TYR C 247 2.06 -27.73 36.04
N VAL C 248 2.28 -26.87 35.06
CA VAL C 248 3.33 -27.06 34.07
C VAL C 248 4.37 -25.96 34.25
N ILE C 249 5.45 -26.07 33.49
CA ILE C 249 6.54 -25.11 33.53
C ILE C 249 6.70 -24.48 32.16
N ILE C 250 6.63 -23.16 32.11
CA ILE C 250 6.90 -22.41 30.90
C ILE C 250 8.35 -21.96 30.95
N THR C 251 9.11 -22.28 29.91
CA THR C 251 10.56 -22.12 29.90
C THR C 251 10.94 -21.16 28.78
N ASP C 252 11.81 -20.20 29.10
CA ASP C 252 12.30 -19.24 28.13
C ASP C 252 13.43 -19.81 27.27
N GLY C 253 13.89 -21.01 27.55
CA GLY C 253 14.93 -21.64 26.76
C GLY C 253 14.48 -22.95 26.14
N SER C 254 15.26 -23.47 25.20
CA SER C 254 14.92 -24.69 24.46
C SER C 254 16.10 -25.64 24.51
N ASN C 255 15.96 -26.72 25.28
CA ASN C 255 16.96 -27.77 25.35
C ASN C 255 16.22 -29.08 25.61
N LEU C 256 15.89 -29.81 24.54
CA LEU C 256 15.04 -30.98 24.69
C LEU C 256 15.76 -32.12 25.40
N GLU C 257 17.00 -32.38 25.02
CA GLU C 257 17.75 -33.49 25.63
C GLU C 257 18.00 -33.23 27.11
N GLY C 258 18.40 -32.00 27.45
CA GLY C 258 18.69 -31.69 28.84
C GLY C 258 17.47 -31.82 29.73
N ILE C 259 16.32 -31.32 29.27
CA ILE C 259 15.09 -31.43 30.04
C ILE C 259 14.64 -32.89 30.12
N MET C 260 14.81 -33.63 29.03
CA MET C 260 14.50 -35.06 29.05
C MET C 260 15.34 -35.79 30.08
N ASN C 261 16.57 -35.35 30.29
CA ASN C 261 17.43 -35.99 31.29
C ASN C 261 17.04 -35.63 32.72
N VAL C 262 16.28 -34.55 32.91
CA VAL C 262 15.90 -34.12 34.26
C VAL C 262 14.93 -35.12 34.86
N THR C 263 15.20 -35.53 36.10
CA THR C 263 14.29 -36.42 36.81
C THR C 263 13.05 -35.65 37.27
N GLY C 264 11.90 -36.31 37.17
CA GLY C 264 10.64 -35.70 37.52
C GLY C 264 9.86 -35.13 36.36
N VAL C 265 10.33 -35.34 35.12
CA VAL C 265 9.67 -34.85 33.93
C VAL C 265 9.40 -36.04 33.01
N ASP C 266 8.16 -36.18 32.56
CA ASP C 266 7.82 -37.25 31.63
C ASP C 266 8.30 -36.87 30.22
N ILE C 267 8.97 -37.81 29.56
CA ILE C 267 9.49 -37.56 28.23
C ILE C 267 8.39 -37.54 27.18
N ASN C 268 7.21 -38.07 27.51
CA ASN C 268 6.18 -38.28 26.50
C ASN C 268 5.46 -36.99 26.12
N LYS C 269 5.30 -36.06 27.06
CA LYS C 269 4.60 -34.80 26.81
C LYS C 269 5.54 -33.64 27.08
N ILE C 270 6.32 -33.27 26.07
CA ILE C 270 7.18 -32.08 26.13
C ILE C 270 6.95 -31.28 24.86
N GLN C 271 6.60 -30.01 25.02
CA GLN C 271 6.33 -29.12 23.90
C GLN C 271 7.48 -28.15 23.74
N THR C 272 8.00 -28.04 22.53
CA THR C 272 9.10 -27.14 22.22
C THR C 272 8.69 -26.18 21.12
N ASN C 273 9.04 -24.89 21.31
CA ASN C 273 8.72 -23.90 20.30
C ASN C 273 9.46 -24.17 18.99
N ASN C 274 10.73 -24.54 19.08
CA ASN C 274 11.53 -24.77 17.88
C ASN C 274 11.23 -26.14 17.28
N ILE C 275 11.44 -26.23 15.97
CA ILE C 275 11.12 -27.45 15.22
C ILE C 275 12.34 -28.23 14.81
N HIS C 276 13.55 -27.70 15.02
CA HIS C 276 14.74 -28.38 14.54
C HIS C 276 15.25 -29.42 15.53
N GLU C 277 15.26 -29.10 16.83
CA GLU C 277 15.77 -30.05 17.80
C GLU C 277 14.82 -31.25 17.95
N VAL C 278 13.52 -31.02 17.85
CA VAL C 278 12.57 -32.12 17.88
C VAL C 278 12.76 -33.00 16.65
N GLU C 279 13.08 -32.41 15.50
CA GLU C 279 13.41 -33.19 14.32
C GLU C 279 14.67 -34.02 14.55
N GLU C 280 15.66 -33.44 15.23
CA GLU C 280 16.89 -34.17 15.51
C GLU C 280 16.65 -35.31 16.49
N VAL C 281 15.69 -35.14 17.41
CA VAL C 281 15.47 -36.10 18.49
C VAL C 281 14.27 -37.00 18.22
N LEU C 282 13.15 -36.44 17.77
CA LEU C 282 11.91 -37.18 17.63
C LEU C 282 11.62 -37.61 16.20
N GLY C 283 12.53 -37.37 15.26
CA GLY C 283 12.31 -37.76 13.89
C GLY C 283 11.64 -36.68 13.06
N ILE C 284 11.30 -37.07 11.83
CA ILE C 284 10.76 -36.09 10.88
C ILE C 284 9.23 -36.01 10.94
N GLU C 285 8.55 -37.11 11.26
CA GLU C 285 7.09 -37.06 11.36
C GLU C 285 6.64 -36.21 12.54
N ALA C 286 7.33 -36.34 13.67
CA ALA C 286 7.04 -35.47 14.81
C ALA C 286 7.34 -34.02 14.46
N ALA C 287 8.39 -33.79 13.68
CA ALA C 287 8.70 -32.44 13.23
C ALA C 287 7.58 -31.87 12.37
N ARG C 288 7.05 -32.68 11.45
CA ARG C 288 5.95 -32.23 10.60
C ARG C 288 4.71 -31.92 11.43
N GLU C 289 4.40 -32.80 12.40
CA GLU C 289 3.24 -32.56 13.25
C GLU C 289 3.41 -31.27 14.05
N LEU C 290 4.61 -31.05 14.59
CA LEU C 290 4.85 -29.82 15.35
C LEU C 290 4.78 -28.59 14.45
N ILE C 291 5.26 -28.69 13.21
CA ILE C 291 5.17 -27.57 12.29
C ILE C 291 3.71 -27.21 12.03
N SER C 292 2.88 -28.22 11.76
CA SER C 292 1.47 -27.96 11.51
C SER C 292 0.80 -27.37 12.75
N ARG C 293 1.10 -27.91 13.93
CA ARG C 293 0.48 -27.40 15.15
C ARG C 293 0.91 -25.97 15.46
N GLU C 294 2.19 -25.66 15.23
CA GLU C 294 2.67 -24.30 15.47
C GLU C 294 2.03 -23.31 14.51
N ILE C 295 1.92 -23.68 13.23
CA ILE C 295 1.26 -22.78 12.28
C ILE C 295 -0.21 -22.58 12.66
N LYS C 296 -0.88 -23.66 13.07
CA LYS C 296 -2.27 -23.54 13.51
C LYS C 296 -2.39 -22.62 14.71
N LYS C 297 -1.48 -22.74 15.68
CA LYS C 297 -1.51 -21.88 16.85
C LYS C 297 -1.30 -20.41 16.46
N VAL C 298 -0.32 -20.16 15.59
CA VAL C 298 -0.04 -18.79 15.16
C VAL C 298 -1.25 -18.18 14.47
N LEU C 299 -1.90 -18.95 13.60
CA LEU C 299 -3.11 -18.44 12.95
C LEU C 299 -4.26 -18.29 13.93
N GLU C 300 -4.27 -19.09 15.01
CA GLU C 300 -5.37 -19.02 15.96
C GLU C 300 -5.29 -17.79 16.85
N GLU C 301 -4.09 -17.43 17.32
CA GLU C 301 -3.98 -16.30 18.24
C GLU C 301 -4.43 -14.99 17.58
N GLN C 302 -4.27 -14.88 16.26
CA GLN C 302 -4.75 -13.69 15.57
C GLN C 302 -6.26 -13.69 15.43
N GLY C 303 -6.90 -14.83 15.72
CA GLY C 303 -8.34 -14.93 15.73
C GLY C 303 -8.97 -15.24 14.39
N LEU C 304 -8.19 -15.34 13.32
CA LEU C 304 -8.71 -15.63 12.00
C LEU C 304 -8.60 -17.12 11.71
N ASP C 305 -9.43 -17.59 10.79
CA ASP C 305 -9.60 -19.02 10.55
C ASP C 305 -8.96 -19.40 9.22
N VAL C 306 -8.13 -20.44 9.25
CA VAL C 306 -7.55 -21.04 8.05
C VAL C 306 -7.71 -22.56 8.18
N ASP C 307 -8.12 -23.21 7.10
CA ASP C 307 -8.42 -24.63 7.15
C ASP C 307 -7.15 -25.43 7.45
N MET C 308 -7.34 -26.54 8.16
CA MET C 308 -6.21 -27.38 8.55
C MET C 308 -5.60 -28.11 7.37
N ARG C 309 -6.35 -28.30 6.28
CA ARG C 309 -5.81 -29.01 5.13
C ARG C 309 -4.66 -28.25 4.48
N HIS C 310 -4.78 -26.92 4.39
CA HIS C 310 -3.70 -26.12 3.82
C HIS C 310 -2.44 -26.21 4.68
N ILE C 311 -2.60 -26.14 6.00
CA ILE C 311 -1.46 -26.24 6.90
C ILE C 311 -0.82 -27.62 6.78
N VAL C 312 -1.64 -28.66 6.66
CA VAL C 312 -1.12 -30.01 6.51
C VAL C 312 -0.33 -30.13 5.22
N LEU C 313 -0.83 -29.56 4.13
CA LEU C 313 -0.11 -29.61 2.87
C LEU C 313 1.22 -28.86 2.95
N VAL C 314 1.22 -27.70 3.61
CA VAL C 314 2.46 -26.94 3.76
C VAL C 314 3.48 -27.72 4.59
N SER C 315 3.03 -28.31 5.70
CA SER C 315 3.94 -29.10 6.52
C SER C 315 4.43 -30.34 5.79
N ASP C 316 3.60 -30.93 4.93
CA ASP C 316 4.03 -32.07 4.13
C ASP C 316 5.08 -31.68 3.11
N ILE C 317 4.91 -30.53 2.46
CA ILE C 317 5.88 -30.12 1.45
C ILE C 317 7.16 -29.60 2.10
N MET C 318 7.11 -29.21 3.37
CA MET C 318 8.36 -28.79 4.04
C MET C 318 9.24 -30.00 4.33
N THR C 319 8.65 -31.12 4.76
CA THR C 319 9.39 -32.30 5.19
C THR C 319 9.35 -33.42 4.16
N ARG C 320 9.37 -33.09 2.88
CA ARG C 320 9.27 -34.11 1.84
C ARG C 320 10.58 -34.86 1.65
N THR C 321 11.71 -34.22 1.96
CA THR C 321 13.02 -34.79 1.68
C THR C 321 13.65 -35.49 2.88
N GLY C 322 12.89 -35.72 3.95
CA GLY C 322 13.40 -36.36 5.13
C GLY C 322 13.93 -35.43 6.20
N ASP C 323 14.01 -34.13 5.91
CA ASP C 323 14.45 -33.14 6.87
C ASP C 323 13.67 -31.86 6.66
N ILE C 324 13.59 -31.03 7.70
CA ILE C 324 12.88 -29.77 7.61
C ILE C 324 13.66 -28.86 6.68
N ARG C 325 13.14 -28.64 5.47
CA ARG C 325 13.84 -27.91 4.44
C ARG C 325 13.20 -26.54 4.23
N GLN C 326 14.04 -25.51 4.15
CA GLN C 326 13.56 -24.15 3.99
C GLN C 326 12.76 -24.00 2.71
N ILE C 327 11.62 -23.30 2.82
CA ILE C 327 10.76 -23.05 1.66
C ILE C 327 11.43 -22.22 0.58
N GLY C 328 12.42 -21.41 0.93
CA GLY C 328 13.00 -20.45 0.01
C GLY C 328 14.08 -21.01 -0.89
N ARG C 329 14.98 -20.11 -1.32
CA ARG C 329 15.96 -20.43 -2.35
C ARG C 329 16.90 -21.56 -1.95
N HIS C 330 17.09 -21.79 -0.65
CA HIS C 330 17.87 -22.92 -0.18
C HIS C 330 16.89 -23.96 0.37
N GLY C 331 16.31 -24.75 -0.52
CA GLY C 331 15.38 -25.77 -0.10
C GLY C 331 14.50 -26.22 -1.27
N VAL C 332 13.20 -26.33 -0.99
CA VAL C 332 12.27 -26.86 -1.98
C VAL C 332 12.18 -25.94 -3.19
N THR C 333 12.25 -24.62 -2.97
CA THR C 333 12.33 -23.70 -4.10
C THR C 333 13.69 -23.79 -4.78
N GLY C 334 14.73 -24.14 -4.03
CA GLY C 334 16.05 -24.29 -4.62
C GLY C 334 16.15 -25.45 -5.58
N GLU C 335 15.42 -26.53 -5.34
CA GLU C 335 15.43 -27.70 -6.21
C GLU C 335 14.03 -27.85 -6.83
N LYS C 336 13.80 -27.14 -7.93
CA LYS C 336 12.59 -27.31 -8.72
C LYS C 336 12.79 -28.25 -9.90
N SER C 337 14.01 -28.77 -10.09
CA SER C 337 14.36 -29.54 -11.28
C SER C 337 14.17 -28.72 -12.56
N SER C 338 14.29 -27.39 -12.44
CA SER C 338 14.15 -26.49 -13.57
C SER C 338 15.09 -25.31 -13.38
N VAL C 339 15.50 -24.72 -14.50
CA VAL C 339 16.48 -23.64 -14.50
C VAL C 339 15.81 -22.28 -14.62
N LEU C 340 14.87 -22.13 -15.55
CA LEU C 340 14.22 -20.85 -15.76
C LEU C 340 13.41 -20.43 -14.54
N ALA C 341 12.67 -21.36 -13.94
CA ALA C 341 11.90 -21.02 -12.73
C ALA C 341 12.82 -20.63 -11.59
N ARG C 342 13.93 -21.35 -11.42
CA ARG C 342 14.89 -21.00 -10.38
C ARG C 342 15.48 -19.62 -10.60
N ALA C 343 15.83 -19.28 -11.84
CA ALA C 343 16.40 -17.98 -12.13
C ALA C 343 15.37 -16.87 -12.03
N ALA C 344 14.09 -17.20 -12.21
CA ALA C 344 13.05 -16.19 -12.13
C ALA C 344 12.58 -15.96 -10.70
N PHE C 345 12.67 -16.97 -9.83
CA PHE C 345 12.24 -16.81 -8.45
C PHE C 345 13.03 -15.71 -7.76
N GLU C 346 14.36 -15.80 -7.80
CA GLU C 346 15.22 -14.72 -7.36
C GLU C 346 16.06 -14.29 -8.54
N VAL C 347 16.16 -12.97 -8.75
CA VAL C 347 16.83 -12.45 -9.93
C VAL C 347 18.34 -12.63 -9.81
N THR C 348 18.85 -13.69 -10.42
CA THR C 348 20.26 -13.99 -10.39
C THR C 348 20.67 -14.54 -11.75
N VAL C 349 21.96 -14.40 -12.05
CA VAL C 349 22.56 -14.96 -13.24
C VAL C 349 23.36 -16.23 -12.93
N LYS C 350 23.78 -16.41 -11.67
CA LYS C 350 24.64 -17.52 -11.30
C LYS C 350 24.01 -18.87 -11.63
N HIS C 351 22.69 -18.97 -11.48
CA HIS C 351 22.03 -20.25 -11.77
C HIS C 351 22.06 -20.57 -13.25
N LEU C 352 21.84 -19.56 -14.11
CA LEU C 352 21.90 -19.79 -15.54
C LEU C 352 23.30 -20.21 -15.98
N LEU C 353 24.33 -19.54 -15.44
CA LEU C 353 25.70 -19.90 -15.79
C LEU C 353 26.07 -21.29 -15.26
N ASP C 354 25.59 -21.62 -14.06
CA ASP C 354 25.84 -22.96 -13.51
C ASP C 354 25.19 -24.02 -14.39
N ALA C 355 23.95 -23.78 -14.83
CA ALA C 355 23.28 -24.74 -15.71
C ALA C 355 24.01 -24.85 -17.06
N ALA C 356 24.49 -23.72 -17.59
CA ALA C 356 25.23 -23.76 -18.84
C ALA C 356 26.53 -24.56 -18.70
N ALA C 357 27.24 -24.36 -17.59
CA ALA C 357 28.49 -25.08 -17.37
C ALA C 357 28.23 -26.58 -17.21
N ARG C 358 27.25 -26.94 -16.37
CA ARG C 358 26.95 -28.36 -16.18
C ARG C 358 26.28 -28.99 -17.39
N GLY C 359 25.86 -28.17 -18.36
CA GLY C 359 25.13 -28.71 -19.50
C GLY C 359 23.73 -29.15 -19.19
N GLU C 360 23.13 -28.65 -18.11
CA GLU C 360 21.80 -29.08 -17.70
C GLU C 360 20.75 -28.60 -18.69
N ARG C 361 19.76 -29.45 -18.93
CA ARG C 361 18.65 -29.14 -19.81
C ARG C 361 17.36 -29.07 -19.01
N GLU C 362 16.49 -28.14 -19.40
CA GLU C 362 15.23 -27.92 -18.71
C GLU C 362 14.12 -28.72 -19.39
N GLU C 363 13.42 -29.54 -18.62
CA GLU C 363 12.37 -30.40 -19.17
C GLU C 363 11.07 -29.65 -19.45
N PHE C 364 10.89 -28.48 -18.85
CA PHE C 364 9.67 -27.67 -18.99
C PHE C 364 8.42 -28.42 -18.53
N LYS C 365 8.53 -29.19 -17.45
CA LYS C 365 7.38 -29.91 -16.93
C LYS C 365 6.60 -29.11 -15.90
N GLY C 366 7.09 -27.95 -15.50
CA GLY C 366 6.46 -27.16 -14.46
C GLY C 366 5.45 -26.17 -14.99
N VAL C 367 5.21 -25.14 -14.18
CA VAL C 367 4.22 -24.13 -14.51
C VAL C 367 4.87 -22.77 -14.77
N ILE C 368 5.85 -22.38 -13.95
CA ILE C 368 6.39 -21.03 -14.02
C ILE C 368 7.07 -20.79 -15.36
N GLU C 369 7.87 -21.74 -15.83
CA GLU C 369 8.60 -21.56 -17.08
C GLU C 369 7.71 -21.72 -18.31
N ASN C 370 6.60 -22.47 -18.19
CA ASN C 370 5.67 -22.57 -19.31
C ASN C 370 5.01 -21.23 -19.61
N ILE C 371 4.70 -20.47 -18.56
CA ILE C 371 4.15 -19.13 -18.75
C ILE C 371 5.20 -18.20 -19.36
N ILE C 372 6.47 -18.39 -19.01
CA ILE C 372 7.52 -17.51 -19.51
C ILE C 372 7.62 -17.56 -21.03
N ILE C 373 7.57 -18.77 -21.59
CA ILE C 373 7.70 -18.88 -23.03
C ILE C 373 6.36 -18.69 -23.73
N GLY C 374 5.28 -19.20 -23.14
CA GLY C 374 3.96 -18.98 -23.69
C GLY C 374 3.11 -20.22 -23.85
N GLN C 375 3.69 -21.39 -23.68
CA GLN C 375 2.91 -22.60 -23.82
C GLN C 375 1.95 -22.77 -22.65
N PRO C 376 0.80 -23.41 -22.86
CA PRO C 376 -0.17 -23.57 -21.78
C PRO C 376 0.35 -24.46 -20.65
N ILE C 377 -0.13 -24.17 -19.45
CA ILE C 377 0.22 -24.93 -18.26
C ILE C 377 -0.63 -26.20 -18.20
N ARG C 378 -0.28 -27.12 -17.31
CA ARG C 378 -0.98 -28.39 -17.17
C ARG C 378 -1.84 -28.45 -15.92
N LEU C 379 -2.25 -27.30 -15.39
CA LEU C 379 -3.14 -27.23 -14.23
C LEU C 379 -4.54 -26.86 -14.67
N GLY C 380 -5.53 -27.47 -14.01
CA GLY C 380 -6.91 -27.19 -14.32
C GLY C 380 -7.30 -27.53 -15.74
N THR C 381 -7.67 -26.52 -16.53
CA THR C 381 -8.07 -26.75 -17.91
C THR C 381 -6.97 -27.41 -18.72
N GLY C 382 -5.72 -27.30 -18.29
CA GLY C 382 -4.64 -27.99 -18.99
C GLY C 382 -4.71 -29.49 -18.87
N ILE C 383 -5.16 -30.00 -17.72
CA ILE C 383 -5.09 -31.44 -17.48
C ILE C 383 -6.06 -32.19 -18.39
N VAL C 384 -7.19 -31.56 -18.73
CA VAL C 384 -8.21 -32.21 -19.54
C VAL C 384 -7.87 -32.06 -21.02
N GLU C 385 -7.92 -33.18 -21.74
CA GLU C 385 -7.73 -33.18 -23.19
C GLU C 385 -8.92 -33.86 -23.84
N LEU C 386 -9.38 -33.30 -24.95
CA LEU C 386 -10.65 -33.68 -25.56
C LEU C 386 -10.43 -34.44 -26.86
N THR C 387 -11.37 -35.31 -27.18
CA THR C 387 -11.44 -35.98 -28.46
C THR C 387 -12.84 -35.80 -29.02
N MET C 388 -12.94 -35.46 -30.30
CA MET C 388 -14.21 -35.18 -30.95
C MET C 388 -14.28 -35.86 -32.29
N LYS C 389 -15.44 -36.46 -32.60
CA LYS C 389 -15.70 -37.00 -33.93
C LYS C 389 -16.79 -36.16 -34.60
N PRO C 390 -16.43 -35.33 -35.59
CA PRO C 390 -17.43 -34.42 -36.19
C PRO C 390 -18.31 -35.08 -37.24
N ASN C 391 -18.11 -36.36 -37.55
CA ASN C 391 -18.86 -36.98 -38.64
C ASN C 391 -20.34 -37.13 -38.29
N MET C 392 -20.62 -37.57 -37.06
CA MET C 392 -21.99 -37.91 -36.69
C MET C 392 -22.78 -36.73 -36.12
N ARG C 393 -22.23 -35.53 -36.12
CA ARG C 393 -22.94 -34.37 -35.58
C ARG C 393 -24.21 -34.10 -36.37
N PRO D 2 -60.51 19.41 -1.03
CA PRO D 2 -60.56 20.80 -0.57
C PRO D 2 -59.18 21.36 -0.27
N ILE D 3 -58.99 22.66 -0.52
CA ILE D 3 -57.73 23.33 -0.29
C ILE D 3 -57.99 24.58 0.53
N SER D 4 -57.30 24.72 1.67
CA SER D 4 -57.48 25.83 2.57
C SER D 4 -56.16 26.56 2.77
N LEU D 5 -56.17 27.87 2.51
CA LEU D 5 -54.96 28.67 2.63
C LEU D 5 -54.65 28.94 4.10
N ILE D 6 -53.41 28.74 4.50
CA ILE D 6 -52.99 29.06 5.87
C ILE D 6 -52.45 30.48 5.93
N GLU D 7 -51.35 30.74 5.24
CA GLU D 7 -50.70 32.04 5.21
C GLU D 7 -50.13 32.27 3.83
N ARG D 8 -50.31 33.47 3.30
CA ARG D 8 -49.82 33.85 1.99
C ARG D 8 -48.91 35.05 2.16
N ASN D 9 -47.64 34.80 2.45
CA ASN D 9 -46.65 35.85 2.59
C ASN D 9 -46.01 36.12 1.23
N GLY D 10 -45.05 37.04 1.21
CA GLY D 10 -44.32 37.32 0.00
C GLY D 10 -43.50 36.13 -0.45
N LEU D 11 -43.76 35.64 -1.65
CA LEU D 11 -43.07 34.50 -2.27
C LEU D 11 -43.23 33.21 -1.49
N ARG D 12 -44.21 33.13 -0.59
CA ARG D 12 -44.46 31.92 0.18
C ARG D 12 -45.93 31.57 0.14
N LEU D 13 -46.24 30.28 0.12
CA LEU D 13 -47.62 29.82 0.08
C LEU D 13 -47.74 28.54 0.89
N ARG D 14 -48.73 28.50 1.79
CA ARG D 14 -49.00 27.33 2.61
C ARG D 14 -50.45 26.94 2.46
N LEU D 15 -50.71 25.69 2.10
CA LEU D 15 -52.06 25.19 1.88
C LEU D 15 -52.27 23.90 2.65
N VAL D 16 -53.53 23.63 2.97
CA VAL D 16 -53.96 22.37 3.56
C VAL D 16 -54.82 21.66 2.53
N LEU D 17 -54.43 20.44 2.18
CA LEU D 17 -55.17 19.61 1.24
C LEU D 17 -55.93 18.56 2.06
N GLU D 18 -57.25 18.53 1.91
CA GLU D 18 -58.10 17.73 2.79
C GLU D 18 -58.29 16.31 2.29
N ASN D 19 -58.59 16.13 1.00
CA ASN D 19 -58.83 14.80 0.44
C ASN D 19 -57.97 14.64 -0.81
N TYR D 20 -56.72 14.22 -0.61
CA TYR D 20 -55.78 13.93 -1.67
C TYR D 20 -54.79 12.91 -1.14
N PRO D 21 -54.47 11.87 -1.91
CA PRO D 21 -53.47 10.90 -1.47
C PRO D 21 -52.10 11.56 -1.37
N LEU D 22 -51.27 11.01 -0.48
CA LEU D 22 -49.93 11.54 -0.29
C LEU D 22 -49.11 11.47 -1.57
N GLU D 23 -49.35 10.43 -2.38
CA GLU D 23 -48.61 10.28 -3.63
C GLU D 23 -48.88 11.45 -4.57
N PHE D 24 -50.14 11.86 -4.69
CA PHE D 24 -50.46 12.98 -5.57
C PHE D 24 -49.83 14.28 -5.08
N VAL D 25 -49.88 14.54 -3.77
CA VAL D 25 -49.33 15.77 -3.24
C VAL D 25 -47.81 15.79 -3.42
N ASN D 26 -47.16 14.65 -3.18
CA ASN D 26 -45.71 14.57 -3.42
C ASN D 26 -45.39 14.79 -4.89
N SER D 27 -46.20 14.23 -5.79
CA SER D 27 -45.98 14.47 -7.22
C SER D 27 -46.16 15.95 -7.54
N ILE D 28 -47.09 16.62 -6.88
CA ILE D 28 -47.29 18.05 -7.10
C ILE D 28 -46.06 18.83 -6.68
N ARG D 29 -45.50 18.52 -5.51
CA ARG D 29 -44.32 19.27 -5.07
C ARG D 29 -43.11 18.97 -5.96
N ARG D 30 -42.95 17.71 -6.36
CA ARG D 30 -41.83 17.35 -7.23
C ARG D 30 -41.95 18.02 -8.59
N ALA D 31 -43.16 18.08 -9.15
CA ALA D 31 -43.36 18.77 -10.42
C ALA D 31 -43.19 20.27 -10.28
N SER D 32 -43.54 20.82 -9.11
CA SER D 32 -43.31 22.24 -8.87
C SER D 32 -41.82 22.56 -8.89
N ILE D 33 -41.01 21.68 -8.30
CA ILE D 33 -39.57 21.90 -8.36
C ILE D 33 -39.06 21.68 -9.78
N LEU D 34 -39.54 20.63 -10.46
CA LEU D 34 -38.93 20.15 -11.70
C LEU D 34 -39.66 20.63 -12.95
N TYR D 35 -40.95 20.31 -13.08
CA TYR D 35 -41.65 20.36 -14.35
C TYR D 35 -42.39 21.67 -14.58
N VAL D 36 -41.88 22.78 -14.05
CA VAL D 36 -42.45 24.10 -14.29
C VAL D 36 -41.40 24.93 -15.01
N PRO D 37 -41.70 25.44 -16.21
CA PRO D 37 -40.68 26.17 -16.98
C PRO D 37 -40.44 27.57 -16.45
N VAL D 38 -39.16 27.94 -16.40
CA VAL D 38 -38.74 29.26 -15.93
C VAL D 38 -37.63 29.76 -16.85
N MET D 39 -37.71 31.02 -17.25
CA MET D 39 -36.69 31.59 -18.12
C MET D 39 -35.39 31.82 -17.36
N ALA D 40 -34.28 31.38 -17.96
CA ALA D 40 -32.97 31.54 -17.37
C ALA D 40 -31.93 31.53 -18.48
N VAL D 41 -30.72 31.98 -18.14
CA VAL D 41 -29.66 32.11 -19.13
C VAL D 41 -29.19 30.73 -19.57
N ASP D 42 -29.12 30.53 -20.88
CA ASP D 42 -28.66 29.28 -21.47
C ASP D 42 -27.22 29.37 -21.98
N GLU D 43 -26.96 30.35 -22.84
CA GLU D 43 -25.63 30.57 -23.39
C GLU D 43 -25.23 32.01 -23.19
N VAL D 44 -23.92 32.24 -23.11
CA VAL D 44 -23.36 33.58 -22.93
C VAL D 44 -22.29 33.80 -24.00
N TYR D 45 -22.37 34.93 -24.70
CA TYR D 45 -21.37 35.32 -25.68
C TYR D 45 -20.53 36.44 -25.07
N PHE D 46 -19.23 36.21 -25.00
CA PHE D 46 -18.30 37.15 -24.36
C PHE D 46 -17.51 37.88 -25.44
N ILE D 47 -17.86 39.14 -25.66
CA ILE D 47 -17.03 39.99 -26.53
C ILE D 47 -15.72 40.33 -25.84
N GLU D 48 -15.79 40.70 -24.56
CA GLU D 48 -14.61 41.11 -23.80
C GLU D 48 -14.83 40.78 -22.33
N ASN D 49 -13.75 40.40 -21.65
CA ASN D 49 -13.82 40.08 -20.22
C ASN D 49 -12.45 40.27 -19.61
N ASN D 50 -12.28 41.35 -18.84
CA ASN D 50 -11.09 41.56 -18.04
C ASN D 50 -11.34 41.37 -16.55
N SER D 51 -12.53 40.89 -16.20
CA SER D 51 -12.94 40.79 -14.80
C SER D 51 -12.13 39.71 -14.08
N PRO D 52 -11.99 39.82 -12.76
CA PRO D 52 -11.32 38.74 -12.01
C PRO D 52 -11.98 37.38 -12.18
N LEU D 53 -13.30 37.34 -12.30
CA LEU D 53 -13.99 36.08 -12.54
C LEU D 53 -13.75 35.60 -13.97
N TYR D 54 -13.50 34.31 -14.12
CA TYR D 54 -13.31 33.73 -15.44
C TYR D 54 -14.65 33.69 -16.18
N ASP D 55 -14.58 33.28 -17.45
CA ASP D 55 -15.78 33.28 -18.29
C ASP D 55 -16.82 32.29 -17.76
N GLU D 56 -16.39 31.09 -17.38
CA GLU D 56 -17.35 30.08 -16.92
C GLU D 56 -17.97 30.47 -15.59
N ILE D 57 -17.19 31.05 -14.68
CA ILE D 57 -17.74 31.48 -13.39
C ILE D 57 -18.80 32.55 -13.61
N LEU D 58 -18.50 33.52 -14.46
CA LEU D 58 -19.44 34.60 -14.74
C LEU D 58 -20.70 34.08 -15.42
N ALA D 59 -20.54 33.16 -16.37
CA ALA D 59 -21.71 32.58 -17.03
C ALA D 59 -22.58 31.82 -16.04
N HIS D 60 -21.96 31.08 -15.11
CA HIS D 60 -22.71 30.39 -14.08
C HIS D 60 -23.45 31.36 -13.19
N ARG D 61 -22.80 32.46 -12.80
CA ARG D 61 -23.45 33.46 -11.96
C ARG D 61 -24.63 34.10 -12.67
N LEU D 62 -24.48 34.38 -13.96
CA LEU D 62 -25.59 34.93 -14.73
C LEU D 62 -26.73 33.93 -14.85
N ALA D 63 -26.41 32.64 -15.03
CA ALA D 63 -27.44 31.62 -15.10
C ALA D 63 -28.21 31.51 -13.80
N LEU D 64 -27.51 31.64 -12.66
CA LEU D 64 -28.18 31.51 -11.37
C LEU D 64 -29.05 32.72 -11.03
N VAL D 65 -28.92 33.81 -11.78
CA VAL D 65 -29.77 34.99 -11.53
C VAL D 65 -31.18 34.70 -12.03
N PRO D 66 -32.20 34.86 -11.20
CA PRO D 66 -33.58 34.59 -11.65
C PRO D 66 -34.20 35.79 -12.35
N PHE D 67 -34.97 35.50 -13.39
CA PHE D 67 -35.68 36.51 -14.16
C PHE D 67 -37.17 36.29 -14.02
N VAL D 68 -37.93 37.38 -13.92
CA VAL D 68 -39.38 37.27 -13.85
C VAL D 68 -39.91 36.83 -15.21
N SER D 69 -40.72 35.77 -15.20
CA SER D 69 -41.18 35.18 -16.45
C SER D 69 -42.65 34.79 -16.38
N ASP D 70 -43.45 35.52 -15.62
CA ASP D 70 -44.86 35.20 -15.51
C ASP D 70 -45.57 35.36 -16.85
N GLU D 71 -45.23 36.40 -17.61
CA GLU D 71 -45.81 36.63 -18.92
C GLU D 71 -45.01 36.00 -20.06
N ALA D 72 -43.89 35.36 -19.76
CA ALA D 72 -43.05 34.76 -20.79
C ALA D 72 -43.41 33.31 -21.08
N LEU D 73 -44.28 32.69 -20.29
CA LEU D 73 -44.66 31.31 -20.54
C LEU D 73 -45.44 31.17 -21.83
N GLU D 74 -46.38 32.08 -22.09
CA GLU D 74 -47.19 31.99 -23.30
C GLU D 74 -46.50 32.61 -24.52
N HIS D 75 -45.61 33.57 -24.32
CA HIS D 75 -44.97 34.26 -25.44
C HIS D 75 -43.71 33.55 -25.95
N TYR D 76 -43.23 32.52 -25.25
CA TYR D 76 -42.00 31.84 -25.61
C TYR D 76 -42.22 30.34 -25.66
N ARG D 77 -41.61 29.70 -26.65
CA ARG D 77 -41.80 28.27 -26.85
C ARG D 77 -41.10 27.47 -25.74
N PRO D 78 -41.75 26.43 -25.23
CA PRO D 78 -41.08 25.56 -24.26
C PRO D 78 -39.94 24.80 -24.93
N PRO D 79 -38.97 24.32 -24.15
CA PRO D 79 -37.80 23.67 -24.77
C PRO D 79 -38.13 22.44 -25.59
N GLU D 80 -39.24 21.76 -25.28
CA GLU D 80 -39.60 20.57 -26.05
C GLU D 80 -39.95 20.91 -27.49
N GLU D 81 -40.37 22.15 -27.75
CA GLU D 81 -40.72 22.57 -29.10
C GLU D 81 -39.47 22.67 -29.97
N GLY D 91 -37.71 27.38 -29.68
CA GLY D 91 -36.89 28.00 -30.71
C GLY D 91 -36.79 29.51 -30.57
N CYS D 92 -37.51 30.05 -29.59
CA CYS D 92 -37.52 31.48 -29.33
C CYS D 92 -36.78 31.75 -28.03
N TYR D 93 -35.67 32.49 -28.12
CA TYR D 93 -34.83 32.82 -26.97
C TYR D 93 -34.75 34.32 -26.81
N ASN D 94 -34.82 34.79 -25.57
CA ASN D 94 -34.65 36.21 -25.27
C ASN D 94 -33.16 36.55 -25.24
N ARG D 95 -32.85 37.85 -25.29
CA ARG D 95 -31.47 38.32 -25.25
C ARG D 95 -31.32 39.41 -24.21
N VAL D 96 -30.22 39.34 -23.45
CA VAL D 96 -29.92 40.29 -22.38
C VAL D 96 -28.49 40.76 -22.55
N TYR D 97 -28.27 42.06 -22.46
CA TYR D 97 -26.95 42.66 -22.68
C TYR D 97 -26.37 43.18 -21.39
N LEU D 98 -25.06 43.00 -21.21
CA LEU D 98 -24.34 43.57 -20.07
C LEU D 98 -23.03 44.15 -20.60
N ASP D 99 -22.91 45.48 -20.60
CA ASP D 99 -21.75 46.15 -21.19
C ASP D 99 -21.43 47.35 -20.30
N VAL D 100 -20.44 47.20 -19.43
CA VAL D 100 -20.02 48.27 -18.52
C VAL D 100 -18.49 48.27 -18.42
N GLU D 101 -17.97 49.26 -17.70
CA GLU D 101 -16.53 49.45 -17.55
C GLU D 101 -16.27 50.39 -16.39
N ALA D 102 -15.30 50.02 -15.55
CA ALA D 102 -14.86 50.90 -14.47
C ALA D 102 -13.92 51.97 -15.00
N LYS D 103 -13.75 53.03 -14.21
CA LYS D 103 -12.95 54.17 -14.62
C LYS D 103 -11.66 54.29 -13.83
N ASP D 104 -11.74 54.47 -12.51
CA ASP D 104 -10.55 54.58 -11.67
C ASP D 104 -10.66 53.81 -10.37
N GLN D 105 -11.85 53.41 -9.94
CA GLN D 105 -12.08 52.75 -8.67
C GLN D 105 -12.87 51.47 -8.90
N PRO D 106 -12.77 50.51 -7.99
CA PRO D 106 -13.54 49.26 -8.15
C PRO D 106 -15.03 49.54 -8.24
N LEU D 107 -15.70 48.82 -9.13
CA LEU D 107 -17.12 49.01 -9.40
C LEU D 107 -17.82 47.67 -9.27
N MET D 108 -18.73 47.57 -8.32
CA MET D 108 -19.53 46.35 -8.14
C MET D 108 -20.78 46.49 -9.00
N ILE D 109 -20.86 45.70 -10.07
CA ILE D 109 -22.00 45.81 -10.99
C ILE D 109 -23.07 44.83 -10.56
N TYR D 110 -24.30 45.32 -10.42
CA TYR D 110 -25.41 44.53 -9.91
C TYR D 110 -26.27 44.05 -11.07
N SER D 111 -27.32 43.29 -10.73
CA SER D 111 -28.22 42.76 -11.74
C SER D 111 -29.16 43.80 -12.31
N ARG D 112 -29.24 44.99 -11.71
CA ARG D 112 -30.12 46.02 -12.24
C ARG D 112 -29.65 46.51 -13.61
N ASP D 113 -28.34 46.58 -13.82
CA ASP D 113 -27.79 47.00 -15.11
C ASP D 113 -27.64 45.83 -16.08
N LEU D 114 -28.70 45.06 -16.20
CA LEU D 114 -28.79 43.94 -17.14
C LEU D 114 -29.85 44.32 -18.18
N LYS D 115 -29.43 45.04 -19.21
CA LYS D 115 -30.36 45.48 -20.25
C LYS D 115 -30.87 44.27 -21.02
N SER D 116 -32.18 44.24 -21.25
CA SER D 116 -32.83 43.11 -21.89
C SER D 116 -33.50 43.55 -23.20
N GLU D 117 -33.47 42.65 -24.18
CA GLU D 117 -34.16 42.92 -25.44
C GLU D 117 -35.66 43.04 -25.24
N ASP D 118 -36.24 42.17 -24.41
CA ASP D 118 -37.66 42.19 -24.11
C ASP D 118 -37.86 42.91 -22.78
N GLN D 119 -38.65 43.99 -22.81
CA GLN D 119 -38.77 44.85 -21.65
C GLN D 119 -39.53 44.16 -20.50
N MET D 120 -40.43 43.24 -20.82
CA MET D 120 -41.21 42.59 -19.77
C MET D 120 -40.35 41.66 -18.94
N ILE D 121 -39.28 41.11 -19.53
CA ILE D 121 -38.42 40.17 -18.84
C ILE D 121 -37.26 40.93 -18.22
N THR D 122 -37.24 41.01 -16.91
CA THR D 122 -36.20 41.69 -16.15
C THR D 122 -35.82 40.81 -14.97
N PRO D 123 -34.61 41.00 -14.42
CA PRO D 123 -34.22 40.22 -13.24
C PRO D 123 -35.13 40.51 -12.05
N VAL D 124 -35.25 39.53 -11.16
CA VAL D 124 -36.19 39.64 -10.05
C VAL D 124 -35.85 40.83 -9.16
N SER D 125 -34.57 40.96 -8.81
CA SER D 125 -34.12 42.06 -7.97
C SER D 125 -32.88 42.69 -8.57
N GLY D 126 -32.78 44.01 -8.45
CA GLY D 126 -31.64 44.74 -8.93
C GLY D 126 -30.47 44.83 -7.98
N ALA D 127 -30.59 44.26 -6.78
CA ALA D 127 -29.54 44.32 -5.77
C ALA D 127 -28.59 43.13 -5.83
N ILE D 128 -28.78 42.21 -6.78
CA ILE D 128 -27.94 41.03 -6.89
C ILE D 128 -26.59 41.43 -7.48
N PRO D 129 -25.48 41.26 -6.76
CA PRO D 129 -24.17 41.66 -7.30
C PRO D 129 -23.62 40.59 -8.22
N ILE D 130 -23.45 40.94 -9.49
CA ILE D 130 -22.91 40.00 -10.47
C ILE D 130 -21.41 39.79 -10.24
N VAL D 131 -20.63 40.86 -10.36
CA VAL D 131 -19.18 40.80 -10.22
C VAL D 131 -18.67 42.15 -9.76
N LEU D 132 -17.43 42.17 -9.29
CA LEU D 132 -16.71 43.38 -8.92
C LEU D 132 -15.56 43.59 -9.89
N LEU D 133 -15.45 44.80 -10.43
CA LEU D 133 -14.43 45.13 -11.43
C LEU D 133 -13.37 46.02 -10.81
N GLY D 134 -12.11 45.74 -11.12
CA GLY D 134 -11.01 46.57 -10.72
C GLY D 134 -10.91 47.82 -11.57
N SER D 135 -9.78 48.50 -11.44
CA SER D 135 -9.56 49.73 -12.18
C SER D 135 -9.37 49.44 -13.66
N LYS D 136 -10.05 50.23 -14.49
CA LYS D 136 -9.92 50.17 -15.95
C LYS D 136 -10.21 48.77 -16.50
N GLN D 137 -11.22 48.11 -15.94
CA GLN D 137 -11.64 46.80 -16.40
C GLN D 137 -12.99 46.91 -17.08
N LYS D 138 -13.07 46.39 -18.31
CA LYS D 138 -14.26 46.47 -19.13
C LYS D 138 -14.86 45.07 -19.29
N ILE D 139 -16.19 45.01 -19.28
CA ILE D 139 -16.90 43.74 -19.42
C ILE D 139 -18.06 43.94 -20.40
N SER D 140 -18.26 42.97 -21.28
CA SER D 140 -19.26 43.08 -22.34
C SER D 140 -19.68 41.68 -22.75
N LEU D 141 -20.98 41.40 -22.66
CA LEU D 141 -21.49 40.07 -22.95
C LEU D 141 -22.97 40.15 -23.32
N GLU D 142 -23.44 39.08 -23.97
CA GLU D 142 -24.83 38.93 -24.34
C GLU D 142 -25.28 37.52 -23.97
N ALA D 143 -26.31 37.43 -23.13
CA ALA D 143 -26.85 36.16 -22.67
C ALA D 143 -28.15 35.85 -23.41
N ARG D 144 -28.33 34.57 -23.74
CA ARG D 144 -29.50 34.11 -24.49
C ARG D 144 -30.38 33.30 -23.55
N LEU D 145 -31.46 33.93 -23.09
CA LEU D 145 -32.38 33.31 -22.14
C LEU D 145 -33.32 32.35 -22.85
N ARG D 146 -33.67 31.27 -22.17
CA ARG D 146 -34.50 30.21 -22.75
C ARG D 146 -35.31 29.55 -21.66
N LEU D 147 -36.56 29.22 -21.98
CA LEU D 147 -37.39 28.47 -21.05
C LEU D 147 -36.87 27.05 -20.88
N GLY D 148 -36.95 26.54 -19.66
CA GLY D 148 -36.51 25.18 -19.40
C GLY D 148 -37.10 24.66 -18.10
N TYR D 149 -37.08 23.33 -17.98
CA TYR D 149 -37.60 22.67 -16.79
C TYR D 149 -36.49 22.42 -15.78
N GLY D 150 -36.90 22.23 -14.53
CA GLY D 150 -35.93 21.95 -13.48
C GLY D 150 -35.28 20.59 -13.58
N LYS D 151 -35.85 19.69 -14.39
CA LYS D 151 -35.24 18.38 -14.60
C LYS D 151 -33.91 18.51 -15.32
N GLU D 152 -33.84 19.38 -16.33
CA GLU D 152 -32.61 19.55 -17.10
C GLU D 152 -31.52 20.18 -16.25
N HIS D 153 -31.85 21.27 -15.55
CA HIS D 153 -30.90 21.97 -14.69
C HIS D 153 -31.67 22.58 -13.53
N ILE D 154 -30.96 22.83 -12.43
CA ILE D 154 -31.62 23.38 -11.24
C ILE D 154 -31.81 24.88 -11.33
N LYS D 155 -31.16 25.55 -12.28
CA LYS D 155 -31.37 26.98 -12.46
C LYS D 155 -32.77 27.29 -12.95
N TYR D 156 -33.49 26.31 -13.47
CA TYR D 156 -34.84 26.49 -13.99
C TYR D 156 -35.91 26.22 -12.94
N SER D 157 -35.54 25.85 -11.73
CA SER D 157 -36.54 25.54 -10.71
C SER D 157 -37.21 26.83 -10.24
N PRO D 158 -38.55 26.90 -10.25
CA PRO D 158 -39.23 28.13 -9.83
C PRO D 158 -39.35 28.28 -8.32
N VAL D 159 -39.12 27.23 -7.54
CA VAL D 159 -39.30 27.27 -6.10
C VAL D 159 -37.95 27.03 -5.43
N SER D 160 -37.65 27.86 -4.43
CA SER D 160 -36.46 27.63 -3.63
C SER D 160 -36.62 26.41 -2.74
N VAL D 161 -37.82 26.18 -2.23
CA VAL D 161 -38.09 25.05 -1.36
C VAL D 161 -39.55 24.64 -1.50
N SER D 162 -39.80 23.34 -1.37
CA SER D 162 -41.15 22.79 -1.39
C SER D 162 -41.24 21.70 -0.33
N ILE D 163 -42.27 21.80 0.51
CA ILE D 163 -42.44 20.93 1.67
C ILE D 163 -43.82 20.29 1.59
N VAL D 164 -43.88 18.99 1.87
CA VAL D 164 -45.15 18.31 2.07
C VAL D 164 -45.05 17.55 3.39
N ARG D 165 -45.88 17.91 4.36
CA ARG D 165 -45.80 17.29 5.68
C ARG D 165 -47.19 16.91 6.16
N TYR D 166 -47.22 16.05 7.18
CA TYR D 166 -48.47 15.53 7.69
C TYR D 166 -49.24 16.62 8.42
N TYR D 167 -50.55 16.44 8.48
CA TYR D 167 -51.40 17.35 9.24
C TYR D 167 -51.39 16.93 10.71
N PRO D 168 -51.02 17.83 11.62
CA PRO D 168 -50.95 17.47 13.03
C PRO D 168 -52.26 17.69 13.75
N LYS D 169 -52.51 16.84 14.75
CA LYS D 169 -53.64 16.97 15.66
C LYS D 169 -53.07 16.81 17.06
N VAL D 170 -52.86 17.93 17.74
CA VAL D 170 -52.27 17.96 19.07
C VAL D 170 -53.32 18.44 20.06
N THR D 171 -53.48 17.69 21.15
CA THR D 171 -54.47 17.99 22.17
C THR D 171 -53.80 18.01 23.53
N VAL D 172 -54.18 18.97 24.36
CA VAL D 172 -53.67 19.11 25.72
C VAL D 172 -54.61 18.37 26.66
N LEU D 173 -54.05 17.51 27.52
CA LEU D 173 -54.80 16.76 28.52
C LEU D 173 -54.26 17.18 29.88
N GLY D 174 -54.82 18.25 30.44
CA GLY D 174 -54.32 18.81 31.67
C GLY D 174 -53.31 19.92 31.43
N ASN D 175 -52.84 20.49 32.53
CA ASN D 175 -51.91 21.61 32.50
C ASN D 175 -50.52 21.10 32.84
N CYS D 176 -49.56 21.34 31.95
CA CYS D 176 -48.17 20.96 32.15
C CYS D 176 -47.28 22.15 31.84
N GLU D 177 -46.38 22.47 32.77
CA GLU D 177 -45.50 23.62 32.59
C GLU D 177 -44.31 23.30 31.70
N LYS D 178 -43.93 22.02 31.59
CA LYS D 178 -42.75 21.66 30.83
C LYS D 178 -42.99 21.70 29.32
N ALA D 179 -44.20 21.38 28.87
CA ALA D 179 -44.46 21.24 27.44
C ALA D 179 -44.23 22.53 26.68
N VAL D 180 -44.41 23.69 27.33
CA VAL D 180 -44.24 24.95 26.64
C VAL D 180 -42.77 25.18 26.27
N GLU D 181 -41.84 24.66 27.07
CA GLU D 181 -40.42 24.84 26.79
C GLU D 181 -39.78 23.64 26.12
N VAL D 182 -40.41 22.46 26.18
CA VAL D 182 -39.88 21.30 25.49
C VAL D 182 -39.99 21.47 23.98
N CYS D 183 -41.15 21.89 23.50
CA CYS D 183 -41.43 21.80 22.08
C CYS D 183 -40.70 22.90 21.32
N PRO D 184 -39.91 22.56 20.29
CA PRO D 184 -39.20 23.61 19.54
C PRO D 184 -40.13 24.60 18.87
N GLU D 185 -41.29 24.16 18.42
CA GLU D 185 -42.27 25.05 17.81
C GLU D 185 -43.17 25.67 18.87
N GLY D 186 -43.78 26.79 18.53
CA GLY D 186 -44.65 27.49 19.46
C GLY D 186 -46.05 26.93 19.50
N VAL D 187 -46.18 25.60 19.40
CA VAL D 187 -47.49 24.96 19.41
C VAL D 187 -48.17 25.06 20.77
N PHE D 188 -47.42 25.32 21.83
CA PHE D 188 -47.97 25.38 23.18
C PHE D 188 -47.76 26.77 23.77
N ALA D 189 -48.73 27.22 24.56
CA ALA D 189 -48.64 28.48 25.28
C ALA D 189 -49.21 28.29 26.67
N MET D 190 -48.75 29.12 27.60
CA MET D 190 -49.18 29.09 28.99
C MET D 190 -49.87 30.42 29.29
N GLU D 191 -51.19 30.45 29.15
CA GLU D 191 -51.98 31.62 29.48
C GLU D 191 -52.86 31.32 30.68
N ASN D 192 -53.05 32.35 31.52
CA ASN D 192 -53.81 32.31 32.78
C ASN D 192 -53.62 31.00 33.53
N ASN D 193 -52.37 30.57 33.65
CA ASN D 193 -52.00 29.32 34.32
C ASN D 193 -52.74 28.13 33.72
N LYS D 194 -52.83 28.11 32.39
CA LYS D 194 -53.45 27.02 31.65
C LYS D 194 -52.64 26.75 30.40
N LEU D 195 -52.43 25.47 30.11
CA LEU D 195 -51.68 25.05 28.93
C LEU D 195 -52.65 24.92 27.75
N VAL D 196 -52.43 25.71 26.70
CA VAL D 196 -53.28 25.71 25.53
C VAL D 196 -52.41 25.61 24.29
N VAL D 197 -53.06 25.38 23.15
CA VAL D 197 -52.38 25.30 21.87
C VAL D 197 -52.62 26.60 21.11
N LYS D 198 -51.55 27.25 20.68
CA LYS D 198 -51.65 28.48 19.89
C LYS D 198 -51.56 28.20 18.41
N ASN D 199 -50.53 27.48 17.98
CA ASN D 199 -50.31 27.18 16.57
C ASN D 199 -50.31 25.66 16.41
N GLU D 200 -51.52 25.09 16.25
CA GLU D 200 -51.63 23.65 16.08
C GLU D 200 -50.96 23.19 14.78
N LEU D 201 -51.11 23.96 13.72
CA LEU D 201 -50.58 23.60 12.41
C LEU D 201 -49.09 23.84 12.29
N SER D 202 -48.46 24.45 13.29
CA SER D 202 -47.01 24.62 13.30
C SER D 202 -46.28 23.40 13.85
N CYS D 203 -47.01 22.38 14.28
CA CYS D 203 -46.38 21.15 14.76
C CYS D 203 -45.68 20.41 13.63
N ILE D 204 -44.58 19.73 13.98
CA ILE D 204 -43.83 18.92 13.04
C ILE D 204 -43.80 17.45 13.46
N LEU D 205 -44.60 17.08 14.45
CA LEU D 205 -44.66 15.69 14.94
C LEU D 205 -43.29 15.21 15.42
N CYS D 206 -42.60 16.07 16.19
CA CYS D 206 -41.28 15.73 16.71
C CYS D 206 -41.37 14.72 17.85
N GLU D 207 -42.48 14.72 18.60
CA GLU D 207 -42.76 13.81 19.70
C GLU D 207 -41.89 14.05 20.94
N GLU D 208 -41.10 15.13 20.97
CA GLU D 208 -40.50 15.58 22.22
C GLU D 208 -41.58 16.04 23.19
N CYS D 209 -42.57 16.78 22.68
CA CYS D 209 -43.72 17.18 23.46
C CYS D 209 -44.35 15.97 24.14
N LEU D 210 -44.42 14.85 23.41
CA LEU D 210 -44.92 13.60 23.99
C LEU D 210 -43.85 12.91 24.83
N LYS D 211 -42.57 13.13 24.54
CA LYS D 211 -41.52 12.35 25.20
C LYS D 211 -41.31 12.82 26.63
N TYR D 212 -41.31 14.12 26.87
CA TYR D 212 -41.03 14.58 28.24
C TYR D 212 -42.28 14.59 29.11
N CYS D 213 -43.45 14.89 28.54
CA CYS D 213 -44.72 14.83 29.26
C CYS D 213 -45.68 13.94 28.47
N ALA D 214 -45.66 12.65 28.77
CA ALA D 214 -46.40 11.68 27.96
C ALA D 214 -47.90 11.79 28.16
N GLY D 215 -48.36 11.88 29.41
CA GLY D 215 -49.77 11.90 29.67
C GLY D 215 -50.46 13.24 29.52
N SER D 216 -49.69 14.33 29.55
CA SER D 216 -50.28 15.67 29.50
C SER D 216 -50.74 16.06 28.10
N VAL D 217 -50.11 15.52 27.07
CA VAL D 217 -50.40 15.92 25.69
C VAL D 217 -50.50 14.67 24.82
N SER D 218 -51.42 14.70 23.86
CA SER D 218 -51.58 13.62 22.88
C SER D 218 -51.39 14.19 21.49
N ILE D 219 -50.50 13.57 20.71
CA ILE D 219 -50.16 14.01 19.36
C ILE D 219 -50.53 12.89 18.39
N GLU D 220 -51.21 13.26 17.30
CA GLU D 220 -51.56 12.30 16.26
C GLU D 220 -51.45 12.98 14.90
N SER D 221 -51.47 12.17 13.84
CA SER D 221 -51.52 12.71 12.50
C SER D 221 -52.86 12.42 11.85
N VAL D 222 -53.38 13.42 11.13
CA VAL D 222 -54.63 13.30 10.41
C VAL D 222 -54.34 12.65 9.06
N GLU D 223 -55.05 11.57 8.76
CA GLU D 223 -54.70 10.74 7.61
C GLU D 223 -54.98 11.47 6.29
N ASN D 224 -56.17 12.06 6.16
CA ASN D 224 -56.56 12.61 4.86
C ASN D 224 -55.90 13.96 4.56
N LYS D 225 -55.65 14.78 5.59
CA LYS D 225 -55.14 16.12 5.37
C LYS D 225 -53.62 16.13 5.33
N PHE D 226 -53.08 17.06 4.54
CA PHE D 226 -51.64 17.30 4.44
C PHE D 226 -51.39 18.78 4.29
N ILE D 227 -50.18 19.22 4.64
CA ILE D 227 -49.79 20.62 4.53
C ILE D 227 -48.72 20.72 3.45
N LEU D 228 -48.99 21.55 2.44
CA LEU D 228 -48.11 21.74 1.29
C LEU D 228 -47.65 23.19 1.28
N GLU D 229 -46.34 23.39 1.34
CA GLU D 229 -45.74 24.71 1.38
C GLU D 229 -44.78 24.85 0.20
N ILE D 230 -44.80 26.01 -0.46
CA ILE D 230 -43.84 26.30 -1.51
C ILE D 230 -43.35 27.72 -1.35
N GLU D 231 -42.04 27.92 -1.56
CA GLU D 231 -41.43 29.24 -1.52
C GLU D 231 -40.82 29.52 -2.89
N SER D 232 -41.37 30.49 -3.60
CA SER D 232 -40.87 30.85 -4.91
C SER D 232 -39.61 31.70 -4.78
N VAL D 233 -38.95 31.94 -5.91
CA VAL D 233 -37.77 32.79 -5.98
C VAL D 233 -38.08 34.12 -6.66
N GLY D 234 -39.34 34.35 -7.03
CA GLY D 234 -39.74 35.55 -7.73
C GLY D 234 -39.98 35.36 -9.22
N SER D 235 -39.59 34.21 -9.78
CA SER D 235 -39.81 33.95 -11.19
C SER D 235 -41.31 33.85 -11.50
N LEU D 236 -42.07 33.20 -10.63
CA LEU D 236 -43.49 32.96 -10.87
C LEU D 236 -44.25 33.12 -9.55
N LYS D 237 -45.54 33.38 -9.68
CA LYS D 237 -46.40 33.36 -8.50
C LYS D 237 -46.54 31.92 -7.99
N PRO D 238 -46.59 31.72 -6.67
CA PRO D 238 -46.70 30.35 -6.16
C PRO D 238 -47.93 29.62 -6.68
N GLU D 239 -49.06 30.30 -6.80
CA GLU D 239 -50.26 29.68 -7.34
C GLU D 239 -50.03 29.26 -8.79
N ARG D 240 -49.37 30.12 -9.58
CA ARG D 240 -49.05 29.75 -10.95
C ARG D 240 -48.07 28.59 -11.01
N ILE D 241 -47.14 28.52 -10.06
CA ILE D 241 -46.23 27.38 -10.00
C ILE D 241 -47.00 26.09 -9.77
N LEU D 242 -47.93 26.10 -8.82
CA LEU D 242 -48.73 24.90 -8.56
C LEU D 242 -49.57 24.51 -9.77
N ILE D 243 -50.19 25.51 -10.42
CA ILE D 243 -51.02 25.23 -11.59
C ILE D 243 -50.19 24.64 -12.71
N GLU D 244 -49.00 25.19 -12.95
CA GLU D 244 -48.13 24.67 -14.00
C GLU D 244 -47.63 23.27 -13.68
N ALA D 245 -47.34 23.00 -12.41
CA ALA D 245 -46.94 21.64 -12.02
C ALA D 245 -48.06 20.65 -12.30
N SER D 246 -49.30 21.01 -11.94
CA SER D 246 -50.42 20.12 -12.21
C SER D 246 -50.64 19.95 -13.71
N LYS D 247 -50.46 21.02 -14.49
CA LYS D 247 -50.59 20.92 -15.93
C LYS D 247 -49.55 19.99 -16.53
N SER D 248 -48.31 20.06 -16.03
CA SER D 248 -47.26 19.17 -16.52
C SER D 248 -47.58 17.73 -16.17
N LEU D 249 -48.08 17.49 -14.95
CA LEU D 249 -48.51 16.13 -14.60
C LEU D 249 -49.62 15.65 -15.51
N LEU D 250 -50.57 16.53 -15.83
CA LEU D 250 -51.66 16.16 -16.74
C LEU D 250 -51.12 15.82 -18.12
N ARG D 251 -50.18 16.60 -18.63
CA ARG D 251 -49.60 16.33 -19.94
C ARG D 251 -48.91 14.97 -19.96
N LYS D 252 -48.11 14.68 -18.92
CA LYS D 252 -47.42 13.40 -18.86
C LYS D 252 -48.40 12.25 -18.78
N LEU D 253 -49.44 12.38 -17.94
CA LEU D 253 -50.41 11.30 -17.81
C LEU D 253 -51.19 11.09 -19.10
N SER D 254 -51.57 12.17 -19.78
CA SER D 254 -52.29 12.04 -21.04
C SER D 254 -51.43 11.38 -22.11
N GLU D 255 -50.16 11.76 -22.19
CA GLU D 255 -49.27 11.13 -23.16
C GLU D 255 -49.08 9.65 -22.85
N LEU D 256 -48.92 9.30 -21.57
CA LEU D 256 -48.78 7.90 -21.21
C LEU D 256 -50.05 7.11 -21.54
N LYS D 257 -51.22 7.70 -21.29
CA LYS D 257 -52.47 7.05 -21.63
C LYS D 257 -52.60 6.85 -23.13
N SER D 258 -52.20 7.84 -23.91
CA SER D 258 -52.24 7.70 -25.37
C SER D 258 -51.32 6.59 -25.84
N LYS D 259 -50.12 6.49 -25.28
CA LYS D 259 -49.20 5.44 -25.66
C LYS D 259 -49.73 4.06 -25.26
N LEU D 260 -50.35 3.96 -24.08
CA LEU D 260 -50.93 2.70 -23.65
C LEU D 260 -52.08 2.29 -24.57
N GLU D 261 -52.92 3.24 -24.98
CA GLU D 261 -54.01 2.93 -25.89
C GLU D 261 -53.47 2.49 -27.26
N ALA D 262 -52.42 3.17 -27.74
CA ALA D 262 -51.82 2.78 -29.01
C ALA D 262 -51.23 1.38 -28.94
N GLY D 263 -50.58 1.05 -27.83
CA GLY D 263 -50.03 -0.28 -27.68
C GLY D 263 -51.10 -1.37 -27.65
N LYS D 264 -52.27 -1.06 -27.09
CA LYS D 264 -53.36 -2.02 -27.01
C LYS D 264 -53.95 -2.27 -28.40
N VAL E 5 3.40 -46.93 -51.38
CA VAL E 5 3.91 -46.48 -50.09
C VAL E 5 2.78 -46.16 -49.12
N ARG E 6 2.90 -46.65 -47.89
CA ARG E 6 1.94 -46.41 -46.84
C ARG E 6 2.46 -45.33 -45.90
N ALA E 7 1.71 -44.24 -45.79
CA ALA E 7 2.09 -43.13 -44.93
C ALA E 7 0.92 -42.79 -44.03
N LYS E 8 1.22 -42.65 -42.73
CA LYS E 8 0.24 -42.23 -41.73
C LYS E 8 0.64 -40.87 -41.21
N GLY E 9 -0.31 -39.92 -41.24
CA GLY E 9 -0.05 -38.58 -40.81
C GLY E 9 -1.29 -37.97 -40.18
N ILE E 10 -1.09 -36.82 -39.55
CA ILE E 10 -2.17 -36.11 -38.89
C ILE E 10 -2.73 -35.04 -39.83
N VAL E 11 -4.05 -35.06 -40.01
CA VAL E 11 -4.75 -34.15 -40.89
C VAL E 11 -5.61 -33.21 -40.05
N ARG E 12 -5.58 -31.93 -40.38
CA ARG E 12 -6.29 -30.89 -39.66
C ARG E 12 -7.59 -30.57 -40.40
N ILE E 13 -8.70 -31.12 -39.91
CA ILE E 13 -10.02 -30.86 -40.48
C ILE E 13 -10.54 -29.56 -39.86
N PRO E 14 -10.75 -28.51 -40.65
CA PRO E 14 -11.17 -27.22 -40.09
C PRO E 14 -12.62 -27.28 -39.61
N PRO E 15 -13.02 -26.35 -38.73
CA PRO E 15 -14.39 -26.39 -38.20
C PRO E 15 -15.47 -26.26 -39.25
N GLU E 16 -15.25 -25.51 -40.34
CA GLU E 16 -16.31 -25.32 -41.32
C GLU E 16 -16.66 -26.62 -42.04
N TYR E 17 -15.73 -27.56 -42.11
CA TYR E 17 -15.99 -28.87 -42.71
C TYR E 17 -16.38 -29.89 -41.64
N PHE E 18 -17.43 -29.54 -40.88
CA PHE E 18 -17.97 -30.41 -39.86
C PHE E 18 -19.36 -30.89 -40.28
N GLY E 19 -19.64 -32.16 -40.03
CA GLY E 19 -20.88 -32.79 -40.44
C GLY E 19 -20.78 -33.56 -41.73
N GLN E 20 -19.77 -33.30 -42.55
CA GLN E 20 -19.53 -34.09 -43.74
C GLN E 20 -18.76 -35.36 -43.36
N SER E 21 -18.70 -36.30 -44.30
CA SER E 21 -18.00 -37.56 -44.05
C SER E 21 -16.51 -37.30 -43.89
N VAL E 22 -15.90 -37.99 -42.92
CA VAL E 22 -14.51 -37.71 -42.55
C VAL E 22 -13.57 -38.06 -43.69
N ASP E 23 -13.82 -39.17 -44.39
CA ASP E 23 -12.87 -39.65 -45.39
C ASP E 23 -12.71 -38.66 -46.54
N GLU E 24 -13.83 -38.13 -47.05
CA GLU E 24 -13.75 -37.18 -48.16
C GLU E 24 -13.06 -35.89 -47.75
N ILE E 25 -13.37 -35.39 -46.54
CA ILE E 25 -12.71 -34.18 -46.07
C ILE E 25 -11.21 -34.41 -45.90
N ALA E 26 -10.83 -35.56 -45.34
CA ALA E 26 -9.43 -35.87 -45.12
C ALA E 26 -8.68 -35.98 -46.44
N ILE E 27 -9.27 -36.66 -47.43
CA ILE E 27 -8.59 -36.80 -48.71
C ILE E 27 -8.54 -35.45 -49.42
N LYS E 28 -9.56 -34.60 -49.25
CA LYS E 28 -9.50 -33.26 -49.82
C LYS E 28 -8.35 -32.45 -49.23
N ILE E 29 -8.20 -32.52 -47.91
CA ILE E 29 -7.12 -31.77 -47.25
C ILE E 29 -5.77 -32.30 -47.69
N LEU E 30 -5.61 -33.63 -47.74
CA LEU E 30 -4.35 -34.20 -48.17
C LEU E 30 -4.03 -33.83 -49.61
N ARG E 31 -5.03 -33.86 -50.49
CA ARG E 31 -4.81 -33.48 -51.88
C ARG E 31 -4.43 -32.01 -51.98
N GLN E 32 -5.09 -31.15 -51.22
CA GLN E 32 -4.76 -29.73 -51.25
C GLN E 32 -3.32 -29.49 -50.78
N GLU E 33 -2.92 -30.18 -49.71
CA GLU E 33 -1.57 -30.01 -49.18
C GLU E 33 -0.51 -30.78 -49.96
N TYR E 34 -0.86 -31.93 -50.53
CA TYR E 34 0.12 -32.81 -51.17
C TYR E 34 -0.22 -33.08 -52.64
N GLN E 35 -0.82 -32.10 -53.32
CA GLN E 35 -1.15 -32.30 -54.73
C GLN E 35 0.10 -32.42 -55.58
N GLU E 36 1.14 -31.66 -55.25
CA GLU E 36 2.39 -31.69 -55.99
C GLU E 36 3.55 -31.55 -55.02
N LYS E 37 4.76 -31.82 -55.53
CA LYS E 37 6.07 -31.61 -54.91
C LYS E 37 6.27 -32.43 -53.65
N LEU E 38 5.22 -33.11 -53.18
CA LEU E 38 5.24 -34.03 -52.02
C LEU E 38 6.00 -33.34 -50.89
N ILE E 39 7.05 -33.96 -50.35
CA ILE E 39 7.92 -33.36 -49.35
C ILE E 39 9.35 -33.53 -49.83
N LYS E 40 10.31 -33.00 -49.06
CA LYS E 40 11.70 -32.97 -49.50
C LYS E 40 12.26 -34.38 -49.73
N ASP E 41 11.96 -35.31 -48.83
CA ASP E 41 12.48 -36.66 -48.91
C ASP E 41 11.39 -37.64 -49.37
N ILE E 42 11.83 -38.84 -49.75
CA ILE E 42 10.96 -39.89 -50.25
C ILE E 42 10.16 -39.34 -51.43
N GLY E 43 10.86 -38.92 -52.47
CA GLY E 43 10.24 -38.53 -53.72
C GLY E 43 9.68 -37.11 -53.70
N VAL E 44 9.30 -36.67 -54.90
CA VAL E 44 8.72 -35.35 -55.12
C VAL E 44 7.44 -35.52 -55.92
N VAL E 45 6.87 -36.72 -55.87
CA VAL E 45 5.77 -37.09 -56.77
C VAL E 45 4.50 -36.34 -56.40
N LEU E 46 3.63 -36.19 -57.39
CA LEU E 46 2.33 -35.54 -57.22
C LEU E 46 1.19 -36.53 -57.04
N GLY E 47 1.44 -37.83 -57.10
CA GLY E 47 0.36 -38.80 -57.07
C GLY E 47 -0.18 -39.02 -55.68
N ILE E 48 -1.49 -39.23 -55.60
CA ILE E 48 -2.19 -39.61 -54.37
C ILE E 48 -3.48 -40.32 -54.75
N VAL E 49 -3.83 -41.37 -54.01
CA VAL E 49 -4.95 -42.21 -54.41
C VAL E 49 -6.16 -42.02 -53.48
N ASN E 50 -6.00 -42.38 -52.21
CA ASN E 50 -7.12 -42.33 -51.27
C ASN E 50 -6.58 -42.38 -49.85
N ALA E 51 -7.50 -42.33 -48.89
CA ALA E 51 -7.15 -42.32 -47.49
C ALA E 51 -8.33 -42.80 -46.66
N LYS E 52 -8.03 -43.19 -45.42
CA LYS E 52 -9.05 -43.52 -44.43
C LYS E 52 -8.62 -42.98 -43.08
N ALA E 53 -9.47 -42.15 -42.47
CA ALA E 53 -9.14 -41.46 -41.23
C ALA E 53 -10.01 -41.97 -40.10
N SER E 54 -9.42 -42.06 -38.91
CA SER E 54 -10.17 -42.47 -37.72
C SER E 54 -11.21 -41.42 -37.36
N GLU E 55 -12.33 -41.89 -36.80
CA GLU E 55 -13.43 -40.98 -36.47
C GLU E 55 -13.03 -40.02 -35.35
N GLU E 56 -12.41 -40.54 -34.29
CA GLU E 56 -12.03 -39.71 -33.15
C GLU E 56 -10.85 -38.83 -33.52
N GLY E 57 -10.94 -37.55 -33.15
CA GLY E 57 -9.87 -36.61 -33.43
C GLY E 57 -9.56 -35.69 -32.26
N PHE E 58 -8.30 -35.33 -32.09
CA PHE E 58 -7.88 -34.52 -30.95
C PHE E 58 -8.28 -33.06 -31.16
N ILE E 59 -8.40 -32.35 -30.04
CA ILE E 59 -8.59 -30.91 -30.02
C ILE E 59 -7.48 -30.31 -29.18
N ILE E 60 -6.79 -29.31 -29.72
CA ILE E 60 -5.62 -28.73 -29.07
C ILE E 60 -5.90 -27.29 -28.68
N PHE E 61 -5.20 -26.85 -27.63
CA PHE E 61 -5.40 -25.51 -27.08
C PHE E 61 -5.20 -24.45 -28.15
N GLY E 62 -6.16 -23.53 -28.24
CA GLY E 62 -6.09 -22.47 -29.21
C GLY E 62 -6.54 -22.82 -30.61
N ASP E 63 -6.95 -24.06 -30.85
CA ASP E 63 -7.42 -24.45 -32.18
C ASP E 63 -8.76 -25.15 -32.06
N GLY E 64 -9.73 -24.71 -32.86
CA GLY E 64 -11.02 -25.36 -32.89
C GLY E 64 -11.11 -26.54 -33.85
N ALA E 65 -10.19 -26.62 -34.81
CA ALA E 65 -10.21 -27.71 -35.77
C ALA E 65 -9.92 -29.03 -35.08
N THR E 66 -10.15 -30.13 -35.81
CA THR E 66 -9.99 -31.46 -35.26
C THR E 66 -8.86 -32.19 -35.99
N TYR E 67 -7.98 -32.82 -35.23
CA TYR E 67 -6.78 -33.45 -35.78
C TYR E 67 -6.97 -34.96 -35.79
N HIS E 68 -7.01 -35.55 -36.98
CA HIS E 68 -7.26 -36.98 -37.14
C HIS E 68 -6.02 -37.68 -37.68
N GLU E 69 -5.79 -38.90 -37.21
CA GLU E 69 -4.73 -39.73 -37.78
C GLU E 69 -5.27 -40.49 -38.98
N VAL E 70 -4.59 -40.38 -40.12
CA VAL E 70 -5.06 -40.92 -41.38
C VAL E 70 -3.92 -41.60 -42.10
N GLU E 71 -4.19 -42.78 -42.67
CA GLU E 71 -3.24 -43.50 -43.50
C GLU E 71 -3.68 -43.38 -44.95
N PHE E 72 -2.74 -43.18 -45.86
CA PHE E 72 -3.07 -42.80 -47.23
C PHE E 72 -2.06 -43.35 -48.22
N ASP E 73 -2.46 -43.32 -49.49
CA ASP E 73 -1.66 -43.83 -50.61
C ASP E 73 -0.96 -42.68 -51.32
N MET E 74 0.36 -42.77 -51.43
CA MET E 74 1.13 -41.89 -52.30
C MET E 74 1.67 -42.69 -53.48
N LEU E 75 2.27 -41.98 -54.44
CA LEU E 75 2.76 -42.63 -55.65
C LEU E 75 4.25 -42.38 -55.82
N VAL E 76 5.03 -42.53 -54.75
CA VAL E 76 6.47 -42.28 -54.79
C VAL E 76 7.15 -43.16 -55.82
N SER F 2 1.62 -30.65 -36.68
CA SER F 2 0.34 -30.76 -37.37
C SER F 2 0.45 -31.66 -38.60
N TYR F 3 1.66 -31.75 -39.17
CA TYR F 3 1.94 -32.58 -40.34
C TYR F 3 3.16 -33.42 -40.04
N SER F 4 2.96 -34.58 -39.43
CA SER F 4 4.01 -35.54 -39.15
C SER F 4 3.87 -36.71 -40.12
N LEU F 5 4.83 -36.86 -41.02
CA LEU F 5 4.80 -37.89 -42.05
C LEU F 5 5.73 -39.02 -41.67
N LYS F 6 5.19 -40.24 -41.66
CA LYS F 6 5.97 -41.45 -41.39
C LYS F 6 5.58 -42.50 -42.41
N THR F 7 6.56 -42.99 -43.16
CA THR F 7 6.33 -43.98 -44.21
C THR F 7 6.61 -45.36 -43.65
N ILE F 8 5.62 -46.25 -43.75
CA ILE F 8 5.72 -47.62 -43.29
C ILE F 8 5.47 -48.54 -44.46
N GLU F 9 6.13 -49.71 -44.47
CA GLU F 9 5.96 -50.75 -45.49
C GLU F 9 5.84 -50.17 -46.89
N GLU F 10 6.74 -49.25 -47.21
CA GLU F 10 6.69 -48.54 -48.50
C GLU F 10 6.89 -49.51 -49.66
N HIS F 11 6.13 -49.30 -50.72
CA HIS F 11 6.18 -50.12 -51.91
C HIS F 11 6.63 -49.29 -53.11
N PHE F 12 7.30 -49.96 -54.05
CA PHE F 12 7.85 -49.26 -55.21
C PHE F 12 6.74 -48.81 -56.15
N VAL F 13 6.98 -47.69 -56.83
CA VAL F 13 6.02 -47.12 -57.77
C VAL F 13 6.00 -47.99 -59.03
N PRO F 14 4.84 -48.54 -59.41
CA PRO F 14 4.77 -49.37 -60.61
C PRO F 14 4.70 -48.53 -61.87
N TYR F 15 5.75 -48.61 -62.69
CA TYR F 15 5.79 -47.83 -63.93
C TYR F 15 4.69 -48.25 -64.89
N SER F 16 4.46 -49.56 -65.01
CA SER F 16 3.38 -50.04 -65.88
C SER F 16 2.01 -49.61 -65.35
N ILE F 17 1.82 -49.66 -64.03
CA ILE F 17 0.53 -49.32 -63.45
C ILE F 17 0.44 -47.84 -63.07
N ALA F 18 1.49 -47.06 -63.32
CA ALA F 18 1.41 -45.62 -63.06
C ALA F 18 0.36 -44.97 -63.94
N LYS F 19 0.24 -45.42 -65.20
CA LYS F 19 -0.82 -44.91 -66.07
C LYS F 19 -2.20 -45.21 -65.52
N LYS F 20 -2.40 -46.43 -65.02
CA LYS F 20 -3.69 -46.78 -64.42
C LYS F 20 -3.96 -45.93 -63.18
N TYR F 21 -2.93 -45.72 -62.36
CA TYR F 21 -3.11 -44.92 -61.15
C TYR F 21 -3.46 -43.47 -61.48
N ILE F 22 -2.78 -42.88 -62.47
CA ILE F 22 -3.09 -41.49 -62.83
C ILE F 22 -4.45 -41.40 -63.50
N LYS F 23 -4.85 -42.43 -64.26
CA LYS F 23 -6.19 -42.44 -64.82
C LYS F 23 -7.25 -42.50 -63.73
N GLU F 24 -7.01 -43.33 -62.70
CA GLU F 24 -7.94 -43.39 -61.57
C GLU F 24 -8.00 -42.05 -60.84
N LEU F 25 -6.84 -41.41 -60.67
CA LEU F 25 -6.82 -40.09 -60.02
C LEU F 25 -7.60 -39.06 -60.83
N ILE F 26 -7.44 -39.08 -62.16
CA ILE F 26 -8.18 -38.16 -63.01
C ILE F 26 -9.68 -38.46 -62.94
N ASP F 27 -10.03 -39.74 -62.83
CA ASP F 27 -11.44 -40.10 -62.66
C ASP F 27 -11.98 -39.55 -61.35
N THR F 28 -11.20 -39.62 -60.29
CA THR F 28 -11.61 -39.06 -59.00
C THR F 28 -11.62 -37.54 -59.04
N MET G 4 -61.73 -24.55 17.12
CA MET G 4 -61.17 -25.40 18.14
C MET G 4 -60.53 -24.58 19.27
N MET G 5 -60.64 -25.09 20.48
CA MET G 5 -60.05 -24.49 21.67
C MET G 5 -60.44 -23.01 21.78
N GLN G 6 -61.73 -22.82 22.04
CA GLN G 6 -62.29 -21.49 22.28
C GLN G 6 -62.93 -21.46 23.66
N GLY G 7 -62.76 -20.35 24.36
CA GLY G 7 -63.34 -20.20 25.68
C GLY G 7 -63.21 -18.79 26.19
N THR G 8 -64.12 -18.43 27.09
CA THR G 8 -64.07 -17.12 27.73
C THR G 8 -62.85 -17.02 28.63
N CYS G 9 -62.36 -15.79 28.83
CA CYS G 9 -61.12 -15.58 29.55
C CYS G 9 -61.05 -14.15 30.03
N LYS G 10 -60.18 -13.92 31.02
CA LYS G 10 -59.96 -12.58 31.57
C LYS G 10 -58.48 -12.27 31.54
N ILE G 11 -58.12 -11.09 31.05
CA ILE G 11 -56.72 -10.72 30.95
C ILE G 11 -56.26 -10.14 32.28
N SER G 12 -55.07 -10.55 32.71
CA SER G 12 -54.57 -10.16 34.03
C SER G 12 -53.83 -8.85 33.98
N SER G 13 -52.81 -8.74 33.14
CA SER G 13 -51.99 -7.54 33.08
C SER G 13 -51.42 -7.39 31.68
N ILE G 14 -50.94 -6.18 31.40
CA ILE G 14 -50.29 -5.85 30.14
C ILE G 14 -48.87 -5.43 30.49
N GLU G 15 -47.92 -6.34 30.39
CA GLU G 15 -46.55 -6.08 30.78
C GLU G 15 -45.91 -5.07 29.84
N LYS G 16 -44.84 -4.42 30.34
CA LYS G 16 -44.12 -3.44 29.55
C LYS G 16 -43.40 -4.09 28.37
N GLY G 17 -43.06 -5.37 28.49
CA GLY G 17 -42.45 -6.11 27.40
C GLY G 17 -40.94 -5.94 27.35
N ALA G 18 -40.30 -6.89 26.68
CA ALA G 18 -38.85 -6.87 26.57
C ALA G 18 -38.37 -5.78 25.61
N LEU G 19 -39.03 -5.66 24.46
CA LEU G 19 -38.60 -4.71 23.44
C LEU G 19 -39.08 -3.30 23.79
N LYS G 20 -38.74 -2.35 22.92
CA LYS G 20 -39.06 -0.95 23.20
C LYS G 20 -40.53 -0.65 22.94
N ASN G 21 -41.14 -1.30 21.96
CA ASN G 21 -42.51 -1.02 21.57
C ASN G 21 -43.41 -2.25 21.62
N LEU G 22 -43.07 -3.23 22.45
CA LEU G 22 -43.80 -4.48 22.54
C LEU G 22 -44.37 -4.64 23.94
N TYR G 23 -45.66 -4.96 24.03
CA TYR G 23 -46.33 -5.23 25.29
C TYR G 23 -46.82 -6.68 25.31
N VAL G 24 -46.59 -7.36 26.42
CA VAL G 24 -47.03 -8.74 26.58
C VAL G 24 -48.36 -8.75 27.30
N VAL G 25 -49.39 -9.28 26.65
CA VAL G 25 -50.72 -9.38 27.23
C VAL G 25 -50.87 -10.77 27.83
N LYS G 26 -51.12 -10.82 29.14
CA LYS G 26 -51.29 -12.06 29.87
C LYS G 26 -52.77 -12.30 30.12
N MET G 27 -53.19 -13.57 30.02
CA MET G 27 -54.58 -13.92 29.91
C MET G 27 -54.82 -15.24 30.64
N ASP G 28 -55.78 -15.26 31.57
CA ASP G 28 -56.16 -16.47 32.26
C ASP G 28 -57.50 -16.95 31.71
N CYS G 29 -57.53 -18.19 31.24
CA CYS G 29 -58.70 -18.80 30.64
C CYS G 29 -59.24 -19.89 31.55
N ASP G 30 -60.23 -20.63 31.04
CA ASP G 30 -60.79 -21.74 31.78
C ASP G 30 -59.88 -22.97 31.70
N ASN G 31 -60.22 -23.99 32.49
CA ASN G 31 -59.52 -25.28 32.53
C ASN G 31 -58.00 -25.09 32.70
N ASP G 32 -57.62 -24.14 33.55
CA ASP G 32 -56.22 -23.92 33.91
C ASP G 32 -55.36 -23.64 32.67
N LEU G 33 -55.86 -22.75 31.81
CA LEU G 33 -55.19 -22.38 30.58
C LEU G 33 -54.76 -20.92 30.65
N LYS G 34 -53.54 -20.64 30.22
CA LYS G 34 -52.99 -19.28 30.22
C LYS G 34 -52.42 -18.96 28.85
N ILE G 35 -52.57 -17.70 28.44
CA ILE G 35 -52.11 -17.23 27.14
C ILE G 35 -51.33 -15.93 27.34
N GLU G 36 -50.12 -15.88 26.83
CA GLU G 36 -49.28 -14.68 26.87
C GLU G 36 -48.92 -14.33 25.43
N PHE G 37 -49.53 -13.29 24.88
CA PHE G 37 -49.28 -12.96 23.49
C PHE G 37 -48.71 -11.55 23.34
N ASP G 38 -47.84 -11.39 22.35
CA ASP G 38 -47.15 -10.12 22.15
C ASP G 38 -47.97 -9.19 21.25
N ILE G 39 -47.98 -7.90 21.60
CA ILE G 39 -48.65 -6.89 20.80
C ILE G 39 -47.72 -5.68 20.67
N THR G 40 -48.06 -4.84 19.71
CA THR G 40 -47.33 -3.61 19.43
C THR G 40 -48.25 -2.43 19.73
N LYS G 41 -47.68 -1.23 19.81
CA LYS G 41 -48.42 -0.05 20.26
C LYS G 41 -49.73 0.14 19.52
N GLU G 42 -49.73 -0.07 18.20
CA GLU G 42 -50.97 0.08 17.45
C GLU G 42 -51.98 -1.01 17.80
N LEU G 43 -51.50 -2.21 18.12
CA LEU G 43 -52.37 -3.35 18.40
C LEU G 43 -52.69 -3.42 19.90
N SER G 44 -53.18 -2.30 20.43
CA SER G 44 -53.37 -2.17 21.87
C SER G 44 -54.81 -1.81 22.22
N ILE G 45 -55.76 -2.57 21.69
CA ILE G 45 -57.18 -2.31 21.89
C ILE G 45 -57.67 -2.93 23.19
N PHE G 46 -56.75 -3.39 24.02
CA PHE G 46 -57.07 -4.14 25.23
C PHE G 46 -56.80 -3.30 26.48
N SER G 47 -57.67 -3.45 27.47
CA SER G 47 -57.55 -2.78 28.76
C SER G 47 -57.57 -3.81 29.87
N LYS G 48 -56.88 -3.50 30.97
CA LYS G 48 -56.66 -4.46 32.04
C LYS G 48 -57.98 -4.91 32.66
N ASP G 49 -58.01 -6.17 33.08
CA ASP G 49 -59.13 -6.82 33.77
C ASP G 49 -60.35 -7.00 32.88
N GLU G 50 -60.20 -6.90 31.57
CA GLU G 50 -61.32 -7.05 30.66
C GLU G 50 -61.50 -8.51 30.26
N GLU G 51 -62.76 -8.93 30.14
CA GLU G 51 -63.10 -10.31 29.78
C GLU G 51 -63.36 -10.39 28.28
N VAL G 52 -62.64 -11.31 27.62
CA VAL G 52 -62.70 -11.49 26.17
C VAL G 52 -62.87 -12.97 25.87
N THR G 53 -62.92 -13.29 24.57
CA THR G 53 -63.04 -14.67 24.10
C THR G 53 -62.07 -14.90 22.95
N PHE G 54 -61.33 -16.00 23.01
CA PHE G 54 -60.33 -16.32 22.00
C PHE G 54 -60.70 -17.61 21.27
N ILE G 55 -60.32 -17.66 20.00
CA ILE G 55 -60.55 -18.83 19.15
C ILE G 55 -59.29 -19.09 18.33
N ILE G 56 -58.96 -20.37 18.18
CA ILE G 56 -57.80 -20.80 17.40
C ILE G 56 -58.29 -21.88 16.45
N SER G 57 -58.56 -21.50 15.20
CA SER G 57 -59.22 -22.41 14.26
C SER G 57 -58.44 -22.48 12.96
N ARG G 58 -58.42 -23.67 12.36
CA ARG G 58 -57.79 -23.82 11.05
C ARG G 58 -58.48 -22.97 10.00
N GLU G 59 -59.81 -22.96 10.02
CA GLU G 59 -60.57 -22.15 9.08
C GLU G 59 -60.65 -20.71 9.55
N LYS G 60 -60.80 -19.80 8.59
CA LYS G 60 -60.83 -18.38 8.89
C LYS G 60 -62.15 -18.01 9.54
N PRO G 61 -62.14 -17.47 10.76
CA PRO G 61 -63.39 -17.08 11.42
C PRO G 61 -63.75 -15.63 11.14
N GLU G 62 -64.97 -15.27 11.52
CA GLU G 62 -65.45 -13.91 11.36
C GLU G 62 -64.77 -12.98 12.36
N TYR G 63 -64.43 -11.78 11.90
CA TYR G 63 -63.79 -10.79 12.75
C TYR G 63 -64.29 -9.40 12.37
N SER G 64 -64.16 -8.47 13.31
CA SER G 64 -64.57 -7.09 13.12
C SER G 64 -63.38 -6.16 13.36
N GLU G 65 -63.56 -4.89 13.01
CA GLU G 65 -62.52 -3.91 13.22
C GLU G 65 -62.21 -3.72 14.70
N LYS G 66 -63.17 -4.02 15.57
CA LYS G 66 -62.96 -3.94 17.02
C LYS G 66 -62.30 -5.18 17.58
N ASP G 67 -62.09 -6.21 16.78
CA ASP G 67 -61.50 -7.47 17.21
C ASP G 67 -60.01 -7.50 16.93
N PHE G 68 -59.35 -8.54 17.42
CA PHE G 68 -57.95 -8.81 17.09
C PHE G 68 -57.88 -10.14 16.36
N CYS G 69 -57.42 -10.10 15.12
CA CYS G 69 -57.38 -11.29 14.26
C CYS G 69 -56.01 -11.41 13.63
N ALA G 70 -55.48 -12.63 13.58
CA ALA G 70 -54.18 -12.88 12.99
C ALA G 70 -54.11 -14.33 12.58
N HIS G 71 -53.12 -14.66 11.75
CA HIS G 71 -52.89 -16.02 11.31
C HIS G 71 -51.42 -16.36 11.43
N GLY G 72 -51.13 -17.59 11.85
CA GLY G 72 -49.76 -17.99 12.04
C GLY G 72 -49.61 -19.50 12.02
N TYR G 73 -48.38 -19.95 12.21
CA TYR G 73 -48.04 -21.36 12.15
C TYR G 73 -47.71 -21.84 13.55
N LEU G 74 -48.40 -22.89 14.00
CA LEU G 74 -48.14 -23.46 15.31
C LEU G 74 -46.83 -24.22 15.30
N PHE G 75 -46.08 -24.10 16.39
CA PHE G 75 -44.83 -24.84 16.54
C PHE G 75 -44.47 -24.90 18.02
N LEU G 76 -43.34 -25.53 18.33
CA LEU G 76 -42.77 -25.61 19.67
C LEU G 76 -43.80 -26.25 20.63
N GLU G 77 -44.01 -27.53 20.40
CA GLU G 77 -44.71 -28.36 21.37
C GLU G 77 -43.71 -28.89 22.38
N ARG G 78 -43.87 -28.54 23.65
CA ARG G 78 -42.95 -29.03 24.67
C ARG G 78 -43.73 -29.41 25.91
N GLN G 79 -43.16 -30.32 26.70
CA GLN G 79 -43.75 -30.77 27.94
C GLN G 79 -42.88 -30.32 29.10
N GLN G 80 -43.44 -29.54 30.00
CA GLN G 80 -42.69 -29.06 31.15
C GLN G 80 -42.45 -30.21 32.14
N GLU G 81 -41.40 -30.04 32.95
CA GLU G 81 -41.08 -31.05 33.95
C GLU G 81 -42.21 -31.22 34.95
N ASP G 82 -43.01 -30.17 35.16
CA ASP G 82 -44.18 -30.28 36.04
C ASP G 82 -45.19 -31.27 35.48
N GLY G 83 -45.42 -31.24 34.16
CA GLY G 83 -46.43 -32.04 33.51
C GLY G 83 -47.35 -31.27 32.60
N SER G 84 -47.34 -29.94 32.69
CA SER G 84 -48.12 -29.10 31.80
C SER G 84 -47.37 -28.93 30.47
N PHE G 85 -48.14 -28.66 29.42
CA PHE G 85 -47.61 -28.54 28.07
C PHE G 85 -47.56 -27.08 27.66
N ILE G 86 -46.48 -26.70 26.98
CA ILE G 86 -46.25 -25.33 26.53
C ILE G 86 -46.18 -25.33 25.02
N ASP G 87 -46.94 -24.42 24.41
CA ASP G 87 -47.02 -24.28 22.96
C ASP G 87 -46.75 -22.83 22.60
N GLU G 88 -46.21 -22.61 21.41
CA GLU G 88 -45.91 -21.27 20.92
C GLU G 88 -46.35 -21.15 19.48
N ILE G 89 -47.39 -20.35 19.24
CA ILE G 89 -47.86 -20.07 17.89
C ILE G 89 -47.26 -18.75 17.44
N SER G 90 -46.65 -18.75 16.25
CA SER G 90 -45.93 -17.59 15.73
C SER G 90 -46.79 -16.91 14.69
N LEU G 91 -47.40 -15.79 15.08
CA LEU G 91 -48.10 -14.93 14.14
C LEU G 91 -47.05 -14.22 13.30
N TYR G 92 -46.42 -14.96 12.39
CA TYR G 92 -45.31 -14.51 11.55
C TYR G 92 -44.33 -13.63 12.32
N GLY G 93 -44.03 -14.00 13.56
CA GLY G 93 -43.12 -13.24 14.37
C GLY G 93 -43.66 -12.88 15.74
N LEU G 94 -44.95 -12.56 15.81
CA LEU G 94 -45.56 -12.20 17.09
C LEU G 94 -45.89 -13.48 17.85
N ILE G 95 -45.27 -13.67 19.01
CA ILE G 95 -45.37 -14.94 19.72
C ILE G 95 -46.60 -14.94 20.60
N VAL G 96 -47.37 -16.03 20.53
CA VAL G 96 -48.46 -16.30 21.46
C VAL G 96 -48.11 -17.61 22.17
N LYS G 97 -47.97 -17.53 23.49
CA LYS G 97 -47.46 -18.62 24.32
C LYS G 97 -48.61 -19.18 25.14
N ILE G 98 -48.94 -20.45 24.93
CA ILE G 98 -50.08 -21.10 25.55
C ILE G 98 -49.56 -22.13 26.54
N LEU G 99 -49.93 -21.99 27.81
CA LEU G 99 -49.62 -22.95 28.85
C LEU G 99 -50.91 -23.62 29.27
N SER G 100 -50.97 -24.95 29.16
CA SER G 100 -52.17 -25.68 29.53
C SER G 100 -51.84 -27.15 29.66
N LYS G 101 -52.71 -27.86 30.37
CA LYS G 101 -52.66 -29.31 30.41
C LYS G 101 -53.28 -29.88 29.15
N ASN G 102 -52.80 -31.05 28.72
CA ASN G 102 -53.26 -31.70 27.49
C ASN G 102 -53.07 -30.78 26.29
N GLY G 103 -51.80 -30.53 25.98
CA GLY G 103 -51.44 -29.57 24.96
C GLY G 103 -52.08 -29.83 23.61
N LEU G 104 -51.88 -28.86 22.71
CA LEU G 104 -52.59 -28.84 21.44
C LEU G 104 -52.27 -30.07 20.59
N ILE G 105 -50.97 -30.35 20.38
CA ILE G 105 -50.62 -31.48 19.53
C ILE G 105 -50.76 -32.80 20.28
N ASN G 106 -50.61 -32.78 21.61
CA ASN G 106 -50.80 -34.02 22.38
C ASN G 106 -52.23 -34.51 22.27
N SER G 107 -53.20 -33.60 22.34
CA SER G 107 -54.62 -33.94 22.28
C SER G 107 -55.12 -34.09 20.85
N LYS G 108 -54.23 -34.07 19.86
CA LYS G 108 -54.56 -34.26 18.45
C LYS G 108 -55.50 -33.18 17.92
N LEU G 109 -55.52 -32.01 18.57
CA LEU G 109 -56.33 -30.90 18.06
C LEU G 109 -55.71 -30.29 16.82
N PHE G 110 -54.38 -30.17 16.79
CA PHE G 110 -53.68 -29.58 15.66
C PHE G 110 -52.45 -30.41 15.34
N LYS G 111 -52.02 -30.33 14.08
CA LYS G 111 -50.75 -30.90 13.67
C LYS G 111 -49.65 -29.87 13.87
N MET G 112 -48.40 -30.36 13.90
CA MET G 112 -47.26 -29.45 13.99
C MET G 112 -47.07 -28.72 12.67
N MET G 113 -46.75 -27.43 12.76
CA MET G 113 -46.48 -26.60 11.60
C MET G 113 -47.68 -26.55 10.66
N ASP G 114 -48.81 -26.10 11.19
CA ASP G 114 -50.04 -25.96 10.42
C ASP G 114 -50.55 -24.54 10.52
N HIS G 115 -50.96 -23.99 9.38
CA HIS G 115 -51.51 -22.65 9.34
C HIS G 115 -52.83 -22.60 10.09
N VAL G 116 -53.01 -21.58 10.94
CA VAL G 116 -54.17 -21.52 11.81
C VAL G 116 -54.37 -20.07 12.23
N TYR G 117 -55.65 -19.67 12.34
CA TYR G 117 -56.03 -18.30 12.68
C TYR G 117 -56.32 -18.21 14.17
N TYR G 118 -55.74 -17.19 14.80
CA TYR G 118 -55.97 -16.86 16.20
C TYR G 118 -56.72 -15.53 16.25
N CYS G 119 -57.89 -15.53 16.87
CA CYS G 119 -58.74 -14.35 16.94
C CYS G 119 -59.25 -14.19 18.36
N VAL G 120 -58.91 -13.06 18.99
CA VAL G 120 -59.42 -12.71 20.30
C VAL G 120 -60.31 -11.49 20.16
N LYS G 121 -61.51 -11.58 20.73
CA LYS G 121 -62.56 -10.59 20.55
C LYS G 121 -63.11 -10.15 21.90
N LYS G 122 -63.37 -8.86 22.03
CA LYS G 122 -63.95 -8.32 23.25
C LYS G 122 -65.40 -8.76 23.39
N LYS G 123 -65.87 -8.87 24.63
CA LYS G 123 -67.25 -9.23 24.90
C LYS G 123 -68.08 -7.97 25.14
N ALA G 124 -69.19 -7.86 24.43
CA ALA G 124 -70.06 -6.69 24.55
C ALA G 124 -71.49 -7.02 24.10
N ILE H 9 16.96 -44.46 25.41
CA ILE H 9 15.64 -43.92 25.69
C ILE H 9 14.72 -44.21 24.51
N ASP H 10 13.42 -44.36 24.78
CA ASP H 10 12.43 -44.67 23.77
C ASP H 10 11.60 -43.42 23.49
N ILE H 11 11.52 -43.03 22.22
CA ILE H 11 10.79 -41.84 21.81
C ILE H 11 9.47 -42.16 21.11
N SER H 12 9.22 -43.43 20.77
CA SER H 12 8.00 -43.77 20.06
C SER H 12 6.74 -43.51 20.87
N ASN H 13 6.87 -43.38 22.19
CA ASN H 13 5.72 -43.12 23.04
C ASN H 13 5.33 -41.65 23.08
N HIS H 14 6.10 -40.77 22.47
CA HIS H 14 5.79 -39.35 22.48
C HIS H 14 4.49 -39.08 21.72
N GLU H 15 3.77 -38.04 22.16
CA GLU H 15 2.50 -37.71 21.53
C GLU H 15 2.69 -37.21 20.10
N LEU H 16 3.81 -36.52 19.82
CA LEU H 16 4.03 -35.98 18.49
C LEU H 16 4.34 -37.07 17.47
N VAL H 17 4.87 -38.21 17.93
CA VAL H 17 5.29 -39.27 17.03
C VAL H 17 4.11 -40.12 16.61
N PRO H 18 3.84 -40.25 15.32
CA PRO H 18 2.75 -41.11 14.84
C PRO H 18 3.15 -42.58 14.96
N LYS H 19 2.29 -43.45 14.45
CA LYS H 19 2.59 -44.88 14.50
C LYS H 19 3.36 -45.28 13.25
N HIS H 20 4.60 -45.74 13.43
CA HIS H 20 5.48 -46.16 12.35
C HIS H 20 5.46 -47.68 12.26
N GLU H 21 5.33 -48.20 11.04
CA GLU H 21 5.34 -49.63 10.80
C GLU H 21 6.15 -49.91 9.55
N ILE H 22 6.80 -51.06 9.51
CA ILE H 22 7.55 -51.49 8.33
C ILE H 22 6.72 -52.56 7.63
N LEU H 23 6.31 -52.26 6.40
CA LEU H 23 5.45 -53.16 5.64
C LEU H 23 6.27 -54.08 4.75
N GLN H 24 5.73 -55.27 4.50
CA GLN H 24 6.45 -56.29 3.78
C GLN H 24 6.60 -55.92 2.30
N LEU H 25 7.47 -56.66 1.61
CA LEU H 25 7.83 -56.30 0.25
C LEU H 25 6.67 -56.49 -0.72
N GLU H 26 5.81 -57.48 -0.49
CA GLU H 26 4.67 -57.67 -1.38
C GLU H 26 3.71 -56.48 -1.29
N GLU H 27 3.48 -55.97 -0.09
CA GLU H 27 2.63 -54.80 0.07
C GLU H 27 3.23 -53.57 -0.60
N ALA H 28 4.57 -53.41 -0.48
CA ALA H 28 5.23 -52.31 -1.16
C ALA H 28 5.09 -52.43 -2.68
N TYR H 29 5.24 -53.65 -3.20
CA TYR H 29 5.09 -53.87 -4.63
C TYR H 29 3.69 -53.53 -5.10
N LYS H 30 2.67 -53.98 -4.35
CA LYS H 30 1.29 -53.65 -4.69
C LYS H 30 1.06 -52.14 -4.63
N LEU H 31 1.63 -51.47 -3.62
CA LEU H 31 1.47 -50.03 -3.48
C LEU H 31 2.08 -49.29 -4.66
N VAL H 32 3.31 -49.64 -5.03
CA VAL H 32 3.97 -48.92 -6.12
C VAL H 32 3.34 -49.23 -7.46
N LYS H 33 2.77 -50.43 -7.61
CA LYS H 33 2.06 -50.72 -8.85
C LYS H 33 0.74 -49.97 -8.94
N GLU H 34 0.01 -49.87 -7.83
CA GLU H 34 -1.26 -49.14 -7.84
C GLU H 34 -1.04 -47.64 -8.01
N LEU H 35 -0.04 -47.09 -7.33
CA LEU H 35 0.24 -45.66 -7.45
C LEU H 35 0.85 -45.32 -8.81
N GLY H 36 1.45 -46.30 -9.47
CA GLY H 36 2.11 -46.04 -10.74
C GLY H 36 3.32 -45.14 -10.64
N ILE H 37 4.16 -45.34 -9.63
CA ILE H 37 5.32 -44.50 -9.40
C ILE H 37 6.54 -45.37 -9.14
N LYS H 38 7.71 -44.80 -9.38
CA LYS H 38 8.93 -45.38 -8.86
C LYS H 38 8.98 -45.21 -7.34
N PRO H 39 9.63 -46.13 -6.63
CA PRO H 39 9.65 -46.01 -5.16
C PRO H 39 10.27 -44.74 -4.64
N GLU H 40 11.27 -44.19 -5.35
CA GLU H 40 11.92 -42.97 -4.86
C GLU H 40 11.04 -41.74 -5.01
N GLN H 41 9.96 -41.82 -5.78
CA GLN H 41 9.08 -40.67 -5.94
C GLN H 41 8.22 -40.42 -4.70
N LEU H 42 8.09 -41.41 -3.83
CA LEU H 42 7.42 -41.20 -2.56
C LEU H 42 8.23 -40.25 -1.69
N PRO H 43 7.59 -39.51 -0.79
CA PRO H 43 8.35 -38.77 0.22
C PRO H 43 9.21 -39.74 1.01
N TRP H 44 10.46 -39.35 1.27
CA TRP H 44 11.42 -40.29 1.83
C TRP H 44 11.91 -39.83 3.19
N ILE H 45 12.20 -40.81 4.05
CA ILE H 45 12.66 -40.59 5.42
C ILE H 45 14.05 -41.18 5.55
N ARG H 46 14.93 -40.46 6.22
CA ARG H 46 16.31 -40.92 6.39
C ARG H 46 16.36 -42.15 7.29
N ALA H 47 17.26 -43.08 6.96
CA ALA H 47 17.39 -44.29 7.75
C ALA H 47 17.99 -44.03 9.12
N SER H 48 18.59 -42.86 9.33
CA SER H 48 19.16 -42.50 10.62
C SER H 48 18.17 -41.79 11.53
N ASP H 49 16.96 -41.51 11.06
CA ASP H 49 15.97 -40.88 11.92
C ASP H 49 15.63 -41.79 13.09
N PRO H 50 15.48 -41.24 14.30
CA PRO H 50 15.28 -42.11 15.47
C PRO H 50 14.03 -42.96 15.39
N VAL H 51 12.96 -42.46 14.77
CA VAL H 51 11.74 -43.25 14.65
C VAL H 51 11.96 -44.45 13.73
N ALA H 52 12.74 -44.25 12.66
CA ALA H 52 13.05 -45.36 11.76
C ALA H 52 14.04 -46.32 12.41
N LYS H 53 15.00 -45.80 13.17
CA LYS H 53 15.97 -46.65 13.85
C LYS H 53 15.31 -47.49 14.94
N SER H 54 14.26 -46.96 15.57
CA SER H 54 13.59 -47.71 16.64
C SER H 54 12.94 -48.97 16.10
N ILE H 55 12.35 -48.91 14.90
CA ILE H 55 11.67 -50.05 14.32
C ILE H 55 12.64 -50.83 13.45
N GLY H 56 13.90 -50.41 13.45
CA GLY H 56 14.91 -51.09 12.65
C GLY H 56 14.68 -51.01 11.16
N ALA H 57 14.30 -49.85 10.65
CA ALA H 57 14.07 -49.69 9.23
C ALA H 57 15.39 -49.73 8.47
N LYS H 58 15.37 -50.37 7.31
CA LYS H 58 16.53 -50.49 6.45
C LYS H 58 16.31 -49.71 5.16
N PRO H 59 17.39 -49.21 4.54
CA PRO H 59 17.24 -48.47 3.28
C PRO H 59 16.62 -49.34 2.20
N GLY H 60 15.84 -48.70 1.33
CA GLY H 60 15.12 -49.40 0.30
C GLY H 60 13.73 -49.87 0.69
N ASP H 61 13.36 -49.75 1.95
CA ASP H 61 12.06 -50.17 2.44
C ASP H 61 11.07 -49.01 2.38
N ILE H 62 9.80 -49.34 2.58
CA ILE H 62 8.72 -48.36 2.63
C ILE H 62 8.05 -48.46 4.00
N ILE H 63 7.92 -47.32 4.67
CA ILE H 63 7.38 -47.23 6.02
C ILE H 63 5.94 -46.73 5.94
N LYS H 64 5.03 -47.48 6.55
CA LYS H 64 3.63 -47.07 6.66
C LYS H 64 3.44 -46.34 7.98
N ILE H 65 3.00 -45.08 7.90
CA ILE H 65 2.85 -44.22 9.05
C ILE H 65 1.39 -43.84 9.19
N THR H 66 0.80 -44.14 10.34
CA THR H 66 -0.56 -43.74 10.63
C THR H 66 -0.50 -42.53 11.56
N ARG H 67 -1.08 -41.43 11.10
CA ARG H 67 -1.16 -40.19 11.86
C ARG H 67 -2.59 -39.97 12.33
N LYS H 68 -2.73 -39.30 13.47
CA LYS H 68 -4.05 -38.91 13.95
C LYS H 68 -4.45 -37.58 13.31
N SER H 69 -5.51 -37.60 12.51
CA SER H 69 -6.00 -36.42 11.84
C SER H 69 -7.49 -36.22 12.11
N PRO H 70 -7.94 -34.97 12.22
CA PRO H 70 -9.35 -34.74 12.60
C PRO H 70 -10.35 -35.02 11.49
N PHE H 71 -9.90 -35.29 10.26
CA PHE H 71 -10.83 -35.43 9.14
C PHE H 71 -11.27 -36.88 8.97
N THR H 72 -10.32 -37.82 9.02
CA THR H 72 -10.61 -39.23 8.83
C THR H 72 -10.33 -40.04 10.10
N GLY H 73 -9.74 -39.41 11.11
CA GLY H 73 -9.32 -40.12 12.30
C GLY H 73 -7.90 -40.63 12.18
N GLU H 74 -7.70 -41.68 11.39
CA GLU H 74 -6.37 -42.24 11.15
C GLU H 74 -6.04 -42.12 9.67
N SER H 75 -4.90 -41.53 9.36
CA SER H 75 -4.45 -41.33 7.99
C SER H 75 -3.20 -42.16 7.74
N VAL H 76 -3.15 -42.84 6.61
CA VAL H 76 -2.04 -43.71 6.25
C VAL H 76 -1.20 -43.01 5.19
N THR H 77 0.08 -42.84 5.48
CA THR H 77 1.04 -42.24 4.58
C THR H 77 2.21 -43.20 4.42
N TYR H 78 2.90 -43.12 3.28
CA TYR H 78 4.02 -44.02 3.01
C TYR H 78 5.27 -43.20 2.78
N ARG H 79 6.35 -43.57 3.46
CA ARG H 79 7.65 -42.92 3.33
C ARG H 79 8.66 -43.91 2.77
N TYR H 80 9.69 -43.40 2.12
CA TYR H 80 10.75 -44.23 1.55
C TYR H 80 12.00 -44.09 2.41
N VAL H 81 12.69 -45.21 2.65
CA VAL H 81 13.88 -45.17 3.47
C VAL H 81 15.10 -44.99 2.57
N ILE H 82 15.85 -43.91 2.79
CA ILE H 82 17.03 -43.59 2.01
C ILE H 82 18.26 -43.74 2.89
N THR H 83 19.43 -43.61 2.27
CA THR H 83 20.70 -43.83 2.94
C THR H 83 21.27 -42.50 3.43
N GLY H 84 21.20 -42.28 4.74
CA GLY H 84 21.79 -41.11 5.36
C GLY H 84 21.26 -39.78 4.86
N THR I 2 -6.98 -49.91 -5.03
CA THR I 2 -7.04 -50.28 -3.61
C THR I 2 -5.95 -49.58 -2.81
N ILE I 3 -5.60 -48.36 -3.24
CA ILE I 3 -4.60 -47.57 -2.51
C ILE I 3 -5.12 -47.25 -1.11
N ASP I 4 -6.34 -46.75 -1.04
CA ASP I 4 -7.02 -46.48 0.23
C ASP I 4 -8.50 -46.41 -0.06
N LYS I 5 -9.30 -46.49 1.01
CA LYS I 5 -10.75 -46.45 0.85
C LYS I 5 -11.20 -45.12 0.24
N ILE I 6 -10.59 -44.02 0.70
CA ILE I 6 -10.96 -42.70 0.16
C ILE I 6 -10.59 -42.60 -1.30
N ASN I 7 -9.48 -43.22 -1.71
CA ASN I 7 -9.12 -43.21 -3.12
C ASN I 7 -10.16 -43.94 -3.96
N GLU I 8 -10.66 -45.08 -3.47
CA GLU I 8 -11.72 -45.79 -4.18
C GLU I 8 -12.99 -44.95 -4.25
N ILE I 9 -13.35 -44.28 -3.16
CA ILE I 9 -14.53 -43.43 -3.17
C ILE I 9 -14.38 -42.32 -4.20
N PHE I 10 -13.20 -41.69 -4.24
CA PHE I 10 -12.92 -40.64 -5.21
C PHE I 10 -13.06 -41.17 -6.63
N LYS I 11 -12.47 -42.32 -6.91
CA LYS I 11 -12.47 -42.85 -8.27
C LYS I 11 -13.87 -43.24 -8.73
N GLU I 12 -14.65 -43.88 -7.86
CA GLU I 12 -16.01 -44.22 -8.26
C GLU I 12 -16.92 -43.00 -8.27
N ASN I 13 -16.56 -41.94 -7.56
CA ASN I 13 -17.36 -40.72 -7.61
C ASN I 13 -17.15 -39.98 -8.93
N TRP I 14 -15.91 -39.89 -9.39
CA TRP I 14 -15.63 -39.07 -10.57
C TRP I 14 -15.83 -39.82 -11.88
N LYS I 15 -16.28 -41.07 -11.84
CA LYS I 15 -16.54 -41.80 -13.08
C LYS I 15 -17.75 -41.23 -13.81
N ASN I 16 -18.85 -41.02 -13.11
CA ASN I 16 -20.11 -40.62 -13.73
C ASN I 16 -20.34 -39.11 -13.71
N LYS I 17 -19.40 -38.33 -13.18
CA LYS I 17 -19.56 -36.89 -13.09
C LYS I 17 -18.50 -36.20 -13.93
N LEU I 18 -18.68 -34.89 -14.12
CA LEU I 18 -17.83 -34.08 -14.98
C LEU I 18 -17.34 -32.88 -14.20
N THR I 19 -16.03 -32.72 -14.12
CA THR I 19 -15.46 -31.63 -13.33
C THR I 19 -15.64 -30.30 -14.05
N LYS I 20 -15.49 -29.21 -13.30
CA LYS I 20 -15.72 -27.89 -13.88
C LYS I 20 -14.61 -27.51 -14.85
N TYR I 21 -13.41 -28.04 -14.66
CA TYR I 21 -12.34 -27.79 -15.62
C TYR I 21 -12.66 -28.42 -16.98
N GLU I 22 -13.18 -29.65 -16.97
CA GLU I 22 -13.55 -30.31 -18.21
C GLU I 22 -14.75 -29.61 -18.86
N ILE I 23 -15.70 -29.12 -18.05
CA ILE I 23 -16.82 -28.37 -18.58
C ILE I 23 -16.32 -27.09 -19.24
N ALA I 24 -15.41 -26.38 -18.58
CA ALA I 24 -14.87 -25.15 -19.16
C ALA I 24 -14.11 -25.43 -20.44
N ARG I 25 -13.33 -26.51 -20.48
CA ARG I 25 -12.59 -26.85 -21.70
C ARG I 25 -13.54 -27.20 -22.83
N ILE I 26 -14.60 -27.97 -22.54
CA ILE I 26 -15.57 -28.32 -23.57
C ILE I 26 -16.24 -27.07 -24.10
N ILE I 27 -16.65 -26.17 -23.21
CA ILE I 27 -17.35 -24.96 -23.64
C ILE I 27 -16.43 -24.08 -24.47
N SER I 28 -15.18 -23.92 -24.05
CA SER I 28 -14.24 -23.09 -24.80
C SER I 28 -13.96 -23.69 -26.18
N ALA I 29 -13.75 -25.01 -26.25
CA ALA I 29 -13.50 -25.64 -27.53
C ALA I 29 -14.70 -25.52 -28.46
N ARG I 30 -15.91 -25.73 -27.94
CA ARG I 30 -17.10 -25.62 -28.76
C ARG I 30 -17.32 -24.18 -29.23
N ALA I 31 -17.07 -23.21 -28.35
CA ALA I 31 -17.20 -21.81 -28.74
C ALA I 31 -16.19 -21.45 -29.83
N LEU I 32 -14.95 -21.91 -29.69
CA LEU I 32 -13.96 -21.66 -30.73
C LEU I 32 -14.38 -22.30 -32.05
N GLN I 33 -14.91 -23.52 -32.00
CA GLN I 33 -15.38 -24.18 -33.22
C GLN I 33 -16.51 -23.39 -33.87
N LEU I 34 -17.49 -22.96 -33.06
CA LEU I 34 -18.62 -22.21 -33.61
C LEU I 34 -18.20 -20.87 -34.19
N SER I 35 -17.18 -20.23 -33.60
CA SER I 35 -16.71 -18.95 -34.11
C SER I 35 -16.13 -19.09 -35.51
N MET I 36 -15.32 -20.14 -35.75
CA MET I 36 -14.71 -20.32 -37.06
C MET I 36 -15.73 -20.69 -38.14
N GLY I 37 -16.89 -21.22 -37.77
CA GLY I 37 -17.91 -21.50 -38.75
C GLY I 37 -18.59 -22.85 -38.62
N ALA I 38 -18.29 -23.59 -37.56
CA ALA I 38 -18.97 -24.87 -37.34
C ALA I 38 -20.45 -24.64 -37.15
N LEU I 39 -21.25 -25.56 -37.68
CA LEU I 39 -22.71 -25.41 -37.63
C LEU I 39 -23.23 -25.89 -36.28
N PRO I 40 -24.00 -25.07 -35.57
CA PRO I 40 -24.55 -25.50 -34.28
C PRO I 40 -25.49 -26.68 -34.44
N LEU I 41 -25.52 -27.53 -33.40
CA LEU I 41 -26.40 -28.69 -33.45
C LEU I 41 -27.79 -28.36 -32.93
N ILE I 42 -27.88 -27.53 -31.89
CA ILE I 42 -29.18 -27.12 -31.40
C ILE I 42 -29.85 -26.18 -32.39
N ASP I 43 -31.14 -25.94 -32.19
CA ASP I 43 -31.88 -25.03 -33.05
C ASP I 43 -31.41 -23.60 -32.82
N THR I 44 -30.98 -22.94 -33.90
CA THR I 44 -30.46 -21.59 -33.78
C THR I 44 -31.52 -20.61 -33.27
N SER I 45 -32.74 -20.72 -33.80
CA SER I 45 -33.80 -19.81 -33.41
C SER I 45 -34.27 -20.10 -31.99
N ASN I 46 -35.16 -19.22 -31.50
CA ASN I 46 -35.77 -19.34 -30.18
C ASN I 46 -34.74 -19.29 -29.06
N LEU I 47 -33.59 -18.69 -29.29
CA LEU I 47 -32.56 -18.53 -28.28
C LEU I 47 -32.39 -17.05 -27.96
N LYS I 48 -32.47 -16.72 -26.67
CA LYS I 48 -32.44 -15.32 -26.27
C LYS I 48 -31.07 -14.68 -26.48
N SER I 49 -30.02 -15.48 -26.52
CA SER I 49 -28.66 -14.98 -26.59
C SER I 49 -28.02 -15.41 -27.90
N ASP I 50 -27.49 -14.44 -28.65
CA ASP I 50 -26.76 -14.69 -29.89
C ASP I 50 -25.29 -14.98 -29.66
N ASP I 51 -24.82 -14.90 -28.42
CA ASP I 51 -23.41 -15.11 -28.13
C ASP I 51 -23.02 -16.56 -28.39
N VAL I 52 -21.81 -16.74 -28.91
CA VAL I 52 -21.32 -18.09 -29.20
C VAL I 52 -21.10 -18.88 -27.92
N ILE I 53 -20.64 -18.21 -26.87
CA ILE I 53 -20.41 -18.89 -25.59
C ILE I 53 -21.72 -19.45 -25.05
N SER I 54 -22.80 -18.67 -25.13
CA SER I 54 -24.10 -19.13 -24.64
C SER I 54 -24.62 -20.30 -25.45
N ILE I 55 -24.42 -20.28 -26.78
CA ILE I 55 -24.85 -21.39 -27.61
C ILE I 55 -24.08 -22.66 -27.24
N ALA I 56 -22.76 -22.53 -27.04
CA ALA I 56 -21.97 -23.69 -26.65
C ALA I 56 -22.39 -24.23 -25.29
N GLU I 57 -22.69 -23.33 -24.35
CA GLU I 57 -23.15 -23.76 -23.03
C GLU I 57 -24.48 -24.49 -23.12
N GLU I 58 -25.41 -23.98 -23.94
CA GLU I 58 -26.69 -24.64 -24.10
C GLU I 58 -26.54 -26.00 -24.79
N GLU I 59 -25.62 -26.09 -25.75
CA GLU I 59 -25.32 -27.37 -26.38
C GLU I 59 -24.79 -28.38 -25.37
N LEU I 60 -23.88 -27.93 -24.50
CA LEU I 60 -23.35 -28.81 -23.47
C LEU I 60 -24.44 -29.26 -22.50
N LYS I 61 -25.33 -28.33 -22.13
CA LYS I 61 -26.43 -28.70 -21.24
C LYS I 61 -27.35 -29.73 -21.89
N ARG I 62 -27.66 -29.53 -23.18
CA ARG I 62 -28.48 -30.51 -23.89
C ARG I 62 -27.73 -31.82 -24.09
N GLY I 63 -26.45 -31.75 -24.42
CA GLY I 63 -25.65 -32.93 -24.69
C GLY I 63 -25.55 -33.32 -26.14
N VAL I 64 -25.94 -32.45 -27.07
CA VAL I 64 -25.95 -32.81 -28.48
C VAL I 64 -24.53 -32.95 -29.03
N LEU I 65 -23.60 -32.11 -28.59
CA LEU I 65 -22.29 -32.05 -29.21
C LEU I 65 -21.50 -33.33 -28.94
N PRO I 66 -20.93 -33.96 -29.97
CA PRO I 66 -20.15 -35.18 -29.74
C PRO I 66 -18.74 -34.90 -29.27
N ILE I 67 -18.48 -35.09 -27.98
CA ILE I 67 -17.16 -34.90 -27.40
C ILE I 67 -16.93 -36.01 -26.39
N THR I 68 -15.78 -36.67 -26.49
CA THR I 68 -15.37 -37.71 -25.56
C THR I 68 -14.12 -37.24 -24.84
N ILE I 69 -14.16 -37.24 -23.51
CA ILE I 69 -13.03 -36.83 -22.68
C ILE I 69 -12.28 -38.09 -22.26
N ARG I 70 -10.99 -38.15 -22.59
CA ARG I 70 -10.14 -39.25 -22.19
C ARG I 70 -9.21 -38.78 -21.07
N ARG I 71 -9.43 -39.32 -19.87
CA ARG I 71 -8.64 -38.97 -18.70
C ARG I 71 -7.64 -40.08 -18.43
N ILE I 72 -6.36 -39.71 -18.35
CA ILE I 72 -5.27 -40.66 -18.18
C ILE I 72 -4.93 -40.71 -16.70
N TYR I 73 -5.19 -41.85 -16.07
CA TYR I 73 -4.83 -42.03 -14.68
C TYR I 73 -3.31 -42.15 -14.55
N PRO I 74 -2.76 -41.80 -13.39
CA PRO I 74 -1.30 -41.85 -13.23
C PRO I 74 -0.71 -43.24 -13.39
N ASN I 75 -1.49 -44.30 -13.22
CA ASN I 75 -0.99 -45.65 -13.39
C ASN I 75 -1.12 -46.17 -14.81
N GLY I 76 -1.51 -45.33 -15.76
CA GLY I 76 -1.64 -45.71 -17.15
C GLY I 76 -3.06 -46.00 -17.61
N GLN I 77 -4.00 -46.17 -16.69
CA GLN I 77 -5.39 -46.40 -17.06
C GLN I 77 -5.97 -45.15 -17.72
N VAL I 78 -6.72 -45.35 -18.79
CA VAL I 78 -7.40 -44.27 -19.50
C VAL I 78 -8.90 -44.52 -19.45
N GLU I 79 -9.67 -43.49 -19.10
CA GLU I 79 -11.12 -43.59 -19.02
C GLU I 79 -11.74 -42.63 -20.03
N LEU I 80 -12.69 -43.14 -20.80
CA LEU I 80 -13.41 -42.35 -21.80
C LEU I 80 -14.79 -42.03 -21.25
N ILE I 81 -15.12 -40.74 -21.21
CA ILE I 81 -16.42 -40.27 -20.74
C ILE I 81 -17.08 -39.52 -21.89
N SER I 82 -18.30 -39.94 -22.24
CA SER I 82 -19.04 -39.36 -23.34
C SER I 82 -19.97 -38.27 -22.84
N VAL I 83 -20.27 -37.31 -23.72
CA VAL I 83 -21.17 -36.21 -23.40
C VAL I 83 -22.49 -36.31 -24.16
N ARG I 84 -22.64 -37.32 -25.02
CA ARG I 84 -23.83 -37.43 -25.86
C ARG I 84 -25.09 -37.53 -25.01
N LYS I 85 -25.08 -38.40 -24.00
CA LYS I 85 -26.22 -38.61 -23.11
C LYS I 85 -27.50 -38.87 -23.90
N ILE I 86 -27.43 -39.85 -24.80
CA ILE I 86 -28.56 -40.23 -25.62
C ILE I 86 -29.69 -40.77 -24.77
N MET J 1 -41.27 10.27 -24.25
CA MET J 1 -41.18 9.11 -23.38
C MET J 1 -41.44 7.83 -24.16
N GLU J 2 -40.48 6.90 -24.13
CA GLU J 2 -40.66 5.59 -24.74
C GLU J 2 -41.31 4.64 -23.76
N ILE J 3 -42.00 3.63 -24.31
CA ILE J 3 -42.74 2.66 -23.52
C ILE J 3 -42.40 1.26 -24.01
N LYS J 4 -42.19 0.34 -23.07
CA LYS J 4 -41.86 -1.04 -23.41
C LYS J 4 -42.65 -1.97 -22.51
N VAL J 5 -43.11 -3.09 -23.05
CA VAL J 5 -43.96 -4.03 -22.33
C VAL J 5 -43.22 -5.35 -22.17
N ILE J 6 -43.28 -5.90 -20.95
CA ILE J 6 -42.57 -7.13 -20.59
C ILE J 6 -43.55 -8.05 -19.86
N LYS J 7 -43.48 -9.34 -20.19
CA LYS J 7 -44.21 -10.37 -19.47
C LYS J 7 -45.70 -10.04 -19.34
N GLU J 8 -46.26 -9.48 -20.41
CA GLU J 8 -47.66 -9.07 -20.38
C GLU J 8 -48.57 -10.30 -20.37
N GLU J 9 -49.61 -10.23 -19.54
CA GLU J 9 -50.59 -11.30 -19.43
C GLU J 9 -51.93 -10.67 -19.08
N GLN J 10 -52.91 -11.51 -18.75
CA GLN J 10 -54.20 -10.97 -18.35
C GLN J 10 -54.11 -10.33 -16.97
N ASN J 11 -53.41 -10.96 -16.03
CA ASN J 11 -53.33 -10.47 -14.67
C ASN J 11 -51.96 -9.91 -14.30
N TYR J 12 -50.91 -10.25 -15.05
CA TYR J 12 -49.56 -9.80 -14.74
C TYR J 12 -49.04 -8.96 -15.90
N LEU J 13 -48.44 -7.82 -15.57
CA LEU J 13 -47.83 -6.94 -16.55
C LEU J 13 -46.58 -6.31 -15.95
N GLU J 14 -45.57 -6.09 -16.79
CA GLU J 14 -44.42 -5.27 -16.44
C GLU J 14 -44.24 -4.27 -17.56
N LEU J 15 -43.88 -3.04 -17.21
CA LEU J 15 -43.84 -2.01 -18.23
C LEU J 15 -42.78 -0.99 -17.87
N GLN J 16 -41.82 -0.81 -18.77
CA GLN J 16 -40.71 0.12 -18.57
C GLN J 16 -41.05 1.43 -19.28
N ILE J 17 -41.01 2.52 -18.53
CA ILE J 17 -41.26 3.85 -19.06
C ILE J 17 -39.94 4.60 -19.03
N ASP J 18 -39.50 5.09 -20.18
CA ASP J 18 -38.26 5.85 -20.26
C ASP J 18 -38.56 7.34 -20.24
N GLY J 19 -37.91 8.06 -19.32
CA GLY J 19 -38.04 9.50 -19.24
C GLY J 19 -38.85 10.02 -18.07
N GLU J 20 -39.35 9.15 -17.19
CA GLU J 20 -40.07 9.58 -15.99
C GLU J 20 -39.30 9.19 -14.74
N GLU J 21 -39.24 10.12 -13.80
CA GLU J 21 -38.52 9.96 -12.55
C GLU J 21 -39.48 9.39 -11.50
N HIS J 22 -39.12 9.50 -10.22
CA HIS J 22 -39.93 8.90 -9.16
C HIS J 22 -41.36 9.43 -9.12
N THR J 23 -41.59 10.64 -9.62
CA THR J 23 -42.89 11.28 -9.43
C THR J 23 -44.01 10.51 -10.13
N ILE J 24 -43.85 10.21 -11.43
CA ILE J 24 -44.90 9.54 -12.17
C ILE J 24 -45.07 8.11 -11.67
N GLY J 25 -43.96 7.44 -11.37
CA GLY J 25 -44.04 6.08 -10.86
C GLY J 25 -44.78 5.98 -9.54
N ASN J 26 -44.48 6.89 -8.62
CA ASN J 26 -45.17 6.87 -7.33
C ASN J 26 -46.64 7.25 -7.48
N LEU J 27 -46.94 8.23 -8.34
CA LEU J 27 -48.34 8.58 -8.59
C LEU J 27 -49.11 7.37 -9.11
N LEU J 28 -48.54 6.68 -10.10
CA LEU J 28 -49.22 5.52 -10.68
C LEU J 28 -49.32 4.38 -9.67
N LYS J 29 -48.30 4.18 -8.83
CA LYS J 29 -48.38 3.14 -7.81
C LYS J 29 -49.51 3.43 -6.84
N GLY J 30 -49.65 4.68 -6.40
CA GLY J 30 -50.74 5.03 -5.51
C GLY J 30 -52.10 4.80 -6.13
N MET J 31 -52.29 5.26 -7.37
CA MET J 31 -53.59 5.06 -8.02
C MET J 31 -53.87 3.59 -8.31
N LEU J 32 -52.85 2.80 -8.66
CA LEU J 32 -53.04 1.36 -8.83
C LEU J 32 -53.45 0.70 -7.53
N LEU J 33 -52.84 1.10 -6.41
CA LEU J 33 -53.29 0.56 -5.13
C LEU J 33 -54.69 1.04 -4.79
N LYS J 34 -55.12 2.17 -5.33
CA LYS J 34 -56.47 2.67 -5.07
C LYS J 34 -57.52 1.90 -5.86
N VAL J 35 -57.24 1.56 -7.12
CA VAL J 35 -58.26 0.95 -7.98
C VAL J 35 -58.55 -0.47 -7.49
N PRO J 36 -59.81 -0.88 -7.39
CA PRO J 36 -60.11 -2.23 -6.90
C PRO J 36 -59.67 -3.31 -7.89
N GLY J 37 -59.34 -4.48 -7.34
CA GLY J 37 -58.98 -5.63 -8.13
C GLY J 37 -57.49 -5.87 -8.27
N VAL J 38 -56.66 -4.86 -8.03
CA VAL J 38 -55.21 -4.99 -8.19
C VAL J 38 -54.63 -5.64 -6.94
N LYS J 39 -54.04 -6.81 -7.10
CA LYS J 39 -53.48 -7.52 -5.95
C LYS J 39 -52.18 -6.88 -5.49
N PHE J 40 -51.30 -6.50 -6.42
CA PHE J 40 -49.99 -6.00 -6.03
C PHE J 40 -49.42 -5.13 -7.15
N ALA J 41 -49.23 -3.85 -6.88
CA ALA J 41 -48.64 -2.93 -7.84
C ALA J 41 -47.45 -2.23 -7.21
N ALA J 42 -46.36 -2.11 -7.97
CA ALA J 42 -45.18 -1.45 -7.45
C ALA J 42 -44.29 -0.99 -8.60
N TYR J 43 -43.72 0.20 -8.46
CA TYR J 43 -42.75 0.70 -9.42
C TYR J 43 -41.35 0.52 -8.86
N SER J 44 -40.35 0.71 -9.71
CA SER J 44 -38.96 0.59 -9.29
C SER J 44 -38.07 1.40 -10.20
N LEU J 45 -37.07 2.05 -9.62
CA LEU J 45 -36.02 2.73 -10.38
C LEU J 45 -34.82 1.81 -10.44
N PRO J 46 -34.61 1.09 -11.55
CA PRO J 46 -33.51 0.10 -11.58
C PRO J 46 -32.15 0.71 -11.35
N HIS J 47 -31.91 1.92 -11.83
CA HIS J 47 -30.66 2.61 -11.58
C HIS J 47 -30.92 4.11 -11.59
N PRO J 48 -30.60 4.82 -10.51
CA PRO J 48 -30.87 6.26 -10.46
C PRO J 48 -30.14 7.06 -11.53
N LEU J 49 -29.00 6.58 -12.02
CA LEU J 49 -28.30 7.30 -13.08
C LEU J 49 -29.10 7.30 -14.37
N ILE J 50 -29.94 6.29 -14.58
CA ILE J 50 -30.75 6.18 -15.78
C ILE J 50 -32.18 6.56 -15.44
N THR J 51 -32.72 7.56 -16.14
CA THR J 51 -34.06 8.07 -15.86
C THR J 51 -35.11 7.24 -16.58
N SER J 52 -35.33 6.04 -16.04
CA SER J 52 -36.31 5.11 -16.57
C SER J 52 -36.84 4.24 -15.43
N ILE J 53 -38.16 4.10 -15.36
CA ILE J 53 -38.80 3.35 -14.28
C ILE J 53 -39.42 2.09 -14.85
N THR J 54 -39.76 1.17 -13.96
CA THR J 54 -40.42 -0.08 -14.30
C THR J 54 -41.58 -0.30 -13.36
N ILE J 55 -42.78 -0.50 -13.92
CA ILE J 55 -44.01 -0.70 -13.15
C ILE J 55 -44.45 -2.14 -13.31
N LYS J 56 -44.65 -2.83 -12.19
CA LYS J 56 -45.10 -4.21 -12.16
C LYS J 56 -46.47 -4.26 -11.52
N ILE J 57 -47.43 -4.87 -12.23
CA ILE J 57 -48.82 -4.95 -11.81
C ILE J 57 -49.25 -6.41 -11.81
N LEU J 58 -49.87 -6.84 -10.73
CA LEU J 58 -50.48 -8.16 -10.63
C LEU J 58 -51.91 -7.98 -10.15
N THR J 59 -52.85 -8.53 -10.92
CA THR J 59 -54.27 -8.33 -10.71
C THR J 59 -54.93 -9.65 -10.32
N ASP J 60 -56.08 -9.54 -9.64
CA ASP J 60 -56.84 -10.72 -9.23
C ASP J 60 -57.46 -11.47 -10.40
N GLY J 61 -57.44 -10.88 -11.60
CA GLY J 61 -58.02 -11.49 -12.77
C GLY J 61 -59.37 -10.94 -13.19
N SER J 62 -60.04 -10.20 -12.30
CA SER J 62 -61.31 -9.58 -12.68
C SER J 62 -61.13 -8.56 -13.79
N ILE J 63 -60.07 -7.76 -13.72
CA ILE J 63 -59.78 -6.74 -14.71
C ILE J 63 -58.37 -6.95 -15.22
N SER J 64 -58.13 -6.55 -16.47
CA SER J 64 -56.80 -6.71 -17.06
C SER J 64 -55.83 -5.70 -16.44
N ALA J 65 -54.56 -6.09 -16.41
CA ALA J 65 -53.54 -5.22 -15.83
C ALA J 65 -53.39 -3.92 -16.61
N ARG J 66 -53.45 -3.99 -17.94
CA ARG J 66 -53.42 -2.78 -18.74
C ARG J 66 -54.64 -1.89 -18.45
N GLU J 67 -55.81 -2.50 -18.31
CA GLU J 67 -57.00 -1.73 -17.96
C GLU J 67 -56.87 -1.12 -16.57
N ALA J 68 -56.26 -1.85 -15.64
CA ALA J 68 -56.03 -1.29 -14.30
C ALA J 68 -55.10 -0.09 -14.37
N LEU J 69 -54.05 -0.17 -15.19
CA LEU J 69 -53.14 0.96 -15.35
C LEU J 69 -53.86 2.16 -15.96
N ILE J 70 -54.72 1.90 -16.95
CA ILE J 70 -55.48 2.99 -17.57
C ILE J 70 -56.42 3.63 -16.55
N LYS J 71 -57.07 2.81 -15.73
CA LYS J 71 -57.95 3.35 -14.68
C LYS J 71 -57.16 4.20 -13.69
N ALA J 72 -55.94 3.76 -13.34
CA ALA J 72 -55.10 4.55 -12.44
C ALA J 72 -54.73 5.89 -13.07
N ILE J 73 -54.42 5.88 -14.37
CA ILE J 73 -54.11 7.14 -15.06
C ILE J 73 -55.33 8.06 -15.04
N GLU J 74 -56.52 7.50 -15.25
CA GLU J 74 -57.74 8.31 -15.20
C GLU J 74 -57.96 8.90 -13.81
N LEU J 75 -57.71 8.11 -12.76
CA LEU J 75 -57.84 8.63 -11.39
C LEU J 75 -56.86 9.77 -11.15
N ALA J 76 -55.61 9.61 -11.61
CA ALA J 76 -54.62 10.66 -11.43
C ALA J 76 -55.02 11.92 -12.18
N GLU J 77 -55.55 11.77 -13.40
CA GLU J 77 -56.01 12.93 -14.15
C GLU J 77 -57.16 13.63 -13.44
N ASN J 78 -58.09 12.86 -12.88
CA ASN J 78 -59.19 13.45 -12.13
C ASN J 78 -58.68 14.24 -10.94
N TYR J 79 -57.72 13.67 -10.20
CA TYR J 79 -57.15 14.38 -9.06
C TYR J 79 -56.46 15.66 -9.48
N ALA J 80 -55.71 15.61 -10.59
CA ALA J 80 -55.01 16.81 -11.06
C ALA J 80 -56.00 17.89 -11.49
N ASN J 81 -57.06 17.50 -12.20
CA ASN J 81 -58.07 18.48 -12.61
C ASN J 81 -58.76 19.10 -11.41
N LEU J 82 -59.11 18.30 -10.41
CA LEU J 82 -59.73 18.83 -9.20
C LEU J 82 -58.78 19.78 -8.48
N PHE J 83 -57.49 19.42 -8.42
CA PHE J 83 -56.51 20.28 -7.76
C PHE J 83 -56.38 21.62 -8.49
N ILE J 84 -56.36 21.59 -9.82
CA ILE J 84 -56.29 22.84 -10.58
C ILE J 84 -57.51 23.70 -10.29
N ASP J 85 -58.70 23.08 -10.33
CA ASP J 85 -59.93 23.84 -10.11
C ASP J 85 -59.96 24.45 -8.71
N GLU J 86 -59.48 23.70 -7.71
CA GLU J 86 -59.51 24.21 -6.35
C GLU J 86 -58.44 25.28 -6.10
N VAL J 87 -57.28 25.17 -6.76
CA VAL J 87 -56.25 26.19 -6.60
C VAL J 87 -56.67 27.49 -7.28
N LYS J 88 -57.30 27.40 -8.45
CA LYS J 88 -57.64 28.60 -9.20
C LYS J 88 -58.58 29.51 -8.41
N LYS J 89 -59.51 28.91 -7.65
CA LYS J 89 -60.42 29.72 -6.85
C LYS J 89 -59.76 30.22 -5.56
N ILE J 90 -58.57 29.70 -5.25
CA ILE J 90 -57.81 30.20 -4.10
C ILE J 90 -56.90 31.32 -4.55
N MET K 1 -15.01 33.71 -2.82
CA MET K 1 -14.47 34.79 -3.64
C MET K 1 -15.49 35.90 -3.75
N ILE K 2 -16.58 35.63 -4.46
CA ILE K 2 -17.75 36.50 -4.51
C ILE K 2 -18.93 35.70 -4.02
N ILE K 3 -19.87 36.37 -3.35
CA ILE K 3 -20.94 35.62 -2.69
C ILE K 3 -21.76 34.88 -3.73
N PRO K 4 -22.12 33.62 -3.50
CA PRO K 4 -22.94 32.88 -4.48
C PRO K 4 -24.30 33.53 -4.68
N ILE K 5 -24.81 33.41 -5.90
CA ILE K 5 -26.10 33.99 -6.23
C ILE K 5 -27.20 33.33 -5.41
N ARG K 6 -27.15 32.01 -5.28
CA ARG K 6 -28.19 31.25 -4.60
C ARG K 6 -27.58 30.35 -3.54
N CYS K 7 -28.34 30.15 -2.47
CA CYS K 7 -27.96 29.20 -1.43
C CYS K 7 -27.77 27.82 -2.03
N PHE K 8 -26.69 27.14 -1.62
CA PHE K 8 -26.38 25.84 -2.20
C PHE K 8 -27.44 24.80 -1.86
N THR K 9 -27.93 24.79 -0.62
CA THR K 9 -28.91 23.80 -0.20
C THR K 9 -30.24 24.03 -0.92
N CYS K 10 -30.84 25.20 -0.70
CA CYS K 10 -32.10 25.58 -1.33
C CYS K 10 -31.84 26.74 -2.28
N GLY K 11 -32.44 26.70 -3.45
CA GLY K 11 -32.15 27.71 -4.45
C GLY K 11 -32.75 29.07 -4.12
N ALA K 12 -32.33 29.65 -3.00
CA ALA K 12 -32.82 30.93 -2.53
C ALA K 12 -31.74 31.99 -2.74
N VAL K 13 -32.12 33.13 -3.30
CA VAL K 13 -31.14 34.17 -3.59
C VAL K 13 -30.68 34.82 -2.29
N VAL K 14 -29.38 34.76 -2.04
CA VAL K 14 -28.77 35.41 -0.89
C VAL K 14 -27.73 36.44 -1.29
N ALA K 15 -27.43 36.56 -2.58
CA ALA K 15 -26.42 37.50 -3.04
C ALA K 15 -26.84 38.94 -2.75
N ASP K 16 -28.11 39.26 -2.97
CA ASP K 16 -28.59 40.62 -2.75
C ASP K 16 -28.64 40.99 -1.28
N LYS K 17 -28.56 40.02 -0.37
CA LYS K 17 -28.59 40.28 1.06
C LYS K 17 -27.20 40.42 1.66
N TRP K 18 -26.14 40.24 0.86
CA TRP K 18 -24.78 40.36 1.40
C TRP K 18 -24.47 41.79 1.82
N GLU K 19 -24.72 42.75 0.95
CA GLU K 19 -24.41 44.14 1.27
C GLU K 19 -25.15 44.65 2.50
N PRO K 20 -26.48 44.49 2.62
CA PRO K 20 -27.13 44.96 3.86
C PRO K 20 -26.64 44.23 5.10
N PHE K 21 -26.57 42.90 5.05
CA PHE K 21 -26.15 42.14 6.22
C PHE K 21 -24.74 42.52 6.65
N SER K 22 -23.81 42.58 5.70
CA SER K 22 -22.43 42.92 6.02
C SER K 22 -22.33 44.33 6.56
N ASN K 23 -23.02 45.28 5.92
CA ASN K 23 -22.93 46.67 6.36
C ASN K 23 -23.51 46.85 7.76
N ARG K 24 -24.61 46.17 8.07
CA ARG K 24 -25.23 46.34 9.38
C ARG K 24 -24.47 45.58 10.46
N VAL K 25 -23.91 44.41 10.14
CA VAL K 25 -23.10 43.69 11.12
C VAL K 25 -21.83 44.46 11.42
N MET K 26 -21.18 45.01 10.39
CA MET K 26 -20.01 45.85 10.60
C MET K 26 -20.35 47.13 11.36
N GLY K 27 -21.61 47.56 11.32
CA GLY K 27 -22.02 48.76 12.04
C GLY K 27 -22.12 48.58 13.54
N GLY K 28 -22.22 47.33 14.00
CA GLY K 28 -22.27 47.07 15.43
C GLY K 28 -23.56 46.42 15.90
N GLU K 29 -24.19 45.64 15.01
CA GLU K 29 -25.43 44.95 15.33
C GLU K 29 -25.19 43.44 15.31
N ASP K 30 -25.80 42.73 16.24
CA ASP K 30 -25.58 41.29 16.33
C ASP K 30 -26.14 40.60 15.09
N PRO K 31 -25.42 39.63 14.53
CA PRO K 31 -25.86 39.02 13.27
C PRO K 31 -27.20 38.30 13.37
N GLU K 32 -27.59 37.83 14.55
CA GLU K 32 -28.82 37.06 14.67
C GLU K 32 -30.04 37.90 14.30
N LYS K 33 -30.18 39.08 14.91
CA LYS K 33 -31.34 39.92 14.64
C LYS K 33 -31.33 40.42 13.20
N VAL K 34 -30.15 40.77 12.69
CA VAL K 34 -30.04 41.26 11.32
C VAL K 34 -30.46 40.18 10.33
N LEU K 35 -30.02 38.94 10.56
CA LEU K 35 -30.43 37.83 9.71
C LEU K 35 -31.94 37.59 9.81
N THR K 36 -32.47 37.63 11.04
CA THR K 36 -33.89 37.33 11.22
C THR K 36 -34.78 38.35 10.54
N GLU K 37 -34.45 39.63 10.67
CA GLU K 37 -35.27 40.67 10.04
C GLU K 37 -34.89 40.94 8.58
N LEU K 38 -33.78 40.38 8.10
CA LEU K 38 -33.43 40.53 6.69
C LEU K 38 -34.26 39.62 5.81
N GLY K 39 -34.64 38.45 6.31
CA GLY K 39 -35.51 37.55 5.56
C GLY K 39 -34.92 36.19 5.29
N VAL K 40 -33.96 35.76 6.11
CA VAL K 40 -33.36 34.44 6.02
C VAL K 40 -33.56 33.73 7.35
N ASN K 41 -34.44 32.73 7.37
CA ASN K 41 -34.73 31.99 8.59
C ASN K 41 -34.12 30.59 8.58
N ARG K 42 -33.96 29.99 7.42
CA ARG K 42 -33.31 28.69 7.33
C ARG K 42 -31.81 28.84 7.57
N TYR K 43 -31.25 28.00 8.42
CA TYR K 43 -29.83 28.12 8.74
C TYR K 43 -28.95 27.74 7.56
N CYS K 44 -29.49 27.08 6.55
CA CYS K 44 -28.73 26.81 5.33
C CYS K 44 -28.34 28.10 4.62
N CYS K 45 -29.22 29.09 4.61
CA CYS K 45 -28.87 30.40 4.08
C CYS K 45 -28.03 31.21 5.04
N ARG K 46 -28.25 31.02 6.35
CA ARG K 46 -27.47 31.75 7.34
C ARG K 46 -26.00 31.38 7.27
N ARG K 47 -25.69 30.08 7.11
CA ARG K 47 -24.30 29.69 6.94
C ARG K 47 -23.72 30.25 5.65
N MET K 48 -24.56 30.52 4.66
CA MET K 48 -24.09 31.14 3.43
C MET K 48 -23.69 32.59 3.69
N LEU K 49 -24.52 33.33 4.42
CA LEU K 49 -24.21 34.72 4.71
C LEU K 49 -23.16 34.86 5.80
N LEU K 50 -23.24 34.03 6.85
CA LEU K 50 -22.33 34.18 7.97
C LEU K 50 -20.89 33.82 7.59
N SER K 51 -20.71 32.67 6.93
CA SER K 51 -19.38 32.17 6.59
C SER K 51 -19.06 32.54 5.15
N HIS K 52 -18.75 33.82 4.94
CA HIS K 52 -18.30 34.31 3.65
C HIS K 52 -17.04 35.13 3.85
N VAL K 53 -16.18 35.11 2.83
CA VAL K 53 -14.85 35.69 2.95
C VAL K 53 -14.67 36.95 2.11
N ASN K 54 -15.38 37.07 0.98
CA ASN K 54 -15.25 38.21 0.07
C ASN K 54 -13.79 38.40 -0.38
N ILE K 55 -13.24 37.33 -0.95
CA ILE K 55 -11.89 37.37 -1.49
C ILE K 55 -11.80 38.31 -2.68
N ILE K 56 -12.91 38.54 -3.39
CA ILE K 56 -12.88 39.30 -4.63
C ILE K 56 -12.36 40.71 -4.41
N ARG K 57 -12.48 41.23 -3.18
CA ARG K 57 -11.96 42.57 -2.90
C ARG K 57 -10.44 42.61 -2.99
N GLU K 58 -9.76 41.56 -2.53
CA GLU K 58 -8.31 41.49 -2.61
C GLU K 58 -7.83 41.14 -4.03
N ILE K 59 -8.59 40.32 -4.76
CA ILE K 59 -8.12 39.80 -6.03
C ILE K 59 -8.06 40.89 -7.10
N ILE K 60 -8.95 41.89 -7.02
CA ILE K 60 -9.01 42.90 -8.07
C ILE K 60 -7.68 43.64 -8.21
N HIS K 61 -6.86 43.65 -7.15
CA HIS K 61 -5.51 44.15 -7.28
C HIS K 61 -4.65 43.21 -8.11
N TYR K 62 -4.72 41.90 -7.83
CA TYR K 62 -3.92 40.91 -8.53
C TYR K 62 -4.76 40.23 -9.60
N THR K 63 -5.00 40.97 -10.69
CA THR K 63 -5.84 40.49 -11.77
C THR K 63 -4.98 40.18 -13.00
N ARG K 64 -5.33 39.09 -13.68
CA ARG K 64 -4.58 38.68 -14.86
C ARG K 64 -4.71 39.74 -15.95
N PRO K 65 -3.61 40.17 -16.57
CA PRO K 65 -3.72 41.22 -17.60
C PRO K 65 -4.63 40.83 -18.75
N ILE K 66 -4.50 39.59 -19.24
CA ILE K 66 -5.30 39.03 -20.34
C ILE K 66 -5.52 40.04 -21.47
N ALA L 2 -1.41 40.53 -33.72
CA ALA L 2 -0.81 39.98 -32.52
C ALA L 2 -0.54 41.08 -31.50
N LYS L 3 -1.62 41.65 -30.95
CA LYS L 3 -1.47 42.72 -29.97
C LYS L 3 -1.00 42.18 -28.63
N TYR L 4 -0.31 43.04 -27.88
CA TYR L 4 0.23 42.69 -26.57
C TYR L 4 -0.18 43.74 -25.56
N ARG L 5 0.19 43.50 -24.30
CA ARG L 5 -0.05 44.45 -23.22
C ARG L 5 1.18 44.53 -22.34
N CYS L 6 1.60 45.75 -22.01
CA CYS L 6 2.68 45.93 -21.06
C CYS L 6 2.20 45.59 -19.66
N GLY L 7 2.98 44.78 -18.94
CA GLY L 7 2.56 44.26 -17.65
C GLY L 7 2.73 45.20 -16.48
N LYS L 8 3.28 46.39 -16.69
CA LYS L 8 3.50 47.32 -15.58
C LYS L 8 2.17 47.70 -14.94
N CYS L 9 2.13 47.65 -13.62
CA CYS L 9 0.89 47.86 -12.84
C CYS L 9 -0.13 46.85 -13.36
N TRP L 10 -1.35 47.26 -13.70
CA TRP L 10 -2.34 46.38 -14.29
C TRP L 10 -2.70 46.88 -15.67
N LYS L 11 -2.58 46.01 -16.67
CA LYS L 11 -2.94 46.27 -18.07
C LYS L 11 -2.49 47.67 -18.52
N GLU L 12 -1.17 47.87 -18.48
CA GLU L 12 -0.57 49.13 -18.91
C GLU L 12 -0.64 49.23 -20.43
N LEU L 13 -1.57 50.03 -20.92
CA LEU L 13 -1.69 50.34 -22.35
C LEU L 13 -1.73 49.08 -23.20
N ASP L 14 -1.08 49.12 -24.36
CA ASP L 14 -1.08 47.97 -25.26
C ASP L 14 0.12 48.06 -26.19
N ASP L 15 0.43 46.94 -26.83
CA ASP L 15 1.55 46.84 -27.76
C ASP L 15 1.09 46.10 -29.01
N ASP L 16 1.77 46.39 -30.12
CA ASP L 16 1.56 45.68 -31.37
C ASP L 16 2.85 44.98 -31.77
N GLN L 17 2.70 43.80 -32.39
CA GLN L 17 3.86 43.06 -32.86
C GLN L 17 4.63 43.83 -33.93
N LEU L 18 3.97 44.75 -34.64
CA LEU L 18 4.65 45.56 -35.63
C LEU L 18 5.72 46.45 -35.02
N LYS L 19 5.60 46.75 -33.72
CA LYS L 19 6.64 47.52 -33.04
C LYS L 19 7.87 46.65 -32.83
N THR L 20 9.02 47.14 -33.30
CA THR L 20 10.26 46.39 -33.25
C THR L 20 11.23 47.07 -32.28
N LEU L 21 11.64 46.33 -31.27
CA LEU L 21 12.62 46.77 -30.28
C LEU L 21 13.56 45.61 -30.00
N PRO L 22 14.81 45.89 -29.61
CA PRO L 22 15.69 44.80 -29.19
C PRO L 22 15.11 44.06 -28.00
N GLY L 23 15.24 42.74 -28.01
CA GLY L 23 14.64 41.96 -26.96
C GLY L 23 13.12 42.11 -26.95
N VAL L 24 12.55 42.04 -25.76
CA VAL L 24 11.12 42.24 -25.56
C VAL L 24 10.93 43.36 -24.54
N ARG L 25 10.40 44.50 -25.00
CA ARG L 25 10.15 45.65 -24.14
C ARG L 25 9.00 46.45 -24.72
N CYS L 26 8.33 47.19 -23.83
CA CYS L 26 7.39 48.14 -24.44
C CYS L 26 8.07 49.49 -24.60
N PRO L 27 7.72 50.25 -25.65
CA PRO L 27 8.35 51.58 -25.82
C PRO L 27 8.05 52.54 -24.69
N TYR L 28 6.96 52.35 -23.96
CA TYR L 28 6.54 53.31 -22.94
C TYR L 28 7.42 53.22 -21.69
N CYS L 29 7.78 52.01 -21.28
CA CYS L 29 8.56 51.79 -20.07
C CYS L 29 9.51 50.63 -20.28
N GLY L 30 10.52 50.55 -19.42
CA GLY L 30 11.53 49.52 -19.53
C GLY L 30 11.17 48.16 -18.97
N TYR L 31 9.90 47.94 -18.63
CA TYR L 31 9.51 46.68 -18.03
C TYR L 31 9.65 45.56 -19.05
N ARG L 32 10.15 44.41 -18.59
CA ARG L 32 10.58 43.34 -19.49
C ARG L 32 9.49 42.31 -19.77
N ILE L 33 8.28 42.49 -19.25
CA ILE L 33 7.24 41.47 -19.29
C ILE L 33 6.05 42.01 -20.06
N ILE L 34 5.58 41.23 -21.05
CA ILE L 34 4.42 41.56 -21.87
C ILE L 34 3.50 40.36 -21.91
N TYR L 35 2.22 40.62 -22.19
CA TYR L 35 1.20 39.59 -22.23
C TYR L 35 0.39 39.71 -23.51
N MET L 36 -0.09 38.56 -23.99
CA MET L 36 -0.98 38.53 -25.15
C MET L 36 -2.40 38.87 -24.70
N VAL L 37 -3.08 39.68 -25.50
CA VAL L 37 -4.43 40.11 -25.15
C VAL L 37 -5.45 39.11 -25.68
N ARG L 38 -6.66 39.18 -25.11
CA ARG L 38 -7.75 38.35 -25.57
C ARG L 38 -8.11 38.71 -27.02
N LYS L 39 -8.27 37.70 -27.85
CA LYS L 39 -8.56 37.94 -29.26
C LYS L 39 -9.95 38.56 -29.41
N PRO L 40 -10.10 39.57 -30.28
CA PRO L 40 -11.41 40.21 -30.43
C PRO L 40 -12.41 39.35 -31.20
N THR L 41 -12.81 38.22 -30.61
CA THR L 41 -13.81 37.35 -31.19
C THR L 41 -14.83 36.97 -30.13
N VAL L 42 -16.07 36.77 -30.55
CA VAL L 42 -17.13 36.36 -29.63
C VAL L 42 -16.92 34.89 -29.26
N LYS L 43 -17.03 34.61 -27.97
CA LYS L 43 -16.82 33.26 -27.44
C LYS L 43 -18.12 32.76 -26.83
N ILE L 44 -18.55 31.57 -27.24
CA ILE L 44 -19.76 30.96 -26.72
C ILE L 44 -19.40 30.16 -25.48
N VAL L 45 -19.97 30.54 -24.34
CA VAL L 45 -19.73 29.88 -23.08
C VAL L 45 -21.08 29.40 -22.55
N LYS L 46 -21.37 28.11 -22.72
CA LYS L 46 -22.60 27.56 -22.19
C LYS L 46 -22.55 27.58 -20.66
N ALA L 47 -23.67 27.96 -20.05
CA ALA L 47 -23.75 28.01 -18.60
C ALA L 47 -24.06 26.63 -18.03
N ILE L 48 -23.30 25.63 -18.45
CA ILE L 48 -23.47 24.24 -18.06
C ILE L 48 -24.90 23.77 -18.34
N THR M 39 31.49 -41.71 2.90
CA THR M 39 30.06 -41.61 2.66
C THR M 39 29.67 -42.34 1.38
N ILE M 40 30.67 -42.75 0.60
CA ILE M 40 30.43 -43.40 -0.68
C ILE M 40 29.60 -44.67 -0.50
N SER M 41 29.68 -45.30 0.68
CA SER M 41 28.90 -46.50 0.93
C SER M 41 27.40 -46.21 0.85
N ASP M 42 26.97 -45.07 1.40
CA ASP M 42 25.55 -44.73 1.38
C ASP M 42 25.05 -44.49 -0.05
N ILE M 43 25.82 -43.76 -0.86
CA ILE M 43 25.42 -43.51 -2.24
C ILE M 43 25.39 -44.81 -3.03
N GLU M 44 26.38 -45.68 -2.82
CA GLU M 44 26.40 -46.94 -3.55
C GLU M 44 25.23 -47.84 -3.12
N MET M 45 24.89 -47.83 -1.82
CA MET M 45 23.73 -48.58 -1.36
C MET M 45 22.44 -48.05 -1.97
N LEU M 46 22.32 -46.72 -2.07
CA LEU M 46 21.16 -46.13 -2.71
C LEU M 46 21.07 -46.55 -4.17
N LEU M 47 22.21 -46.55 -4.87
CA LEU M 47 22.25 -47.03 -6.25
C LEU M 47 21.78 -48.46 -6.36
N LYS M 48 22.32 -49.34 -5.50
CA LYS M 48 21.96 -50.75 -5.57
C LYS M 48 20.48 -50.96 -5.26
N ASP M 49 19.97 -50.24 -4.26
CA ASP M 49 18.55 -50.38 -3.89
C ASP M 49 17.64 -49.91 -5.02
N THR M 50 17.96 -48.78 -5.65
CA THR M 50 17.11 -48.32 -6.74
C THR M 50 17.22 -49.25 -7.95
N GLU M 51 18.39 -49.84 -8.19
CA GLU M 51 18.51 -50.80 -9.27
C GLU M 51 17.68 -52.06 -8.99
N ILE M 52 17.70 -52.54 -7.74
CA ILE M 52 16.89 -53.70 -7.38
C ILE M 52 15.41 -53.38 -7.53
N TRP M 53 14.99 -52.17 -7.12
CA TRP M 53 13.60 -51.80 -7.24
C TRP M 53 13.16 -51.70 -8.70
N ASP M 54 14.00 -51.11 -9.56
CA ASP M 54 13.65 -51.05 -10.99
C ASP M 54 13.61 -52.44 -11.60
N LYS M 55 14.51 -53.33 -11.17
CA LYS M 55 14.48 -54.72 -11.63
C LYS M 55 13.20 -55.41 -11.19
N LEU M 56 12.73 -55.13 -9.97
CA LEU M 56 11.47 -55.70 -9.51
C LEU M 56 10.29 -55.16 -10.29
N LEU M 57 10.30 -53.85 -10.60
CA LEU M 57 9.21 -53.25 -11.36
C LEU M 57 9.09 -53.83 -12.77
N ARG M 58 10.18 -54.38 -13.32
CA ARG M 58 10.14 -55.06 -14.61
C ARG M 58 9.80 -56.54 -14.47
N ASN M 59 9.52 -57.00 -13.25
CA ASN M 59 9.13 -58.39 -13.00
C ASN M 59 10.18 -59.37 -13.48
N GLU M 60 11.45 -59.06 -13.22
CA GLU M 60 12.52 -60.00 -13.56
C GLU M 60 12.52 -61.20 -12.62
N LEU M 61 12.19 -60.98 -11.34
CA LEU M 61 12.17 -62.05 -10.36
C LEU M 61 11.15 -61.71 -9.27
N SER M 62 10.78 -62.74 -8.52
CA SER M 62 9.65 -62.64 -7.59
C SER M 62 10.02 -61.81 -6.37
N ILE M 63 9.09 -61.72 -5.41
CA ILE M 63 9.26 -60.84 -4.26
C ILE M 63 10.33 -61.39 -3.31
N GLU M 64 10.30 -62.70 -3.05
CA GLU M 64 11.14 -63.27 -2.01
C GLU M 64 12.63 -63.13 -2.33
N GLU M 65 13.01 -63.37 -3.58
CA GLU M 65 14.41 -63.20 -3.97
C GLU M 65 14.85 -61.75 -3.83
N ALA M 66 13.98 -60.80 -4.20
CA ALA M 66 14.30 -59.39 -4.04
C ALA M 66 14.47 -59.04 -2.57
N LYS M 67 13.65 -59.63 -1.70
CA LYS M 67 13.81 -59.41 -0.27
C LYS M 67 15.15 -59.94 0.22
N LYS M 68 15.55 -61.11 -0.27
CA LYS M 68 16.88 -61.62 0.08
C LYS M 68 17.97 -60.67 -0.39
N MET M 69 17.83 -60.13 -1.60
CA MET M 69 18.84 -59.20 -2.10
C MET M 69 18.92 -57.95 -1.24
N PHE M 70 17.76 -57.40 -0.85
CA PHE M 70 17.74 -56.23 0.02
C PHE M 70 18.43 -56.51 1.35
N ASP M 71 18.06 -57.64 1.98
CA ASP M 71 18.67 -57.99 3.26
C ASP M 71 20.17 -58.21 3.12
N ASP M 72 20.59 -58.87 2.03
CA ASP M 72 22.00 -59.16 1.83
C ASP M 72 22.81 -57.88 1.65
N VAL M 73 22.30 -56.94 0.84
CA VAL M 73 23.06 -55.72 0.60
C VAL M 73 23.09 -54.86 1.88
N ALA M 74 21.98 -54.82 2.62
CA ALA M 74 21.96 -54.08 3.87
C ALA M 74 22.96 -54.65 4.87
N ARG M 75 22.97 -55.99 5.02
CA ARG M 75 23.91 -56.62 5.93
C ARG M 75 25.35 -56.41 5.49
N SER M 76 25.61 -56.49 4.18
CA SER M 76 26.97 -56.38 3.68
C SER M 76 27.52 -54.97 3.88
N TYR M 77 26.73 -53.95 3.55
CA TYR M 77 27.25 -52.59 3.57
C TYR M 77 26.87 -51.81 4.82
N SER M 78 26.20 -52.44 5.78
CA SER M 78 26.14 -51.88 7.12
C SER M 78 27.24 -52.46 8.02
N LYS M 79 27.79 -53.62 7.63
CA LYS M 79 28.93 -54.18 8.32
C LYS M 79 30.15 -53.25 8.20
N ALA M 80 30.36 -52.67 7.02
CA ALA M 80 31.45 -51.72 6.85
C ALA M 80 31.27 -50.50 7.73
N ASP M 81 30.05 -49.99 7.83
CA ASP M 81 29.76 -48.81 8.64
C ASP M 81 29.72 -49.17 10.12
N TYR N 10 65.76 18.48 -13.18
CA TYR N 10 66.26 17.22 -13.71
C TYR N 10 65.13 16.24 -14.00
N GLU N 11 64.81 16.08 -15.29
CA GLU N 11 63.73 15.17 -15.67
C GLU N 11 64.12 13.70 -15.51
N THR N 12 65.40 13.42 -15.28
CA THR N 12 65.81 12.04 -15.03
C THR N 12 65.19 11.51 -13.74
N HIS N 13 65.11 12.36 -12.71
CA HIS N 13 64.55 11.92 -11.44
C HIS N 13 63.05 11.64 -11.55
N VAL N 14 62.31 12.49 -12.26
CA VAL N 14 60.86 12.33 -12.33
C VAL N 14 60.50 11.09 -13.15
N LEU N 15 61.23 10.85 -14.25
CA LEU N 15 60.97 9.66 -15.04
C LEU N 15 61.31 8.39 -14.28
N ASP N 16 62.41 8.39 -13.53
CA ASP N 16 62.71 7.25 -12.67
C ASP N 16 61.64 7.07 -11.59
N ASP N 17 61.10 8.18 -11.09
CA ASP N 17 60.03 8.11 -10.11
C ASP N 17 58.79 7.45 -10.70
N LEU N 18 58.43 7.84 -11.94
CA LEU N 18 57.30 7.20 -12.62
C LEU N 18 57.58 5.73 -12.87
N MET N 19 58.82 5.38 -13.22
CA MET N 19 59.16 3.96 -13.38
C MET N 19 59.00 3.19 -12.08
N GLU N 20 59.46 3.77 -10.97
CA GLU N 20 59.33 3.10 -9.68
C GLU N 20 57.86 2.92 -9.29
N PHE N 21 57.05 3.95 -9.53
CA PHE N 21 55.62 3.84 -9.23
C PHE N 21 54.97 2.79 -10.13
N TYR N 22 55.38 2.72 -11.39
CA TYR N 22 54.80 1.76 -12.32
C TYR N 22 55.15 0.33 -11.93
N GLU N 23 56.32 0.10 -11.35
CA GLU N 23 56.70 -1.23 -10.91
C GLU N 23 55.96 -1.67 -9.65
N GLY N 24 55.22 -0.76 -9.00
CA GLY N 24 54.44 -1.12 -7.84
C GLY N 24 55.22 -1.24 -6.54
N VAL N 25 56.48 -0.83 -6.52
CA VAL N 25 57.28 -0.96 -5.31
C VAL N 25 56.90 0.09 -4.28
N ILE N 26 56.24 1.17 -4.70
CA ILE N 26 55.91 2.29 -3.82
C ILE N 26 54.42 2.59 -3.95
N GLY N 27 53.81 2.97 -2.82
CA GLY N 27 52.38 3.17 -2.75
C GLY N 27 51.96 4.55 -3.25
N TYR N 28 50.70 4.89 -2.94
CA TYR N 28 50.13 6.13 -3.46
C TYR N 28 50.60 7.37 -2.69
N PRO N 29 50.49 7.43 -1.35
CA PRO N 29 50.99 8.65 -0.67
C PRO N 29 52.46 8.92 -0.90
N GLU N 30 53.29 7.86 -0.96
CA GLU N 30 54.71 8.06 -1.20
C GLU N 30 54.95 8.69 -2.57
N ILE N 31 54.31 8.16 -3.60
CA ILE N 31 54.49 8.71 -4.94
C ILE N 31 53.90 10.12 -5.03
N ASP N 32 52.82 10.39 -4.29
CA ASP N 32 52.26 11.73 -4.27
C ASP N 32 53.24 12.72 -3.66
N LEU N 33 53.89 12.35 -2.56
CA LEU N 33 54.87 13.22 -1.93
C LEU N 33 56.07 13.45 -2.85
N ARG N 34 56.57 12.38 -3.48
CA ARG N 34 57.73 12.54 -4.36
C ARG N 34 57.40 13.39 -5.57
N LEU N 35 56.22 13.20 -6.17
CA LEU N 35 55.81 14.07 -7.27
C LEU N 35 55.56 15.49 -6.82
N ALA N 36 55.11 15.71 -5.59
CA ALA N 36 54.96 17.08 -5.10
C ALA N 36 56.32 17.76 -4.99
N GLY N 37 57.31 17.06 -4.44
CA GLY N 37 58.65 17.63 -4.38
C GLY N 37 59.23 17.89 -5.76
N GLU N 38 59.08 16.94 -6.67
CA GLU N 38 59.60 17.12 -8.01
C GLU N 38 58.84 18.19 -8.79
N GLU N 39 57.56 18.41 -8.47
CA GLU N 39 56.81 19.50 -9.08
C GLU N 39 57.27 20.85 -8.56
N ALA N 40 57.64 20.92 -7.27
CA ALA N 40 58.26 22.15 -6.78
C ALA N 40 59.57 22.41 -7.51
N TRP N 41 60.38 21.36 -7.70
CA TRP N 41 61.62 21.52 -8.46
C TRP N 41 61.36 21.98 -9.89
N LEU N 42 60.35 21.38 -10.54
CA LEU N 42 60.03 21.75 -11.93
C LEU N 42 59.51 23.17 -12.02
N LYS N 43 58.64 23.57 -11.10
CA LYS N 43 58.16 24.95 -11.05
C LYS N 43 59.32 25.91 -10.87
N GLY N 44 60.34 25.51 -10.10
CA GLY N 44 61.58 26.26 -10.08
C GLY N 44 62.27 26.27 -11.43
N VAL N 45 62.20 25.17 -12.17
CA VAL N 45 62.89 25.05 -13.46
C VAL N 45 62.00 25.52 -14.60
N ASN N 46 60.87 24.85 -14.80
CA ASN N 46 60.00 25.15 -15.94
C ASN N 46 58.53 25.01 -15.53
N PRO N 47 57.73 26.07 -15.69
CA PRO N 47 56.31 25.97 -15.30
C PRO N 47 55.52 24.94 -16.08
N GLU N 48 55.89 24.69 -17.35
CA GLU N 48 55.15 23.71 -18.15
C GLU N 48 55.31 22.30 -17.58
N LEU N 49 56.52 21.95 -17.18
CA LEU N 49 56.73 20.67 -16.50
C LEU N 49 55.94 20.62 -15.20
N ALA N 50 55.88 21.74 -14.49
CA ALA N 50 55.12 21.78 -13.24
C ALA N 50 53.64 21.53 -13.47
N GLU N 51 53.07 22.12 -14.52
CA GLU N 51 51.65 21.92 -14.78
C GLU N 51 51.38 20.52 -15.32
N ALA N 52 52.34 19.95 -16.06
CA ALA N 52 52.21 18.55 -16.47
C ALA N 52 52.20 17.62 -15.26
N VAL N 53 53.09 17.87 -14.31
CA VAL N 53 53.10 17.05 -13.09
C VAL N 53 51.84 17.30 -12.27
N LYS N 54 51.33 18.53 -12.27
CA LYS N 54 50.07 18.79 -11.57
C LYS N 54 48.93 17.99 -12.19
N LYS N 55 48.87 17.94 -13.53
CA LYS N 55 47.86 17.13 -14.19
C LYS N 55 48.03 15.65 -13.86
N ILE N 56 49.27 15.17 -13.83
CA ILE N 56 49.49 13.75 -13.58
C ILE N 56 49.07 13.39 -12.15
N ILE N 57 49.40 14.24 -11.18
CA ILE N 57 48.99 13.97 -9.80
C ILE N 57 47.50 14.17 -9.61
N LYS N 58 46.89 15.08 -10.38
CA LYS N 58 45.45 15.24 -10.33
C LYS N 58 44.74 13.98 -10.82
N THR N 59 45.22 13.41 -11.92
CA THR N 59 44.64 12.15 -12.40
C THR N 59 44.86 11.03 -11.39
N ILE N 60 46.06 10.96 -10.82
CA ILE N 60 46.34 9.89 -9.85
C ILE N 60 45.44 10.00 -8.63
N ARG N 61 45.28 11.22 -8.09
CA ARG N 61 44.43 11.40 -6.93
C ARG N 61 42.97 11.16 -7.27
N ARG N 62 42.55 11.53 -8.48
CA ARG N 62 41.18 11.25 -8.90
C ARG N 62 40.92 9.75 -8.96
N TYR N 63 41.90 8.97 -9.41
CA TYR N 63 41.75 7.53 -9.39
C TYR N 63 42.00 6.97 -7.99
N LEU N 64 43.13 7.31 -7.39
CA LEU N 64 43.55 6.75 -6.10
C LEU N 64 43.24 7.70 -4.95
N GLU N 65 41.95 7.92 -4.71
CA GLU N 65 41.48 8.67 -3.54
C GLU N 65 40.64 7.75 -2.68
N GLY N 66 41.01 7.60 -1.42
CA GLY N 66 40.30 6.69 -0.54
C GLY N 66 40.34 5.26 -1.02
N SER N 67 41.45 4.84 -1.61
CA SER N 67 41.57 3.50 -2.13
C SER N 67 41.57 2.50 -0.98
N PRO N 68 41.16 1.25 -1.24
CA PRO N 68 41.19 0.24 -0.17
C PRO N 68 42.58 0.04 0.42
N TYR N 69 43.63 0.17 -0.39
CA TYR N 69 44.98 0.08 0.13
C TYR N 69 45.48 1.44 0.60
N ASP N 70 45.43 2.45 -0.26
CA ASP N 70 45.92 3.79 0.04
C ASP N 70 47.33 3.72 0.64
N GLY N 71 48.26 3.26 -0.18
CA GLY N 71 49.64 3.13 0.25
C GLY N 71 49.93 1.99 1.19
N SER N 72 49.00 1.05 1.36
CA SER N 72 49.22 -0.09 2.23
C SER N 72 50.23 -1.04 1.61
N GLU N 73 50.56 -2.09 2.37
CA GLU N 73 51.51 -3.09 1.87
C GLU N 73 50.95 -3.87 0.69
N LYS N 74 49.63 -3.87 0.52
CA LYS N 74 49.02 -4.57 -0.60
C LYS N 74 49.37 -3.86 -1.91
N PRO N 75 49.81 -4.58 -2.94
CA PRO N 75 50.20 -3.93 -4.19
C PRO N 75 48.99 -3.39 -4.93
N ILE N 76 49.25 -2.38 -5.76
CA ILE N 76 48.21 -1.79 -6.59
C ILE N 76 47.86 -2.77 -7.71
N PRO N 77 46.58 -3.03 -7.98
CA PRO N 77 46.22 -3.96 -9.06
C PRO N 77 46.72 -3.45 -10.41
N ARG N 78 47.11 -4.41 -11.26
CA ARG N 78 47.79 -4.06 -12.51
C ARG N 78 46.87 -3.29 -13.46
N TYR N 79 45.58 -3.65 -13.51
CA TYR N 79 44.69 -2.96 -14.43
C TYR N 79 44.53 -1.49 -14.05
N ILE N 80 44.54 -1.17 -12.76
CA ILE N 80 44.46 0.22 -12.33
C ILE N 80 45.68 0.99 -12.82
N ILE N 81 46.87 0.40 -12.66
CA ILE N 81 48.10 1.07 -13.10
C ILE N 81 48.08 1.28 -14.60
N ALA N 82 47.69 0.25 -15.35
CA ALA N 82 47.61 0.38 -16.80
C ALA N 82 46.63 1.47 -17.22
N GLU N 83 45.48 1.52 -16.57
CA GLU N 83 44.46 2.51 -16.93
C GLU N 83 44.92 3.93 -16.60
N ILE N 84 45.53 4.13 -15.43
CA ILE N 84 45.96 5.48 -15.07
C ILE N 84 47.10 5.93 -15.96
N PHE N 85 48.01 5.01 -16.32
CA PHE N 85 49.08 5.37 -17.24
C PHE N 85 48.55 5.58 -18.66
N SER N 86 47.43 4.97 -19.01
CA SER N 86 46.75 5.31 -20.25
C SER N 86 46.22 6.73 -20.20
N GLN N 87 45.62 7.12 -19.07
CA GLN N 87 45.00 8.45 -18.99
C GLN N 87 46.04 9.57 -18.97
N ILE N 88 47.23 9.30 -18.46
CA ILE N 88 48.27 10.31 -18.31
C ILE N 88 49.28 10.21 -19.43
N ALA N 89 48.98 9.36 -20.42
CA ALA N 89 49.96 9.09 -21.48
C ALA N 89 50.35 10.32 -22.28
N PRO N 90 49.42 11.18 -22.75
CA PRO N 90 49.88 12.38 -23.47
C PRO N 90 50.74 13.30 -22.63
N GLU N 91 50.41 13.45 -21.34
CA GLU N 91 51.25 14.27 -20.46
C GLU N 91 52.63 13.65 -20.28
N VAL N 92 52.68 12.32 -20.16
CA VAL N 92 53.96 11.63 -20.03
C VAL N 92 54.81 11.84 -21.28
N GLN N 93 54.18 11.73 -22.45
CA GLN N 93 54.89 11.96 -23.71
C GLN N 93 55.40 13.39 -23.80
N LEU N 94 54.58 14.35 -23.38
CA LEU N 94 55.02 15.75 -23.38
C LEU N 94 56.21 15.96 -22.44
N LEU N 95 56.16 15.34 -21.27
CA LEU N 95 57.26 15.44 -20.32
C LEU N 95 58.54 14.83 -20.89
N VAL N 96 58.41 13.69 -21.57
CA VAL N 96 59.58 13.08 -22.20
C VAL N 96 60.12 13.97 -23.30
N ASN N 97 59.23 14.57 -24.09
CA ASN N 97 59.66 15.48 -25.15
C ASN N 97 60.36 16.72 -24.56
N ALA N 98 59.97 17.13 -23.36
CA ALA N 98 60.60 18.28 -22.73
C ALA N 98 62.09 18.03 -22.50
N LEU N 99 62.43 16.89 -21.90
CA LEU N 99 63.82 16.51 -21.70
C LEU N 99 63.96 15.04 -22.07
N ASP N 100 64.88 14.76 -23.00
CA ASP N 100 65.05 13.42 -23.54
C ASP N 100 66.18 12.71 -22.80
N THR N 101 65.88 11.53 -22.26
CA THR N 101 66.87 10.67 -21.63
C THR N 101 66.82 9.31 -22.30
N GLU N 102 67.98 8.80 -22.69
CA GLU N 102 68.03 7.56 -23.46
C GLU N 102 67.49 6.38 -22.67
N GLY N 103 68.01 6.17 -21.46
CA GLY N 103 67.56 5.05 -20.65
C GLY N 103 66.13 5.21 -20.16
N LYS N 104 65.75 6.42 -19.75
CA LYS N 104 64.43 6.63 -19.16
C LYS N 104 63.33 6.59 -20.22
N TYR N 105 63.54 7.25 -21.36
CA TYR N 105 62.48 7.34 -22.37
C TYR N 105 62.27 6.04 -23.13
N GLY N 106 63.17 5.06 -22.96
CA GLY N 106 62.99 3.80 -23.65
C GLY N 106 61.72 3.09 -23.25
N PHE N 107 61.37 3.14 -21.97
CA PHE N 107 60.16 2.49 -21.48
C PHE N 107 58.90 3.27 -21.84
N LEU N 108 58.99 4.59 -21.97
CA LEU N 108 57.86 5.43 -22.28
C LEU N 108 57.73 5.76 -23.76
N LYS N 109 58.61 5.20 -24.61
CA LYS N 109 58.51 5.45 -26.04
C LYS N 109 57.36 4.67 -26.66
N HIS N 110 56.96 3.55 -26.05
CA HIS N 110 55.94 2.68 -26.63
C HIS N 110 54.56 2.87 -26.00
N ILE N 111 54.48 3.46 -24.81
CA ILE N 111 53.19 3.66 -24.17
C ILE N 111 52.44 4.77 -24.89
N LYS N 112 51.17 4.52 -25.19
CA LYS N 112 50.34 5.44 -25.96
C LYS N 112 49.05 5.75 -25.22
N LYS N 113 48.42 6.86 -25.61
CA LYS N 113 47.13 7.24 -25.06
C LYS N 113 46.04 6.30 -25.57
N LEU N 114 45.18 5.86 -24.66
CA LEU N 114 44.02 5.04 -24.99
C LEU N 114 42.78 5.70 -24.40
N ASN N 115 41.87 6.12 -25.27
CA ASN N 115 40.62 6.73 -24.85
C ASN N 115 39.63 5.65 -24.45
N LEU N 116 39.01 5.81 -23.28
CA LEU N 116 38.06 4.84 -22.76
C LEU N 116 36.76 5.55 -22.40
N ASN N 117 35.64 5.00 -22.90
CA ASN N 117 34.34 5.54 -22.54
C ASN N 117 34.00 5.28 -21.08
N SER N 118 34.34 4.09 -20.59
CA SER N 118 34.08 3.70 -19.21
C SER N 118 35.40 3.56 -18.47
N LEU N 119 35.46 4.09 -17.25
CA LEU N 119 36.69 4.12 -16.46
C LEU N 119 36.46 3.44 -15.12
N ALA N 120 37.53 2.83 -14.59
CA ALA N 120 37.49 2.16 -13.29
C ALA N 120 38.05 3.13 -12.26
N MET N 121 37.25 4.12 -11.89
CA MET N 121 37.63 5.10 -10.87
C MET N 121 37.22 4.58 -9.51
N LEU N 122 38.19 4.37 -8.62
CA LEU N 122 37.88 3.96 -7.26
C LEU N 122 37.05 5.01 -6.55
N SER N 123 37.42 6.27 -6.71
CA SER N 123 36.62 7.37 -6.16
C SER N 123 35.40 7.62 -7.04
N LYS N 124 34.34 8.10 -6.41
CA LYS N 124 33.08 8.39 -7.09
C LYS N 124 32.73 9.86 -6.88
N ASN N 125 31.56 10.25 -7.39
CA ASN N 125 31.11 11.64 -7.25
C ASN N 125 30.89 11.99 -5.78
N TYR N 126 30.33 11.04 -5.01
CA TYR N 126 30.05 11.32 -3.60
C TYR N 126 31.33 11.58 -2.81
N ASN N 127 32.38 10.81 -3.08
CA ASN N 127 33.65 10.98 -2.39
C ASN N 127 34.83 10.91 -3.37
#